data_7KMX
#
_entry.id   7KMX
#
_cell.length_a   1.00
_cell.length_b   1.00
_cell.length_c   1.00
_cell.angle_alpha   90.00
_cell.angle_beta   90.00
_cell.angle_gamma   90.00
#
_symmetry.space_group_name_H-M   'P 1'
#
loop_
_entity.id
_entity.type
_entity.pdbx_description
1 polymer 'Minor capsid protein'
2 polymer 'Major capsid protein'
#
loop_
_entity_poly.entity_id
_entity_poly.type
_entity_poly.pdbx_seq_one_letter_code
_entity_poly.pdbx_strand_id
1 'polypeptide(L)'
;MAFNNAVLQEVSDLPAGEVIKASPHNVSAFEVFQNGLIEGRFVKFDAGSIDILDASATPTIAGIAKRKVTGEIGPGVYST
SGIEIDQVAEVINFGFATVTVQDAAAPSKYDPVYAINLDSAEAGKATENSGATGALAVADCVFWEQKAANVWLVRMNKFL
;
a,b,c,d,e,f,g
2 'polypeptide(L)'
;MKKDLKFIKSVYDLKSFSDKAAFAKKTFKDEGGIILARNLEHVSSEIFTQEFAGLTFLQGGIVVNNEGGYATSVTKLKLK
AEGGFRESGNDTNTTGKITLSGESDSIPVFTLEGESDWSEIELKQAELQNVNLPSRYFEAHAELYNRKIDELGYLGQTRT
DGTQKTLGLLNYGFVASGAGDTAANLSGDNLYQAIADLITDQWAGVFNVETYKADRVVMPDTVYNICAKKILNSNGSEMS
VLRALMTNFPTVTFGLTTKARDVGGTSRTTAYSSNRRAMQMRIPTPLNVSSVDQRGFKYYVESYFGVAGLDVIEDTAGRH
LTGL
;
A,B,C,D,E,F,G
#
# COMPACT_ATOMS: atom_id res chain seq x y z
N MET A 1 -37.43 -22.69 25.95
CA MET A 1 -36.42 -23.73 26.12
C MET A 1 -35.39 -23.32 27.17
N ALA A 2 -34.11 -23.38 26.80
CA ALA A 2 -33.05 -22.93 27.69
C ALA A 2 -33.19 -21.44 27.95
N PHE A 3 -32.62 -20.98 29.07
CA PHE A 3 -32.63 -19.56 29.34
C PHE A 3 -32.01 -18.78 28.19
N ASN A 4 -32.74 -17.78 27.73
CA ASN A 4 -32.47 -17.09 26.48
C ASN A 4 -31.31 -16.10 26.63
N ASN A 5 -30.85 -15.62 25.49
CA ASN A 5 -29.84 -14.56 25.42
C ASN A 5 -28.56 -14.97 26.15
N ALA A 6 -27.90 -15.97 25.56
CA ALA A 6 -26.60 -16.41 26.03
C ALA A 6 -25.64 -15.25 26.17
N VAL A 7 -25.61 -14.35 25.19
CA VAL A 7 -24.74 -13.19 25.20
C VAL A 7 -25.54 -11.99 24.73
N LEU A 8 -25.41 -10.87 25.43
CA LEU A 8 -26.09 -9.64 25.08
C LEU A 8 -25.08 -8.60 24.58
N GLN A 9 -25.54 -7.76 23.65
CA GLN A 9 -24.68 -6.71 23.14
C GLN A 9 -24.31 -5.72 24.25
N GLU A 10 -25.28 -5.37 25.10
CA GLU A 10 -25.00 -4.50 26.22
C GLU A 10 -25.94 -4.83 27.37
N VAL A 11 -25.54 -4.42 28.58
CA VAL A 11 -26.33 -4.69 29.77
C VAL A 11 -27.67 -3.99 29.67
N SER A 12 -28.74 -4.75 29.86
CA SER A 12 -30.07 -4.17 29.93
C SER A 12 -30.19 -3.28 31.15
N ASP A 13 -30.93 -2.20 31.04
CA ASP A 13 -31.00 -1.22 32.11
C ASP A 13 -32.16 -1.57 33.03
N LEU A 14 -32.53 -0.67 33.93
CA LEU A 14 -33.41 -1.02 35.04
C LEU A 14 -34.73 -1.61 34.56
N PRO A 15 -35.21 -2.68 35.19
CA PRO A 15 -36.56 -3.17 34.89
C PRO A 15 -37.59 -2.34 35.63
N ALA A 16 -38.84 -2.51 35.22
CA ALA A 16 -39.93 -1.75 35.82
C ALA A 16 -40.13 -2.16 37.27
N GLY A 17 -40.68 -1.24 38.04
CA GLY A 17 -40.91 -1.49 39.46
C GLY A 17 -39.72 -1.27 40.34
N GLU A 18 -38.79 -0.42 39.91
CA GLU A 18 -37.61 -0.10 40.70
C GLU A 18 -37.65 1.36 41.09
N VAL A 19 -37.27 1.64 42.34
CA VAL A 19 -37.21 3.01 42.85
C VAL A 19 -35.75 3.36 43.13
N ILE A 20 -35.37 4.58 42.79
CA ILE A 20 -34.04 5.06 43.10
C ILE A 20 -34.06 5.71 44.47
N LYS A 21 -33.12 5.34 45.32
CA LYS A 21 -33.04 5.89 46.67
C LYS A 21 -31.96 6.95 46.79
N ALA A 22 -31.61 7.59 45.69
CA ALA A 22 -30.80 8.81 45.75
C ALA A 22 -31.65 10.06 45.85
N SER A 23 -32.89 9.99 45.42
CA SER A 23 -33.87 11.07 45.53
C SER A 23 -34.76 10.82 46.72
N PRO A 24 -35.61 11.78 47.09
CA PRO A 24 -36.65 11.50 48.09
C PRO A 24 -37.67 10.53 47.51
N HIS A 25 -37.74 9.34 48.10
CA HIS A 25 -38.58 8.28 47.59
C HIS A 25 -39.45 7.74 48.71
N ASN A 26 -40.59 7.18 48.34
CA ASN A 26 -41.42 6.48 49.31
C ASN A 26 -42.10 5.31 48.63
N VAL A 27 -41.83 4.11 49.14
CA VAL A 27 -42.54 2.89 48.80
C VAL A 27 -43.26 2.41 50.05
N SER A 28 -44.57 2.25 49.94
CA SER A 28 -45.44 2.04 51.09
C SER A 28 -46.06 0.65 51.06
N ALA A 29 -46.04 -0.02 52.21
CA ALA A 29 -46.53 -1.38 52.31
C ALA A 29 -48.06 -1.39 52.44
N PHE A 30 -48.71 -2.12 51.55
CA PHE A 30 -50.15 -2.35 51.61
C PHE A 30 -50.37 -3.83 51.94
N GLU A 31 -51.02 -4.08 53.07
CA GLU A 31 -51.11 -5.45 53.57
C GLU A 31 -52.22 -6.26 52.91
N VAL A 32 -53.11 -5.64 52.16
CA VAL A 32 -54.17 -6.34 51.45
C VAL A 32 -54.17 -5.89 49.99
N PHE A 33 -53.99 -6.85 49.08
CA PHE A 33 -53.91 -6.56 47.67
C PHE A 33 -54.66 -7.63 46.88
N GLN A 34 -54.49 -7.60 45.57
CA GLN A 34 -55.20 -8.50 44.67
C GLN A 34 -54.22 -9.46 44.01
N ASN A 35 -54.59 -10.73 43.95
CA ASN A 35 -53.74 -11.72 43.32
C ASN A 35 -53.60 -11.41 41.83
N GLY A 36 -52.39 -11.65 41.31
CA GLY A 36 -52.10 -11.28 39.94
C GLY A 36 -51.63 -9.86 39.76
N LEU A 37 -51.21 -9.20 40.84
CA LEU A 37 -50.71 -7.83 40.76
C LEU A 37 -49.40 -7.81 40.02
N ILE A 38 -49.40 -7.26 38.80
CA ILE A 38 -48.21 -7.26 37.96
C ILE A 38 -47.31 -6.14 38.45
N GLU A 39 -46.16 -6.49 39.01
CA GLU A 39 -45.26 -5.47 39.51
C GLU A 39 -44.65 -4.69 38.36
N GLY A 40 -44.26 -3.45 38.66
CA GLY A 40 -43.79 -2.56 37.62
C GLY A 40 -44.88 -1.81 36.91
N ARG A 41 -46.14 -2.00 37.29
CA ARG A 41 -47.25 -1.32 36.68
C ARG A 41 -47.88 -0.36 37.68
N PHE A 42 -48.68 0.56 37.17
CA PHE A 42 -49.54 1.35 38.03
C PHE A 42 -50.59 0.44 38.64
N VAL A 43 -50.89 0.65 39.92
CA VAL A 43 -51.91 -0.10 40.61
C VAL A 43 -52.91 0.88 41.20
N LYS A 44 -54.15 0.42 41.36
CA LYS A 44 -55.18 1.28 41.92
C LYS A 44 -55.55 0.77 43.30
N PHE A 45 -56.20 1.63 44.07
CA PHE A 45 -56.64 1.33 45.43
C PHE A 45 -58.15 1.34 45.43
N ASP A 46 -58.76 0.17 45.34
CA ASP A 46 -60.20 0.03 45.27
C ASP A 46 -60.69 -0.82 46.42
N ALA A 47 -61.77 -0.37 47.07
CA ALA A 47 -62.40 -1.12 48.16
C ALA A 47 -61.39 -1.51 49.22
N GLY A 48 -60.44 -0.63 49.47
CA GLY A 48 -59.40 -0.93 50.43
C GLY A 48 -58.51 -2.09 50.04
N SER A 49 -58.08 -2.12 48.78
CA SER A 49 -57.13 -3.13 48.34
C SER A 49 -56.38 -2.61 47.13
N ILE A 50 -55.09 -2.93 47.06
CA ILE A 50 -54.29 -2.66 45.87
C ILE A 50 -54.61 -3.70 44.82
N ASP A 51 -54.89 -3.26 43.60
CA ASP A 51 -55.31 -4.19 42.58
C ASP A 51 -55.02 -3.65 41.18
N ILE A 52 -54.96 -4.59 40.24
CA ILE A 52 -54.75 -4.26 38.84
C ILE A 52 -55.84 -3.35 38.32
N LEU A 53 -55.46 -2.39 37.49
CA LEU A 53 -56.43 -1.52 36.85
C LEU A 53 -57.37 -2.35 35.98
N ASP A 54 -58.65 -2.06 36.09
CA ASP A 54 -59.66 -2.60 35.18
C ASP A 54 -60.47 -1.44 34.63
N ALA A 55 -61.51 -1.74 33.86
CA ALA A 55 -62.30 -0.66 33.30
C ALA A 55 -63.18 -0.03 34.37
N SER A 56 -62.56 0.61 35.36
CA SER A 56 -63.28 1.24 36.44
C SER A 56 -63.73 2.63 36.03
N ALA A 57 -64.34 3.37 36.97
CA ALA A 57 -64.81 4.71 36.66
C ALA A 57 -63.67 5.71 36.69
N THR A 58 -63.06 5.90 37.85
CA THR A 58 -61.92 6.79 38.01
C THR A 58 -61.16 6.36 39.25
N PRO A 59 -60.25 5.39 39.11
CA PRO A 59 -59.58 4.82 40.28
C PRO A 59 -58.62 5.78 40.94
N THR A 60 -58.35 5.50 42.21
CA THR A 60 -57.32 6.20 42.98
C THR A 60 -56.00 5.46 42.73
N ILE A 61 -55.20 5.99 41.81
CA ILE A 61 -53.92 5.35 41.47
C ILE A 61 -53.01 5.46 42.68
N ALA A 62 -52.75 4.32 43.31
CA ALA A 62 -51.94 4.30 44.52
C ALA A 62 -50.45 4.28 44.25
N GLY A 63 -50.04 4.19 42.98
CA GLY A 63 -48.63 4.20 42.67
C GLY A 63 -48.18 3.06 41.80
N ILE A 64 -46.93 2.65 41.95
CA ILE A 64 -46.31 1.64 41.11
C ILE A 64 -45.91 0.46 41.98
N ALA A 65 -46.29 -0.73 41.56
CA ALA A 65 -45.95 -1.94 42.30
C ALA A 65 -44.45 -2.19 42.21
N LYS A 66 -43.75 -2.11 43.33
CA LYS A 66 -42.31 -2.28 43.33
C LYS A 66 -41.95 -3.75 43.15
N ARG A 67 -41.00 -4.02 42.26
CA ARG A 67 -40.51 -5.39 42.13
C ARG A 67 -39.59 -5.74 43.28
N LYS A 68 -39.74 -6.95 43.79
CA LYS A 68 -38.86 -7.44 44.84
C LYS A 68 -37.64 -8.06 44.18
N VAL A 69 -36.45 -7.53 44.48
CA VAL A 69 -35.24 -8.07 43.88
C VAL A 69 -34.89 -9.44 44.42
N THR A 70 -35.56 -9.88 45.48
CA THR A 70 -35.32 -11.19 46.05
C THR A 70 -36.65 -11.90 46.29
N GLY A 71 -37.51 -11.83 45.29
CA GLY A 71 -38.76 -12.56 45.27
C GLY A 71 -38.66 -13.84 44.48
N GLU A 72 -39.77 -14.25 43.89
CA GLU A 72 -39.80 -15.47 43.09
C GLU A 72 -39.39 -15.17 41.65
N ILE A 73 -38.42 -15.95 41.15
CA ILE A 73 -38.02 -15.80 39.76
C ILE A 73 -39.21 -16.13 38.86
N GLY A 74 -39.47 -15.25 37.90
CA GLY A 74 -40.55 -15.46 36.98
C GLY A 74 -41.15 -14.15 36.50
N PRO A 75 -42.43 -14.16 36.19
CA PRO A 75 -43.10 -12.91 35.82
C PRO A 75 -43.20 -12.00 37.02
N GLY A 76 -43.30 -10.71 36.74
CA GLY A 76 -43.37 -9.76 37.84
C GLY A 76 -44.76 -9.70 38.42
N VAL A 77 -45.16 -10.74 39.15
CA VAL A 77 -46.53 -10.86 39.63
C VAL A 77 -46.53 -11.06 41.15
N TYR A 78 -47.49 -10.43 41.81
CA TYR A 78 -47.72 -10.63 43.23
C TYR A 78 -48.68 -11.80 43.41
N SER A 79 -48.37 -12.68 44.35
CA SER A 79 -49.12 -13.92 44.53
C SER A 79 -49.61 -14.04 45.96
N THR A 80 -50.91 -14.19 46.12
CA THR A 80 -51.48 -14.64 47.38
C THR A 80 -51.62 -16.15 47.36
N SER A 81 -51.32 -16.79 48.48
CA SER A 81 -51.52 -18.22 48.66
C SER A 81 -50.74 -19.03 47.62
N GLY A 82 -49.41 -18.96 47.75
CA GLY A 82 -48.53 -19.83 46.99
C GLY A 82 -47.28 -20.10 47.79
N ILE A 83 -46.43 -20.97 47.23
CA ILE A 83 -45.08 -21.10 47.79
C ILE A 83 -44.27 -19.86 47.47
N GLU A 84 -44.74 -19.05 46.52
CA GLU A 84 -44.15 -17.77 46.17
C GLU A 84 -44.95 -16.61 46.74
N ILE A 85 -45.59 -16.82 47.90
CA ILE A 85 -46.55 -15.87 48.43
C ILE A 85 -45.86 -14.56 48.78
N ASP A 86 -46.56 -13.46 48.52
CA ASP A 86 -46.08 -12.12 48.82
C ASP A 86 -46.99 -11.56 49.91
N GLN A 87 -46.44 -11.44 51.12
CA GLN A 87 -47.27 -11.08 52.27
C GLN A 87 -47.82 -9.68 52.16
N VAL A 88 -46.99 -8.74 51.69
CA VAL A 88 -47.38 -7.33 51.64
C VAL A 88 -46.96 -6.77 50.29
N ALA A 89 -47.84 -5.99 49.66
CA ALA A 89 -47.62 -5.49 48.31
C ALA A 89 -46.90 -4.15 48.40
N GLU A 90 -45.58 -4.19 48.35
CA GLU A 90 -44.79 -2.97 48.38
C GLU A 90 -45.11 -2.12 47.17
N VAL A 91 -45.71 -0.96 47.40
CA VAL A 91 -46.19 -0.09 46.33
C VAL A 91 -45.40 1.22 46.38
N ILE A 92 -44.85 1.60 45.24
CA ILE A 92 -44.04 2.80 45.13
C ILE A 92 -44.97 3.97 44.86
N ASN A 93 -44.88 5.01 45.67
CA ASN A 93 -45.82 6.11 45.52
C ASN A 93 -45.22 7.50 45.74
N PHE A 94 -43.90 7.64 45.82
CA PHE A 94 -43.31 8.98 45.81
C PHE A 94 -41.93 8.95 45.19
N GLY A 95 -41.72 9.75 44.14
CA GLY A 95 -40.38 9.87 43.60
C GLY A 95 -40.16 9.28 42.22
N PHE A 96 -38.94 8.82 41.95
CA PHE A 96 -38.59 8.28 40.64
C PHE A 96 -38.70 6.77 40.67
N ALA A 97 -39.53 6.22 39.78
CA ALA A 97 -39.67 4.78 39.70
C ALA A 97 -39.90 4.35 38.27
N THR A 98 -39.49 3.12 37.96
CA THR A 98 -39.57 2.57 36.62
C THR A 98 -40.88 1.84 36.43
N VAL A 99 -41.56 2.14 35.32
CA VAL A 99 -42.84 1.54 34.98
C VAL A 99 -42.77 1.03 33.54
N THR A 100 -43.37 -0.12 33.28
CA THR A 100 -43.48 -0.59 31.90
C THR A 100 -44.36 0.36 31.10
N VAL A 101 -43.99 0.55 29.85
CA VAL A 101 -44.78 1.35 28.93
C VAL A 101 -45.29 0.43 27.81
N GLN A 102 -46.29 0.92 27.10
CA GLN A 102 -46.81 0.17 25.97
C GLN A 102 -45.75 0.03 24.88
N ASP A 103 -45.86 -1.04 24.10
CA ASP A 103 -44.93 -1.24 23.01
C ASP A 103 -45.07 -0.20 21.91
N ALA A 104 -46.16 0.58 21.90
CA ALA A 104 -46.35 1.63 20.92
C ALA A 104 -45.98 3.01 21.43
N ALA A 105 -45.98 3.20 22.75
CA ALA A 105 -45.73 4.51 23.32
C ALA A 105 -44.29 4.95 23.07
N ALA A 106 -44.12 6.23 22.74
CA ALA A 106 -42.81 6.85 22.55
C ALA A 106 -42.76 8.15 23.34
N PRO A 107 -42.72 8.07 24.66
CA PRO A 107 -42.83 9.27 25.48
C PRO A 107 -41.53 10.06 25.50
N SER A 108 -41.60 11.22 26.13
CA SER A 108 -40.48 12.13 26.29
C SER A 108 -40.49 12.69 27.70
N LYS A 109 -39.37 13.26 28.10
CA LYS A 109 -39.26 13.79 29.45
C LYS A 109 -40.26 14.91 29.67
N TYR A 110 -40.75 15.01 30.90
CA TYR A 110 -41.79 15.96 31.34
C TYR A 110 -43.09 15.81 30.59
N ASP A 111 -43.28 14.73 29.84
CA ASP A 111 -44.56 14.49 29.18
C ASP A 111 -45.50 13.81 30.16
N PRO A 112 -46.71 14.32 30.37
CA PRO A 112 -47.59 13.76 31.38
C PRO A 112 -47.85 12.27 31.16
N VAL A 113 -47.82 11.52 32.25
CA VAL A 113 -47.99 10.07 32.21
C VAL A 113 -49.47 9.72 32.18
N TYR A 114 -49.83 8.77 31.34
CA TYR A 114 -51.17 8.21 31.29
C TYR A 114 -51.07 6.71 31.49
N ALA A 115 -51.81 6.19 32.47
CA ALA A 115 -51.86 4.75 32.71
C ALA A 115 -52.95 4.13 31.85
N ILE A 116 -52.74 2.87 31.46
CA ILE A 116 -53.75 2.17 30.69
C ILE A 116 -54.78 1.59 31.67
N ASN A 117 -55.96 2.21 31.70
CA ASN A 117 -57.05 1.76 32.56
C ASN A 117 -57.96 0.78 31.83
N LEU A 118 -57.36 -0.29 31.31
CA LEU A 118 -58.06 -1.27 30.49
C LEU A 118 -58.03 -2.63 31.17
N ASP A 119 -59.14 -3.34 31.12
CA ASP A 119 -59.24 -4.65 31.74
C ASP A 119 -58.68 -5.69 30.77
N SER A 120 -57.36 -5.81 30.78
CA SER A 120 -56.67 -6.77 29.94
C SER A 120 -55.26 -6.98 30.50
N ALA A 121 -54.41 -7.65 29.73
CA ALA A 121 -53.02 -7.81 30.12
C ALA A 121 -52.21 -6.54 29.96
N GLU A 122 -52.76 -5.54 29.27
CA GLU A 122 -52.12 -4.25 29.09
C GLU A 122 -52.50 -3.27 30.21
N ALA A 123 -52.99 -3.77 31.34
CA ALA A 123 -53.47 -2.92 32.40
C ALA A 123 -52.33 -2.39 33.24
N GLY A 124 -52.40 -1.09 33.58
CA GLY A 124 -51.39 -0.49 34.41
C GLY A 124 -50.13 -0.10 33.68
N LYS A 125 -50.15 -0.06 32.36
CA LYS A 125 -48.99 0.32 31.56
C LYS A 125 -49.05 1.81 31.30
N ALA A 126 -47.90 2.48 31.38
CA ALA A 126 -47.87 3.93 31.22
C ALA A 126 -47.66 4.28 29.75
N THR A 127 -48.39 5.29 29.28
CA THR A 127 -48.20 5.84 27.95
C THR A 127 -48.25 7.36 28.03
N GLU A 128 -47.64 8.01 27.04
CA GLU A 128 -47.74 9.46 26.93
C GLU A 128 -48.99 9.89 26.22
N ASN A 129 -49.62 8.99 25.46
CA ASN A 129 -50.68 9.36 24.54
C ASN A 129 -51.98 9.54 25.31
N SER A 130 -52.51 10.76 25.30
CA SER A 130 -53.76 11.03 26.01
C SER A 130 -54.91 10.25 25.41
N GLY A 131 -54.97 10.16 24.08
CA GLY A 131 -56.05 9.52 23.39
C GLY A 131 -55.91 8.03 23.20
N ALA A 132 -54.87 7.41 23.76
CA ALA A 132 -54.73 5.96 23.66
C ALA A 132 -55.90 5.28 24.36
N THR A 133 -56.30 4.13 23.82
CA THR A 133 -57.49 3.45 24.28
C THR A 133 -57.39 3.11 25.77
N GLY A 134 -58.37 3.54 26.55
CA GLY A 134 -58.40 3.25 27.97
C GLY A 134 -57.26 3.87 28.76
N ALA A 135 -56.99 5.14 28.54
CA ALA A 135 -55.90 5.85 29.23
C ALA A 135 -56.47 6.83 30.25
N LEU A 136 -56.00 6.71 31.48
CA LEU A 136 -56.36 7.60 32.57
C LEU A 136 -55.16 8.46 32.93
N ALA A 137 -55.41 9.75 33.13
CA ALA A 137 -54.36 10.71 33.43
C ALA A 137 -53.90 10.54 34.87
N VAL A 138 -52.69 10.03 35.06
CA VAL A 138 -52.08 9.94 36.38
C VAL A 138 -51.52 11.32 36.72
N ALA A 139 -52.33 12.14 37.39
CA ALA A 139 -51.97 13.54 37.58
C ALA A 139 -50.78 13.65 38.52
N ASP A 140 -50.02 14.74 38.35
CA ASP A 140 -48.79 14.98 39.10
C ASP A 140 -47.82 13.81 38.97
N CYS A 141 -47.69 13.31 37.74
CA CYS A 141 -46.72 12.27 37.43
C CYS A 141 -46.29 12.47 35.99
N VAL A 142 -44.99 12.61 35.76
CA VAL A 142 -44.46 12.90 34.44
C VAL A 142 -43.35 11.90 34.13
N PHE A 143 -43.17 11.62 32.84
CA PHE A 143 -42.08 10.76 32.40
C PHE A 143 -40.75 11.45 32.65
N TRP A 144 -39.73 10.65 32.93
CA TRP A 144 -38.38 11.20 33.07
C TRP A 144 -37.44 10.67 31.99
N GLU A 145 -37.26 9.36 31.88
CA GLU A 145 -36.25 8.85 30.96
C GLU A 145 -36.57 7.41 30.61
N GLN A 146 -35.93 6.93 29.55
CA GLN A 146 -36.09 5.55 29.10
C GLN A 146 -35.01 4.71 29.73
N LYS A 147 -35.38 3.85 30.68
CA LYS A 147 -34.39 2.98 31.30
C LYS A 147 -34.10 1.78 30.42
N ALA A 148 -35.09 0.90 30.24
CA ALA A 148 -34.87 -0.34 29.52
C ALA A 148 -35.86 -0.50 28.39
N ALA A 149 -35.92 -1.69 27.80
CA ALA A 149 -36.89 -1.95 26.75
C ALA A 149 -38.30 -1.79 27.31
N ASN A 150 -39.00 -0.76 26.86
CA ASN A 150 -40.37 -0.47 27.28
C ASN A 150 -40.48 -0.22 28.78
N VAL A 151 -39.38 0.18 29.42
CA VAL A 151 -39.35 0.50 30.84
C VAL A 151 -38.88 1.94 30.97
N TRP A 152 -39.75 2.80 31.47
CA TRP A 152 -39.46 4.22 31.60
C TRP A 152 -39.45 4.61 33.06
N LEU A 153 -38.42 5.32 33.48
CA LEU A 153 -38.40 5.94 34.80
C LEU A 153 -39.25 7.20 34.76
N VAL A 154 -40.28 7.23 35.60
CA VAL A 154 -41.16 8.38 35.73
C VAL A 154 -40.94 9.00 37.10
N ARG A 155 -41.48 10.20 37.29
CA ARG A 155 -41.43 10.89 38.57
C ARG A 155 -42.85 11.17 39.05
N MET A 156 -43.24 10.49 40.12
CA MET A 156 -44.42 10.86 40.87
C MET A 156 -44.06 12.04 41.76
N ASN A 157 -44.57 13.22 41.40
CA ASN A 157 -44.18 14.45 42.07
C ASN A 157 -44.61 14.45 43.54
N LYS A 158 -45.91 14.41 43.78
CA LYS A 158 -46.42 14.31 45.13
C LYS A 158 -46.54 12.84 45.52
N PHE A 159 -47.00 12.57 46.73
CA PHE A 159 -47.32 11.20 47.10
C PHE A 159 -48.51 10.74 46.27
N LEU A 160 -48.26 9.88 45.30
CA LEU A 160 -49.29 9.49 44.36
C LEU A 160 -50.29 8.55 44.99
N MET B 1 -55.53 13.49 92.38
CA MET B 1 -55.61 12.97 91.01
C MET B 1 -54.50 11.96 90.73
N ALA B 2 -54.87 10.69 90.70
CA ALA B 2 -53.93 9.61 90.45
C ALA B 2 -53.66 9.49 88.95
N PHE B 3 -52.74 8.60 88.60
CA PHE B 3 -52.49 8.30 87.20
C PHE B 3 -53.76 7.78 86.54
N ASN B 4 -54.09 8.32 85.39
CA ASN B 4 -55.11 7.71 84.56
C ASN B 4 -54.61 6.37 84.02
N ASN B 5 -55.55 5.47 83.75
CA ASN B 5 -55.24 4.19 83.10
C ASN B 5 -54.22 3.39 83.93
N ALA B 6 -54.68 2.94 85.09
CA ALA B 6 -53.85 2.16 85.99
C ALA B 6 -53.18 0.99 85.29
N VAL B 7 -53.96 0.22 84.54
CA VAL B 7 -53.44 -0.91 83.76
C VAL B 7 -54.10 -0.87 82.39
N LEU B 8 -53.29 -0.94 81.34
CA LEU B 8 -53.78 -0.93 79.97
C LEU B 8 -53.56 -2.29 79.34
N GLN B 9 -54.51 -2.72 78.51
CA GLN B 9 -54.41 -4.02 77.87
C GLN B 9 -53.49 -3.97 76.65
N GLU B 10 -53.74 -3.06 75.72
CA GLU B 10 -52.84 -2.87 74.58
C GLU B 10 -52.04 -1.60 74.80
N VAL B 11 -50.73 -1.70 74.59
CA VAL B 11 -49.89 -0.50 74.53
C VAL B 11 -50.52 0.47 73.56
N SER B 12 -50.67 1.73 73.97
CA SER B 12 -51.25 2.73 73.10
C SER B 12 -50.45 2.83 71.82
N ASP B 13 -51.15 2.86 70.69
CA ASP B 13 -50.48 2.73 69.41
C ASP B 13 -49.47 3.85 69.18
N LEU B 14 -49.95 5.08 69.05
CA LEU B 14 -49.05 6.20 68.80
C LEU B 14 -49.77 7.51 69.08
N PRO B 15 -49.20 8.38 69.92
CA PRO B 15 -49.85 9.64 70.23
C PRO B 15 -49.86 10.59 69.04
N ALA B 16 -50.80 11.52 69.07
CA ALA B 16 -50.96 12.45 67.96
C ALA B 16 -49.78 13.40 67.86
N GLY B 17 -49.69 14.07 66.72
CA GLY B 17 -48.59 14.98 66.48
C GLY B 17 -47.24 14.33 66.40
N GLU B 18 -47.15 13.19 65.72
CA GLU B 18 -45.90 12.49 65.52
C GLU B 18 -45.68 12.29 64.03
N VAL B 19 -44.43 12.28 63.61
CA VAL B 19 -44.07 12.10 62.22
C VAL B 19 -43.26 10.82 62.10
N ILE B 20 -43.45 10.10 60.99
CA ILE B 20 -42.65 8.90 60.75
C ILE B 20 -41.35 9.31 60.08
N LYS B 21 -40.24 9.11 60.79
CA LYS B 21 -38.93 9.49 60.30
C LYS B 21 -38.29 8.39 59.46
N ALA B 22 -39.05 7.37 59.11
CA ALA B 22 -38.62 6.33 58.19
C ALA B 22 -39.35 6.46 56.86
N SER B 23 -39.50 7.69 56.40
CA SER B 23 -40.29 8.06 55.24
C SER B 23 -39.84 9.47 54.89
N PRO B 24 -40.14 10.02 53.71
CA PRO B 24 -39.75 11.41 53.46
C PRO B 24 -40.71 12.35 54.18
N HIS B 25 -40.15 13.20 55.04
CA HIS B 25 -40.93 14.01 55.96
C HIS B 25 -40.23 15.34 56.17
N ASN B 26 -40.99 16.31 56.65
CA ASN B 26 -40.43 17.60 57.02
C ASN B 26 -41.28 18.19 58.14
N VAL B 27 -40.61 18.52 59.24
CA VAL B 27 -41.18 19.29 60.35
C VAL B 27 -40.40 20.59 60.45
N SER B 28 -41.09 21.71 60.22
CA SER B 28 -40.43 23.00 60.10
C SER B 28 -40.79 23.88 61.29
N ALA B 29 -39.80 24.65 61.75
CA ALA B 29 -39.91 25.41 62.99
C ALA B 29 -40.32 26.84 62.68
N PHE B 30 -41.35 27.31 63.39
CA PHE B 30 -41.85 28.68 63.25
C PHE B 30 -41.63 29.40 64.57
N GLU B 31 -40.97 30.56 64.50
CA GLU B 31 -40.57 31.25 65.72
C GLU B 31 -41.77 31.71 66.52
N VAL B 32 -42.60 32.56 65.93
CA VAL B 32 -43.73 33.15 66.64
C VAL B 32 -44.98 32.32 66.39
N PHE B 33 -45.70 32.01 67.46
CA PHE B 33 -46.92 31.22 67.37
C PHE B 33 -47.91 31.75 68.40
N GLN B 34 -48.96 30.98 68.65
CA GLN B 34 -49.99 31.36 69.61
C GLN B 34 -49.85 30.56 70.89
N ASN B 35 -49.98 31.23 72.03
CA ASN B 35 -50.00 30.53 73.29
C ASN B 35 -51.23 29.65 73.38
N GLY B 36 -51.03 28.36 73.63
CA GLY B 36 -52.10 27.40 73.55
C GLY B 36 -52.20 26.64 72.26
N LEU B 37 -51.13 26.61 71.46
CA LEU B 37 -51.11 25.79 70.26
C LEU B 37 -51.16 24.32 70.66
N ILE B 38 -52.19 23.61 70.20
CA ILE B 38 -52.45 22.26 70.67
C ILE B 38 -51.65 21.30 69.82
N GLU B 39 -50.59 20.74 70.39
CA GLU B 39 -49.73 19.84 69.63
C GLU B 39 -50.48 18.56 69.29
N GLY B 40 -50.35 18.13 68.05
CA GLY B 40 -51.15 17.04 67.54
C GLY B 40 -52.38 17.46 66.77
N ARG B 41 -52.44 18.72 66.34
CA ARG B 41 -53.61 19.25 65.67
C ARG B 41 -53.17 20.01 64.43
N PHE B 42 -54.11 20.25 63.53
CA PHE B 42 -53.83 21.13 62.40
C PHE B 42 -53.69 22.56 62.89
N VAL B 43 -52.74 23.28 62.29
CA VAL B 43 -52.50 24.66 62.66
C VAL B 43 -52.52 25.50 61.38
N LYS B 44 -52.85 26.77 61.53
CA LYS B 44 -52.86 27.68 60.39
C LYS B 44 -51.78 28.72 60.56
N PHE B 45 -51.43 29.36 59.45
CA PHE B 45 -50.47 30.45 59.43
C PHE B 45 -51.23 31.72 59.10
N ASP B 46 -51.39 32.59 60.09
CA ASP B 46 -52.13 33.83 59.91
C ASP B 46 -51.32 34.99 60.47
N ALA B 47 -51.29 36.10 59.73
CA ALA B 47 -50.63 37.33 60.15
C ALA B 47 -49.21 37.08 60.62
N GLY B 48 -48.54 36.11 60.00
CA GLY B 48 -47.17 35.83 60.34
C GLY B 48 -46.96 35.02 61.61
N SER B 49 -47.94 34.23 62.04
CA SER B 49 -47.76 33.36 63.19
C SER B 49 -48.55 32.08 63.01
N ILE B 50 -48.04 31.01 63.60
CA ILE B 50 -48.71 29.71 63.64
C ILE B 50 -49.69 29.72 64.80
N ASP B 51 -50.95 29.45 64.50
CA ASP B 51 -51.96 29.54 65.54
C ASP B 51 -53.09 28.57 65.27
N ILE B 52 -53.83 28.26 66.33
CA ILE B 52 -54.93 27.32 66.24
C ILE B 52 -56.02 27.93 65.35
N LEU B 53 -56.77 27.05 64.69
CA LEU B 53 -57.78 27.52 63.75
C LEU B 53 -58.95 28.16 64.49
N ASP B 54 -59.56 29.15 63.84
CA ASP B 54 -60.72 29.87 64.34
C ASP B 54 -61.68 30.07 63.17
N ALA B 55 -62.67 30.92 63.36
CA ALA B 55 -63.56 31.26 62.26
C ALA B 55 -62.81 32.13 61.26
N SER B 56 -62.17 31.49 60.28
CA SER B 56 -61.39 32.18 59.27
C SER B 56 -61.88 31.77 57.90
N ALA B 57 -61.80 32.70 56.95
CA ALA B 57 -62.34 32.45 55.62
C ALA B 57 -61.65 31.28 54.95
N THR B 58 -60.37 31.42 54.67
CA THR B 58 -59.56 30.34 54.08
C THR B 58 -58.17 30.41 54.69
N PRO B 59 -57.99 29.86 55.89
CA PRO B 59 -56.66 29.85 56.50
C PRO B 59 -55.70 28.99 55.71
N THR B 60 -54.43 29.36 55.77
CA THR B 60 -53.38 28.59 55.11
C THR B 60 -52.90 27.53 56.09
N ILE B 61 -53.40 26.30 55.92
CA ILE B 61 -53.04 25.22 56.82
C ILE B 61 -51.54 24.97 56.71
N ALA B 62 -50.82 25.21 57.79
CA ALA B 62 -49.38 25.11 57.78
C ALA B 62 -48.88 23.72 58.15
N GLY B 63 -49.75 22.82 58.57
CA GLY B 63 -49.32 21.50 58.95
C GLY B 63 -49.92 21.10 60.27
N ILE B 64 -49.26 20.15 60.92
CA ILE B 64 -49.75 19.51 62.12
C ILE B 64 -48.75 19.77 63.23
N ALA B 65 -49.22 20.36 64.33
CA ALA B 65 -48.32 20.75 65.41
C ALA B 65 -47.65 19.54 66.03
N LYS B 66 -46.34 19.42 65.86
CA LYS B 66 -45.63 18.25 66.33
C LYS B 66 -45.67 18.17 67.85
N ARG B 67 -45.81 16.95 68.36
CA ARG B 67 -45.79 16.72 69.79
C ARG B 67 -44.35 16.65 70.28
N LYS B 68 -43.98 17.57 71.17
CA LYS B 68 -42.63 17.58 71.72
C LYS B 68 -42.49 16.43 72.71
N VAL B 69 -41.64 15.46 72.39
CA VAL B 69 -41.44 14.33 73.28
C VAL B 69 -40.81 14.77 74.59
N THR B 70 -39.80 15.63 74.52
CA THR B 70 -39.10 16.09 75.72
C THR B 70 -39.79 17.29 76.36
N GLY B 71 -40.83 17.84 75.71
CA GLY B 71 -41.54 18.97 76.25
C GLY B 71 -42.23 18.72 77.57
N GLU B 72 -42.91 19.74 78.08
CA GLU B 72 -43.53 19.66 79.39
C GLU B 72 -44.58 18.56 79.44
N ILE B 73 -44.61 17.83 80.57
CA ILE B 73 -45.69 16.89 80.81
C ILE B 73 -46.97 17.66 81.11
N GLY B 74 -48.04 17.29 80.44
CA GLY B 74 -49.31 17.94 80.65
C GLY B 74 -50.20 17.82 79.44
N PRO B 75 -51.13 18.77 79.29
CA PRO B 75 -51.92 18.81 78.07
C PRO B 75 -51.02 19.11 76.89
N GLY B 76 -51.42 18.65 75.72
CA GLY B 76 -50.60 18.85 74.55
C GLY B 76 -50.69 20.25 74.00
N VAL B 77 -50.10 21.22 74.70
CA VAL B 77 -50.18 22.61 74.29
C VAL B 77 -48.79 23.20 74.18
N TYR B 78 -48.63 24.13 73.24
CA TYR B 78 -47.43 24.94 73.13
C TYR B 78 -47.58 26.16 74.03
N SER B 79 -46.55 26.46 74.80
CA SER B 79 -46.60 27.50 75.81
C SER B 79 -45.58 28.58 75.51
N THR B 80 -46.04 29.82 75.40
CA THR B 80 -45.16 30.96 75.47
C THR B 80 -44.84 31.20 76.94
N SER B 81 -44.33 32.39 77.28
CA SER B 81 -43.63 32.66 78.53
C SER B 81 -44.18 31.85 79.70
N GLY B 82 -43.28 31.15 80.38
CA GLY B 82 -43.61 30.27 81.48
C GLY B 82 -42.47 29.32 81.72
N ILE B 83 -42.55 28.58 82.83
CA ILE B 83 -41.52 27.58 83.09
C ILE B 83 -41.55 26.50 82.02
N GLU B 84 -42.71 26.30 81.38
CA GLU B 84 -42.89 25.36 80.29
C GLU B 84 -42.81 26.03 78.94
N ILE B 85 -42.03 27.11 78.83
CA ILE B 85 -41.98 27.87 77.59
C ILE B 85 -41.46 27.00 76.45
N ASP B 86 -42.13 27.09 75.31
CA ASP B 86 -41.69 26.45 74.08
C ASP B 86 -41.33 27.57 73.12
N GLN B 87 -40.03 27.74 72.88
CA GLN B 87 -39.56 28.92 72.15
C GLN B 87 -40.05 28.93 70.71
N VAL B 88 -40.04 27.77 70.07
CA VAL B 88 -40.38 27.67 68.65
C VAL B 88 -41.42 26.58 68.47
N ALA B 89 -42.36 26.80 67.57
CA ALA B 89 -43.47 25.89 67.33
C ALA B 89 -43.13 24.98 66.16
N GLU B 90 -42.71 23.76 66.46
CA GLU B 90 -42.43 22.79 65.41
C GLU B 90 -43.73 22.28 64.81
N VAL B 91 -43.82 22.32 63.50
CA VAL B 91 -45.04 21.97 62.77
C VAL B 91 -44.69 20.97 61.70
N ILE B 92 -45.36 19.81 61.71
CA ILE B 92 -45.13 18.79 60.71
C ILE B 92 -45.91 19.16 59.47
N ASN B 93 -45.23 19.29 58.34
CA ASN B 93 -45.90 19.63 57.09
C ASN B 93 -45.54 18.75 55.91
N PHE B 94 -44.70 17.73 56.09
CA PHE B 94 -44.49 16.77 55.02
C PHE B 94 -44.36 15.37 55.58
N GLY B 95 -45.03 14.42 54.93
CA GLY B 95 -44.87 13.02 55.26
C GLY B 95 -46.05 12.41 55.96
N PHE B 96 -45.79 11.39 56.77
CA PHE B 96 -46.83 10.69 57.51
C PHE B 96 -46.89 11.27 58.92
N ALA B 97 -47.99 11.94 59.23
CA ALA B 97 -48.14 12.62 60.50
C ALA B 97 -49.42 12.17 61.18
N THR B 98 -49.33 11.92 62.49
CA THR B 98 -50.47 11.45 63.26
C THR B 98 -51.22 12.64 63.84
N VAL B 99 -52.46 12.81 63.40
CA VAL B 99 -53.28 13.95 63.81
C VAL B 99 -54.42 13.44 64.68
N THR B 100 -54.79 14.26 65.66
CA THR B 100 -55.96 13.98 66.47
C THR B 100 -57.22 14.11 65.61
N VAL B 101 -58.15 13.19 65.81
CA VAL B 101 -59.38 13.12 65.03
C VAL B 101 -60.56 13.34 65.95
N GLN B 102 -61.64 13.88 65.39
CA GLN B 102 -62.88 14.03 66.14
C GLN B 102 -63.37 12.70 66.68
N ASP B 103 -64.23 12.76 67.70
CA ASP B 103 -64.78 11.54 68.28
C ASP B 103 -65.73 10.84 67.33
N ALA B 104 -66.52 11.62 66.57
CA ALA B 104 -67.54 11.06 65.71
C ALA B 104 -67.03 10.71 64.31
N ALA B 105 -65.78 11.01 64.00
CA ALA B 105 -65.23 10.69 62.69
C ALA B 105 -64.71 9.26 62.67
N ALA B 106 -65.03 8.54 61.60
CA ALA B 106 -64.61 7.15 61.41
C ALA B 106 -64.02 6.99 60.02
N PRO B 107 -62.82 7.54 59.79
CA PRO B 107 -62.28 7.58 58.43
C PRO B 107 -61.69 6.27 57.95
N SER B 108 -61.06 6.31 56.78
CA SER B 108 -60.45 5.13 56.16
C SER B 108 -59.28 5.57 55.32
N LYS B 109 -58.48 4.60 54.88
CA LYS B 109 -57.30 4.89 54.09
C LYS B 109 -57.67 5.56 52.76
N TYR B 110 -56.79 6.44 52.30
CA TYR B 110 -56.97 7.18 51.04
C TYR B 110 -58.32 7.88 51.01
N ASP B 111 -58.52 8.76 51.98
CA ASP B 111 -59.77 9.45 52.13
C ASP B 111 -59.42 10.89 52.46
N PRO B 112 -59.97 11.86 51.74
CA PRO B 112 -59.55 13.25 51.95
C PRO B 112 -59.73 13.69 53.39
N VAL B 113 -58.76 14.42 53.89
CA VAL B 113 -58.77 14.93 55.25
C VAL B 113 -59.46 16.28 55.27
N TYR B 114 -60.35 16.46 56.23
CA TYR B 114 -60.95 17.76 56.53
C TYR B 114 -60.52 18.17 57.92
N ALA B 115 -60.28 19.45 58.13
CA ALA B 115 -59.91 19.97 59.43
C ALA B 115 -61.05 20.82 59.96
N ILE B 116 -61.23 20.80 61.29
CA ILE B 116 -62.29 21.60 61.88
C ILE B 116 -61.83 23.05 61.95
N ASN B 117 -62.67 23.94 61.43
CA ASN B 117 -62.36 25.37 61.36
C ASN B 117 -63.20 26.17 62.36
N LEU B 118 -63.68 25.52 63.41
CA LEU B 118 -64.47 26.18 64.44
C LEU B 118 -63.58 26.79 65.50
N ASP B 119 -64.14 27.75 66.24
CA ASP B 119 -63.42 28.38 67.35
C ASP B 119 -63.84 27.71 68.66
N SER B 120 -63.44 26.45 68.80
CA SER B 120 -63.80 25.67 69.98
C SER B 120 -62.60 24.83 70.38
N ALA B 121 -62.81 23.93 71.35
CA ALA B 121 -61.79 22.96 71.72
C ALA B 121 -61.65 21.86 70.68
N GLU B 122 -62.54 21.82 69.70
CA GLU B 122 -62.50 20.86 68.61
C GLU B 122 -61.75 21.40 67.40
N ALA B 123 -61.04 22.52 67.56
CA ALA B 123 -60.44 23.20 66.44
C ALA B 123 -59.21 22.47 65.94
N GLY B 124 -59.08 22.37 64.62
CA GLY B 124 -57.93 21.75 64.01
C GLY B 124 -57.97 20.24 63.95
N LYS B 125 -59.07 19.63 64.37
CA LYS B 125 -59.17 18.18 64.41
C LYS B 125 -59.51 17.65 63.02
N ALA B 126 -58.89 16.55 62.64
CA ALA B 126 -59.19 15.92 61.36
C ALA B 126 -60.52 15.17 61.44
N THR B 127 -61.19 15.07 60.29
CA THR B 127 -62.47 14.38 60.25
C THR B 127 -62.73 13.90 58.83
N GLU B 128 -63.52 12.84 58.72
CA GLU B 128 -63.93 12.34 57.42
C GLU B 128 -64.99 13.23 56.78
N ASN B 129 -65.97 13.64 57.57
CA ASN B 129 -67.22 14.14 57.02
C ASN B 129 -67.03 15.54 56.44
N SER B 130 -67.28 15.68 55.14
CA SER B 130 -67.23 16.99 54.51
C SER B 130 -68.31 17.92 55.05
N GLY B 131 -69.50 17.38 55.34
CA GLY B 131 -70.61 18.13 55.87
C GLY B 131 -70.60 18.31 57.37
N ALA B 132 -69.55 17.86 58.05
CA ALA B 132 -69.40 18.17 59.46
C ALA B 132 -69.24 19.67 59.64
N THR B 133 -69.78 20.18 60.74
CA THR B 133 -69.79 21.61 60.97
C THR B 133 -68.37 22.16 61.06
N GLY B 134 -68.14 23.30 60.42
CA GLY B 134 -66.85 23.95 60.42
C GLY B 134 -65.73 23.12 59.84
N ALA B 135 -65.98 22.47 58.70
CA ALA B 135 -65.01 21.59 58.07
C ALA B 135 -64.41 22.28 56.86
N LEU B 136 -63.08 22.33 56.81
CA LEU B 136 -62.34 22.93 55.71
C LEU B 136 -61.43 21.87 55.11
N ALA B 137 -61.44 21.78 53.78
CA ALA B 137 -60.70 20.73 53.09
C ALA B 137 -59.22 21.02 53.15
N VAL B 138 -58.48 20.22 53.92
CA VAL B 138 -57.02 20.27 53.91
C VAL B 138 -56.57 19.61 52.61
N ALA B 139 -56.23 20.43 51.62
CA ALA B 139 -55.96 19.91 50.29
C ALA B 139 -54.70 19.05 50.27
N ASP B 140 -54.77 17.96 49.50
CA ASP B 140 -53.64 17.09 49.24
C ASP B 140 -53.12 16.40 50.50
N CYS B 141 -54.01 16.19 51.46
CA CYS B 141 -53.71 15.38 52.64
C CYS B 141 -54.82 14.35 52.78
N VAL B 142 -54.43 13.09 52.95
CA VAL B 142 -55.39 12.00 53.04
C VAL B 142 -55.11 11.18 54.29
N PHE B 143 -56.16 10.58 54.84
CA PHE B 143 -55.99 9.66 55.95
C PHE B 143 -55.21 8.44 55.48
N TRP B 144 -54.41 7.88 56.38
CA TRP B 144 -53.69 6.65 56.06
C TRP B 144 -54.16 5.49 56.92
N GLU B 145 -54.03 5.59 58.24
CA GLU B 145 -54.34 4.43 59.06
C GLU B 145 -54.61 4.86 60.49
N GLN B 146 -55.40 4.08 61.20
CA GLN B 146 -55.78 4.44 62.55
C GLN B 146 -54.67 4.08 63.52
N LYS B 147 -54.15 5.08 64.21
CA LYS B 147 -53.27 4.91 65.35
C LYS B 147 -54.13 4.85 66.61
N ALA B 148 -53.55 5.09 67.78
CA ALA B 148 -54.27 4.96 69.04
C ALA B 148 -55.55 5.79 69.07
N ALA B 149 -56.39 5.56 70.07
CA ALA B 149 -57.77 6.03 70.08
C ALA B 149 -57.89 7.49 69.64
N ASN B 150 -58.68 7.72 68.60
CA ASN B 150 -58.96 9.05 68.07
C ASN B 150 -57.69 9.74 67.59
N VAL B 151 -56.71 8.96 67.15
CA VAL B 151 -55.52 9.46 66.48
C VAL B 151 -55.38 8.71 65.18
N TRP B 152 -55.32 9.45 64.07
CA TRP B 152 -55.18 8.85 62.75
C TRP B 152 -53.91 9.37 62.09
N LEU B 153 -53.07 8.46 61.63
CA LEU B 153 -51.92 8.84 60.83
C LEU B 153 -52.41 9.18 59.43
N VAL B 154 -52.23 10.43 59.04
CA VAL B 154 -52.57 10.92 57.72
C VAL B 154 -51.30 11.06 56.92
N ARG B 155 -51.46 11.18 55.60
CA ARG B 155 -50.36 11.42 54.68
C ARG B 155 -50.52 12.80 54.09
N MET B 156 -49.45 13.58 54.13
CA MET B 156 -49.43 14.92 53.55
C MET B 156 -48.76 14.77 52.18
N ASN B 157 -49.57 14.67 51.13
CA ASN B 157 -49.06 14.27 49.83
C ASN B 157 -48.01 15.24 49.30
N LYS B 158 -48.13 16.52 49.63
CA LYS B 158 -47.13 17.51 49.29
C LYS B 158 -46.79 18.31 50.53
N PHE B 159 -45.88 19.27 50.38
CA PHE B 159 -45.57 20.16 51.48
C PHE B 159 -46.79 21.00 51.83
N LEU B 160 -47.05 21.17 53.11
CA LEU B 160 -48.21 21.90 53.55
C LEU B 160 -47.86 22.84 54.70
N MET C 1 -12.35 48.06 40.12
CA MET C 1 -13.43 47.19 40.56
C MET C 1 -12.96 46.23 41.65
N ALA C 2 -12.70 46.78 42.84
CA ALA C 2 -12.27 45.96 43.95
C ALA C 2 -13.41 45.05 44.40
N PHE C 3 -13.10 44.17 45.35
CA PHE C 3 -14.13 43.34 45.94
C PHE C 3 -15.23 44.21 46.52
N ASN C 4 -16.47 43.90 46.18
CA ASN C 4 -17.58 44.60 46.79
C ASN C 4 -17.67 44.28 48.28
N ASN C 5 -18.12 45.27 49.05
CA ASN C 5 -18.33 45.13 50.49
C ASN C 5 -17.04 44.71 51.20
N ALA C 6 -16.11 45.66 51.23
CA ALA C 6 -14.80 45.43 51.85
C ALA C 6 -14.94 44.85 53.26
N VAL C 7 -15.62 45.56 54.15
CA VAL C 7 -15.84 45.10 55.52
C VAL C 7 -17.34 45.04 55.76
N LEU C 8 -17.81 43.91 56.28
CA LEU C 8 -19.22 43.64 56.47
C LEU C 8 -19.58 43.61 57.94
N GLN C 9 -20.73 44.18 58.28
CA GLN C 9 -21.24 44.10 59.65
C GLN C 9 -21.73 42.70 59.96
N GLU C 10 -22.43 42.08 59.02
CA GLU C 10 -22.99 40.75 59.19
C GLU C 10 -22.56 39.85 58.05
N VAL C 11 -22.48 38.55 58.34
CA VAL C 11 -22.19 37.58 57.29
C VAL C 11 -23.45 37.34 56.47
N SER C 12 -23.31 37.47 55.15
CA SER C 12 -24.44 37.19 54.26
C SER C 12 -24.81 35.72 54.36
N ASP C 13 -26.07 35.44 54.65
CA ASP C 13 -26.46 34.09 55.03
C ASP C 13 -26.28 33.08 53.91
N LEU C 14 -27.04 33.22 52.81
CA LEU C 14 -26.97 32.25 51.73
C LEU C 14 -27.16 32.89 50.37
N PRO C 15 -26.29 32.58 49.40
CA PRO C 15 -26.52 33.04 48.03
C PRO C 15 -27.65 32.26 47.37
N ALA C 16 -28.15 32.81 46.27
CA ALA C 16 -29.25 32.18 45.56
C ALA C 16 -28.77 30.94 44.83
N GLY C 17 -29.71 30.06 44.51
CA GLY C 17 -29.38 28.80 43.88
C GLY C 17 -28.82 27.76 44.81
N GLU C 18 -29.13 27.83 46.09
CA GLU C 18 -28.67 26.86 47.07
C GLU C 18 -29.87 26.13 47.65
N VAL C 19 -29.65 24.87 48.01
CA VAL C 19 -30.69 24.03 48.59
C VAL C 19 -30.25 23.64 50.00
N ILE C 20 -31.20 23.49 50.90
CA ILE C 20 -30.92 23.01 52.24
C ILE C 20 -31.22 21.52 52.30
N LYS C 21 -30.29 20.76 52.85
CA LYS C 21 -30.35 19.30 52.85
C LYS C 21 -30.72 18.73 54.20
N ALA C 22 -31.30 19.54 55.08
CA ALA C 22 -31.86 19.03 56.32
C ALA C 22 -33.29 18.55 56.14
N SER C 23 -33.91 18.87 55.02
CA SER C 23 -35.28 18.52 54.70
C SER C 23 -35.26 17.65 53.45
N PRO C 24 -36.41 17.13 52.98
CA PRO C 24 -36.39 16.39 51.71
C PRO C 24 -36.08 17.31 50.54
N HIS C 25 -34.90 17.15 49.97
CA HIS C 25 -34.42 17.95 48.87
C HIS C 25 -34.21 17.07 47.65
N ASN C 26 -34.40 17.64 46.47
CA ASN C 26 -34.01 16.95 45.26
C ASN C 26 -33.53 17.98 44.24
N VAL C 27 -32.26 17.89 43.89
CA VAL C 27 -31.67 18.58 42.76
C VAL C 27 -31.34 17.53 41.69
N SER C 28 -31.83 17.74 40.49
CA SER C 28 -31.80 16.72 39.45
C SER C 28 -30.98 17.21 38.26
N ALA C 29 -30.00 16.41 37.87
CA ALA C 29 -29.08 16.77 36.80
C ALA C 29 -29.78 16.69 35.45
N PHE C 30 -29.75 17.80 34.71
CA PHE C 30 -30.24 17.85 33.35
C PHE C 30 -29.06 17.88 32.40
N GLU C 31 -29.00 16.91 31.49
CA GLU C 31 -27.82 16.67 30.68
C GLU C 31 -27.61 17.76 29.63
N VAL C 32 -28.68 18.31 29.07
CA VAL C 32 -28.58 19.31 28.02
C VAL C 32 -29.35 20.56 28.43
N PHE C 33 -28.71 21.71 28.28
CA PHE C 33 -29.29 22.98 28.70
C PHE C 33 -28.76 24.06 27.77
N GLN C 34 -29.43 25.21 27.75
CA GLN C 34 -28.97 26.30 26.91
C GLN C 34 -27.80 27.02 27.56
N ASN C 35 -26.93 27.57 26.73
CA ASN C 35 -25.76 28.29 27.24
C ASN C 35 -26.18 29.59 27.90
N GLY C 36 -25.54 29.91 29.01
CA GLY C 36 -25.83 31.14 29.72
C GLY C 36 -26.95 31.06 30.72
N LEU C 37 -27.31 29.86 31.15
CA LEU C 37 -28.35 29.72 32.17
C LEU C 37 -27.86 30.28 33.49
N ILE C 38 -28.66 31.15 34.10
CA ILE C 38 -28.26 31.84 35.32
C ILE C 38 -28.63 30.97 36.52
N GLU C 39 -27.67 30.73 37.39
CA GLU C 39 -27.96 30.04 38.64
C GLU C 39 -28.83 30.91 39.53
N GLY C 40 -29.65 30.25 40.35
CA GLY C 40 -30.49 30.93 41.29
C GLY C 40 -31.84 31.37 40.76
N ARG C 41 -32.10 31.23 39.48
CA ARG C 41 -33.37 31.64 38.89
C ARG C 41 -34.23 30.42 38.62
N PHE C 42 -35.48 30.69 38.26
CA PHE C 42 -36.36 29.64 37.77
C PHE C 42 -36.01 29.33 36.33
N VAL C 43 -35.86 28.06 36.02
CA VAL C 43 -35.55 27.61 34.68
C VAL C 43 -36.69 26.76 34.16
N LYS C 44 -36.95 26.84 32.87
CA LYS C 44 -38.01 26.07 32.25
C LYS C 44 -37.41 24.96 31.40
N PHE C 45 -38.25 24.02 31.02
CA PHE C 45 -37.86 22.87 30.21
C PHE C 45 -38.59 22.95 28.88
N ASP C 46 -37.82 22.93 27.79
CA ASP C 46 -38.43 23.01 26.47
C ASP C 46 -37.55 22.22 25.51
N ALA C 47 -38.19 21.36 24.73
CA ALA C 47 -37.52 20.60 23.67
C ALA C 47 -36.32 19.84 24.20
N GLY C 48 -36.46 19.31 25.42
CA GLY C 48 -35.41 18.52 26.00
C GLY C 48 -34.31 19.29 26.69
N SER C 49 -34.36 20.62 26.67
CA SER C 49 -33.29 21.44 27.21
C SER C 49 -33.82 22.34 28.32
N ILE C 50 -32.96 22.58 29.30
CA ILE C 50 -33.23 23.52 30.37
C ILE C 50 -32.80 24.91 29.93
N ASP C 51 -33.69 25.88 29.99
CA ASP C 51 -33.37 27.19 29.47
C ASP C 51 -34.06 28.27 30.29
N ILE C 52 -33.57 29.50 30.13
CA ILE C 52 -34.07 30.63 30.88
C ILE C 52 -35.53 30.87 30.53
N LEU C 53 -36.23 31.57 31.43
CA LEU C 53 -37.63 31.88 31.23
C LEU C 53 -37.73 33.01 30.21
N ASP C 54 -37.88 32.64 28.94
CA ASP C 54 -38.17 33.61 27.90
C ASP C 54 -39.66 33.91 27.93
N ALA C 55 -40.18 34.57 26.90
CA ALA C 55 -41.56 35.03 26.91
C ALA C 55 -42.56 33.91 26.61
N SER C 56 -42.18 32.66 26.81
CA SER C 56 -43.04 31.52 26.50
C SER C 56 -44.42 31.67 27.12
N ALA C 57 -45.41 31.06 26.47
CA ALA C 57 -46.79 31.24 26.90
C ALA C 57 -47.14 30.34 28.07
N THR C 58 -46.75 29.07 28.01
CA THR C 58 -47.04 28.09 29.07
C THR C 58 -45.75 27.39 29.45
N PRO C 59 -44.85 28.09 30.15
CA PRO C 59 -43.56 27.47 30.51
C PRO C 59 -43.78 26.26 31.41
N THR C 60 -42.92 25.27 31.22
CA THR C 60 -42.92 24.07 32.06
C THR C 60 -41.78 24.23 33.05
N ILE C 61 -42.08 24.91 34.17
CA ILE C 61 -41.05 25.28 35.13
C ILE C 61 -40.45 24.01 35.73
N ALA C 62 -39.18 23.78 35.45
CA ALA C 62 -38.49 22.59 35.94
C ALA C 62 -37.76 22.81 37.26
N GLY C 63 -37.77 24.03 37.80
CA GLY C 63 -37.15 24.25 39.08
C GLY C 63 -36.20 25.44 39.14
N ILE C 64 -35.25 25.38 40.08
CA ILE C 64 -34.31 26.46 40.33
C ILE C 64 -32.92 25.97 39.97
N ALA C 65 -32.20 26.75 39.17
CA ALA C 65 -30.85 26.37 38.78
C ALA C 65 -29.94 26.41 39.99
N LYS C 66 -29.42 25.26 40.39
CA LYS C 66 -28.55 25.19 41.55
C LYS C 66 -27.24 25.91 41.30
N ARG C 67 -26.71 26.52 42.35
CA ARG C 67 -25.43 27.22 42.27
C ARG C 67 -24.31 26.23 42.54
N LYS C 68 -23.43 26.07 41.56
CA LYS C 68 -22.27 25.19 41.73
C LYS C 68 -21.30 25.84 42.69
N VAL C 69 -21.10 25.22 43.85
CA VAL C 69 -20.10 25.72 44.79
C VAL C 69 -18.72 25.67 44.15
N THR C 70 -18.35 24.53 43.61
CA THR C 70 -17.04 24.34 42.99
C THR C 70 -17.14 24.59 41.49
N GLY C 71 -17.61 25.78 41.14
CA GLY C 71 -17.70 26.17 39.76
C GLY C 71 -16.80 27.36 39.46
N GLU C 72 -17.01 27.96 38.29
CA GLU C 72 -16.32 29.21 37.98
C GLU C 72 -16.65 30.27 39.02
N ILE C 73 -15.64 31.05 39.40
CA ILE C 73 -15.92 32.28 40.13
C ILE C 73 -16.46 33.31 39.15
N GLY C 74 -17.55 33.96 39.52
CA GLY C 74 -18.12 34.98 38.68
C GLY C 74 -19.62 34.99 38.77
N PRO C 75 -20.28 35.42 37.70
CA PRO C 75 -21.73 35.36 37.67
C PRO C 75 -22.20 33.92 37.76
N GLY C 76 -23.33 33.72 38.40
CA GLY C 76 -23.94 32.40 38.32
C GLY C 76 -24.41 32.19 36.90
N VAL C 77 -23.67 31.37 36.14
CA VAL C 77 -23.97 31.12 34.74
C VAL C 77 -23.61 29.69 34.42
N TYR C 78 -24.54 28.96 33.80
CA TYR C 78 -24.26 27.64 33.27
C TYR C 78 -23.80 27.78 31.83
N SER C 79 -22.56 27.38 31.57
CA SER C 79 -21.88 27.71 30.33
C SER C 79 -21.47 26.46 29.58
N THR C 80 -21.82 26.39 28.30
CA THR C 80 -21.39 25.32 27.41
C THR C 80 -20.28 25.84 26.49
N SER C 81 -19.35 24.95 26.16
CA SER C 81 -18.27 25.24 25.23
C SER C 81 -17.48 26.48 25.66
N GLY C 82 -16.82 26.33 26.82
CA GLY C 82 -15.96 27.37 27.32
C GLY C 82 -14.90 26.76 28.22
N ILE C 83 -13.97 27.60 28.65
CA ILE C 83 -13.01 27.14 29.66
C ILE C 83 -13.72 26.88 30.98
N GLU C 84 -14.74 27.66 31.29
CA GLU C 84 -15.59 27.42 32.45
C GLU C 84 -16.79 26.55 32.10
N ILE C 85 -16.54 25.44 31.40
CA ILE C 85 -17.63 24.67 30.84
C ILE C 85 -18.36 23.92 31.95
N ASP C 86 -19.69 23.94 31.87
CA ASP C 86 -20.54 23.16 32.74
C ASP C 86 -21.30 22.16 31.88
N GLN C 87 -21.22 20.89 32.25
CA GLN C 87 -21.67 19.83 31.36
C GLN C 87 -23.06 19.32 31.72
N VAL C 88 -23.69 19.89 32.72
CA VAL C 88 -25.00 19.43 33.18
C VAL C 88 -25.59 20.53 34.06
N ALA C 89 -26.89 20.76 33.89
CA ALA C 89 -27.56 21.85 34.61
C ALA C 89 -28.21 21.27 35.85
N GLU C 90 -27.49 21.32 36.97
CA GLU C 90 -28.04 20.86 38.23
C GLU C 90 -29.21 21.77 38.62
N VAL C 91 -30.42 21.25 38.50
CA VAL C 91 -31.64 22.02 38.71
C VAL C 91 -32.31 21.51 39.98
N ILE C 92 -32.52 22.40 40.95
CA ILE C 92 -33.26 22.04 42.15
C ILE C 92 -34.73 22.06 41.82
N ASN C 93 -35.43 20.97 42.13
CA ASN C 93 -36.86 20.91 41.90
C ASN C 93 -37.65 20.40 43.10
N PHE C 94 -37.01 20.06 44.20
CA PHE C 94 -37.76 19.70 45.40
C PHE C 94 -37.05 20.23 46.64
N GLY C 95 -37.83 20.79 47.55
CA GLY C 95 -37.34 21.18 48.86
C GLY C 95 -37.31 22.68 49.05
N PHE C 96 -36.43 23.10 49.94
CA PHE C 96 -36.19 24.51 50.20
C PHE C 96 -34.98 24.96 49.40
N ALA C 97 -35.18 25.95 48.54
CA ALA C 97 -34.11 26.43 47.69
C ALA C 97 -34.15 27.94 47.62
N THR C 98 -32.97 28.56 47.57
CA THR C 98 -32.87 30.01 47.55
C THR C 98 -32.92 30.51 46.11
N VAL C 99 -33.81 31.46 45.85
CA VAL C 99 -34.01 32.00 44.52
C VAL C 99 -33.76 33.50 44.56
N THR C 100 -33.12 34.03 43.51
CA THR C 100 -32.96 35.47 43.39
C THR C 100 -34.31 36.12 43.13
N VAL C 101 -34.63 37.13 43.93
CA VAL C 101 -35.93 37.78 43.88
C VAL C 101 -35.76 39.19 43.33
N GLN C 102 -36.77 39.63 42.59
CA GLN C 102 -36.77 40.99 42.06
C GLN C 102 -36.49 41.99 43.15
N ASP C 103 -35.69 43.02 42.83
CA ASP C 103 -35.37 44.04 43.82
C ASP C 103 -36.62 44.77 44.28
N ALA C 104 -37.62 44.87 43.41
CA ALA C 104 -38.86 45.57 43.73
C ALA C 104 -39.82 44.73 44.55
N ALA C 105 -39.53 43.45 44.77
CA ALA C 105 -40.44 42.55 45.47
C ALA C 105 -40.09 42.46 46.95
N ALA C 106 -41.12 42.48 47.78
CA ALA C 106 -40.97 42.35 49.23
C ALA C 106 -41.95 41.29 49.73
N PRO C 107 -41.65 40.03 49.51
CA PRO C 107 -42.60 38.95 49.82
C PRO C 107 -42.59 38.60 51.31
N SER C 108 -43.50 37.71 51.67
CA SER C 108 -43.61 37.20 53.04
C SER C 108 -43.84 35.70 52.98
N LYS C 109 -43.69 35.04 54.12
CA LYS C 109 -43.81 33.60 54.17
C LYS C 109 -45.19 33.14 53.72
N TYR C 110 -45.23 31.96 53.10
CA TYR C 110 -46.47 31.35 52.62
C TYR C 110 -47.20 32.24 51.61
N ASP C 111 -46.43 32.96 50.80
CA ASP C 111 -47.00 33.78 49.75
C ASP C 111 -46.65 33.17 48.41
N PRO C 112 -47.61 33.03 47.49
CA PRO C 112 -47.31 32.35 46.22
C PRO C 112 -46.14 33.00 45.49
N VAL C 113 -45.26 32.17 44.95
CA VAL C 113 -44.09 32.64 44.22
C VAL C 113 -44.45 32.81 42.75
N TYR C 114 -44.22 34.00 42.23
CA TYR C 114 -44.35 34.27 40.81
C TYR C 114 -42.96 34.48 40.22
N ALA C 115 -42.77 34.03 39.00
CA ALA C 115 -41.48 34.09 38.33
C ALA C 115 -41.56 35.02 37.13
N ILE C 116 -40.52 35.83 36.93
CA ILE C 116 -40.50 36.75 35.80
C ILE C 116 -40.31 35.96 34.52
N ASN C 117 -41.28 36.04 33.62
CA ASN C 117 -41.23 35.39 32.32
C ASN C 117 -40.71 36.31 31.24
N LEU C 118 -40.27 37.51 31.58
CA LEU C 118 -39.76 38.45 30.59
C LEU C 118 -38.42 37.95 30.05
N ASP C 119 -38.07 38.45 28.86
CA ASP C 119 -36.83 38.07 28.20
C ASP C 119 -35.78 39.13 28.48
N SER C 120 -35.23 39.08 29.69
CA SER C 120 -34.25 40.05 30.14
C SER C 120 -33.32 39.36 31.12
N ALA C 121 -32.55 40.15 31.87
CA ALA C 121 -31.76 39.59 32.95
C ALA C 121 -32.62 39.18 34.13
N GLU C 122 -33.80 39.78 34.27
CA GLU C 122 -34.73 39.43 35.34
C GLU C 122 -35.42 38.09 35.10
N ALA C 123 -35.22 37.48 33.94
CA ALA C 123 -35.89 36.22 33.63
C ALA C 123 -35.63 35.18 34.70
N GLY C 124 -36.71 34.57 35.19
CA GLY C 124 -36.60 33.57 36.23
C GLY C 124 -36.49 34.10 37.63
N LYS C 125 -36.60 35.40 37.83
CA LYS C 125 -36.50 35.99 39.16
C LYS C 125 -37.85 35.92 39.86
N ALA C 126 -37.84 35.45 41.10
CA ALA C 126 -39.07 35.31 41.85
C ALA C 126 -39.60 36.69 42.25
N THR C 127 -40.91 36.75 42.46
CA THR C 127 -41.55 37.98 42.91
C THR C 127 -42.90 37.64 43.51
N GLU C 128 -43.32 38.49 44.45
CA GLU C 128 -44.61 38.32 45.11
C GLU C 128 -45.74 39.03 44.41
N ASN C 129 -45.45 40.01 43.56
CA ASN C 129 -46.49 40.81 42.93
C ASN C 129 -47.05 40.04 41.74
N SER C 130 -48.26 39.50 41.91
CA SER C 130 -48.89 38.73 40.84
C SER C 130 -49.11 39.57 39.59
N GLY C 131 -49.19 40.89 39.73
CA GLY C 131 -49.34 41.79 38.61
C GLY C 131 -48.06 42.31 38.01
N ALA C 132 -46.92 41.89 38.52
CA ALA C 132 -45.65 42.28 37.90
C ALA C 132 -45.60 41.78 36.47
N THR C 133 -45.16 42.65 35.57
CA THR C 133 -45.20 42.34 34.14
C THR C 133 -44.42 41.08 33.84
N GLY C 134 -45.03 40.18 33.06
CA GLY C 134 -44.39 38.95 32.67
C GLY C 134 -44.06 38.02 33.81
N ALA C 135 -45.01 37.80 34.72
CA ALA C 135 -44.84 36.89 35.84
C ALA C 135 -45.83 35.74 35.71
N LEU C 136 -45.33 34.52 35.79
CA LEU C 136 -46.17 33.34 35.83
C LEU C 136 -46.19 32.75 37.23
N ALA C 137 -47.30 32.13 37.57
CA ALA C 137 -47.46 31.51 38.89
C ALA C 137 -46.76 30.16 38.88
N VAL C 138 -45.59 30.09 39.52
CA VAL C 138 -44.97 28.80 39.75
C VAL C 138 -45.90 27.98 40.63
N ALA C 139 -46.41 26.88 40.08
CA ALA C 139 -47.45 26.12 40.76
C ALA C 139 -46.93 25.53 42.06
N ASP C 140 -47.70 25.71 43.14
CA ASP C 140 -47.43 25.08 44.43
C ASP C 140 -46.00 25.32 44.89
N CYS C 141 -45.58 26.58 44.81
CA CYS C 141 -44.31 27.03 45.36
C CYS C 141 -44.59 28.29 46.15
N VAL C 142 -44.04 28.39 47.35
CA VAL C 142 -44.30 29.52 48.24
C VAL C 142 -43.00 30.05 48.79
N PHE C 143 -42.98 31.35 49.05
CA PHE C 143 -41.85 31.98 49.71
C PHE C 143 -41.75 31.50 51.14
N TRP C 144 -40.53 31.34 51.63
CA TRP C 144 -40.32 30.95 53.02
C TRP C 144 -39.62 32.01 53.84
N GLU C 145 -38.43 32.45 53.43
CA GLU C 145 -37.59 33.23 54.34
C GLU C 145 -36.58 34.03 53.55
N GLN C 146 -36.56 35.35 53.75
CA GLN C 146 -35.48 36.14 53.18
C GLN C 146 -34.15 35.70 53.76
N LYS C 147 -33.16 35.50 52.89
CA LYS C 147 -31.88 34.98 53.34
C LYS C 147 -30.68 35.81 52.94
N ALA C 148 -30.83 36.72 51.98
CA ALA C 148 -29.72 37.57 51.54
C ALA C 148 -30.34 38.75 50.80
N ALA C 149 -29.48 39.56 50.19
CA ALA C 149 -29.94 40.72 49.45
C ALA C 149 -30.67 40.26 48.19
N ASN C 150 -31.98 40.45 48.16
CA ASN C 150 -32.83 40.07 47.03
C ASN C 150 -32.84 38.56 46.80
N VAL C 151 -32.55 37.78 47.83
CA VAL C 151 -32.53 36.33 47.76
C VAL C 151 -33.51 35.78 48.79
N TRP C 152 -34.41 34.90 48.35
CA TRP C 152 -35.41 34.34 49.24
C TRP C 152 -35.39 32.83 49.16
N LEU C 153 -35.27 32.17 50.31
CA LEU C 153 -35.53 30.74 50.40
C LEU C 153 -37.00 30.49 50.17
N VAL C 154 -37.32 29.78 49.08
CA VAL C 154 -38.67 29.34 48.79
C VAL C 154 -38.74 27.85 49.07
N ARG C 155 -39.97 27.33 49.06
CA ARG C 155 -40.24 25.91 49.27
C ARG C 155 -41.06 25.42 48.09
N MET C 156 -40.48 24.54 47.30
CA MET C 156 -41.22 23.89 46.22
C MET C 156 -42.01 22.75 46.84
N ASN C 157 -43.33 22.91 46.92
CA ASN C 157 -44.16 22.02 47.71
C ASN C 157 -44.13 20.59 47.17
N LYS C 158 -44.10 20.45 45.85
CA LYS C 158 -44.00 19.16 45.20
C LYS C 158 -42.86 19.21 44.21
N PHE C 159 -42.53 18.04 43.66
CA PHE C 159 -41.56 18.00 42.57
C PHE C 159 -42.05 18.89 41.44
N LEU C 160 -41.12 19.62 40.83
CA LEU C 160 -41.47 20.46 39.70
C LEU C 160 -40.87 19.91 38.41
N MET D 1 28.75 52.00 -31.25
CA MET D 1 29.78 53.02 -31.44
C MET D 1 30.32 53.52 -30.11
N ALA D 2 31.08 54.61 -30.14
CA ALA D 2 31.79 55.08 -28.95
C ALA D 2 30.82 55.46 -27.84
N PHE D 3 31.36 55.73 -26.66
CA PHE D 3 30.54 56.21 -25.56
C PHE D 3 29.83 57.49 -25.97
N ASN D 4 28.52 57.53 -25.73
CA ASN D 4 27.74 58.71 -26.05
C ASN D 4 28.04 59.84 -25.07
N ASN D 5 28.14 61.06 -25.60
CA ASN D 5 28.28 62.26 -24.77
C ASN D 5 29.54 62.18 -23.91
N ALA D 6 30.68 62.24 -24.61
CA ALA D 6 31.99 62.24 -23.96
C ALA D 6 32.05 63.10 -22.71
N VAL D 7 31.72 64.38 -22.83
CA VAL D 7 31.70 65.30 -21.71
C VAL D 7 30.33 65.93 -21.65
N LEU D 8 29.70 65.86 -20.48
CA LEU D 8 28.42 66.50 -20.23
C LEU D 8 28.65 67.81 -19.50
N GLN D 9 27.84 68.81 -19.84
CA GLN D 9 27.99 70.12 -19.20
C GLN D 9 27.74 70.04 -17.70
N GLU D 10 26.60 69.48 -17.31
CA GLU D 10 26.24 69.33 -15.91
C GLU D 10 26.05 67.87 -15.57
N VAL D 11 26.22 67.55 -14.28
CA VAL D 11 25.90 66.21 -13.80
C VAL D 11 24.39 66.03 -13.92
N SER D 12 23.97 65.03 -14.69
CA SER D 12 22.56 64.77 -14.84
C SER D 12 21.96 64.35 -13.49
N ASP D 13 20.76 64.82 -13.21
CA ASP D 13 20.11 64.43 -11.97
C ASP D 13 19.46 63.07 -12.11
N LEU D 14 18.55 62.75 -11.21
CA LEU D 14 17.99 61.41 -11.12
C LEU D 14 17.41 60.98 -12.47
N PRO D 15 17.78 59.82 -12.97
CA PRO D 15 17.13 59.28 -14.17
C PRO D 15 15.70 58.87 -13.83
N ALA D 16 14.88 58.79 -14.87
CA ALA D 16 13.48 58.43 -14.69
C ALA D 16 13.37 57.02 -14.15
N GLY D 17 12.27 56.77 -13.44
CA GLY D 17 12.05 55.48 -12.83
C GLY D 17 12.83 55.25 -11.55
N GLU D 18 13.13 56.30 -10.81
CA GLU D 18 13.90 56.20 -9.58
C GLU D 18 13.07 56.73 -8.43
N VAL D 19 13.19 56.10 -7.27
CA VAL D 19 12.39 56.42 -6.10
C VAL D 19 13.31 56.84 -4.96
N ILE D 20 13.02 57.98 -4.36
CA ILE D 20 13.74 58.45 -3.19
C ILE D 20 13.18 57.76 -1.96
N LYS D 21 14.08 57.22 -1.14
CA LYS D 21 13.71 56.40 0.00
C LYS D 21 13.84 57.15 1.32
N ALA D 22 14.13 58.44 1.29
CA ALA D 22 14.03 59.24 2.50
C ALA D 22 12.56 59.40 2.90
N SER D 23 11.73 59.78 1.94
CA SER D 23 10.30 59.89 2.15
C SER D 23 9.67 58.52 2.23
N PRO D 24 8.46 58.40 2.76
CA PRO D 24 7.73 57.14 2.65
C PRO D 24 7.55 56.76 1.20
N HIS D 25 7.71 55.48 0.91
CA HIS D 25 7.80 55.02 -0.46
C HIS D 25 7.43 53.56 -0.51
N ASN D 26 6.86 53.15 -1.64
CA ASN D 26 6.55 51.75 -1.85
C ASN D 26 6.76 51.42 -3.32
N VAL D 27 7.66 50.48 -3.56
CA VAL D 27 7.81 49.81 -4.85
C VAL D 27 7.39 48.36 -4.67
N SER D 28 6.43 47.91 -5.46
CA SER D 28 5.83 46.60 -5.29
C SER D 28 6.08 45.76 -6.52
N ALA D 29 6.49 44.51 -6.30
CA ALA D 29 6.86 43.62 -7.39
C ALA D 29 5.64 42.96 -7.99
N PHE D 30 5.53 43.03 -9.31
CA PHE D 30 4.53 42.28 -10.06
C PHE D 30 5.26 41.25 -10.92
N GLU D 31 4.87 39.98 -10.79
CA GLU D 31 5.64 38.93 -11.46
C GLU D 31 5.32 38.89 -12.95
N VAL D 32 4.06 38.80 -13.30
CA VAL D 32 3.67 38.85 -14.70
C VAL D 32 3.66 40.29 -15.18
N PHE D 33 4.12 40.52 -16.40
CA PHE D 33 4.14 41.85 -16.97
C PHE D 33 4.31 41.73 -18.48
N GLN D 34 4.48 42.87 -19.15
CA GLN D 34 4.60 42.92 -20.59
C GLN D 34 6.05 43.02 -21.00
N ASN D 35 6.42 42.29 -22.04
CA ASN D 35 7.75 42.43 -22.60
C ASN D 35 7.92 43.83 -23.20
N GLY D 36 9.12 44.38 -23.02
CA GLY D 36 9.36 45.73 -23.48
C GLY D 36 8.76 46.81 -22.64
N LEU D 37 8.46 46.54 -21.37
CA LEU D 37 7.94 47.54 -20.47
C LEU D 37 9.00 48.61 -20.21
N ILE D 38 8.73 49.83 -20.68
CA ILE D 38 9.70 50.90 -20.55
C ILE D 38 9.77 51.35 -19.10
N GLU D 39 10.99 51.45 -18.56
CA GLU D 39 11.15 51.98 -17.22
C GLU D 39 11.03 53.50 -17.22
N GLY D 40 10.77 54.04 -16.05
CA GLY D 40 10.56 55.48 -15.92
C GLY D 40 9.31 55.98 -16.61
N ARG D 41 8.27 55.16 -16.65
CA ARG D 41 7.01 55.53 -17.27
C ARG D 41 5.88 55.05 -16.39
N PHE D 42 4.71 55.67 -16.56
CA PHE D 42 3.52 55.14 -15.91
C PHE D 42 3.13 53.84 -16.58
N VAL D 43 2.77 52.84 -15.78
CA VAL D 43 2.40 51.53 -16.27
C VAL D 43 1.00 51.21 -15.79
N LYS D 44 0.20 50.59 -16.64
CA LYS D 44 -1.15 50.23 -16.29
C LYS D 44 -1.22 48.76 -15.91
N PHE D 45 -2.33 48.40 -15.26
CA PHE D 45 -2.60 47.04 -14.85
C PHE D 45 -3.80 46.54 -15.62
N ASP D 46 -3.60 45.51 -16.45
CA ASP D 46 -4.66 45.00 -17.29
C ASP D 46 -4.60 43.48 -17.32
N ALA D 47 -5.76 42.84 -17.19
CA ALA D 47 -5.87 41.39 -17.24
C ALA D 47 -4.90 40.73 -16.28
N GLY D 48 -4.73 41.33 -15.11
CA GLY D 48 -3.79 40.81 -14.15
C GLY D 48 -2.36 40.79 -14.65
N SER D 49 -1.89 41.86 -15.27
CA SER D 49 -0.51 41.98 -15.69
C SER D 49 -0.15 43.46 -15.83
N ILE D 50 1.09 43.78 -15.46
CA ILE D 50 1.60 45.14 -15.58
C ILE D 50 2.08 45.35 -17.01
N ASP D 51 1.46 46.28 -17.71
CA ASP D 51 1.81 46.49 -19.11
C ASP D 51 1.85 47.98 -19.41
N ILE D 52 2.32 48.29 -20.63
CA ILE D 52 2.55 49.67 -21.02
C ILE D 52 1.22 50.37 -21.27
N LEU D 53 1.17 51.66 -20.94
CA LEU D 53 0.01 52.48 -21.26
C LEU D 53 -0.24 52.46 -22.76
N ASP D 54 -1.50 52.28 -23.13
CA ASP D 54 -1.93 52.36 -24.51
C ASP D 54 -3.40 52.78 -24.50
N ALA D 55 -3.84 53.34 -25.62
CA ALA D 55 -5.17 53.93 -25.69
C ALA D 55 -6.22 52.92 -25.23
N SER D 56 -6.87 53.22 -24.11
CA SER D 56 -7.86 52.34 -23.52
C SER D 56 -8.99 53.19 -22.98
N ALA D 57 -9.93 52.55 -22.28
CA ALA D 57 -11.07 53.27 -21.75
C ALA D 57 -10.65 54.12 -20.55
N THR D 58 -10.24 53.45 -19.47
CA THR D 58 -9.79 54.12 -18.25
C THR D 58 -8.78 53.22 -17.58
N PRO D 59 -7.53 53.24 -18.04
CA PRO D 59 -6.54 52.28 -17.52
C PRO D 59 -6.29 52.46 -16.03
N THR D 60 -6.03 51.33 -15.38
CA THR D 60 -5.74 51.33 -13.95
C THR D 60 -4.25 51.61 -13.78
N ILE D 61 -3.91 52.87 -13.55
CA ILE D 61 -2.51 53.23 -13.41
C ILE D 61 -1.97 52.62 -12.12
N ALA D 62 -1.04 51.68 -12.25
CA ALA D 62 -0.48 50.99 -11.11
C ALA D 62 0.81 51.60 -10.60
N GLY D 63 1.28 52.68 -11.23
CA GLY D 63 2.47 53.33 -10.75
C GLY D 63 3.51 53.56 -11.82
N ILE D 64 4.77 53.67 -11.39
CA ILE D 64 5.87 54.05 -12.26
C ILE D 64 6.84 52.88 -12.31
N ALA D 65 7.20 52.45 -13.52
CA ALA D 65 8.11 51.34 -13.69
C ALA D 65 9.47 51.67 -13.11
N LYS D 66 9.86 51.01 -12.02
CA LYS D 66 11.12 51.33 -11.38
C LYS D 66 12.29 50.94 -12.27
N ARG D 67 13.26 51.84 -12.37
CA ARG D 67 14.49 51.55 -13.09
C ARG D 67 15.40 50.72 -12.20
N LYS D 68 15.82 49.56 -12.71
CA LYS D 68 16.71 48.68 -11.97
C LYS D 68 18.14 49.16 -12.14
N VAL D 69 18.80 49.49 -11.03
CA VAL D 69 20.19 49.89 -11.12
C VAL D 69 21.07 48.72 -11.53
N THR D 70 20.77 47.52 -11.01
CA THR D 70 21.52 46.32 -11.32
C THR D 70 20.84 45.52 -12.43
N GLY D 71 20.20 46.22 -13.36
CA GLY D 71 19.61 45.60 -14.52
C GLY D 71 20.56 45.58 -15.70
N GLU D 72 20.03 45.10 -16.82
CA GLU D 72 20.81 45.06 -18.05
C GLU D 72 21.12 46.48 -18.52
N ILE D 73 22.36 46.69 -18.97
CA ILE D 73 22.69 47.93 -19.64
C ILE D 73 21.99 47.97 -20.99
N GLY D 74 21.35 49.09 -21.29
CA GLY D 74 20.64 49.24 -22.53
C GLY D 74 19.51 50.22 -22.35
N PRO D 75 18.56 50.24 -23.28
CA PRO D 75 17.38 51.08 -23.10
C PRO D 75 16.62 50.62 -21.87
N GLY D 76 15.99 51.57 -21.19
CA GLY D 76 15.21 51.19 -20.03
C GLY D 76 14.05 50.34 -20.50
N VAL D 77 14.17 49.03 -20.30
CA VAL D 77 13.24 48.06 -20.85
C VAL D 77 13.14 46.89 -19.90
N TYR D 78 11.92 46.47 -19.60
CA TYR D 78 11.71 45.23 -18.88
C TYR D 78 11.55 44.10 -19.90
N SER D 79 12.35 43.06 -19.73
CA SER D 79 12.43 42.01 -20.73
C SER D 79 12.05 40.66 -20.14
N THR D 80 11.48 39.82 -20.98
CA THR D 80 11.25 38.43 -20.67
C THR D 80 11.96 37.58 -21.72
N SER D 81 12.48 36.43 -21.29
CA SER D 81 13.08 35.43 -22.17
C SER D 81 14.26 36.02 -22.94
N GLY D 82 15.30 36.35 -22.18
CA GLY D 82 16.57 36.74 -22.78
C GLY D 82 17.68 36.52 -21.78
N ILE D 83 18.89 36.87 -22.19
CA ILE D 83 19.98 36.95 -21.22
C ILE D 83 19.69 38.07 -20.24
N GLU D 84 18.90 39.05 -20.65
CA GLU D 84 18.48 40.17 -19.82
C GLU D 84 17.09 39.96 -19.24
N ILE D 85 16.71 38.71 -18.94
CA ILE D 85 15.37 38.44 -18.44
C ILE D 85 15.17 39.12 -17.10
N ASP D 86 14.05 39.81 -16.95
CA ASP D 86 13.67 40.45 -15.70
C ASP D 86 12.51 39.65 -15.13
N GLN D 87 12.72 39.05 -13.95
CA GLN D 87 11.74 38.12 -13.43
C GLN D 87 10.44 38.81 -13.05
N VAL D 88 10.52 39.99 -12.43
CA VAL D 88 9.34 40.73 -12.02
C VAL D 88 9.43 42.16 -12.54
N ALA D 89 8.29 42.81 -12.61
CA ALA D 89 8.22 44.23 -12.96
C ALA D 89 8.17 45.02 -11.66
N GLU D 90 9.27 45.66 -11.31
CA GLU D 90 9.34 46.50 -10.12
C GLU D 90 8.64 47.82 -10.43
N VAL D 91 7.57 48.12 -9.70
CA VAL D 91 6.73 49.29 -9.99
C VAL D 91 6.63 50.15 -8.74
N ILE D 92 6.93 51.44 -8.90
CA ILE D 92 6.86 52.40 -7.79
C ILE D 92 5.43 52.90 -7.71
N ASN D 93 4.75 52.61 -6.61
CA ASN D 93 3.38 53.07 -6.44
C ASN D 93 3.17 54.03 -5.29
N PHE D 94 4.16 54.28 -4.45
CA PHE D 94 3.98 55.26 -3.39
C PHE D 94 5.24 56.09 -3.18
N GLY D 95 5.05 57.40 -3.03
CA GLY D 95 6.15 58.27 -2.66
C GLY D 95 6.58 59.22 -3.76
N PHE D 96 7.84 59.65 -3.72
CA PHE D 96 8.41 60.50 -4.76
C PHE D 96 9.14 59.61 -5.75
N ALA D 97 8.84 59.80 -7.04
CA ALA D 97 9.46 58.97 -8.05
C ALA D 97 9.61 59.77 -9.33
N THR D 98 10.64 59.42 -10.11
CA THR D 98 11.00 60.17 -11.30
C THR D 98 10.37 59.52 -12.53
N VAL D 99 9.71 60.31 -13.35
CA VAL D 99 9.02 59.85 -14.54
C VAL D 99 9.39 60.76 -15.70
N THR D 100 9.54 60.19 -16.90
CA THR D 100 9.79 61.02 -18.06
C THR D 100 8.57 61.87 -18.34
N VAL D 101 8.81 63.04 -18.93
CA VAL D 101 7.72 63.94 -19.29
C VAL D 101 7.80 64.19 -20.79
N GLN D 102 6.65 64.52 -21.37
CA GLN D 102 6.63 64.88 -22.78
C GLN D 102 7.53 66.08 -23.03
N ASP D 103 8.32 66.01 -24.09
CA ASP D 103 9.30 67.07 -24.35
C ASP D 103 8.62 68.42 -24.51
N ALA D 104 7.36 68.44 -24.90
CA ALA D 104 6.62 69.70 -24.98
C ALA D 104 6.21 70.22 -23.60
N ALA D 105 6.06 69.32 -22.63
CA ALA D 105 5.52 69.70 -21.33
C ALA D 105 6.50 70.57 -20.56
N ALA D 106 5.97 71.58 -19.86
CA ALA D 106 6.75 72.45 -18.99
C ALA D 106 6.03 72.55 -17.66
N PRO D 107 6.10 71.50 -16.83
CA PRO D 107 5.30 71.49 -15.60
C PRO D 107 5.88 72.32 -14.48
N SER D 108 5.27 72.25 -13.31
CA SER D 108 5.74 72.95 -12.12
C SER D 108 5.22 72.24 -10.88
N LYS D 109 5.67 72.69 -9.73
CA LYS D 109 5.36 71.99 -8.48
C LYS D 109 3.89 72.11 -8.14
N TYR D 110 3.36 71.05 -7.52
CA TYR D 110 1.94 70.91 -7.21
C TYR D 110 1.06 71.05 -8.45
N ASP D 111 1.56 70.61 -9.58
CA ASP D 111 0.64 70.54 -10.72
C ASP D 111 0.14 69.12 -10.88
N PRO D 112 -1.13 68.95 -11.25
CA PRO D 112 -1.69 67.59 -11.38
C PRO D 112 -1.05 66.85 -12.55
N VAL D 113 -0.45 65.69 -12.24
CA VAL D 113 0.22 64.90 -13.26
C VAL D 113 -0.80 64.32 -14.24
N TYR D 114 -0.43 64.31 -15.51
CA TYR D 114 -1.20 63.63 -16.55
C TYR D 114 -0.29 62.65 -17.25
N ALA D 115 -0.70 61.39 -17.32
CA ALA D 115 0.03 60.39 -18.06
C ALA D 115 -0.40 60.40 -19.51
N ILE D 116 0.41 59.82 -20.38
CA ILE D 116 0.08 59.75 -21.80
C ILE D 116 -0.53 58.38 -22.09
N ASN D 117 -1.68 58.39 -22.77
CA ASN D 117 -2.41 57.18 -23.10
C ASN D 117 -2.49 57.11 -24.63
N LEU D 118 -1.44 56.61 -25.27
CA LEU D 118 -1.41 56.40 -26.70
C LEU D 118 -0.61 55.15 -27.01
N ASP D 119 -0.85 54.60 -28.20
CA ASP D 119 -0.08 53.46 -28.70
C ASP D 119 1.09 54.02 -29.52
N SER D 120 2.08 54.54 -28.81
CA SER D 120 3.25 55.16 -29.43
C SER D 120 4.43 55.02 -28.49
N ALA D 121 5.53 55.70 -28.83
CA ALA D 121 6.69 55.73 -27.96
C ALA D 121 6.47 56.60 -26.73
N GLU D 122 5.58 57.57 -26.82
CA GLU D 122 5.29 58.48 -25.71
C GLU D 122 4.42 57.84 -24.64
N ALA D 123 4.20 56.54 -24.70
CA ALA D 123 3.31 55.87 -23.76
C ALA D 123 3.87 55.94 -22.35
N GLY D 124 3.04 56.37 -21.41
CA GLY D 124 3.43 56.44 -20.02
C GLY D 124 4.21 57.68 -19.62
N LYS D 125 4.41 58.62 -20.53
CA LYS D 125 5.12 59.85 -20.22
C LYS D 125 4.19 60.81 -19.48
N ALA D 126 4.76 61.54 -18.53
CA ALA D 126 3.97 62.49 -17.77
C ALA D 126 3.85 63.82 -18.53
N THR D 127 2.97 64.68 -18.04
CA THR D 127 2.80 66.02 -18.60
C THR D 127 1.93 66.83 -17.66
N GLU D 128 2.08 68.16 -17.73
CA GLU D 128 1.17 69.03 -17.02
C GLU D 128 -0.04 69.40 -17.87
N ASN D 129 0.18 69.66 -19.15
CA ASN D 129 -0.88 70.10 -20.03
C ASN D 129 -1.91 68.99 -20.15
N SER D 130 -3.16 69.30 -19.81
CA SER D 130 -4.25 68.35 -19.92
C SER D 130 -4.86 68.29 -21.31
N GLY D 131 -4.63 69.30 -22.13
CA GLY D 131 -5.08 69.26 -23.51
C GLY D 131 -4.19 68.45 -24.43
N ALA D 132 -3.07 67.96 -23.91
CA ALA D 132 -2.22 67.09 -24.69
C ALA D 132 -2.98 65.83 -25.09
N THR D 133 -2.69 65.32 -26.27
CA THR D 133 -3.39 64.14 -26.78
C THR D 133 -3.17 62.96 -25.84
N GLY D 134 -4.26 62.28 -25.51
CA GLY D 134 -4.20 61.14 -24.60
C GLY D 134 -3.75 61.49 -23.20
N ALA D 135 -4.14 62.66 -22.70
CA ALA D 135 -3.80 63.06 -21.34
C ALA D 135 -4.76 62.39 -20.37
N LEU D 136 -4.24 61.48 -19.56
CA LEU D 136 -5.03 60.78 -18.55
C LEU D 136 -4.69 61.33 -17.17
N ALA D 137 -5.71 61.76 -16.44
CA ALA D 137 -5.50 62.30 -15.11
C ALA D 137 -5.12 61.17 -14.17
N VAL D 138 -3.85 61.13 -13.76
CA VAL D 138 -3.40 60.17 -12.76
C VAL D 138 -3.92 60.62 -11.40
N ALA D 139 -4.55 59.70 -10.67
CA ALA D 139 -5.25 60.06 -9.46
C ALA D 139 -4.26 60.44 -8.36
N ASP D 140 -4.41 61.66 -7.83
CA ASP D 140 -3.66 62.13 -6.67
C ASP D 140 -2.16 61.97 -6.86
N CYS D 141 -1.63 62.68 -7.86
CA CYS D 141 -0.21 62.71 -8.10
C CYS D 141 0.15 64.09 -8.64
N VAL D 142 1.24 64.65 -8.15
CA VAL D 142 1.62 66.03 -8.48
C VAL D 142 3.10 66.06 -8.85
N PHE D 143 3.43 66.87 -9.86
CA PHE D 143 4.82 67.16 -10.17
C PHE D 143 5.47 67.84 -8.98
N TRP D 144 6.70 67.44 -8.66
CA TRP D 144 7.42 68.05 -7.56
C TRP D 144 8.60 68.89 -8.02
N GLU D 145 9.53 68.31 -8.78
CA GLU D 145 10.65 69.12 -9.22
C GLU D 145 11.33 68.49 -10.42
N GLN D 146 11.87 69.34 -11.29
CA GLN D 146 12.54 68.85 -12.49
C GLN D 146 13.88 68.24 -12.12
N LYS D 147 13.99 66.92 -12.24
CA LYS D 147 15.27 66.28 -11.93
C LYS D 147 16.22 66.38 -13.12
N ALA D 148 15.91 65.69 -14.21
CA ALA D 148 16.82 65.60 -15.33
C ALA D 148 16.16 66.19 -16.58
N ALA D 149 16.85 66.07 -17.71
CA ALA D 149 16.29 66.50 -18.97
C ALA D 149 15.07 65.64 -19.30
N ASN D 150 13.90 66.27 -19.36
CA ASN D 150 12.64 65.60 -19.65
C ASN D 150 12.32 64.53 -18.63
N VAL D 151 12.78 64.70 -17.40
CA VAL D 151 12.45 63.82 -16.29
C VAL D 151 12.06 64.67 -15.10
N TRP D 152 10.90 64.37 -14.50
CA TRP D 152 10.42 65.11 -13.36
C TRP D 152 10.18 64.16 -12.20
N LEU D 153 10.61 64.55 -11.01
CA LEU D 153 10.24 63.85 -9.80
C LEU D 153 8.84 64.29 -9.40
N VAL D 154 7.91 63.36 -9.44
CA VAL D 154 6.55 63.61 -9.05
C VAL D 154 6.31 62.97 -7.69
N ARG D 155 5.19 63.33 -7.07
CA ARG D 155 4.81 62.81 -5.76
C ARG D 155 3.44 62.16 -5.87
N MET D 156 3.37 60.88 -5.53
CA MET D 156 2.10 60.16 -5.47
C MET D 156 1.56 60.30 -4.06
N ASN D 157 0.53 61.15 -3.89
CA ASN D 157 0.02 61.43 -2.57
C ASN D 157 -0.43 60.15 -1.87
N LYS D 158 -1.24 59.36 -2.54
CA LYS D 158 -1.65 58.05 -2.06
C LYS D 158 -1.00 56.98 -2.93
N PHE D 159 -1.30 55.72 -2.65
CA PHE D 159 -0.79 54.64 -3.47
C PHE D 159 -1.36 54.71 -4.88
N LEU D 160 -0.56 54.26 -5.85
CA LEU D 160 -1.05 54.00 -7.19
C LEU D 160 -0.86 52.52 -7.54
N MET E 1 -15.03 20.92 16.97
CA MET E 1 -13.93 20.47 16.12
C MET E 1 -12.64 20.47 16.92
N ALA E 2 -11.77 19.48 16.67
CA ALA E 2 -10.54 19.31 17.42
C ALA E 2 -9.35 19.41 16.47
N PHE E 3 -8.59 20.50 16.59
CA PHE E 3 -7.41 20.73 15.75
C PHE E 3 -7.73 20.49 14.27
N ASN E 4 -8.60 21.35 13.76
CA ASN E 4 -8.91 21.34 12.33
C ASN E 4 -7.63 21.33 11.49
N ASN E 5 -7.70 20.64 10.35
CA ASN E 5 -6.57 20.48 9.43
C ASN E 5 -5.37 19.82 10.14
N ALA E 6 -5.57 18.54 10.43
CA ALA E 6 -4.55 17.74 11.10
C ALA E 6 -3.21 17.82 10.38
N VAL E 7 -3.21 17.59 9.08
CA VAL E 7 -2.01 17.67 8.25
C VAL E 7 -2.35 18.50 7.01
N LEU E 8 -1.45 19.41 6.66
CA LEU E 8 -1.60 20.26 5.49
C LEU E 8 -0.47 20.00 4.52
N GLN E 9 -0.81 19.88 3.23
CA GLN E 9 0.22 19.66 2.22
C GLN E 9 0.91 20.95 1.81
N GLU E 10 0.62 22.06 2.49
CA GLU E 10 1.31 23.31 2.32
C GLU E 10 1.13 24.13 3.59
N VAL E 11 2.13 24.93 3.93
CA VAL E 11 2.02 25.78 5.10
C VAL E 11 0.89 26.77 4.88
N SER E 12 0.03 26.92 5.88
CA SER E 12 -1.07 27.86 5.78
C SER E 12 -0.55 29.25 5.45
N ASP E 13 -1.34 30.00 4.71
CA ASP E 13 -0.92 31.33 4.32
C ASP E 13 -1.48 32.37 5.28
N LEU E 14 -1.09 33.62 5.07
CA LEU E 14 -1.20 34.64 6.10
C LEU E 14 -2.63 34.79 6.60
N PRO E 15 -2.86 34.78 7.90
CA PRO E 15 -4.21 35.03 8.43
C PRO E 15 -4.58 36.49 8.34
N ALA E 16 -5.81 36.79 8.72
CA ALA E 16 -6.32 38.15 8.60
C ALA E 16 -5.91 39.00 9.79
N GLY E 17 -5.99 40.31 9.61
CA GLY E 17 -5.54 41.23 10.62
C GLY E 17 -4.06 41.31 10.76
N GLU E 18 -3.32 41.00 9.71
CA GLU E 18 -1.86 40.94 9.75
C GLU E 18 -1.35 41.92 8.69
N VAL E 19 -0.50 42.86 9.11
CA VAL E 19 -0.03 43.94 8.25
C VAL E 19 1.45 43.72 7.97
N ILE E 20 1.84 43.85 6.71
CA ILE E 20 3.23 43.62 6.31
C ILE E 20 4.03 44.89 6.55
N LYS E 21 5.15 44.76 7.24
CA LYS E 21 5.96 45.91 7.61
C LYS E 21 6.97 46.29 6.53
N ALA E 22 7.07 45.52 5.45
CA ALA E 22 8.06 45.83 4.42
C ALA E 22 7.70 47.11 3.68
N SER E 23 6.46 47.54 3.77
CA SER E 23 5.94 48.70 3.07
C SER E 23 5.58 49.80 4.06
N PRO E 24 5.22 50.99 3.58
CA PRO E 24 4.68 52.01 4.49
C PRO E 24 3.36 51.56 5.10
N HIS E 25 3.38 51.31 6.40
CA HIS E 25 2.24 50.76 7.11
C HIS E 25 1.95 51.63 8.32
N ASN E 26 0.72 51.55 8.81
CA ASN E 26 0.44 52.16 10.10
C ASN E 26 -0.71 51.43 10.77
N VAL E 27 -0.48 51.00 12.00
CA VAL E 27 -1.51 50.52 12.92
C VAL E 27 -1.57 51.47 14.10
N SER E 28 -2.73 52.08 14.30
CA SER E 28 -2.90 53.15 15.28
C SER E 28 -3.85 52.70 16.38
N ALA E 29 -3.38 52.81 17.62
CA ALA E 29 -4.12 52.30 18.76
C ALA E 29 -5.26 53.23 19.14
N PHE E 30 -6.46 52.66 19.29
CA PHE E 30 -7.64 53.39 19.75
C PHE E 30 -7.99 52.89 21.14
N GLU E 31 -7.99 53.78 22.12
CA GLU E 31 -8.03 53.37 23.52
C GLU E 31 -9.42 52.94 23.98
N VAL E 32 -10.45 53.11 23.17
CA VAL E 32 -11.80 52.68 23.51
C VAL E 32 -12.39 51.95 22.31
N PHE E 33 -13.08 50.84 22.57
CA PHE E 33 -13.66 50.06 21.49
C PHE E 33 -14.92 49.38 22.00
N GLN E 34 -15.49 48.51 21.16
CA GLN E 34 -16.66 47.73 21.49
C GLN E 34 -16.28 46.30 21.81
N ASN E 35 -16.88 45.74 22.85
CA ASN E 35 -16.71 44.32 23.10
C ASN E 35 -17.23 43.52 21.91
N GLY E 36 -16.42 42.58 21.45
CA GLY E 36 -16.81 41.78 20.31
C GLY E 36 -16.36 42.37 18.99
N LEU E 37 -15.12 42.85 18.96
CA LEU E 37 -14.52 43.40 17.75
C LEU E 37 -13.65 42.32 17.11
N ILE E 38 -14.01 41.90 15.91
CA ILE E 38 -13.35 40.76 15.29
C ILE E 38 -12.05 41.22 14.65
N GLU E 39 -10.95 40.59 15.04
CA GLU E 39 -9.66 40.87 14.42
C GLU E 39 -9.68 40.44 12.96
N GLY E 40 -8.97 41.20 12.13
CA GLY E 40 -9.00 40.94 10.71
C GLY E 40 -10.33 41.29 10.09
N ARG E 41 -10.85 42.46 10.41
CA ARG E 41 -12.16 42.88 9.93
C ARG E 41 -12.18 44.40 9.88
N PHE E 42 -12.94 44.94 8.94
CA PHE E 42 -13.09 46.38 8.86
C PHE E 42 -13.88 46.89 10.06
N VAL E 43 -13.29 47.83 10.78
CA VAL E 43 -13.97 48.45 11.91
C VAL E 43 -14.36 49.86 11.52
N LYS E 44 -15.23 50.46 12.33
CA LYS E 44 -15.70 51.82 12.06
C LYS E 44 -15.49 52.67 13.31
N PHE E 45 -15.36 53.97 13.09
CA PHE E 45 -15.26 54.94 14.17
C PHE E 45 -16.59 55.65 14.30
N ASP E 46 -17.15 55.61 15.51
CA ASP E 46 -18.46 56.23 15.74
C ASP E 46 -18.56 56.60 17.20
N ALA E 47 -19.03 57.82 17.47
CA ALA E 47 -19.26 58.30 18.83
C ALA E 47 -17.99 58.17 19.68
N GLY E 48 -16.85 58.45 19.05
CA GLY E 48 -15.60 58.36 19.76
C GLY E 48 -15.18 56.97 20.16
N SER E 49 -15.60 55.95 19.41
CA SER E 49 -15.19 54.58 19.72
C SER E 49 -15.08 53.76 18.44
N ILE E 50 -14.10 52.87 18.44
CA ILE E 50 -14.00 51.83 17.41
C ILE E 50 -15.03 50.74 17.69
N ASP E 51 -15.73 50.31 16.66
CA ASP E 51 -16.75 49.30 16.86
C ASP E 51 -17.05 48.60 15.54
N ILE E 52 -17.65 47.41 15.68
CA ILE E 52 -17.97 46.58 14.54
C ILE E 52 -19.06 47.25 13.70
N LEU E 53 -18.96 47.09 12.39
CA LEU E 53 -19.93 47.70 11.49
C LEU E 53 -21.31 47.14 11.78
N ASP E 54 -22.32 47.99 11.67
CA ASP E 54 -23.70 47.63 11.98
C ASP E 54 -24.59 48.28 10.93
N ALA E 55 -25.85 48.47 11.26
CA ALA E 55 -26.77 49.00 10.26
C ALA E 55 -26.52 50.46 9.88
N SER E 56 -25.47 51.11 10.35
CA SER E 56 -25.28 52.55 10.13
C SER E 56 -25.23 52.87 8.64
N ALA E 57 -25.41 54.15 8.34
CA ALA E 57 -25.57 54.61 6.97
C ALA E 57 -24.24 54.92 6.30
N THR E 58 -23.45 55.80 6.89
CA THR E 58 -22.18 56.27 6.31
C THR E 58 -21.07 56.21 7.36
N PRO E 59 -20.73 55.01 7.81
CA PRO E 59 -19.73 54.90 8.88
C PRO E 59 -18.36 55.42 8.42
N THR E 60 -17.64 56.01 9.36
CA THR E 60 -16.25 56.39 9.14
C THR E 60 -15.42 55.17 9.45
N ILE E 61 -14.95 54.50 8.41
CA ILE E 61 -14.25 53.22 8.56
C ILE E 61 -12.80 53.52 8.94
N ALA E 62 -12.39 53.03 10.11
CA ALA E 62 -11.02 53.26 10.56
C ALA E 62 -10.05 52.41 9.77
N GLY E 63 -10.21 51.08 9.83
CA GLY E 63 -9.33 50.20 9.09
C GLY E 63 -9.52 48.77 9.53
N ILE E 64 -8.57 47.93 9.12
CA ILE E 64 -8.59 46.53 9.52
C ILE E 64 -8.25 46.42 10.99
N ALA E 65 -9.05 45.69 11.75
CA ALA E 65 -8.74 45.43 13.14
C ALA E 65 -7.55 44.50 13.21
N LYS E 66 -6.46 44.96 13.81
CA LYS E 66 -5.24 44.18 13.81
C LYS E 66 -5.40 42.94 14.69
N ARG E 67 -4.85 41.83 14.22
CA ARG E 67 -4.89 40.57 14.95
C ARG E 67 -3.74 40.56 15.96
N LYS E 68 -4.08 40.59 17.24
CA LYS E 68 -3.05 40.56 18.27
C LYS E 68 -2.43 39.17 18.29
N VAL E 69 -1.27 39.05 17.63
CA VAL E 69 -0.63 37.76 17.46
C VAL E 69 -0.31 37.12 18.81
N THR E 70 -0.04 37.93 19.82
CA THR E 70 0.16 37.41 21.17
C THR E 70 -1.03 37.77 22.05
N GLY E 71 -2.21 37.75 21.45
CA GLY E 71 -3.44 37.97 22.19
C GLY E 71 -3.96 36.69 22.79
N GLU E 72 -5.22 36.38 22.53
CA GLU E 72 -5.87 35.21 23.08
C GLU E 72 -5.94 34.12 22.01
N ILE E 73 -5.69 32.88 22.40
CA ILE E 73 -5.98 31.78 21.50
C ILE E 73 -7.47 31.59 21.42
N GLY E 74 -8.00 31.59 20.21
CA GLY E 74 -9.42 31.45 20.02
C GLY E 74 -9.90 32.31 18.86
N PRO E 75 -11.14 32.77 18.93
CA PRO E 75 -11.63 33.68 17.90
C PRO E 75 -10.83 34.96 17.92
N GLY E 76 -10.61 35.53 16.74
CA GLY E 76 -9.87 36.76 16.68
C GLY E 76 -10.75 37.92 17.09
N VAL E 77 -11.04 38.04 18.38
CA VAL E 77 -12.03 38.98 18.86
C VAL E 77 -11.42 39.87 19.95
N TYR E 78 -11.64 41.18 19.83
CA TYR E 78 -11.31 42.08 20.92
C TYR E 78 -12.35 41.95 22.02
N SER E 79 -11.91 41.99 23.26
CA SER E 79 -12.82 41.76 24.37
C SER E 79 -12.45 42.62 25.56
N THR E 80 -13.44 43.28 26.13
CA THR E 80 -13.29 43.94 27.41
C THR E 80 -13.75 43.02 28.53
N SER E 81 -13.30 43.32 29.75
CA SER E 81 -13.83 42.69 30.97
C SER E 81 -13.69 41.16 30.92
N GLY E 82 -12.45 40.72 30.96
CA GLY E 82 -12.19 39.30 31.12
C GLY E 82 -10.74 39.06 31.43
N ILE E 83 -10.41 37.79 31.63
CA ILE E 83 -9.00 37.41 31.61
C ILE E 83 -8.45 37.61 30.20
N GLU E 84 -9.31 37.51 29.20
CA GLU E 84 -8.98 37.78 27.81
C GLU E 84 -9.22 39.23 27.42
N ILE E 85 -8.70 40.15 28.22
CA ILE E 85 -9.00 41.58 28.08
C ILE E 85 -7.90 42.25 27.28
N ASP E 86 -8.30 43.03 26.28
CA ASP E 86 -7.39 43.80 25.45
C ASP E 86 -7.61 45.27 25.78
N GLN E 87 -6.56 45.95 26.21
CA GLN E 87 -6.71 47.31 26.69
C GLN E 87 -7.02 48.27 25.55
N VAL E 88 -6.37 48.11 24.42
CA VAL E 88 -6.45 49.05 23.32
C VAL E 88 -6.74 48.29 22.04
N ALA E 89 -7.60 48.86 21.19
CA ALA E 89 -7.98 48.20 19.94
C ALA E 89 -7.08 48.72 18.83
N GLU E 90 -5.89 48.13 18.75
CA GLU E 90 -4.95 48.48 17.70
C GLU E 90 -5.53 48.13 16.34
N VAL E 91 -5.52 49.11 15.44
CA VAL E 91 -6.27 49.05 14.18
C VAL E 91 -5.34 49.44 13.04
N ILE E 92 -5.23 48.58 12.03
CA ILE E 92 -4.37 48.86 10.90
C ILE E 92 -5.09 49.83 9.99
N ASN E 93 -4.51 51.02 9.78
CA ASN E 93 -5.15 52.02 8.95
C ASN E 93 -4.25 52.57 7.85
N PHE E 94 -3.12 51.93 7.56
CA PHE E 94 -2.36 52.35 6.38
C PHE E 94 -1.57 51.18 5.82
N GLY E 95 -1.69 50.94 4.51
CA GLY E 95 -0.80 50.00 3.87
C GLY E 95 -1.41 48.66 3.48
N PHE E 96 -0.59 47.63 3.39
CA PHE E 96 -1.05 46.30 3.01
C PHE E 96 -1.46 45.55 4.27
N ALA E 97 -2.75 45.19 4.35
CA ALA E 97 -3.26 44.48 5.51
C ALA E 97 -4.18 43.35 5.07
N THR E 98 -4.20 42.28 5.85
CA THR E 98 -5.01 41.11 5.55
C THR E 98 -6.37 41.23 6.22
N VAL E 99 -7.43 41.06 5.44
CA VAL E 99 -8.80 41.11 5.93
C VAL E 99 -9.52 39.86 5.48
N THR E 100 -10.39 39.32 6.35
CA THR E 100 -11.22 38.21 5.94
C THR E 100 -12.18 38.64 4.84
N VAL E 101 -12.35 37.78 3.86
CA VAL E 101 -13.18 38.08 2.71
C VAL E 101 -14.44 37.22 2.81
N GLN E 102 -15.55 37.79 2.35
CA GLN E 102 -16.81 37.07 2.41
C GLN E 102 -16.70 35.73 1.71
N ASP E 103 -17.31 34.71 2.30
CA ASP E 103 -17.10 33.33 1.83
C ASP E 103 -17.48 33.17 0.37
N ALA E 104 -18.37 34.02 -0.13
CA ALA E 104 -18.86 33.93 -1.50
C ALA E 104 -18.13 34.85 -2.46
N ALA E 105 -17.12 35.58 -1.99
CA ALA E 105 -16.48 36.61 -2.81
C ALA E 105 -15.30 36.05 -3.57
N ALA E 106 -15.16 36.50 -4.83
CA ALA E 106 -14.07 36.07 -5.71
C ALA E 106 -13.38 37.31 -6.25
N PRO E 107 -12.50 37.93 -5.46
CA PRO E 107 -11.86 39.17 -5.88
C PRO E 107 -10.59 38.95 -6.67
N SER E 108 -9.97 40.04 -7.12
CA SER E 108 -8.72 39.99 -7.85
C SER E 108 -7.96 41.27 -7.54
N LYS E 109 -6.72 41.34 -8.01
CA LYS E 109 -5.86 42.46 -7.69
C LYS E 109 -6.44 43.76 -8.26
N TYR E 110 -6.26 44.84 -7.50
CA TYR E 110 -6.72 46.19 -7.86
C TYR E 110 -8.24 46.28 -7.94
N ASP E 111 -8.95 45.37 -7.30
CA ASP E 111 -10.40 45.45 -7.22
C ASP E 111 -10.81 46.31 -6.04
N PRO E 112 -11.67 47.31 -6.24
CA PRO E 112 -12.09 48.15 -5.11
C PRO E 112 -12.70 47.32 -4.00
N VAL E 113 -12.36 47.66 -2.77
CA VAL E 113 -12.77 46.87 -1.61
C VAL E 113 -14.09 47.43 -1.07
N TYR E 114 -15.10 46.58 -1.01
CA TYR E 114 -16.36 46.89 -0.36
C TYR E 114 -16.44 46.11 0.94
N ALA E 115 -16.86 46.78 2.01
CA ALA E 115 -17.01 46.15 3.30
C ALA E 115 -18.48 45.92 3.59
N ILE E 116 -18.78 44.78 4.21
CA ILE E 116 -20.15 44.41 4.51
C ILE E 116 -20.62 45.22 5.72
N ASN E 117 -21.48 46.20 5.48
CA ASN E 117 -21.95 47.10 6.52
C ASN E 117 -23.26 46.56 7.08
N LEU E 118 -23.15 45.39 7.72
CA LEU E 118 -24.30 44.65 8.19
C LEU E 118 -24.20 44.42 9.69
N ASP E 119 -25.31 43.99 10.28
CA ASP E 119 -25.35 43.59 11.68
C ASP E 119 -25.40 42.06 11.70
N SER E 120 -24.23 41.44 11.71
CA SER E 120 -24.12 39.99 11.70
C SER E 120 -22.70 39.63 12.12
N ALA E 121 -22.35 38.37 11.96
CA ALA E 121 -20.94 37.97 12.04
C ALA E 121 -20.21 38.31 10.75
N GLU E 122 -20.94 38.51 9.66
CA GLU E 122 -20.39 38.92 8.39
C GLU E 122 -20.14 40.41 8.31
N ALA E 123 -20.12 41.11 9.44
CA ALA E 123 -19.90 42.54 9.44
C ALA E 123 -18.42 42.85 9.29
N GLY E 124 -18.12 43.80 8.41
CA GLY E 124 -16.76 44.21 8.18
C GLY E 124 -15.97 43.33 7.24
N LYS E 125 -16.55 42.22 6.78
CA LYS E 125 -15.86 41.34 5.85
C LYS E 125 -15.75 42.03 4.50
N ALA E 126 -14.61 41.85 3.84
CA ALA E 126 -14.38 42.52 2.57
C ALA E 126 -14.95 41.70 1.43
N THR E 127 -15.47 42.40 0.43
CA THR E 127 -16.01 41.75 -0.76
C THR E 127 -15.81 42.65 -1.96
N GLU E 128 -15.55 42.03 -3.11
CA GLU E 128 -15.46 42.78 -4.35
C GLU E 128 -16.83 43.05 -4.96
N ASN E 129 -17.87 42.35 -4.50
CA ASN E 129 -19.18 42.44 -5.11
C ASN E 129 -19.88 43.69 -4.61
N SER E 130 -19.97 44.71 -5.46
CA SER E 130 -20.75 45.89 -5.12
C SER E 130 -22.22 45.53 -4.95
N GLY E 131 -22.72 44.65 -5.80
CA GLY E 131 -24.11 44.24 -5.73
C GLY E 131 -24.47 43.42 -4.50
N ALA E 132 -23.48 43.06 -3.69
CA ALA E 132 -23.76 42.31 -2.47
C ALA E 132 -24.59 43.15 -1.52
N THR E 133 -25.34 42.47 -0.65
CA THR E 133 -26.26 43.14 0.25
C THR E 133 -25.52 43.73 1.44
N GLY E 134 -25.89 44.95 1.80
CA GLY E 134 -25.32 45.59 2.99
C GLY E 134 -23.85 45.87 2.90
N ALA E 135 -23.37 46.29 1.73
CA ALA E 135 -21.95 46.57 1.50
C ALA E 135 -21.78 48.01 1.06
N LEU E 136 -20.74 48.66 1.59
CA LEU E 136 -20.41 50.01 1.19
C LEU E 136 -18.97 50.05 0.71
N ALA E 137 -18.68 50.99 -0.18
CA ALA E 137 -17.34 51.11 -0.73
C ALA E 137 -16.39 51.68 0.31
N VAL E 138 -15.33 50.96 0.60
CA VAL E 138 -14.23 51.49 1.40
C VAL E 138 -13.33 52.27 0.45
N ALA E 139 -13.62 53.56 0.28
CA ALA E 139 -12.95 54.34 -0.73
C ALA E 139 -11.46 54.40 -0.44
N ASP E 140 -10.67 54.36 -1.52
CA ASP E 140 -9.21 54.28 -1.43
C ASP E 140 -8.80 53.04 -0.64
N CYS E 141 -9.18 51.88 -1.17
CA CYS E 141 -8.78 50.59 -0.63
C CYS E 141 -9.04 49.55 -1.71
N VAL E 142 -8.00 48.82 -2.11
CA VAL E 142 -8.10 47.86 -3.20
C VAL E 142 -7.55 46.52 -2.73
N PHE E 143 -7.99 45.47 -3.40
CA PHE E 143 -7.47 44.13 -3.12
C PHE E 143 -6.10 43.97 -3.74
N TRP E 144 -5.24 43.22 -3.07
CA TRP E 144 -3.91 42.93 -3.59
C TRP E 144 -3.75 41.46 -3.96
N GLU E 145 -3.95 40.55 -3.02
CA GLU E 145 -3.69 39.15 -3.35
C GLU E 145 -4.31 38.22 -2.32
N GLN E 146 -4.85 37.11 -2.81
CA GLN E 146 -5.45 36.10 -1.93
C GLN E 146 -4.35 35.48 -1.08
N LYS E 147 -4.37 35.76 0.23
CA LYS E 147 -3.41 35.11 1.11
C LYS E 147 -3.89 33.73 1.51
N ALA E 148 -4.95 33.66 2.29
CA ALA E 148 -5.40 32.42 2.89
C ALA E 148 -6.84 32.13 2.47
N ALA E 149 -7.42 31.13 3.11
CA ALA E 149 -8.82 30.78 2.85
C ALA E 149 -9.72 31.95 3.21
N ASN E 150 -10.33 32.58 2.21
CA ASN E 150 -11.22 33.72 2.39
C ASN E 150 -10.53 34.90 3.07
N VAL E 151 -9.21 34.98 2.99
CA VAL E 151 -8.43 36.08 3.53
C VAL E 151 -7.68 36.71 2.37
N TRP E 152 -7.69 38.03 2.31
CA TRP E 152 -7.00 38.73 1.23
C TRP E 152 -6.15 39.85 1.78
N LEU E 153 -4.96 40.02 1.21
CA LEU E 153 -4.18 41.22 1.40
C LEU E 153 -4.80 42.32 0.55
N VAL E 154 -5.28 43.37 1.22
CA VAL E 154 -5.78 44.55 0.57
C VAL E 154 -4.82 45.71 0.84
N ARG E 155 -4.99 46.79 0.11
CA ARG E 155 -4.12 47.95 0.23
C ARG E 155 -4.96 49.18 0.58
N MET E 156 -4.76 49.70 1.78
CA MET E 156 -5.29 51.00 2.16
C MET E 156 -4.32 52.06 1.66
N ASN E 157 -4.72 52.76 0.60
CA ASN E 157 -3.83 53.67 -0.12
C ASN E 157 -3.53 54.91 0.71
N LYS E 158 -4.55 55.52 1.29
CA LYS E 158 -4.40 56.66 2.16
C LYS E 158 -4.63 56.20 3.60
N PHE E 159 -4.34 57.09 4.54
CA PHE E 159 -4.66 56.80 5.93
C PHE E 159 -6.16 56.61 6.05
N LEU E 160 -6.59 55.38 6.35
CA LEU E 160 -8.00 55.04 6.27
C LEU E 160 -8.75 55.50 7.50
N MET F 1 13.95 90.66 35.67
CA MET F 1 13.62 89.70 34.62
C MET F 1 14.13 88.31 34.97
N ALA F 2 13.38 87.28 34.57
CA ALA F 2 13.76 85.90 34.79
C ALA F 2 12.93 85.03 33.86
N PHE F 3 13.11 83.73 33.98
CA PHE F 3 12.30 82.79 33.21
C PHE F 3 10.84 82.92 33.61
N ASN F 4 9.96 83.03 32.63
CA ASN F 4 8.54 82.97 32.91
C ASN F 4 8.16 81.56 33.34
N ASN F 5 7.10 81.46 34.14
CA ASN F 5 6.56 80.18 34.60
C ASN F 5 7.62 79.39 35.36
N ALA F 6 7.98 79.92 36.53
CA ALA F 6 9.02 79.33 37.36
C ALA F 6 8.76 77.86 37.63
N VAL F 7 7.53 77.50 37.95
CA VAL F 7 7.13 76.11 38.14
C VAL F 7 5.78 75.90 37.47
N LEU F 8 5.69 74.85 36.67
CA LEU F 8 4.46 74.48 35.98
C LEU F 8 3.88 73.25 36.65
N GLN F 9 2.56 73.22 36.82
CA GLN F 9 1.93 72.10 37.51
C GLN F 9 2.14 70.80 36.75
N GLU F 10 1.96 70.83 35.43
CA GLU F 10 1.95 69.63 34.63
C GLU F 10 2.67 69.88 33.31
N VAL F 11 3.36 68.85 32.82
CA VAL F 11 4.16 68.97 31.61
C VAL F 11 3.25 69.14 30.42
N SER F 12 3.61 70.06 29.52
CA SER F 12 2.83 70.24 28.30
C SER F 12 2.94 69.02 27.41
N ASP F 13 1.81 68.58 26.86
CA ASP F 13 1.78 67.29 26.15
C ASP F 13 2.66 67.33 24.90
N LEU F 14 2.50 68.36 24.06
CA LEU F 14 3.35 68.49 22.88
C LEU F 14 3.18 69.86 22.23
N PRO F 15 4.27 70.53 21.86
CA PRO F 15 4.13 71.82 21.16
C PRO F 15 3.62 71.65 19.74
N ALA F 16 3.49 72.75 19.01
CA ALA F 16 2.94 72.72 17.67
C ALA F 16 4.04 72.48 16.64
N GLY F 17 3.62 72.05 15.46
CA GLY F 17 4.56 71.82 14.38
C GLY F 17 5.56 70.71 14.65
N GLU F 18 5.12 69.64 15.28
CA GLU F 18 5.96 68.48 15.57
C GLU F 18 5.35 67.26 14.91
N VAL F 19 6.18 66.49 14.21
CA VAL F 19 5.73 65.30 13.50
C VAL F 19 6.19 64.08 14.28
N ILE F 20 5.32 63.08 14.35
CA ILE F 20 5.61 61.86 15.09
C ILE F 20 6.25 60.86 14.14
N LYS F 21 7.39 60.30 14.55
CA LYS F 21 8.18 59.44 13.69
C LYS F 21 8.00 57.96 14.01
N ALA F 22 6.97 57.61 14.77
CA ALA F 22 6.63 56.21 14.95
C ALA F 22 5.73 55.69 13.83
N SER F 23 5.33 56.55 12.91
CA SER F 23 4.40 56.24 11.84
C SER F 23 4.95 56.82 10.54
N PRO F 24 4.43 56.38 9.40
CA PRO F 24 4.86 57.00 8.13
C PRO F 24 4.58 58.49 8.13
N HIS F 25 5.57 59.25 7.70
CA HIS F 25 5.49 60.70 7.77
C HIS F 25 6.44 61.28 6.74
N ASN F 26 6.14 62.49 6.30
CA ASN F 26 7.06 63.22 5.44
C ASN F 26 7.03 64.68 5.81
N VAL F 27 8.22 65.21 6.09
CA VAL F 27 8.45 66.64 6.24
C VAL F 27 9.50 67.04 5.21
N SER F 28 9.14 67.98 4.34
CA SER F 28 9.92 68.28 3.15
C SER F 28 10.35 69.75 3.15
N ALA F 29 11.50 70.01 2.57
CA ALA F 29 12.13 71.31 2.63
C ALA F 29 11.83 72.13 1.38
N PHE F 30 11.35 73.34 1.56
CA PHE F 30 11.05 74.26 0.48
C PHE F 30 12.00 75.44 0.54
N GLU F 31 12.75 75.66 -0.54
CA GLU F 31 13.91 76.54 -0.47
C GLU F 31 13.53 78.00 -0.34
N VAL F 32 12.35 78.39 -0.83
CA VAL F 32 11.89 79.77 -0.77
C VAL F 32 10.62 79.83 0.04
N PHE F 33 10.55 80.79 0.97
CA PHE F 33 9.41 80.94 1.85
C PHE F 33 9.24 82.41 2.20
N GLN F 34 8.30 82.69 3.09
CA GLN F 34 8.00 84.04 3.51
C GLN F 34 8.60 84.32 4.88
N ASN F 35 9.19 85.50 5.03
CA ASN F 35 9.66 85.92 6.34
C ASN F 35 8.49 86.01 7.30
N GLY F 36 8.66 85.44 8.49
CA GLY F 36 7.61 85.47 9.48
C GLY F 36 6.72 84.25 9.51
N LEU F 37 7.04 83.21 8.74
CA LEU F 37 6.28 81.98 8.76
C LEU F 37 6.23 81.42 10.18
N ILE F 38 5.03 81.11 10.66
CA ILE F 38 4.85 80.64 12.04
C ILE F 38 4.89 79.13 12.04
N GLU F 39 5.84 78.56 12.77
CA GLU F 39 5.96 77.11 12.83
C GLU F 39 4.89 76.54 13.74
N GLY F 40 4.18 75.53 13.25
CA GLY F 40 3.03 74.99 13.93
C GLY F 40 1.70 75.31 13.31
N ARG F 41 1.68 75.80 12.08
CA ARG F 41 0.45 76.23 11.45
C ARG F 41 0.44 75.79 9.99
N PHE F 42 -0.73 75.82 9.39
CA PHE F 42 -0.88 75.40 8.00
C PHE F 42 -0.35 76.49 7.07
N VAL F 43 0.54 76.10 6.17
CA VAL F 43 1.15 77.04 5.23
C VAL F 43 0.69 76.68 3.83
N LYS F 44 0.87 77.62 2.91
CA LYS F 44 0.39 77.45 1.55
C LYS F 44 1.53 77.66 0.57
N PHE F 45 1.38 77.07 -0.62
CA PHE F 45 2.38 77.15 -1.68
C PHE F 45 1.85 78.09 -2.74
N ASP F 46 2.20 79.37 -2.61
CA ASP F 46 1.73 80.42 -3.50
C ASP F 46 2.93 81.05 -4.19
N ALA F 47 2.84 81.20 -5.51
CA ALA F 47 3.89 81.80 -6.31
C ALA F 47 5.23 81.13 -6.07
N GLY F 48 5.20 79.80 -5.93
CA GLY F 48 6.40 79.03 -5.71
C GLY F 48 6.98 79.11 -4.32
N SER F 49 6.38 79.91 -3.43
CA SER F 49 6.91 80.15 -2.10
C SER F 49 5.96 79.63 -1.04
N ILE F 50 6.52 79.11 0.04
CA ILE F 50 5.75 78.61 1.17
C ILE F 50 5.51 79.77 2.12
N ASP F 51 4.27 80.24 2.19
CA ASP F 51 3.94 81.43 2.96
C ASP F 51 2.69 81.20 3.78
N ILE F 52 2.50 82.05 4.80
CA ILE F 52 1.37 81.91 5.69
C ILE F 52 0.07 82.15 4.93
N LEU F 53 -1.01 81.61 5.45
CA LEU F 53 -2.31 81.73 4.81
C LEU F 53 -2.86 83.13 5.00
N ASP F 54 -2.96 83.87 3.90
CA ASP F 54 -3.68 85.13 3.87
C ASP F 54 -5.01 84.91 3.19
N ALA F 55 -5.77 85.99 2.97
CA ALA F 55 -7.09 85.83 2.38
C ALA F 55 -6.98 85.53 0.90
N SER F 56 -6.42 84.38 0.54
CA SER F 56 -6.31 83.99 -0.84
C SER F 56 -7.60 83.32 -1.31
N ALA F 57 -7.76 83.25 -2.63
CA ALA F 57 -8.99 82.72 -3.19
C ALA F 57 -9.17 81.24 -2.86
N THR F 58 -8.30 80.39 -3.40
CA THR F 58 -8.31 78.95 -3.14
C THR F 58 -6.88 78.48 -3.02
N PRO F 59 -6.27 78.68 -1.86
CA PRO F 59 -4.84 78.37 -1.72
C PRO F 59 -4.56 76.89 -1.77
N THR F 60 -3.34 76.57 -2.19
CA THR F 60 -2.83 75.21 -2.18
C THR F 60 -2.13 74.98 -0.85
N ILE F 61 -2.77 74.23 0.05
CA ILE F 61 -2.17 73.95 1.34
C ILE F 61 -0.95 73.05 1.14
N ALA F 62 0.16 73.40 1.78
CA ALA F 62 1.38 72.64 1.65
C ALA F 62 1.66 71.73 2.84
N GLY F 63 1.11 72.02 3.99
CA GLY F 63 1.34 71.21 5.16
C GLY F 63 1.45 72.10 6.38
N ILE F 64 2.08 71.54 7.41
CA ILE F 64 2.22 72.19 8.71
C ILE F 64 3.68 72.56 8.89
N ALA F 65 3.94 73.82 9.20
CA ALA F 65 5.30 74.29 9.32
C ALA F 65 6.00 73.60 10.48
N LYS F 66 7.11 72.93 10.18
CA LYS F 66 7.85 72.19 11.19
C LYS F 66 8.42 73.12 12.26
N ARG F 67 8.42 72.65 13.50
CA ARG F 67 9.04 73.37 14.60
C ARG F 67 10.49 72.91 14.71
N LYS F 68 11.42 73.84 14.51
CA LYS F 68 12.84 73.52 14.56
C LYS F 68 13.28 73.43 16.01
N VAL F 69 13.63 72.23 16.46
CA VAL F 69 13.98 72.02 17.86
C VAL F 69 15.23 72.82 18.22
N THR F 70 16.20 72.87 17.31
CA THR F 70 17.44 73.59 17.55
C THR F 70 17.45 74.96 16.92
N GLY F 71 16.28 75.54 16.68
CA GLY F 71 16.18 76.86 16.08
C GLY F 71 16.39 77.96 17.09
N GLU F 72 16.09 79.17 16.64
CA GLU F 72 16.29 80.35 17.48
C GLU F 72 15.29 80.37 18.63
N ILE F 73 15.79 80.57 19.86
CA ILE F 73 14.90 80.71 20.99
C ILE F 73 14.05 81.95 20.81
N GLY F 74 12.75 81.79 20.96
CA GLY F 74 11.84 82.90 20.82
C GLY F 74 10.50 82.44 20.28
N PRO F 75 9.77 83.34 19.63
CA PRO F 75 8.52 82.93 18.99
C PRO F 75 8.81 81.88 17.93
N GLY F 76 7.90 80.92 17.81
CA GLY F 76 8.04 79.97 16.73
C GLY F 76 7.84 80.70 15.42
N VAL F 77 8.91 80.95 14.68
CA VAL F 77 8.81 81.78 13.50
C VAL F 77 9.97 81.43 12.57
N TYR F 78 9.70 81.48 11.27
CA TYR F 78 10.72 81.32 10.25
C TYR F 78 11.15 82.70 9.79
N SER F 79 12.43 83.00 9.92
CA SER F 79 12.94 84.33 9.67
C SER F 79 14.13 84.28 8.73
N THR F 80 14.20 85.25 7.83
CA THR F 80 15.33 85.40 6.93
C THR F 80 16.17 86.60 7.34
N SER F 81 17.46 86.54 6.98
CA SER F 81 18.38 87.66 7.09
C SER F 81 18.52 88.13 8.54
N GLY F 82 19.06 87.25 9.36
CA GLY F 82 19.41 87.62 10.72
C GLY F 82 20.36 86.62 11.31
N ILE F 83 20.78 86.89 12.55
CA ILE F 83 21.54 85.89 13.29
C ILE F 83 20.67 84.65 13.50
N GLU F 84 19.35 84.82 13.41
CA GLU F 84 18.39 83.74 13.52
C GLU F 84 17.83 83.34 12.16
N ILE F 85 18.68 83.38 11.12
CA ILE F 85 18.25 83.01 9.78
C ILE F 85 17.81 81.57 9.74
N ASP F 86 16.83 81.27 8.88
CA ASP F 86 16.36 79.93 8.63
C ASP F 86 16.46 79.70 7.13
N GLN F 87 17.39 78.84 6.71
CA GLN F 87 17.71 78.71 5.29
C GLN F 87 16.53 78.16 4.50
N VAL F 88 15.85 77.14 5.04
CA VAL F 88 14.81 76.45 4.30
C VAL F 88 13.65 76.16 5.25
N ALA F 89 12.43 76.31 4.74
CA ALA F 89 11.22 76.18 5.55
C ALA F 89 10.74 74.74 5.52
N GLU F 90 10.94 74.03 6.61
CA GLU F 90 10.49 72.65 6.70
C GLU F 90 8.98 72.59 6.88
N VAL F 91 8.33 71.75 6.09
CA VAL F 91 6.87 71.68 6.07
C VAL F 91 6.45 70.24 6.22
N ILE F 92 5.55 69.99 7.17
CA ILE F 92 5.11 68.64 7.51
C ILE F 92 3.90 68.33 6.63
N ASN F 93 4.08 67.52 5.61
CA ASN F 93 3.00 67.26 4.67
C ASN F 93 2.54 65.81 4.64
N PHE F 94 3.04 64.95 5.53
CA PHE F 94 2.48 63.62 5.65
C PHE F 94 2.68 63.09 7.05
N GLY F 95 1.70 62.36 7.55
CA GLY F 95 1.78 61.72 8.84
C GLY F 95 0.98 62.44 9.91
N PHE F 96 1.38 62.22 11.15
CA PHE F 96 0.79 62.90 12.30
C PHE F 96 1.63 64.10 12.66
N ALA F 97 0.99 65.26 12.77
CA ALA F 97 1.68 66.49 13.12
C ALA F 97 0.81 67.32 14.04
N THR F 98 1.44 68.05 14.95
CA THR F 98 0.69 68.90 15.86
C THR F 98 0.55 70.28 15.26
N VAL F 99 -0.66 70.81 15.27
CA VAL F 99 -0.97 72.11 14.68
C VAL F 99 -1.66 72.97 15.71
N THR F 100 -1.36 74.27 15.70
CA THR F 100 -2.04 75.20 16.59
C THR F 100 -3.50 75.35 16.15
N VAL F 101 -4.42 75.19 17.09
CA VAL F 101 -5.84 75.31 16.82
C VAL F 101 -6.38 76.57 17.47
N GLN F 102 -7.45 77.10 16.90
CA GLN F 102 -8.10 78.25 17.48
C GLN F 102 -8.59 77.95 18.89
N ASP F 103 -8.46 78.93 19.79
CA ASP F 103 -8.85 78.71 21.18
C ASP F 103 -10.34 78.41 21.29
N ALA F 104 -11.15 78.92 20.36
CA ALA F 104 -12.56 78.62 20.34
C ALA F 104 -12.86 77.21 19.83
N ALA F 105 -11.96 76.63 19.05
CA ALA F 105 -12.22 75.33 18.45
C ALA F 105 -12.17 74.24 19.51
N ALA F 106 -13.16 73.36 19.49
CA ALA F 106 -13.25 72.22 20.40
C ALA F 106 -13.46 70.97 19.57
N PRO F 107 -12.40 70.46 18.94
CA PRO F 107 -12.53 69.32 18.04
C PRO F 107 -12.49 68.00 18.80
N SER F 108 -12.72 66.93 18.06
CA SER F 108 -12.57 65.56 18.53
C SER F 108 -11.95 64.73 17.43
N LYS F 109 -11.59 63.50 17.76
CA LYS F 109 -10.90 62.66 16.81
C LYS F 109 -11.74 62.42 15.57
N TYR F 110 -11.07 62.36 14.42
CA TYR F 110 -11.65 62.11 13.11
C TYR F 110 -12.55 63.25 12.63
N ASP F 111 -12.50 64.40 13.28
CA ASP F 111 -13.19 65.56 12.73
C ASP F 111 -12.43 66.06 11.52
N PRO F 112 -13.12 66.58 10.51
CA PRO F 112 -12.42 67.24 9.41
C PRO F 112 -11.72 68.49 9.90
N VAL F 113 -10.60 68.81 9.29
CA VAL F 113 -9.76 69.93 9.71
C VAL F 113 -10.00 71.10 8.77
N TYR F 114 -10.14 72.29 9.35
CA TYR F 114 -10.31 73.51 8.59
C TYR F 114 -9.24 74.51 9.05
N ALA F 115 -8.44 74.97 8.11
CA ALA F 115 -7.39 75.95 8.38
C ALA F 115 -7.93 77.35 8.16
N ILE F 116 -7.57 78.27 9.04
CA ILE F 116 -8.08 79.63 8.97
C ILE F 116 -7.37 80.35 7.83
N ASN F 117 -8.16 80.90 6.89
CA ASN F 117 -7.63 81.57 5.72
C ASN F 117 -7.66 83.08 5.87
N LEU F 118 -7.49 83.59 7.08
CA LEU F 118 -7.63 85.00 7.35
C LEU F 118 -6.27 85.68 7.33
N ASP F 119 -6.24 86.90 6.79
CA ASP F 119 -5.04 87.75 6.83
C ASP F 119 -4.97 88.41 8.20
N SER F 120 -4.72 87.58 9.21
CA SER F 120 -4.70 88.02 10.59
C SER F 120 -3.70 87.16 11.35
N ALA F 121 -3.53 87.49 12.64
CA ALA F 121 -2.59 86.74 13.47
C ALA F 121 -3.02 85.29 13.62
N GLU F 122 -4.31 85.01 13.56
CA GLU F 122 -4.83 83.65 13.62
C GLU F 122 -4.89 83.03 12.23
N ALA F 123 -3.75 83.01 11.55
CA ALA F 123 -3.66 82.55 10.18
C ALA F 123 -3.12 81.14 10.14
N GLY F 124 -3.81 80.27 9.39
CA GLY F 124 -3.39 78.89 9.29
C GLY F 124 -3.51 78.11 10.58
N LYS F 125 -4.50 78.45 11.40
CA LYS F 125 -4.80 77.70 12.61
C LYS F 125 -5.91 76.70 12.30
N ALA F 126 -5.72 75.46 12.72
CA ALA F 126 -6.74 74.46 12.48
C ALA F 126 -7.95 74.71 13.35
N THR F 127 -9.13 74.38 12.83
CA THR F 127 -10.34 74.54 13.61
C THR F 127 -11.37 73.50 13.17
N GLU F 128 -12.09 72.96 14.14
CA GLU F 128 -13.16 72.02 13.84
C GLU F 128 -14.38 72.72 13.27
N ASN F 129 -14.59 73.98 13.62
CA ASN F 129 -15.77 74.73 13.19
C ASN F 129 -15.64 75.02 11.71
N SER F 130 -16.33 74.23 10.88
CA SER F 130 -16.36 74.51 9.45
C SER F 130 -17.04 75.83 9.12
N GLY F 131 -17.88 76.32 10.04
CA GLY F 131 -18.55 77.60 9.88
C GLY F 131 -17.83 78.77 10.48
N ALA F 132 -16.59 78.60 10.94
CA ALA F 132 -15.84 79.72 11.49
C ALA F 132 -15.47 80.70 10.38
N THR F 133 -15.11 81.91 10.79
CA THR F 133 -14.71 82.92 9.83
C THR F 133 -13.36 82.57 9.23
N GLY F 134 -13.30 82.54 7.91
CA GLY F 134 -12.04 82.28 7.23
C GLY F 134 -11.62 80.83 7.22
N ALA F 135 -12.52 79.91 7.51
CA ALA F 135 -12.16 78.50 7.49
C ALA F 135 -11.97 78.01 6.06
N LEU F 136 -11.17 76.96 5.91
CA LEU F 136 -10.95 76.32 4.62
C LEU F 136 -10.73 74.83 4.84
N ALA F 137 -11.35 74.02 3.98
CA ALA F 137 -11.32 72.57 4.13
C ALA F 137 -9.95 72.05 3.69
N VAL F 138 -9.19 71.52 4.63
CA VAL F 138 -7.94 70.82 4.31
C VAL F 138 -8.32 69.41 3.91
N ALA F 139 -8.33 69.13 2.61
CA ALA F 139 -8.80 67.84 2.13
C ALA F 139 -7.92 66.71 2.67
N ASP F 140 -8.58 65.66 3.16
CA ASP F 140 -7.90 64.48 3.69
C ASP F 140 -6.92 64.84 4.80
N CYS F 141 -7.47 65.36 5.88
CA CYS F 141 -6.71 65.72 7.07
C CYS F 141 -7.69 65.79 8.22
N VAL F 142 -7.49 64.96 9.25
CA VAL F 142 -8.46 64.83 10.33
C VAL F 142 -7.74 64.95 11.67
N PHE F 143 -8.42 65.55 12.65
CA PHE F 143 -7.86 65.68 13.99
C PHE F 143 -7.66 64.30 14.60
N TRP F 144 -6.66 64.19 15.47
CA TRP F 144 -6.42 62.95 16.18
C TRP F 144 -6.56 63.10 17.68
N GLU F 145 -5.85 64.03 18.29
CA GLU F 145 -5.92 64.13 19.75
C GLU F 145 -5.34 65.45 20.21
N GLN F 146 -5.93 66.03 21.24
CA GLN F 146 -5.39 67.26 21.81
C GLN F 146 -4.02 66.99 22.41
N LYS F 147 -3.05 67.83 22.05
CA LYS F 147 -1.67 67.62 22.48
C LYS F 147 -1.09 68.81 23.24
N ALA F 148 -1.86 69.86 23.48
CA ALA F 148 -1.46 70.96 24.34
C ALA F 148 -2.59 71.95 24.45
N ALA F 149 -2.38 73.03 25.20
CA ALA F 149 -3.33 74.13 25.16
C ALA F 149 -3.35 74.69 23.74
N ASN F 150 -4.46 74.51 23.05
CA ASN F 150 -4.63 75.00 21.68
C ASN F 150 -3.60 74.43 20.72
N VAL F 151 -3.27 73.15 20.90
CA VAL F 151 -2.41 72.43 19.98
C VAL F 151 -2.97 71.02 19.82
N TRP F 152 -3.38 70.68 18.61
CA TRP F 152 -4.01 69.39 18.35
C TRP F 152 -3.15 68.59 17.38
N LEU F 153 -2.85 67.35 17.75
CA LEU F 153 -2.24 66.41 16.82
C LEU F 153 -3.28 66.01 15.79
N VAL F 154 -2.95 66.21 14.53
CA VAL F 154 -3.82 66.01 13.39
C VAL F 154 -3.12 65.08 12.42
N ARG F 155 -3.89 64.17 11.82
CA ARG F 155 -3.36 63.24 10.82
C ARG F 155 -3.62 63.78 9.42
N MET F 156 -2.61 63.68 8.57
CA MET F 156 -2.76 64.00 7.15
C MET F 156 -2.94 62.69 6.40
N ASN F 157 -4.14 62.48 5.86
CA ASN F 157 -4.49 61.17 5.32
C ASN F 157 -3.60 60.79 4.15
N LYS F 158 -3.33 61.73 3.25
CA LYS F 158 -2.39 61.50 2.17
C LYS F 158 -1.29 62.57 2.25
N PHE F 159 -0.41 62.59 1.26
CA PHE F 159 0.52 63.69 1.13
C PHE F 159 -0.25 64.98 0.93
N LEU F 160 0.09 66.01 1.70
CA LEU F 160 -0.70 67.23 1.67
C LEU F 160 -0.11 68.25 0.71
N MET G 1 15.33 -63.29 -34.13
CA MET G 1 14.68 -62.29 -33.29
C MET G 1 15.11 -62.48 -31.84
N ALA G 2 15.14 -61.38 -31.09
CA ALA G 2 15.70 -61.34 -29.74
C ALA G 2 15.29 -62.54 -28.90
N PHE G 3 14.00 -62.68 -28.67
CA PHE G 3 13.36 -63.87 -28.12
C PHE G 3 11.91 -63.77 -28.50
N ASN G 4 11.15 -64.83 -28.23
CA ASN G 4 9.74 -64.80 -28.60
C ASN G 4 8.97 -63.77 -27.78
N ASN G 5 9.18 -63.76 -26.45
CA ASN G 5 8.44 -62.86 -25.58
C ASN G 5 9.33 -62.42 -24.43
N ALA G 6 9.40 -61.11 -24.20
CA ALA G 6 10.15 -60.58 -23.06
C ALA G 6 9.56 -61.08 -21.76
N VAL G 7 8.32 -60.68 -21.47
CA VAL G 7 7.58 -61.13 -20.31
C VAL G 7 6.25 -61.67 -20.78
N LEU G 8 5.88 -62.85 -20.29
CA LEU G 8 4.60 -63.44 -20.61
C LEU G 8 3.61 -63.07 -19.51
N GLN G 9 2.40 -62.68 -19.91
CA GLN G 9 1.38 -62.32 -18.95
C GLN G 9 1.09 -63.49 -18.02
N GLU G 10 0.82 -64.65 -18.60
CA GLU G 10 0.59 -65.88 -17.84
C GLU G 10 1.41 -66.98 -18.47
N VAL G 11 1.73 -68.00 -17.67
CA VAL G 11 2.53 -69.12 -18.17
C VAL G 11 1.79 -69.76 -19.32
N SER G 12 2.44 -69.84 -20.48
CA SER G 12 1.86 -70.50 -21.63
C SER G 12 1.54 -71.94 -21.27
N ASP G 13 0.46 -72.46 -21.81
CA ASP G 13 -0.17 -73.66 -21.28
C ASP G 13 0.01 -74.83 -22.25
N LEU G 14 0.98 -75.70 -21.93
CA LEU G 14 1.07 -77.03 -22.53
C LEU G 14 1.10 -77.03 -24.04
N PRO G 15 2.25 -76.79 -24.66
CA PRO G 15 2.34 -76.79 -26.12
C PRO G 15 1.86 -78.10 -26.72
N ALA G 16 1.68 -78.08 -28.03
CA ALA G 16 1.13 -79.23 -28.73
C ALA G 16 2.07 -80.42 -28.68
N GLY G 17 1.58 -81.56 -29.16
CA GLY G 17 2.37 -82.77 -29.16
C GLY G 17 2.71 -83.26 -27.76
N GLU G 18 1.78 -83.14 -26.83
CA GLU G 18 1.98 -83.59 -25.48
C GLU G 18 0.87 -84.55 -25.10
N VAL G 19 1.23 -85.64 -24.45
CA VAL G 19 0.27 -86.62 -23.95
C VAL G 19 0.34 -86.59 -22.43
N ILE G 20 -0.83 -86.62 -21.79
CA ILE G 20 -0.89 -86.59 -20.34
C ILE G 20 -0.82 -88.02 -19.83
N LYS G 21 0.18 -88.30 -19.00
CA LYS G 21 0.47 -89.65 -18.56
C LYS G 21 -0.34 -90.04 -17.33
N ALA G 22 -1.44 -89.35 -17.07
CA ALA G 22 -2.37 -89.75 -16.03
C ALA G 22 -3.38 -90.77 -16.57
N SER G 23 -4.12 -90.38 -17.59
CA SER G 23 -5.08 -91.26 -18.24
C SER G 23 -4.32 -92.37 -18.95
N PRO G 24 -5.04 -93.40 -19.43
CA PRO G 24 -4.37 -94.39 -20.29
C PRO G 24 -3.90 -93.78 -21.59
N HIS G 25 -2.58 -93.75 -21.77
CA HIS G 25 -1.97 -93.15 -22.93
C HIS G 25 -1.14 -94.18 -23.66
N ASN G 26 -1.06 -94.05 -24.98
CA ASN G 26 -0.13 -94.84 -25.75
C ASN G 26 0.46 -94.00 -26.86
N VAL G 27 1.78 -93.95 -26.90
CA VAL G 27 2.55 -93.32 -27.96
C VAL G 27 3.48 -94.36 -28.56
N SER G 28 3.27 -94.69 -29.83
CA SER G 28 3.94 -95.81 -30.47
C SER G 28 4.97 -95.30 -31.45
N ALA G 29 6.19 -95.81 -31.33
CA ALA G 29 7.29 -95.40 -32.20
C ALA G 29 7.12 -95.99 -33.59
N PHE G 30 7.38 -95.16 -34.61
CA PHE G 30 7.36 -95.58 -36.00
C PHE G 30 8.74 -95.34 -36.58
N GLU G 31 9.37 -96.41 -37.07
CA GLU G 31 10.78 -96.32 -37.44
C GLU G 31 11.01 -95.38 -38.62
N VAL G 32 10.17 -95.43 -39.64
CA VAL G 32 10.35 -94.61 -40.82
C VAL G 32 9.25 -93.57 -40.87
N PHE G 33 9.59 -92.39 -41.39
CA PHE G 33 8.64 -91.30 -41.45
C PHE G 33 9.04 -90.36 -42.58
N GLN G 34 8.44 -89.17 -42.59
CA GLN G 34 8.69 -88.16 -43.61
C GLN G 34 9.55 -87.05 -43.03
N ASN G 35 10.51 -86.58 -43.83
CA ASN G 35 11.31 -85.45 -43.40
C ASN G 35 10.44 -84.22 -43.22
N GLY G 36 10.73 -83.44 -42.19
CA GLY G 36 9.93 -82.26 -41.90
C GLY G 36 8.62 -82.54 -41.21
N LEU G 37 8.46 -83.73 -40.62
CA LEU G 37 7.23 -84.08 -39.93
C LEU G 37 6.96 -83.09 -38.80
N ILE G 38 5.92 -82.29 -38.95
CA ILE G 38 5.66 -81.19 -38.03
C ILE G 38 4.96 -81.76 -36.80
N GLU G 39 5.65 -81.77 -35.68
CA GLU G 39 5.12 -82.44 -34.50
C GLU G 39 4.00 -81.62 -33.88
N GLY G 40 3.21 -82.28 -33.04
CA GLY G 40 2.04 -81.65 -32.49
C GLY G 40 0.86 -81.58 -33.42
N ARG G 41 0.88 -82.37 -34.49
CA ARG G 41 -0.16 -82.30 -35.51
C ARG G 41 -0.46 -83.70 -36.02
N PHE G 42 -1.65 -83.87 -36.57
CA PHE G 42 -2.09 -85.18 -37.01
C PHE G 42 -1.20 -85.69 -38.13
N VAL G 43 -0.72 -86.92 -37.99
CA VAL G 43 0.17 -87.53 -38.97
C VAL G 43 -0.50 -88.78 -39.51
N LYS G 44 -0.40 -89.00 -40.81
CA LYS G 44 -0.99 -90.16 -41.41
C LYS G 44 0.04 -91.27 -41.57
N PHE G 45 -0.46 -92.47 -41.83
CA PHE G 45 0.37 -93.63 -42.12
C PHE G 45 0.14 -93.99 -43.58
N ASP G 46 1.11 -93.69 -44.43
CA ASP G 46 0.99 -93.90 -45.86
C ASP G 46 2.19 -94.68 -46.36
N ALA G 47 1.93 -95.75 -47.11
CA ALA G 47 2.98 -96.54 -47.74
C ALA G 47 4.01 -97.02 -46.74
N GLY G 48 3.54 -97.33 -45.53
CA GLY G 48 4.42 -97.83 -44.51
C GLY G 48 5.30 -96.79 -43.85
N SER G 49 4.93 -95.52 -43.92
CA SER G 49 5.71 -94.48 -43.26
C SER G 49 4.77 -93.42 -42.69
N ILE G 50 5.22 -92.78 -41.62
CA ILE G 50 4.48 -91.67 -41.02
C ILE G 50 4.78 -90.40 -41.79
N ASP G 51 3.74 -89.68 -42.18
CA ASP G 51 3.97 -88.50 -43.00
C ASP G 51 2.89 -87.46 -42.81
N ILE G 52 3.20 -86.25 -43.29
CA ILE G 52 2.30 -85.12 -43.18
C ILE G 52 1.05 -85.35 -44.00
N LEU G 53 -0.09 -84.97 -43.45
CA LEU G 53 -1.33 -85.06 -44.18
C LEU G 53 -1.27 -84.19 -45.43
N ASP G 54 -1.83 -84.70 -46.52
CA ASP G 54 -1.96 -83.96 -47.76
C ASP G 54 -3.22 -84.46 -48.46
N ALA G 55 -3.42 -84.03 -49.70
CA ALA G 55 -4.68 -84.37 -50.37
C ALA G 55 -4.70 -85.83 -50.76
N SER G 56 -4.72 -86.71 -49.76
CA SER G 56 -4.91 -88.14 -49.99
C SER G 56 -6.40 -88.43 -50.02
N ALA G 57 -6.75 -89.70 -50.27
CA ALA G 57 -8.17 -90.04 -50.34
C ALA G 57 -8.74 -90.28 -48.94
N THR G 58 -8.26 -91.33 -48.26
CA THR G 58 -8.70 -91.66 -46.91
C THR G 58 -7.47 -92.01 -46.10
N PRO G 59 -6.70 -91.01 -45.69
CA PRO G 59 -5.45 -91.30 -44.97
C PRO G 59 -5.72 -92.00 -43.65
N THR G 60 -4.86 -92.96 -43.33
CA THR G 60 -4.91 -93.63 -42.04
C THR G 60 -4.25 -92.71 -41.02
N ILE G 61 -5.06 -91.95 -40.29
CA ILE G 61 -4.53 -91.04 -39.29
C ILE G 61 -3.93 -91.89 -38.17
N ALA G 62 -2.61 -91.92 -38.09
CA ALA G 62 -1.95 -92.72 -37.08
C ALA G 62 -1.83 -92.02 -35.74
N GLY G 63 -2.31 -90.79 -35.63
CA GLY G 63 -2.28 -90.09 -34.37
C GLY G 63 -1.69 -88.72 -34.43
N ILE G 64 -1.14 -88.26 -33.31
CA ILE G 64 -0.55 -86.94 -33.19
C ILE G 64 0.94 -87.11 -32.94
N ALA G 65 1.76 -86.42 -33.72
CA ALA G 65 3.21 -86.53 -33.55
C ALA G 65 3.62 -85.91 -32.24
N LYS G 66 4.29 -86.69 -31.40
CA LYS G 66 4.64 -86.24 -30.07
C LYS G 66 5.75 -85.19 -30.11
N ARG G 67 5.70 -84.25 -29.18
CA ARG G 67 6.75 -83.26 -29.02
C ARG G 67 7.78 -83.78 -28.03
N LYS G 68 9.04 -83.81 -28.45
CA LYS G 68 10.13 -84.23 -27.58
C LYS G 68 10.63 -83.01 -26.82
N VAL G 69 10.61 -83.09 -25.48
CA VAL G 69 11.11 -81.98 -24.69
C VAL G 69 12.62 -81.86 -24.84
N THR G 70 13.32 -82.99 -24.97
CA THR G 70 14.76 -82.98 -25.10
C THR G 70 15.17 -83.25 -26.55
N GLY G 71 14.45 -82.66 -27.49
CA GLY G 71 14.84 -82.64 -28.88
C GLY G 71 15.52 -81.33 -29.25
N GLU G 72 15.76 -81.18 -30.54
CA GLU G 72 16.37 -79.97 -31.05
C GLU G 72 15.46 -78.77 -30.82
N ILE G 73 16.05 -77.67 -30.31
CA ILE G 73 15.31 -76.42 -30.20
C ILE G 73 15.08 -75.88 -31.60
N GLY G 74 13.83 -75.50 -31.88
CA GLY G 74 13.48 -74.96 -33.17
C GLY G 74 12.00 -75.12 -33.40
N PRO G 75 11.58 -75.08 -34.65
CA PRO G 75 10.20 -75.45 -34.97
C PRO G 75 9.98 -76.89 -34.56
N GLY G 76 8.81 -77.18 -34.01
CA GLY G 76 8.55 -78.55 -33.69
C GLY G 76 8.48 -79.35 -34.97
N VAL G 77 9.54 -80.11 -35.25
CA VAL G 77 9.70 -80.79 -36.53
C VAL G 77 10.47 -82.08 -36.29
N TYR G 78 9.99 -83.18 -36.89
CA TYR G 78 10.79 -84.38 -37.02
C TYR G 78 11.62 -84.27 -38.28
N SER G 79 12.93 -84.37 -38.14
CA SER G 79 13.86 -84.16 -39.24
C SER G 79 14.88 -85.28 -39.27
N THR G 80 15.12 -85.82 -40.45
CA THR G 80 16.13 -86.84 -40.65
C THR G 80 17.38 -86.22 -41.28
N SER G 81 18.49 -86.95 -41.17
CA SER G 81 19.74 -86.61 -41.86
C SER G 81 20.26 -85.24 -41.44
N GLY G 82 20.61 -85.12 -40.16
CA GLY G 82 21.22 -83.90 -39.68
C GLY G 82 21.76 -84.10 -38.28
N ILE G 83 22.38 -83.03 -37.76
CA ILE G 83 22.78 -83.05 -36.35
C ILE G 83 21.55 -83.15 -35.47
N GLU G 84 20.42 -82.62 -35.93
CA GLU G 84 19.15 -82.72 -35.23
C GLU G 84 18.31 -83.89 -35.73
N ILE G 85 18.96 -84.97 -36.14
CA ILE G 85 18.22 -86.12 -36.66
C ILE G 85 17.33 -86.70 -35.57
N ASP G 86 16.12 -87.08 -35.97
CA ASP G 86 15.19 -87.80 -35.11
C ASP G 86 15.11 -89.22 -35.63
N GLN G 87 15.57 -90.17 -34.82
CA GLN G 87 15.67 -91.54 -35.30
C GLN G 87 14.29 -92.14 -35.53
N VAL G 88 13.39 -92.00 -34.58
CA VAL G 88 12.08 -92.63 -34.63
C VAL G 88 11.02 -91.59 -34.31
N ALA G 89 9.88 -91.70 -34.99
CA ALA G 89 8.82 -90.70 -34.89
C ALA G 89 7.83 -91.14 -33.83
N GLU G 90 7.97 -90.62 -32.62
CA GLU G 90 6.98 -90.86 -31.59
C GLU G 90 5.64 -90.29 -32.02
N VAL G 91 4.61 -91.13 -32.05
CA VAL G 91 3.29 -90.74 -32.50
C VAL G 91 2.30 -91.07 -31.40
N ILE G 92 1.59 -90.06 -30.90
CA ILE G 92 0.61 -90.25 -29.85
C ILE G 92 -0.68 -90.72 -30.50
N ASN G 93 -1.10 -91.93 -30.18
CA ASN G 93 -2.27 -92.53 -30.82
C ASN G 93 -3.26 -93.12 -29.83
N PHE G 94 -3.09 -92.91 -28.52
CA PHE G 94 -4.14 -93.22 -27.58
C PHE G 94 -4.07 -92.28 -26.40
N GLY G 95 -5.22 -91.74 -25.99
CA GLY G 95 -5.32 -90.97 -24.78
C GLY G 95 -5.69 -89.53 -25.03
N PHE G 96 -5.28 -88.68 -24.09
CA PHE G 96 -5.44 -87.23 -24.22
C PHE G 96 -4.15 -86.66 -24.75
N ALA G 97 -4.23 -85.96 -25.88
CA ALA G 97 -3.04 -85.39 -26.48
C ALA G 97 -3.35 -83.99 -27.00
N THR G 98 -2.39 -83.09 -26.86
CA THR G 98 -2.56 -81.73 -27.36
C THR G 98 -2.21 -81.66 -28.84
N VAL G 99 -2.99 -80.89 -29.58
CA VAL G 99 -2.76 -80.71 -31.02
C VAL G 99 -3.00 -79.25 -31.36
N THR G 100 -2.15 -78.70 -32.23
CA THR G 100 -2.40 -77.36 -32.72
C THR G 100 -3.68 -77.35 -33.55
N VAL G 101 -4.50 -76.33 -33.34
CA VAL G 101 -5.69 -76.13 -34.13
C VAL G 101 -5.50 -74.89 -35.00
N GLN G 102 -6.38 -74.73 -35.98
CA GLN G 102 -6.33 -73.57 -36.83
C GLN G 102 -6.64 -72.30 -36.03
N ASP G 103 -6.36 -71.16 -36.65
CA ASP G 103 -6.67 -69.89 -36.00
C ASP G 103 -8.17 -69.61 -36.00
N ALA G 104 -8.88 -70.08 -37.02
CA ALA G 104 -10.32 -69.90 -37.09
C ALA G 104 -11.07 -70.85 -36.17
N ALA G 105 -10.39 -71.84 -35.59
CA ALA G 105 -11.07 -72.86 -34.81
C ALA G 105 -11.49 -72.31 -33.46
N ALA G 106 -12.75 -72.58 -33.08
CA ALA G 106 -13.26 -72.30 -31.74
C ALA G 106 -13.95 -73.55 -31.22
N PRO G 107 -13.22 -74.63 -31.03
CA PRO G 107 -13.83 -75.95 -30.84
C PRO G 107 -14.22 -76.19 -29.38
N SER G 108 -15.51 -76.19 -29.10
CA SER G 108 -15.96 -76.50 -27.75
C SER G 108 -15.69 -77.96 -27.43
N LYS G 109 -15.84 -78.31 -26.14
CA LYS G 109 -15.55 -79.66 -25.69
C LYS G 109 -16.52 -80.66 -26.32
N TYR G 110 -16.02 -81.89 -26.52
CA TYR G 110 -16.75 -82.97 -27.18
C TYR G 110 -17.12 -82.64 -28.62
N ASP G 111 -16.50 -81.63 -29.21
CA ASP G 111 -16.80 -81.62 -30.64
C ASP G 111 -15.94 -82.65 -31.37
N PRO G 112 -16.46 -83.27 -32.41
CA PRO G 112 -15.63 -84.19 -33.20
C PRO G 112 -14.46 -83.45 -33.81
N VAL G 113 -13.29 -84.08 -33.76
CA VAL G 113 -12.06 -83.45 -34.23
C VAL G 113 -11.94 -83.67 -35.74
N TYR G 114 -11.68 -82.58 -36.46
CA TYR G 114 -11.41 -82.63 -37.89
C TYR G 114 -10.00 -82.13 -38.13
N ALA G 115 -9.29 -82.81 -39.02
CA ALA G 115 -7.92 -82.45 -39.37
C ALA G 115 -7.89 -81.85 -40.77
N ILE G 116 -7.07 -80.82 -40.96
CA ILE G 116 -6.93 -80.20 -42.27
C ILE G 116 -6.09 -81.14 -43.13
N ASN G 117 -6.73 -81.75 -44.12
CA ASN G 117 -6.06 -82.71 -44.99
C ASN G 117 -5.57 -82.01 -46.26
N LEU G 118 -4.74 -80.99 -46.05
CA LEU G 118 -4.26 -80.15 -47.13
C LEU G 118 -2.74 -80.22 -47.22
N ASP G 119 -2.22 -79.89 -48.41
CA ASP G 119 -0.78 -79.92 -48.65
C ASP G 119 -0.25 -78.50 -48.51
N SER G 120 -0.02 -78.11 -47.26
CA SER G 120 0.45 -76.76 -46.93
C SER G 120 0.95 -76.77 -45.50
N ALA G 121 1.27 -75.60 -44.97
CA ALA G 121 1.72 -75.49 -43.58
C ALA G 121 0.57 -75.70 -42.61
N GLU G 122 -0.68 -75.65 -43.08
CA GLU G 122 -1.85 -75.93 -42.26
C GLU G 122 -2.20 -77.41 -42.23
N ALA G 123 -1.31 -78.26 -42.74
CA ALA G 123 -1.59 -79.68 -42.82
C ALA G 123 -1.68 -80.30 -41.43
N GLY G 124 -2.68 -81.15 -41.23
CA GLY G 124 -2.82 -81.88 -40.00
C GLY G 124 -3.08 -81.03 -38.78
N LYS G 125 -3.87 -79.97 -38.93
CA LYS G 125 -4.27 -79.12 -37.83
C LYS G 125 -5.71 -79.44 -37.47
N ALA G 126 -5.99 -79.57 -36.18
CA ALA G 126 -7.34 -79.89 -35.76
C ALA G 126 -8.26 -78.69 -35.94
N THR G 127 -9.55 -78.98 -36.06
CA THR G 127 -10.54 -77.91 -36.16
C THR G 127 -11.90 -78.46 -35.74
N GLU G 128 -12.77 -77.54 -35.31
CA GLU G 128 -14.15 -77.88 -35.07
C GLU G 128 -14.93 -78.00 -36.37
N ASN G 129 -14.64 -77.10 -37.31
CA ASN G 129 -15.47 -76.91 -38.49
C ASN G 129 -15.44 -78.16 -39.37
N SER G 130 -16.57 -78.86 -39.42
CA SER G 130 -16.70 -79.99 -40.33
C SER G 130 -16.70 -79.56 -41.79
N GLY G 131 -16.93 -78.28 -42.08
CA GLY G 131 -16.94 -77.77 -43.43
C GLY G 131 -15.75 -76.92 -43.82
N ALA G 132 -14.67 -76.93 -43.05
CA ALA G 132 -13.49 -76.15 -43.42
C ALA G 132 -12.85 -76.73 -44.67
N THR G 133 -11.94 -75.96 -45.25
CA THR G 133 -11.24 -76.41 -46.44
C THR G 133 -10.32 -77.57 -46.09
N GLY G 134 -10.42 -78.66 -46.83
CA GLY G 134 -9.60 -79.82 -46.57
C GLY G 134 -9.86 -80.49 -45.25
N ALA G 135 -11.00 -80.24 -44.63
CA ALA G 135 -11.32 -80.85 -43.36
C ALA G 135 -11.70 -82.30 -43.56
N LEU G 136 -11.10 -83.18 -42.77
CA LEU G 136 -11.38 -84.60 -42.80
C LEU G 136 -11.63 -85.08 -41.38
N ALA G 137 -12.70 -85.83 -41.18
CA ALA G 137 -13.04 -86.30 -39.85
C ALA G 137 -11.97 -87.25 -39.34
N VAL G 138 -11.75 -87.22 -38.03
CA VAL G 138 -10.88 -88.17 -37.35
C VAL G 138 -11.77 -89.09 -36.55
N ALA G 139 -11.66 -90.39 -36.80
CA ALA G 139 -12.58 -91.35 -36.21
C ALA G 139 -12.37 -91.44 -34.71
N ASP G 140 -13.47 -91.26 -33.97
CA ASP G 140 -13.47 -91.35 -32.51
C ASP G 140 -12.37 -90.50 -31.89
N CYS G 141 -12.49 -89.19 -32.10
CA CYS G 141 -11.61 -88.23 -31.44
C CYS G 141 -12.42 -86.96 -31.20
N VAL G 142 -12.33 -86.43 -29.98
CA VAL G 142 -13.11 -85.26 -29.59
C VAL G 142 -12.22 -84.26 -28.87
N PHE G 143 -12.54 -82.99 -29.04
CA PHE G 143 -11.84 -81.93 -28.31
C PHE G 143 -12.17 -82.01 -26.83
N TRP G 144 -11.17 -81.76 -25.99
CA TRP G 144 -11.39 -81.82 -24.55
C TRP G 144 -11.18 -80.47 -23.86
N GLU G 145 -10.00 -79.88 -23.98
CA GLU G 145 -9.68 -78.70 -23.20
C GLU G 145 -8.83 -77.74 -24.03
N GLN G 146 -8.85 -76.48 -23.64
CA GLN G 146 -8.14 -75.45 -24.37
C GLN G 146 -6.81 -75.19 -23.67
N LYS G 147 -5.72 -75.62 -24.30
CA LYS G 147 -4.37 -75.33 -23.84
C LYS G 147 -3.90 -74.03 -24.50
N ALA G 148 -2.59 -73.78 -24.52
CA ALA G 148 -2.08 -72.51 -25.01
C ALA G 148 -2.56 -72.23 -26.43
N ALA G 149 -2.34 -71.00 -26.87
CA ALA G 149 -2.99 -70.46 -28.06
C ALA G 149 -2.94 -71.44 -29.22
N ASN G 150 -4.11 -71.69 -29.80
CA ASN G 150 -4.31 -72.57 -30.95
C ASN G 150 -3.98 -74.02 -30.68
N VAL G 151 -3.82 -74.40 -29.41
CA VAL G 151 -3.50 -75.78 -29.03
C VAL G 151 -4.62 -76.30 -28.17
N TRP G 152 -5.33 -77.31 -28.65
CA TRP G 152 -6.42 -77.94 -27.92
C TRP G 152 -6.03 -79.37 -27.56
N LEU G 153 -6.22 -79.72 -26.30
CA LEU G 153 -6.09 -81.12 -25.88
C LEU G 153 -7.34 -81.88 -26.30
N VAL G 154 -7.15 -82.90 -27.14
CA VAL G 154 -8.21 -83.73 -27.66
C VAL G 154 -8.09 -85.12 -27.05
N ARG G 155 -9.18 -85.86 -27.13
CA ARG G 155 -9.26 -87.22 -26.62
C ARG G 155 -9.45 -88.20 -27.77
N MET G 156 -8.57 -89.19 -27.86
CA MET G 156 -8.69 -90.26 -28.83
C MET G 156 -9.30 -91.46 -28.12
N ASN G 157 -10.58 -91.73 -28.41
CA ASN G 157 -11.30 -92.76 -27.68
C ASN G 157 -10.67 -94.13 -27.93
N LYS G 158 -10.67 -94.58 -29.17
CA LYS G 158 -10.01 -95.83 -29.54
C LYS G 158 -8.52 -95.55 -29.71
N PHE G 159 -7.80 -96.51 -30.30
CA PHE G 159 -6.45 -96.25 -30.76
C PHE G 159 -6.52 -95.60 -32.13
N LEU G 160 -5.78 -94.51 -32.31
CA LEU G 160 -5.65 -93.91 -33.63
C LEU G 160 -4.39 -94.43 -34.30
N GLU H 31 20.04 55.78 -17.07
CA GLU H 31 19.30 55.07 -18.10
C GLU H 31 19.61 53.58 -18.06
N GLY H 32 18.57 52.75 -18.12
CA GLY H 32 18.76 51.32 -18.09
C GLY H 32 19.34 50.83 -16.78
N GLY H 33 20.60 50.44 -16.81
CA GLY H 33 21.25 49.94 -15.61
C GLY H 33 22.75 50.09 -15.73
N ILE H 34 23.46 49.45 -14.80
CA ILE H 34 24.91 49.54 -14.75
C ILE H 34 25.60 48.23 -15.05
N ILE H 35 24.90 47.10 -15.02
CA ILE H 35 25.52 45.79 -15.18
C ILE H 35 25.38 45.36 -16.62
N LEU H 36 26.51 45.04 -17.25
CA LEU H 36 26.49 44.55 -18.62
C LEU H 36 25.78 43.21 -18.67
N ALA H 37 25.06 42.96 -19.77
CA ALA H 37 24.15 41.83 -19.82
C ALA H 37 24.88 40.51 -19.61
N ARG H 38 26.03 40.33 -20.26
CA ARG H 38 26.72 39.05 -20.20
C ARG H 38 27.21 38.72 -18.79
N ASN H 39 27.33 39.71 -17.91
CA ASN H 39 27.70 39.45 -16.52
C ASN H 39 26.51 39.06 -15.66
N LEU H 40 25.29 39.26 -16.14
CA LEU H 40 24.09 38.79 -15.45
C LEU H 40 23.81 37.32 -15.72
N GLU H 41 24.78 36.60 -16.26
CA GLU H 41 24.65 35.19 -16.59
C GLU H 41 25.91 34.48 -16.13
N HIS H 42 25.75 33.40 -15.38
CA HIS H 42 26.88 32.64 -14.86
C HIS H 42 27.01 31.36 -15.67
N VAL H 43 27.98 31.34 -16.57
CA VAL H 43 28.24 30.14 -17.36
C VAL H 43 28.90 29.10 -16.46
N SER H 44 28.20 28.00 -16.23
CA SER H 44 28.63 27.01 -15.26
C SER H 44 30.00 26.45 -15.60
N SER H 45 30.85 26.31 -14.59
CA SER H 45 32.18 25.77 -14.80
C SER H 45 32.13 24.29 -15.15
N GLU H 46 31.14 23.56 -14.62
CA GLU H 46 30.98 22.16 -14.98
C GLU H 46 30.64 22.03 -16.45
N ILE H 47 31.40 21.20 -17.17
CA ILE H 47 31.18 20.95 -18.58
C ILE H 47 30.61 19.56 -18.73
N PHE H 48 29.51 19.45 -19.46
CA PHE H 48 28.80 18.19 -19.64
C PHE H 48 29.19 17.60 -20.99
N THR H 49 29.98 16.54 -20.97
CA THR H 49 30.34 15.87 -22.21
C THR H 49 29.13 15.14 -22.78
N GLN H 50 29.12 15.01 -24.10
CA GLN H 50 28.07 14.25 -24.76
C GLN H 50 28.26 12.76 -24.51
N GLU H 51 27.17 12.06 -24.24
CA GLU H 51 27.22 10.64 -23.93
C GLU H 51 26.61 9.83 -25.06
N PHE H 52 27.18 8.65 -25.30
CA PHE H 52 26.71 7.75 -26.33
C PHE H 52 26.36 6.40 -25.72
N ALA H 53 25.78 5.54 -26.54
CA ALA H 53 25.37 4.21 -26.10
C ALA H 53 26.54 3.46 -25.47
N GLY H 54 26.21 2.54 -24.57
CA GLY H 54 27.23 1.91 -23.76
C GLY H 54 28.12 0.98 -24.56
N LEU H 55 29.27 0.68 -23.96
CA LEU H 55 30.28 -0.19 -24.58
C LEU H 55 30.32 -1.49 -23.78
N THR H 56 29.48 -2.44 -24.16
CA THR H 56 29.35 -3.68 -23.42
C THR H 56 30.22 -4.81 -23.94
N PHE H 57 30.88 -4.63 -25.08
CA PHE H 57 31.58 -5.75 -25.70
C PHE H 57 32.68 -6.31 -24.80
N LEU H 58 33.49 -5.43 -24.20
CA LEU H 58 34.57 -5.93 -23.37
C LEU H 58 34.06 -6.58 -22.09
N GLN H 59 32.77 -6.43 -21.78
CA GLN H 59 32.11 -7.20 -20.74
C GLN H 59 31.30 -8.35 -21.32
N GLY H 60 31.46 -8.63 -22.61
CA GLY H 60 30.69 -9.67 -23.27
C GLY H 60 31.36 -11.02 -23.23
N GLY H 61 32.32 -11.19 -22.31
CA GLY H 61 32.90 -12.47 -22.04
C GLY H 61 33.84 -13.03 -23.07
N ILE H 62 33.92 -12.43 -24.27
CA ILE H 62 34.86 -12.90 -25.27
C ILE H 62 36.28 -12.60 -24.81
N VAL H 63 37.13 -13.62 -24.83
CA VAL H 63 38.50 -13.47 -24.35
C VAL H 63 39.32 -12.75 -25.41
N VAL H 64 40.26 -11.93 -24.96
CA VAL H 64 41.12 -11.16 -25.84
C VAL H 64 42.45 -11.87 -26.02
N ASN H 65 42.89 -11.96 -27.25
CA ASN H 65 44.16 -12.60 -27.61
C ASN H 65 45.01 -11.54 -28.31
N ASN H 66 45.95 -10.94 -27.56
CA ASN H 66 46.74 -9.84 -28.06
C ASN H 66 48.14 -10.25 -28.49
N GLU H 67 48.40 -11.54 -28.59
CA GLU H 67 49.74 -12.04 -28.84
C GLU H 67 50.20 -11.86 -30.28
N GLY H 68 49.36 -11.29 -31.14
CA GLY H 68 49.75 -11.13 -32.54
C GLY H 68 50.97 -10.26 -32.73
N GLY H 69 51.11 -9.22 -31.90
CA GLY H 69 52.19 -8.26 -32.08
C GLY H 69 51.92 -7.30 -33.22
N TYR H 70 52.96 -6.97 -33.99
CA TYR H 70 52.81 -6.11 -35.15
C TYR H 70 52.64 -6.90 -36.44
N ALA H 71 52.51 -8.22 -36.34
CA ALA H 71 52.32 -9.04 -37.52
C ALA H 71 51.01 -8.68 -38.23
N THR H 72 51.01 -8.81 -39.55
CA THR H 72 49.84 -8.42 -40.34
C THR H 72 48.77 -9.48 -40.40
N SER H 73 49.00 -10.65 -39.81
CA SER H 73 47.99 -11.70 -39.81
C SER H 73 48.33 -12.70 -38.71
N VAL H 74 47.31 -13.39 -38.22
CA VAL H 74 47.49 -14.46 -37.25
C VAL H 74 46.84 -15.71 -37.81
N THR H 75 47.62 -16.79 -37.91
CA THR H 75 47.14 -18.03 -38.49
C THR H 75 47.01 -19.10 -37.41
N LYS H 76 46.01 -19.96 -37.60
CA LYS H 76 45.66 -21.01 -36.67
C LYS H 76 45.58 -22.33 -37.42
N LEU H 77 45.99 -23.40 -36.77
CA LEU H 77 46.15 -24.71 -37.39
C LEU H 77 45.35 -25.73 -36.60
N LYS H 78 44.50 -26.48 -37.30
CA LYS H 78 43.70 -27.53 -36.69
C LYS H 78 43.90 -28.82 -37.47
N LEU H 79 44.27 -29.88 -36.78
CA LEU H 79 44.49 -31.19 -37.39
C LEU H 79 43.40 -32.16 -36.95
N LYS H 80 42.99 -33.02 -37.86
CA LYS H 80 41.90 -33.94 -37.58
C LYS H 80 42.25 -35.30 -38.17
N ALA H 81 41.62 -36.32 -37.63
CA ALA H 81 41.66 -37.63 -38.27
C ALA H 81 40.62 -37.69 -39.38
N GLU H 82 40.82 -38.60 -40.31
CA GLU H 82 39.86 -38.80 -41.39
C GLU H 82 39.77 -40.30 -41.67
N GLY H 83 38.98 -40.65 -42.69
CA GLY H 83 38.82 -42.04 -43.03
C GLY H 83 37.94 -42.78 -42.03
N GLY H 84 37.86 -44.09 -42.24
CA GLY H 84 37.06 -44.92 -41.36
C GLY H 84 37.27 -46.39 -41.63
N PHE H 85 36.84 -47.20 -40.68
CA PHE H 85 36.92 -48.65 -40.82
C PHE H 85 35.91 -49.14 -41.86
N ARG H 86 36.11 -50.37 -42.30
CA ARG H 86 35.23 -50.99 -43.29
C ARG H 86 35.04 -52.45 -42.95
N GLU H 87 33.91 -53.00 -43.40
CA GLU H 87 33.64 -54.42 -43.24
C GLU H 87 34.70 -55.24 -43.96
N SER H 88 35.32 -56.16 -43.24
CA SER H 88 36.44 -56.93 -43.78
C SER H 88 36.21 -58.41 -43.54
N GLY H 89 36.45 -59.21 -44.56
CA GLY H 89 36.42 -60.65 -44.43
C GLY H 89 37.68 -61.17 -43.77
N ASN H 90 37.83 -62.49 -43.79
CA ASN H 90 38.98 -63.12 -43.16
C ASN H 90 40.26 -62.83 -43.92
N ASP H 91 40.21 -62.90 -45.25
CA ASP H 91 41.40 -62.82 -46.08
C ASP H 91 41.38 -61.63 -47.02
N THR H 92 40.44 -60.71 -46.85
CA THR H 92 40.22 -59.67 -47.82
C THR H 92 41.30 -58.58 -47.72
N ASN H 93 41.28 -57.67 -48.69
CA ASN H 93 42.16 -56.51 -48.71
C ASN H 93 41.37 -55.30 -48.24
N THR H 94 41.86 -54.64 -47.20
CA THR H 94 41.11 -53.54 -46.59
C THR H 94 40.91 -52.41 -47.58
N THR H 95 39.70 -51.84 -47.58
CA THR H 95 39.39 -50.65 -48.35
C THR H 95 39.17 -49.44 -47.47
N GLY H 96 39.44 -49.55 -46.17
CA GLY H 96 39.29 -48.43 -45.28
C GLY H 96 40.60 -47.91 -44.76
N LYS H 97 40.93 -46.66 -45.11
CA LYS H 97 42.19 -46.04 -44.71
C LYS H 97 41.92 -44.95 -43.70
N ILE H 98 42.79 -44.86 -42.70
CA ILE H 98 42.70 -43.85 -41.64
C ILE H 98 43.87 -42.91 -41.81
N THR H 99 43.61 -41.75 -42.41
CA THR H 99 44.60 -40.70 -42.60
C THR H 99 44.21 -39.47 -41.80
N LEU H 100 45.20 -38.62 -41.52
CA LEU H 100 44.95 -37.37 -40.82
C LEU H 100 45.10 -36.21 -41.78
N SER H 101 44.14 -35.30 -41.74
CA SER H 101 44.13 -34.11 -42.57
C SER H 101 44.30 -32.88 -41.69
N GLY H 102 44.45 -31.72 -42.33
CA GLY H 102 44.70 -30.49 -41.59
C GLY H 102 44.06 -29.31 -42.28
N GLU H 103 43.93 -28.23 -41.52
CA GLU H 103 43.28 -27.04 -42.02
C GLU H 103 43.81 -25.83 -41.28
N SER H 104 43.77 -24.67 -41.94
CA SER H 104 44.30 -23.44 -41.37
C SER H 104 43.31 -22.31 -41.59
N ASP H 105 43.27 -21.39 -40.64
CA ASP H 105 42.44 -20.19 -40.75
C ASP H 105 43.27 -18.98 -40.34
N SER H 106 43.19 -17.91 -41.12
CA SER H 106 43.98 -16.71 -40.88
C SER H 106 43.05 -15.53 -40.64
N ILE H 107 43.28 -14.83 -39.54
CA ILE H 107 42.62 -13.55 -39.25
C ILE H 107 43.58 -12.44 -39.66
N PRO H 108 43.20 -11.57 -40.60
CA PRO H 108 44.09 -10.48 -41.00
C PRO H 108 43.96 -9.26 -40.11
N VAL H 109 45.11 -8.68 -39.76
CA VAL H 109 45.16 -7.52 -38.89
C VAL H 109 45.19 -6.27 -39.77
N PHE H 110 44.25 -5.36 -39.52
CA PHE H 110 44.21 -4.08 -40.22
C PHE H 110 44.27 -2.96 -39.20
N THR H 111 44.70 -1.78 -39.67
CA THR H 111 44.96 -0.65 -38.79
C THR H 111 44.02 0.50 -39.12
N LEU H 112 43.58 1.19 -38.06
CA LEU H 112 42.78 2.40 -38.20
C LEU H 112 43.58 3.57 -37.64
N GLU H 113 43.62 4.66 -38.38
CA GLU H 113 44.39 5.82 -37.99
C GLU H 113 43.56 7.08 -38.19
N GLY H 114 43.58 7.95 -37.19
CA GLY H 114 42.79 9.16 -37.21
C GLY H 114 43.56 10.33 -36.66
N GLU H 115 43.29 11.50 -37.23
CA GLU H 115 44.02 12.73 -36.92
C GLU H 115 43.14 13.68 -36.14
N SER H 116 43.77 14.72 -35.59
CA SER H 116 43.05 15.86 -35.04
C SER H 116 44.04 17.01 -34.94
N ASP H 117 43.64 18.18 -35.44
CA ASP H 117 44.52 19.32 -35.49
C ASP H 117 43.83 20.55 -34.93
N TRP H 118 44.62 21.45 -34.38
CA TRP H 118 44.12 22.72 -33.90
C TRP H 118 45.17 23.78 -34.18
N SER H 119 44.93 24.99 -33.67
CA SER H 119 45.87 26.08 -33.84
C SER H 119 45.97 26.85 -32.54
N GLU H 120 47.06 27.58 -32.38
CA GLU H 120 47.25 28.39 -31.18
C GLU H 120 46.07 29.33 -30.98
N ILE H 121 45.54 29.87 -32.08
CA ILE H 121 44.38 30.76 -31.99
C ILE H 121 43.23 30.04 -31.31
N GLU H 122 42.79 28.92 -31.88
CA GLU H 122 41.66 28.22 -31.30
C GLU H 122 42.04 27.49 -30.02
N LEU H 123 43.30 27.11 -29.85
CA LEU H 123 43.75 26.62 -28.56
C LEU H 123 43.44 27.62 -27.45
N LYS H 124 43.85 28.87 -27.64
CA LYS H 124 43.65 29.86 -26.59
C LYS H 124 42.19 30.30 -26.49
N GLN H 125 41.50 30.38 -27.63
CA GLN H 125 40.08 30.71 -27.58
C GLN H 125 39.29 29.62 -26.86
N ALA H 126 39.75 28.38 -26.93
CA ALA H 126 39.15 27.32 -26.15
C ALA H 126 39.56 27.38 -24.70
N GLU H 127 40.79 27.82 -24.42
CA GLU H 127 41.20 28.02 -23.04
C GLU H 127 40.39 29.13 -22.39
N LEU H 128 39.81 30.03 -23.18
CA LEU H 128 38.92 31.04 -22.62
C LEU H 128 37.79 30.42 -21.83
N GLN H 129 37.25 29.30 -22.32
CA GLN H 129 36.22 28.55 -21.62
C GLN H 129 36.80 27.54 -20.64
N ASN H 130 38.05 27.70 -20.23
CA ASN H 130 38.72 26.76 -19.36
C ASN H 130 38.69 25.35 -19.93
N VAL H 131 38.82 25.26 -21.25
CA VAL H 131 38.79 23.99 -21.97
C VAL H 131 40.19 23.76 -22.52
N ASN H 132 40.77 22.60 -22.20
CA ASN H 132 42.08 22.23 -22.71
C ASN H 132 41.86 21.49 -24.02
N LEU H 133 41.87 22.23 -25.12
CA LEU H 133 41.58 21.64 -26.42
C LEU H 133 42.51 20.48 -26.79
N PRO H 134 43.83 20.56 -26.57
CA PRO H 134 44.66 19.36 -26.82
C PRO H 134 44.25 18.18 -25.94
N SER H 135 44.08 18.41 -24.65
CA SER H 135 43.65 17.34 -23.76
C SER H 135 42.29 16.81 -24.18
N ARG H 136 41.41 17.69 -24.66
CA ARG H 136 40.08 17.26 -25.06
C ARG H 136 40.14 16.38 -26.31
N TYR H 137 41.00 16.74 -27.27
CA TYR H 137 41.25 15.84 -28.41
C TYR H 137 41.85 14.51 -27.98
N PHE H 138 42.75 14.52 -27.00
CA PHE H 138 43.31 13.23 -26.57
C PHE H 138 42.22 12.36 -25.93
N GLU H 139 41.37 12.94 -25.09
CA GLU H 139 40.26 12.19 -24.53
C GLU H 139 39.32 11.70 -25.62
N ALA H 140 39.05 12.54 -26.62
CA ALA H 140 38.16 12.13 -27.70
C ALA H 140 38.76 11.01 -28.52
N HIS H 141 40.06 11.04 -28.76
CA HIS H 141 40.74 9.96 -29.47
C HIS H 141 40.61 8.66 -28.69
N ALA H 142 40.88 8.71 -27.38
CA ALA H 142 40.77 7.50 -26.57
C ALA H 142 39.34 6.97 -26.57
N GLU H 143 38.36 7.88 -26.44
CA GLU H 143 36.96 7.45 -26.39
C GLU H 143 36.52 6.86 -27.72
N LEU H 144 36.92 7.47 -28.84
CA LEU H 144 36.55 6.90 -30.12
C LEU H 144 37.27 5.59 -30.38
N TYR H 145 38.49 5.42 -29.89
CA TYR H 145 39.14 4.13 -29.99
C TYR H 145 38.37 3.07 -29.21
N ASN H 146 37.92 3.41 -28.00
CA ASN H 146 37.13 2.47 -27.22
C ASN H 146 35.82 2.13 -27.93
N ARG H 147 35.15 3.14 -28.49
CA ARG H 147 33.90 2.90 -29.20
C ARG H 147 34.11 2.04 -30.44
N LYS H 148 35.19 2.29 -31.18
CA LYS H 148 35.47 1.48 -32.36
C LYS H 148 35.81 0.05 -31.97
N ILE H 149 36.56 -0.13 -30.88
CA ILE H 149 36.86 -1.49 -30.41
C ILE H 149 35.57 -2.19 -30.02
N ASP H 150 34.64 -1.44 -29.43
CA ASP H 150 33.35 -2.02 -29.05
C ASP H 150 32.52 -2.38 -30.27
N GLU H 151 32.57 -1.56 -31.31
CA GLU H 151 31.76 -1.77 -32.50
C GLU H 151 32.33 -2.86 -33.40
N LEU H 152 33.66 -2.95 -33.51
CA LEU H 152 34.27 -3.96 -34.36
C LEU H 152 33.97 -5.36 -33.85
N GLY H 153 33.82 -5.52 -32.55
CA GLY H 153 33.46 -6.80 -31.98
C GLY H 153 31.99 -7.12 -32.04
N TYR H 154 31.16 -6.17 -32.47
CA TYR H 154 29.72 -6.39 -32.58
C TYR H 154 29.23 -6.33 -34.02
N LEU H 155 29.67 -5.34 -34.79
CA LEU H 155 29.24 -5.19 -36.16
C LEU H 155 30.38 -5.25 -37.16
N GLY H 156 31.61 -5.42 -36.71
CA GLY H 156 32.71 -5.47 -37.63
C GLY H 156 32.99 -4.10 -38.25
N GLN H 157 33.80 -4.13 -39.29
CA GLN H 157 34.23 -2.91 -39.97
C GLN H 157 33.42 -2.70 -41.24
N THR H 158 32.67 -1.63 -41.29
CA THR H 158 32.00 -1.21 -42.52
C THR H 158 32.98 -0.39 -43.33
N ARG H 159 33.17 -0.78 -44.59
CA ARG H 159 34.02 0.00 -45.47
C ARG H 159 33.39 1.36 -45.75
N THR H 160 34.24 2.33 -46.05
CA THR H 160 33.78 3.70 -46.23
C THR H 160 32.81 3.85 -47.39
N ASP H 161 32.77 2.88 -48.31
CA ASP H 161 31.86 2.92 -49.43
C ASP H 161 30.53 2.22 -49.16
N GLY H 162 30.33 1.72 -47.94
CA GLY H 162 29.09 1.09 -47.56
C GLY H 162 29.12 -0.42 -47.51
N THR H 163 30.11 -1.05 -48.13
CA THR H 163 30.21 -2.50 -48.05
C THR H 163 30.71 -2.91 -46.67
N GLN H 164 30.61 -4.20 -46.40
CA GLN H 164 31.01 -4.77 -45.12
C GLN H 164 32.36 -5.46 -45.29
N LYS H 165 33.35 -5.03 -44.52
CA LYS H 165 34.68 -5.61 -44.62
C LYS H 165 34.81 -6.83 -43.71
N THR H 166 34.61 -6.66 -42.41
CA THR H 166 34.60 -7.74 -41.45
C THR H 166 33.24 -7.82 -40.78
N LEU H 167 33.09 -8.76 -39.86
CA LEU H 167 31.84 -8.96 -39.15
C LEU H 167 32.10 -9.21 -37.68
N GLY H 168 31.17 -8.76 -36.84
CA GLY H 168 31.18 -9.05 -35.43
C GLY H 168 30.10 -10.03 -35.05
N LEU H 169 29.75 -10.02 -33.76
CA LEU H 169 28.72 -10.94 -33.28
C LEU H 169 27.40 -10.74 -34.00
N LEU H 170 26.95 -9.49 -34.14
CA LEU H 170 25.58 -9.27 -34.54
C LEU H 170 25.34 -9.60 -36.02
N ASN H 171 26.25 -9.20 -36.90
CA ASN H 171 26.02 -9.38 -38.32
C ASN H 171 26.83 -10.51 -38.93
N TYR H 172 27.43 -11.37 -38.12
CA TYR H 172 28.21 -12.48 -38.64
C TYR H 172 27.30 -13.44 -39.41
N GLY H 173 27.93 -14.33 -40.17
CA GLY H 173 27.22 -15.32 -40.95
C GLY H 173 26.73 -16.50 -40.14
N PHE H 174 26.39 -16.28 -38.87
CA PHE H 174 25.73 -17.31 -38.09
C PHE H 174 24.36 -17.64 -38.69
N VAL H 175 23.75 -18.70 -38.18
CA VAL H 175 22.43 -19.09 -38.66
C VAL H 175 21.38 -18.19 -38.03
N ALA H 176 20.55 -17.58 -38.86
CA ALA H 176 19.57 -16.60 -38.41
C ALA H 176 18.16 -17.18 -38.52
N SER H 177 17.41 -17.10 -37.43
CA SER H 177 16.04 -17.57 -37.40
C SER H 177 15.13 -16.43 -36.93
N GLY H 178 13.95 -16.34 -37.53
CA GLY H 178 13.02 -15.30 -37.13
C GLY H 178 12.46 -15.53 -35.75
N ALA H 179 11.82 -14.49 -35.23
CA ALA H 179 11.14 -14.54 -33.94
C ALA H 179 9.64 -14.39 -34.14
N GLY H 180 8.87 -15.01 -33.24
CA GLY H 180 7.43 -15.00 -33.39
C GLY H 180 6.84 -13.60 -33.35
N ASP H 181 7.30 -12.79 -32.40
CA ASP H 181 6.80 -11.44 -32.25
C ASP H 181 7.83 -10.63 -31.48
N THR H 182 7.61 -9.32 -31.46
CA THR H 182 8.49 -8.43 -30.71
C THR H 182 8.36 -8.72 -29.21
N ALA H 183 9.45 -8.45 -28.48
CA ALA H 183 9.48 -8.79 -27.08
C ALA H 183 8.39 -8.10 -26.28
N ALA H 184 7.87 -6.97 -26.76
CA ALA H 184 6.77 -6.32 -26.07
C ALA H 184 5.47 -7.09 -26.25
N ASN H 185 5.18 -7.54 -27.48
CA ASN H 185 3.91 -8.21 -27.74
C ASN H 185 3.91 -9.62 -27.20
N LEU H 186 5.06 -10.26 -27.08
CA LEU H 186 5.11 -11.62 -26.56
C LEU H 186 4.64 -11.67 -25.12
N SER H 187 3.99 -12.78 -24.77
CA SER H 187 3.66 -13.02 -23.39
C SER H 187 4.92 -13.38 -22.62
N GLY H 188 4.81 -13.37 -21.29
CA GLY H 188 5.97 -13.70 -20.47
C GLY H 188 6.50 -15.09 -20.72
N ASP H 189 5.60 -16.04 -21.02
CA ASP H 189 6.04 -17.38 -21.36
C ASP H 189 6.66 -17.42 -22.75
N ASN H 190 6.08 -16.70 -23.71
CA ASN H 190 6.55 -16.77 -25.08
C ASN H 190 7.94 -16.15 -25.22
N LEU H 191 8.23 -15.10 -24.46
CA LEU H 191 9.55 -14.48 -24.53
C LEU H 191 10.62 -15.41 -24.00
N TYR H 192 10.34 -16.06 -22.86
CA TYR H 192 11.26 -17.07 -22.37
C TYR H 192 11.43 -18.19 -23.38
N GLN H 193 10.33 -18.60 -24.01
CA GLN H 193 10.41 -19.64 -25.01
C GLN H 193 11.30 -19.23 -26.17
N ALA H 194 11.18 -17.98 -26.63
CA ALA H 194 11.99 -17.53 -27.75
C ALA H 194 13.47 -17.50 -27.39
N ILE H 195 13.81 -16.92 -26.23
CA ILE H 195 15.22 -16.83 -25.86
C ILE H 195 15.81 -18.23 -25.65
N ALA H 196 15.08 -19.09 -24.94
CA ALA H 196 15.60 -20.44 -24.69
C ALA H 196 15.64 -21.26 -25.97
N ASP H 197 14.71 -21.03 -26.90
CA ASP H 197 14.77 -21.67 -28.20
C ASP H 197 16.02 -21.25 -28.94
N LEU H 198 16.37 -19.96 -28.88
CA LEU H 198 17.59 -19.50 -29.51
C LEU H 198 18.81 -20.20 -28.92
N ILE H 199 18.88 -20.25 -27.59
CA ILE H 199 20.05 -20.83 -26.94
C ILE H 199 20.15 -22.32 -27.25
N THR H 200 19.04 -23.03 -27.24
CA THR H 200 19.09 -24.46 -27.50
C THR H 200 19.29 -24.77 -28.98
N ASP H 201 18.84 -23.89 -29.87
CA ASP H 201 19.17 -24.06 -31.28
C ASP H 201 20.66 -23.87 -31.51
N GLN H 202 21.28 -22.91 -30.82
CA GLN H 202 22.73 -22.81 -30.90
C GLN H 202 23.38 -24.07 -30.36
N TRP H 203 22.86 -24.59 -29.25
CA TRP H 203 23.42 -25.82 -28.69
C TRP H 203 23.32 -26.97 -29.68
N ALA H 204 22.19 -27.06 -30.39
CA ALA H 204 22.03 -28.10 -31.40
C ALA H 204 23.01 -27.90 -32.54
N GLY H 205 23.24 -26.65 -32.94
CA GLY H 205 24.13 -26.38 -34.07
C GLY H 205 25.54 -26.89 -33.86
N VAL H 206 26.02 -26.90 -32.61
CA VAL H 206 27.33 -27.44 -32.30
C VAL H 206 27.24 -28.87 -31.81
N PHE H 207 26.10 -29.53 -32.01
CA PHE H 207 25.94 -30.94 -31.64
C PHE H 207 26.23 -31.15 -30.15
N ASN H 208 25.90 -30.15 -29.35
CA ASN H 208 25.90 -30.26 -27.89
C ASN H 208 27.30 -30.58 -27.38
N VAL H 209 28.31 -29.95 -27.97
CA VAL H 209 29.69 -30.10 -27.51
C VAL H 209 29.96 -29.08 -26.42
N GLU H 210 30.54 -29.54 -25.31
CA GLU H 210 30.65 -28.73 -24.10
C GLU H 210 31.50 -27.48 -24.30
N THR H 211 32.31 -27.42 -25.35
CA THR H 211 33.18 -26.27 -25.56
C THR H 211 32.61 -25.26 -26.56
N TYR H 212 31.60 -25.62 -27.34
CA TYR H 212 31.07 -24.71 -28.34
C TYR H 212 29.63 -24.32 -28.10
N LYS H 213 29.03 -24.77 -26.99
CA LYS H 213 27.66 -24.37 -26.68
C LYS H 213 27.60 -22.88 -26.39
N ALA H 214 26.44 -22.28 -26.66
CA ALA H 214 26.25 -20.85 -26.42
C ALA H 214 26.55 -20.53 -24.96
N ASP H 215 27.65 -19.84 -24.73
CA ASP H 215 28.06 -19.50 -23.38
C ASP H 215 27.38 -18.21 -22.92
N ARG H 216 27.05 -17.32 -23.85
CA ARG H 216 26.52 -16.01 -23.52
C ARG H 216 25.50 -15.60 -24.58
N VAL H 217 24.68 -14.60 -24.23
CA VAL H 217 23.65 -14.07 -25.10
C VAL H 217 23.70 -12.56 -25.04
N VAL H 218 23.60 -11.91 -26.20
CA VAL H 218 23.47 -10.46 -26.28
C VAL H 218 22.18 -10.14 -27.02
N MET H 219 21.35 -9.30 -26.42
CA MET H 219 20.10 -8.87 -27.02
C MET H 219 20.03 -7.36 -26.98
N PRO H 220 19.22 -6.74 -27.83
CA PRO H 220 19.10 -5.28 -27.79
C PRO H 220 18.62 -4.83 -26.43
N ASP H 221 19.07 -3.64 -26.03
CA ASP H 221 18.77 -3.15 -24.69
C ASP H 221 17.26 -3.09 -24.43
N THR H 222 16.47 -2.82 -25.46
CA THR H 222 15.02 -2.87 -25.28
C THR H 222 14.59 -4.28 -24.94
N VAL H 223 15.08 -5.28 -25.67
CA VAL H 223 14.69 -6.65 -25.41
C VAL H 223 15.22 -7.12 -24.06
N TYR H 224 16.45 -6.74 -23.72
CA TYR H 224 17.01 -7.15 -22.44
C TYR H 224 16.21 -6.54 -21.29
N ASN H 225 15.81 -5.28 -21.43
CA ASN H 225 15.02 -4.64 -20.39
C ASN H 225 13.65 -5.30 -20.27
N ILE H 226 13.01 -5.61 -21.39
CA ILE H 226 11.72 -6.31 -21.34
C ILE H 226 11.88 -7.67 -20.69
N CYS H 227 12.99 -8.36 -20.99
CA CYS H 227 13.25 -9.64 -20.35
C CYS H 227 13.42 -9.48 -18.84
N ALA H 228 14.12 -8.42 -18.42
CA ALA H 228 14.40 -8.24 -17.01
C ALA H 228 13.25 -7.58 -16.25
N LYS H 229 12.19 -7.15 -16.94
CA LYS H 229 11.03 -6.60 -16.24
C LYS H 229 9.78 -7.42 -16.42
N LYS H 230 9.60 -8.08 -17.57
CA LYS H 230 8.40 -8.85 -17.81
C LYS H 230 8.42 -10.08 -16.90
N ILE H 231 7.52 -10.09 -15.92
CA ILE H 231 7.37 -11.24 -15.05
C ILE H 231 6.94 -12.45 -15.86
N LEU H 232 7.56 -13.60 -15.56
CA LEU H 232 7.33 -14.81 -16.33
C LEU H 232 5.86 -15.17 -16.36
N ASN H 233 5.24 -15.25 -15.19
CA ASN H 233 3.81 -15.48 -15.07
C ASN H 233 3.42 -15.07 -13.67
N SER H 234 2.54 -14.08 -13.56
CA SER H 234 2.17 -13.56 -12.25
C SER H 234 1.52 -14.63 -11.38
N ASN H 235 0.95 -15.68 -11.98
CA ASN H 235 0.33 -16.73 -11.20
C ASN H 235 1.36 -17.59 -10.48
N GLY H 236 2.60 -17.60 -10.95
CA GLY H 236 3.60 -18.42 -10.31
C GLY H 236 4.43 -17.64 -9.31
N SER H 237 4.95 -16.50 -9.73
CA SER H 237 5.81 -15.66 -8.90
C SER H 237 6.01 -14.34 -9.63
N GLU H 238 6.71 -13.42 -8.97
CA GLU H 238 7.14 -12.18 -9.61
C GLU H 238 8.40 -12.37 -10.44
N MET H 239 9.01 -13.56 -10.39
CA MET H 239 10.24 -13.83 -11.12
C MET H 239 10.07 -13.50 -12.59
N SER H 240 11.02 -12.73 -13.12
CA SER H 240 10.91 -12.19 -14.46
C SER H 240 11.44 -13.18 -15.48
N VAL H 241 11.22 -12.86 -16.75
CA VAL H 241 11.72 -13.71 -17.83
C VAL H 241 13.22 -13.89 -17.70
N LEU H 242 13.93 -12.79 -17.44
CA LEU H 242 15.38 -12.88 -17.29
C LEU H 242 15.78 -13.72 -16.10
N ARG H 243 15.05 -13.59 -14.97
CA ARG H 243 15.38 -14.38 -13.81
C ARG H 243 15.16 -15.87 -14.08
N ALA H 244 14.08 -16.19 -14.77
CA ALA H 244 13.83 -17.58 -15.14
C ALA H 244 14.93 -18.12 -16.03
N LEU H 245 15.38 -17.30 -16.99
CA LEU H 245 16.49 -17.73 -17.85
C LEU H 245 17.76 -17.95 -17.05
N MET H 246 18.09 -17.02 -16.15
CA MET H 246 19.28 -17.17 -15.34
C MET H 246 19.22 -18.40 -14.44
N THR H 247 18.01 -18.78 -14.02
CA THR H 247 17.88 -19.99 -13.21
C THR H 247 17.98 -21.26 -14.05
N ASN H 248 17.39 -21.25 -15.24
CA ASN H 248 17.38 -22.45 -16.07
C ASN H 248 18.59 -22.57 -16.97
N PHE H 249 19.44 -21.55 -17.04
CA PHE H 249 20.67 -21.59 -17.82
C PHE H 249 21.81 -21.16 -16.92
N PRO H 250 22.15 -21.99 -15.93
CA PRO H 250 23.18 -21.57 -14.96
C PRO H 250 24.53 -21.29 -15.58
N THR H 251 24.73 -21.63 -16.85
CA THR H 251 25.99 -21.38 -17.53
C THR H 251 25.94 -20.21 -18.49
N VAL H 252 24.74 -19.77 -18.89
CA VAL H 252 24.60 -18.69 -19.85
C VAL H 252 24.54 -17.37 -19.11
N THR H 253 25.40 -16.44 -19.50
CA THR H 253 25.37 -15.07 -18.97
C THR H 253 24.70 -14.19 -20.00
N PHE H 254 23.66 -13.47 -19.58
CA PHE H 254 22.84 -12.70 -20.50
C PHE H 254 23.30 -11.24 -20.47
N GLY H 255 23.89 -10.79 -21.58
CA GLY H 255 24.31 -9.42 -21.72
C GLY H 255 23.36 -8.63 -22.61
N LEU H 256 23.74 -7.39 -22.86
CA LEU H 256 22.94 -6.52 -23.70
C LEU H 256 23.84 -5.56 -24.46
N THR H 257 23.32 -5.07 -25.58
CA THR H 257 24.02 -4.05 -26.35
C THR H 257 22.98 -3.21 -27.07
N THR H 258 23.38 -2.00 -27.44
CA THR H 258 22.51 -1.11 -28.17
C THR H 258 22.62 -1.31 -29.67
N LYS H 259 23.80 -1.70 -30.17
CA LYS H 259 24.00 -1.89 -31.60
C LYS H 259 23.17 -3.02 -32.17
N ALA H 260 22.60 -3.87 -31.32
CA ALA H 260 21.71 -4.94 -31.76
C ALA H 260 20.29 -4.44 -32.01
N ARG H 261 20.05 -3.14 -31.85
CA ARG H 261 18.70 -2.62 -31.96
C ARG H 261 18.17 -2.72 -33.38
N ASP H 262 19.02 -2.50 -34.38
CA ASP H 262 18.55 -2.43 -35.75
C ASP H 262 19.47 -3.06 -36.80
N VAL H 263 20.39 -3.94 -36.41
CA VAL H 263 21.26 -4.57 -37.40
C VAL H 263 20.43 -5.29 -38.45
N GLY H 264 20.65 -4.93 -39.70
CA GLY H 264 19.87 -5.52 -40.78
C GLY H 264 18.47 -5.01 -40.90
N GLY H 265 18.15 -3.87 -40.30
CA GLY H 265 16.81 -3.32 -40.37
C GLY H 265 15.79 -3.98 -39.47
N THR H 266 16.23 -4.86 -38.58
CA THR H 266 15.32 -5.58 -37.70
C THR H 266 16.11 -6.04 -36.48
N SER H 267 15.54 -5.82 -35.31
CA SER H 267 16.24 -6.13 -34.05
C SER H 267 16.73 -7.57 -34.04
N ARG H 268 17.91 -7.77 -33.46
CA ARG H 268 18.57 -9.07 -33.51
C ARG H 268 19.21 -9.44 -32.20
N THR H 269 18.87 -10.64 -31.70
CA THR H 269 19.52 -11.27 -30.57
C THR H 269 20.53 -12.28 -31.06
N THR H 270 21.57 -12.51 -30.27
CA THR H 270 22.64 -13.42 -30.67
C THR H 270 23.09 -14.26 -29.48
N ALA H 271 23.05 -15.57 -29.64
CA ALA H 271 23.63 -16.48 -28.66
C ALA H 271 24.96 -16.96 -29.21
N TYR H 272 26.03 -16.77 -28.44
CA TYR H 272 27.37 -17.09 -28.89
C TYR H 272 28.13 -17.80 -27.80
N SER H 273 29.30 -18.32 -28.15
CA SER H 273 30.16 -19.04 -27.22
C SER H 273 31.39 -18.18 -26.92
N SER H 274 31.75 -18.09 -25.64
CA SER H 274 32.88 -17.29 -25.22
C SER H 274 34.13 -18.13 -25.00
N ASN H 275 34.12 -19.39 -25.43
CA ASN H 275 35.29 -20.23 -25.29
C ASN H 275 36.38 -19.77 -26.24
N ARG H 276 37.61 -19.73 -25.75
CA ARG H 276 38.73 -19.24 -26.55
C ARG H 276 38.98 -20.11 -27.77
N ARG H 277 38.55 -21.36 -27.75
CA ARG H 277 38.63 -22.21 -28.93
C ARG H 277 37.48 -21.96 -29.90
N ALA H 278 36.59 -21.01 -29.59
CA ALA H 278 35.44 -20.74 -30.43
C ALA H 278 35.25 -19.28 -30.78
N MET H 279 35.85 -18.35 -30.04
CA MET H 279 35.67 -16.93 -30.29
C MET H 279 36.75 -16.16 -29.54
N GLN H 280 37.49 -15.33 -30.25
CA GLN H 280 38.52 -14.52 -29.63
C GLN H 280 38.44 -13.10 -30.18
N MET H 281 38.82 -12.15 -29.34
CA MET H 281 38.98 -10.76 -29.76
C MET H 281 40.46 -10.48 -29.91
N ARG H 282 40.85 -9.97 -31.08
CA ARG H 282 42.25 -9.75 -31.41
C ARG H 282 42.52 -8.26 -31.45
N ILE H 283 43.28 -7.78 -30.47
CA ILE H 283 43.69 -6.37 -30.45
C ILE H 283 45.21 -6.42 -30.43
N PRO H 284 45.86 -6.50 -31.59
CA PRO H 284 47.32 -6.59 -31.60
C PRO H 284 47.97 -5.31 -31.13
N THR H 285 47.57 -4.19 -31.71
CA THR H 285 48.12 -2.89 -31.38
C THR H 285 47.08 -2.06 -30.65
N PRO H 286 47.33 -1.67 -29.40
CA PRO H 286 46.40 -0.77 -28.70
C PRO H 286 46.39 0.61 -29.32
N LEU H 287 45.67 1.56 -28.73
CA LEU H 287 45.70 2.91 -29.26
C LEU H 287 47.05 3.54 -28.99
N ASN H 288 47.76 3.86 -30.06
CA ASN H 288 49.06 4.49 -29.99
C ASN H 288 48.89 5.90 -30.56
N VAL H 289 49.02 6.90 -29.70
CA VAL H 289 48.81 8.29 -30.10
C VAL H 289 50.16 8.97 -30.24
N SER H 290 50.32 9.73 -31.32
CA SER H 290 51.61 10.32 -31.64
C SER H 290 51.88 11.54 -30.76
N SER H 291 53.09 12.05 -30.87
CA SER H 291 53.43 13.30 -30.22
C SER H 291 52.99 14.47 -31.09
N VAL H 292 52.56 15.54 -30.43
CA VAL H 292 51.93 16.65 -31.14
C VAL H 292 52.96 17.36 -32.02
N ASP H 293 52.76 17.29 -33.32
CA ASP H 293 53.65 17.94 -34.26
C ASP H 293 53.16 19.36 -34.51
N GLN H 294 54.00 20.34 -34.23
CA GLN H 294 53.66 21.74 -34.39
C GLN H 294 54.39 22.30 -35.58
N ARG H 295 53.67 22.94 -36.48
CA ARG H 295 54.26 23.73 -37.56
C ARG H 295 53.75 25.15 -37.42
N GLY H 296 54.64 26.07 -37.13
CA GLY H 296 54.22 27.42 -36.82
C GLY H 296 53.30 27.39 -35.62
N PHE H 297 52.07 27.85 -35.81
CA PHE H 297 51.09 27.87 -34.75
C PHE H 297 50.03 26.79 -34.91
N LYS H 298 50.20 25.88 -35.86
CA LYS H 298 49.22 24.83 -36.11
C LYS H 298 49.74 23.51 -35.56
N TYR H 299 48.99 22.95 -34.62
CA TYR H 299 49.34 21.69 -33.98
C TYR H 299 48.52 20.57 -34.61
N TYR H 300 49.13 19.38 -34.68
CA TYR H 300 48.52 18.25 -35.35
C TYR H 300 48.95 16.98 -34.63
N VAL H 301 47.98 16.17 -34.21
CA VAL H 301 48.28 14.91 -33.55
C VAL H 301 47.54 13.81 -34.29
N GLU H 302 48.13 12.62 -34.29
CA GLU H 302 47.60 11.47 -35.00
C GLU H 302 47.64 10.28 -34.07
N SER H 303 46.77 9.31 -34.32
CA SER H 303 46.74 8.11 -33.50
C SER H 303 46.28 6.94 -34.34
N TYR H 304 47.05 5.86 -34.30
CA TYR H 304 46.73 4.63 -35.00
C TYR H 304 46.61 3.49 -34.00
N PHE H 305 45.67 2.60 -34.24
CA PHE H 305 45.62 1.32 -33.55
C PHE H 305 45.36 0.24 -34.57
N GLY H 306 46.18 -0.82 -34.52
CA GLY H 306 46.00 -1.97 -35.37
C GLY H 306 45.22 -3.02 -34.61
N VAL H 307 44.09 -3.42 -35.17
CA VAL H 307 43.17 -4.33 -34.51
C VAL H 307 42.57 -5.25 -35.56
N ALA H 308 42.54 -6.54 -35.27
CA ALA H 308 41.76 -7.49 -36.05
C ALA H 308 40.36 -7.54 -35.48
N GLY H 309 39.41 -7.89 -36.34
CA GLY H 309 38.03 -7.95 -35.89
C GLY H 309 37.84 -9.08 -34.89
N LEU H 310 36.58 -9.45 -34.71
CA LEU H 310 36.28 -10.61 -33.89
C LEU H 310 36.72 -11.87 -34.62
N ASP H 311 37.48 -12.71 -33.93
CA ASP H 311 37.94 -13.98 -34.50
C ASP H 311 36.90 -15.04 -34.19
N VAL H 312 36.00 -15.28 -35.14
CA VAL H 312 35.02 -16.35 -35.04
C VAL H 312 35.68 -17.59 -35.63
N ILE H 313 36.25 -18.42 -34.77
CA ILE H 313 37.05 -19.55 -35.22
C ILE H 313 36.16 -20.59 -35.90
N GLU H 314 35.06 -20.96 -35.25
CA GLU H 314 34.11 -21.92 -35.79
C GLU H 314 32.80 -21.23 -36.12
N ASP H 315 32.30 -21.49 -37.32
CA ASP H 315 31.15 -20.75 -37.85
C ASP H 315 29.87 -21.01 -37.07
N THR H 316 29.80 -22.11 -36.31
CA THR H 316 28.57 -22.47 -35.62
C THR H 316 28.60 -22.11 -34.14
N ALA H 317 29.52 -21.27 -33.72
CA ALA H 317 29.60 -20.87 -32.32
C ALA H 317 28.64 -19.76 -31.97
N GLY H 318 27.61 -19.53 -32.77
CA GLY H 318 26.57 -18.58 -32.43
C GLY H 318 25.45 -18.65 -33.43
N ARG H 319 24.34 -18.02 -33.08
CA ARG H 319 23.22 -17.89 -33.99
C ARG H 319 22.33 -16.75 -33.56
N HIS H 320 21.45 -16.34 -34.48
CA HIS H 320 20.70 -15.10 -34.37
C HIS H 320 19.21 -15.34 -34.32
N LEU H 321 18.53 -14.48 -33.58
CA LEU H 321 17.07 -14.40 -33.53
C LEU H 321 16.71 -13.01 -34.05
N THR H 322 16.18 -12.95 -35.26
CA THR H 322 16.01 -11.71 -36.00
C THR H 322 14.56 -11.26 -35.91
N GLY H 323 14.30 -10.29 -35.05
CA GLY H 323 12.96 -9.73 -34.95
C GLY H 323 12.37 -9.79 -33.56
N LEU H 324 13.21 -9.85 -32.55
CA LEU H 324 12.73 -9.88 -31.18
C LEU H 324 12.60 -8.47 -30.62
N GLU I 31 61.12 -3.18 -56.43
CA GLU I 31 60.43 -4.45 -56.58
C GLU I 31 60.06 -5.04 -55.22
N GLY I 32 58.87 -4.70 -54.74
CA GLY I 32 58.37 -5.27 -53.51
C GLY I 32 59.04 -4.69 -52.28
N GLY I 33 58.60 -5.18 -51.12
CA GLY I 33 59.04 -4.67 -49.85
C GLY I 33 60.35 -5.29 -49.39
N ILE I 34 60.70 -5.00 -48.15
CA ILE I 34 61.94 -5.48 -47.55
C ILE I 34 61.70 -6.59 -46.54
N ILE I 35 60.45 -6.83 -46.16
CA ILE I 35 60.13 -7.76 -45.08
C ILE I 35 59.81 -9.13 -45.69
N LEU I 36 60.39 -10.17 -45.10
CA LEU I 36 60.16 -11.53 -45.57
C LEU I 36 58.74 -11.95 -45.21
N ALA I 37 58.03 -12.53 -46.19
CA ALA I 37 56.63 -12.86 -45.99
C ALA I 37 56.43 -13.81 -44.83
N ARG I 38 57.41 -14.67 -44.55
CA ARG I 38 57.31 -15.63 -43.46
C ARG I 38 57.19 -14.96 -42.10
N ASN I 39 57.63 -13.71 -41.98
CA ASN I 39 57.58 -13.01 -40.70
C ASN I 39 56.34 -12.13 -40.55
N LEU I 40 55.65 -11.81 -41.65
CA LEU I 40 54.46 -10.98 -41.54
C LEU I 40 53.30 -11.76 -40.94
N GLU I 41 53.19 -13.03 -41.26
CA GLU I 41 52.04 -13.84 -40.88
C GLU I 41 52.38 -14.58 -39.58
N HIS I 42 51.79 -14.15 -38.48
CA HIS I 42 52.02 -14.76 -37.18
C HIS I 42 51.29 -16.09 -37.08
N VAL I 43 51.86 -17.00 -36.29
CA VAL I 43 51.27 -18.31 -36.06
C VAL I 43 50.87 -18.41 -34.59
N SER I 44 49.61 -18.76 -34.35
CA SER I 44 49.06 -18.78 -33.01
C SER I 44 49.40 -20.09 -32.31
N SER I 45 49.93 -19.99 -31.10
CA SER I 45 50.30 -21.16 -30.31
C SER I 45 49.13 -21.66 -29.46
N GLU I 46 47.99 -21.89 -30.11
CA GLU I 46 46.78 -22.38 -29.46
C GLU I 46 46.45 -23.73 -30.05
N ILE I 47 46.36 -24.75 -29.19
CA ILE I 47 46.13 -26.11 -29.66
C ILE I 47 44.65 -26.27 -29.97
N PHE I 48 44.30 -26.24 -31.25
CA PHE I 48 42.94 -26.47 -31.69
C PHE I 48 42.80 -27.92 -32.12
N THR I 49 41.79 -28.59 -31.59
CA THR I 49 41.47 -29.97 -31.97
C THR I 49 40.09 -29.99 -32.60
N GLN I 50 39.98 -30.65 -33.74
CA GLN I 50 38.67 -30.85 -34.35
C GLN I 50 37.77 -31.63 -33.39
N GLU I 51 36.56 -31.15 -33.21
CA GLU I 51 35.64 -31.68 -32.21
C GLU I 51 34.46 -32.34 -32.90
N PHE I 52 34.16 -33.57 -32.48
CA PHE I 52 33.02 -34.31 -32.98
C PHE I 52 31.99 -34.47 -31.89
N ALA I 53 30.79 -34.89 -32.29
CA ALA I 53 29.72 -35.10 -31.33
C ALA I 53 30.13 -36.10 -30.26
N GLY I 54 29.54 -35.97 -29.08
CA GLY I 54 29.95 -36.78 -27.96
C GLY I 54 29.59 -38.24 -28.15
N LEU I 55 30.35 -39.09 -27.48
CA LEU I 55 30.13 -40.53 -27.47
C LEU I 55 29.52 -40.90 -26.13
N THR I 56 28.24 -41.26 -26.14
CA THR I 56 27.48 -41.44 -24.91
C THR I 56 27.05 -42.88 -24.67
N PHE I 57 27.43 -43.81 -25.55
CA PHE I 57 26.96 -45.18 -25.39
C PHE I 57 27.60 -45.87 -24.21
N LEU I 58 28.92 -45.78 -24.07
CA LEU I 58 29.59 -46.46 -22.98
C LEU I 58 29.24 -45.89 -21.61
N GLN I 59 28.58 -44.74 -21.56
CA GLN I 59 27.89 -44.28 -20.36
C GLN I 59 26.41 -44.59 -20.38
N GLY I 60 25.91 -45.21 -21.45
CA GLY I 60 24.50 -45.39 -21.68
C GLY I 60 23.83 -46.52 -20.94
N GLY I 61 24.55 -47.18 -20.03
CA GLY I 61 23.97 -48.19 -19.18
C GLY I 61 24.02 -49.61 -19.73
N ILE I 62 24.17 -49.76 -21.04
CA ILE I 62 24.23 -51.09 -21.63
C ILE I 62 25.51 -51.77 -21.17
N VAL I 63 25.37 -52.93 -20.53
CA VAL I 63 26.55 -53.67 -20.11
C VAL I 63 27.25 -54.20 -21.36
N VAL I 64 28.57 -54.15 -21.36
CA VAL I 64 29.38 -54.65 -22.46
C VAL I 64 29.77 -56.08 -22.15
N ASN I 65 29.61 -56.96 -23.13
CA ASN I 65 29.84 -58.39 -22.96
C ASN I 65 30.93 -58.80 -23.94
N ASN I 66 32.09 -59.16 -23.42
CA ASN I 66 33.18 -59.71 -24.22
C ASN I 66 33.38 -61.15 -23.79
N GLU I 67 32.57 -62.04 -24.35
CA GLU I 67 32.57 -63.45 -23.97
C GLU I 67 32.42 -64.33 -25.21
N GLY I 68 33.05 -63.94 -26.30
CA GLY I 68 32.86 -64.68 -27.53
C GLY I 68 34.10 -65.26 -28.17
N GLY I 69 35.27 -64.72 -27.82
CA GLY I 69 36.43 -65.09 -28.59
C GLY I 69 36.29 -64.63 -30.02
N TYR I 70 36.96 -65.34 -30.92
CA TYR I 70 36.86 -65.03 -32.34
C TYR I 70 35.74 -65.77 -33.02
N ALA I 71 34.78 -66.28 -32.25
CA ALA I 71 33.64 -66.97 -32.82
C ALA I 71 32.81 -66.02 -33.66
N THR I 72 32.20 -66.56 -34.72
CA THR I 72 31.46 -65.74 -35.66
C THR I 72 29.99 -65.58 -35.30
N SER I 73 29.57 -66.10 -34.15
CA SER I 73 28.18 -65.98 -33.73
C SER I 73 28.10 -66.31 -32.25
N VAL I 74 27.24 -65.60 -31.53
CA VAL I 74 27.04 -65.84 -30.11
C VAL I 74 25.59 -66.24 -29.87
N THR I 75 25.40 -67.37 -29.18
CA THR I 75 24.10 -67.99 -29.05
C THR I 75 23.66 -68.01 -27.59
N LYS I 76 22.38 -67.72 -27.36
CA LYS I 76 21.74 -67.77 -26.06
C LYS I 76 20.52 -68.67 -26.12
N LEU I 77 20.14 -69.22 -24.97
CA LEU I 77 18.95 -70.06 -24.87
C LEU I 77 18.20 -69.72 -23.59
N LYS I 78 16.87 -69.85 -23.66
CA LYS I 78 15.97 -69.62 -22.54
C LYS I 78 15.09 -70.84 -22.34
N LEU I 79 14.87 -71.20 -21.08
CA LEU I 79 14.04 -72.34 -20.69
C LEU I 79 12.87 -71.85 -19.86
N LYS I 80 11.66 -72.16 -20.29
CA LYS I 80 10.46 -71.70 -19.61
C LYS I 80 9.49 -72.86 -19.40
N ALA I 81 8.89 -72.92 -18.22
CA ALA I 81 7.87 -73.93 -17.95
C ALA I 81 6.61 -73.62 -18.74
N GLU I 82 5.74 -74.63 -18.83
CA GLU I 82 4.48 -74.51 -19.55
C GLU I 82 3.47 -75.44 -18.89
N GLY I 83 2.20 -75.13 -19.10
CA GLY I 83 1.13 -75.95 -18.57
C GLY I 83 0.29 -75.25 -17.54
N GLY I 84 -0.09 -75.96 -16.49
CA GLY I 84 -0.89 -75.41 -15.42
C GLY I 84 -1.78 -76.47 -14.83
N PHE I 85 -2.16 -76.25 -13.56
CA PHE I 85 -2.99 -77.19 -12.85
C PHE I 85 -4.41 -77.18 -13.40
N ARG I 86 -5.19 -78.17 -12.98
CA ARG I 86 -6.57 -78.30 -13.41
C ARG I 86 -7.44 -78.67 -12.22
N GLU I 87 -8.73 -78.33 -12.33
CA GLU I 87 -9.71 -78.68 -11.31
C GLU I 87 -9.81 -80.19 -11.19
N SER I 88 -9.34 -80.74 -10.08
CA SER I 88 -9.28 -82.18 -9.91
C SER I 88 -10.54 -82.69 -9.23
N GLY I 89 -10.51 -83.95 -8.83
CA GLY I 89 -11.61 -84.57 -8.10
C GLY I 89 -11.09 -85.48 -7.02
N ASN I 90 -11.97 -86.25 -6.39
CA ASN I 90 -11.53 -87.16 -5.34
C ASN I 90 -10.65 -88.27 -5.89
N ASP I 91 -11.03 -88.86 -7.02
CA ASP I 91 -10.30 -90.00 -7.56
C ASP I 91 -10.18 -89.95 -9.07
N THR I 92 -10.15 -88.76 -9.65
CA THR I 92 -10.14 -88.66 -11.10
C THR I 92 -8.72 -88.55 -11.64
N ASN I 93 -8.61 -88.61 -12.97
CA ASN I 93 -7.33 -88.57 -13.65
C ASN I 93 -7.03 -87.14 -14.10
N THR I 94 -5.84 -86.67 -13.75
CA THR I 94 -5.48 -85.27 -14.00
C THR I 94 -5.45 -84.98 -15.50
N THR I 95 -5.87 -83.76 -15.85
CA THR I 95 -5.73 -83.26 -17.20
C THR I 95 -4.65 -82.18 -17.30
N GLY I 96 -4.29 -81.56 -16.18
CA GLY I 96 -3.24 -80.56 -16.18
C GLY I 96 -1.85 -81.17 -16.21
N LYS I 97 -1.13 -80.91 -17.28
CA LYS I 97 0.24 -81.39 -17.45
C LYS I 97 1.19 -80.20 -17.42
N ILE I 98 2.35 -80.39 -16.81
CA ILE I 98 3.36 -79.35 -16.68
C ILE I 98 4.62 -79.82 -17.38
N THR I 99 5.07 -79.08 -18.38
CA THR I 99 6.25 -79.48 -19.14
C THR I 99 6.97 -78.23 -19.61
N LEU I 100 8.29 -78.32 -19.71
CA LEU I 100 9.07 -77.14 -20.03
C LEU I 100 9.40 -77.09 -21.52
N SER I 101 9.85 -75.93 -21.96
CA SER I 101 10.19 -75.69 -23.35
C SER I 101 11.37 -74.74 -23.38
N GLY I 102 11.90 -74.53 -24.59
CA GLY I 102 13.05 -73.66 -24.73
C GLY I 102 13.02 -72.89 -26.03
N GLU I 103 13.87 -71.88 -26.11
CA GLU I 103 14.08 -71.12 -27.32
C GLU I 103 15.51 -70.61 -27.35
N SER I 104 15.95 -70.19 -28.54
CA SER I 104 17.34 -69.79 -28.71
C SER I 104 17.44 -68.61 -29.66
N ASP I 105 18.45 -67.79 -29.43
CA ASP I 105 18.84 -66.73 -30.35
C ASP I 105 20.32 -66.85 -30.67
N SER I 106 20.69 -66.29 -31.83
CA SER I 106 22.09 -66.15 -32.19
C SER I 106 22.27 -64.76 -32.79
N ILE I 107 23.29 -64.05 -32.33
CA ILE I 107 23.69 -62.76 -32.88
C ILE I 107 24.95 -62.98 -33.71
N PRO I 108 24.94 -62.60 -34.99
CA PRO I 108 26.13 -62.80 -35.83
C PRO I 108 27.18 -61.72 -35.59
N VAL I 109 28.40 -62.15 -35.28
CA VAL I 109 29.52 -61.24 -35.17
C VAL I 109 30.01 -60.88 -36.57
N PHE I 110 30.68 -59.74 -36.66
CA PHE I 110 31.40 -59.36 -37.88
C PHE I 110 32.65 -58.60 -37.47
N THR I 111 33.43 -58.21 -38.47
CA THR I 111 34.70 -57.55 -38.23
C THR I 111 34.81 -56.29 -39.07
N LEU I 112 35.53 -55.32 -38.52
CA LEU I 112 35.83 -54.06 -39.20
C LEU I 112 37.34 -53.88 -39.16
N GLU I 113 37.89 -53.24 -40.19
CA GLU I 113 39.34 -53.19 -40.31
C GLU I 113 39.75 -51.96 -41.10
N GLY I 114 40.87 -51.35 -40.68
CA GLY I 114 41.35 -50.14 -41.31
C GLY I 114 42.85 -50.14 -41.39
N GLU I 115 43.37 -49.20 -42.18
CA GLU I 115 44.79 -49.15 -42.51
C GLU I 115 45.30 -47.72 -42.43
N SER I 116 46.60 -47.59 -42.18
CA SER I 116 47.25 -46.28 -42.17
C SER I 116 48.70 -46.47 -42.60
N ASP I 117 49.10 -45.77 -43.66
CA ASP I 117 50.43 -45.93 -44.22
C ASP I 117 51.08 -44.56 -44.37
N TRP I 118 52.39 -44.51 -44.18
CA TRP I 118 53.14 -43.26 -44.27
C TRP I 118 54.57 -43.55 -44.66
N SER I 119 55.19 -42.63 -45.38
CA SER I 119 56.58 -42.80 -45.77
C SER I 119 57.51 -42.16 -44.75
N GLU I 120 58.80 -42.48 -44.86
CA GLU I 120 59.78 -41.92 -43.94
C GLU I 120 59.97 -40.44 -44.17
N ILE I 121 59.85 -39.98 -45.43
CA ILE I 121 59.89 -38.56 -45.70
C ILE I 121 58.75 -37.86 -44.99
N GLU I 122 57.53 -38.38 -45.12
CA GLU I 122 56.40 -37.76 -44.44
C GLU I 122 56.54 -37.85 -42.94
N LEU I 123 57.06 -38.98 -42.44
CA LEU I 123 57.31 -39.10 -41.01
C LEU I 123 58.26 -38.00 -40.53
N LYS I 124 59.23 -37.63 -41.35
CA LYS I 124 60.23 -36.66 -40.92
C LYS I 124 59.77 -35.22 -41.13
N GLN I 125 58.96 -34.95 -42.15
CA GLN I 125 58.38 -33.62 -42.29
C GLN I 125 57.25 -33.38 -41.29
N ALA I 126 56.66 -34.44 -40.75
CA ALA I 126 55.61 -34.26 -39.76
C ALA I 126 56.15 -33.53 -38.54
N GLU I 127 57.37 -33.84 -38.13
CA GLU I 127 57.95 -33.18 -36.97
C GLU I 127 58.53 -31.82 -37.29
N LEU I 128 58.34 -31.32 -38.51
CA LEU I 128 58.52 -29.89 -38.75
C LEU I 128 57.42 -29.10 -38.06
N GLN I 129 56.27 -29.74 -37.82
CA GLN I 129 55.18 -29.18 -37.05
C GLN I 129 55.14 -29.70 -35.63
N ASN I 130 56.16 -30.44 -35.22
CA ASN I 130 56.17 -31.16 -33.94
C ASN I 130 54.97 -32.08 -33.84
N VAL I 131 54.76 -32.87 -34.89
CA VAL I 131 53.64 -33.80 -35.00
C VAL I 131 54.20 -35.20 -35.18
N ASN I 132 53.81 -36.12 -34.31
CA ASN I 132 54.27 -37.51 -34.38
C ASN I 132 53.28 -38.28 -35.23
N LEU I 133 53.62 -38.44 -36.51
CA LEU I 133 52.69 -39.08 -37.44
C LEU I 133 52.30 -40.50 -37.03
N PRO I 134 53.22 -41.38 -36.61
CA PRO I 134 52.77 -42.68 -36.10
C PRO I 134 51.85 -42.57 -34.89
N SER I 135 52.20 -41.75 -33.90
CA SER I 135 51.37 -41.64 -32.71
C SER I 135 50.01 -41.04 -33.04
N ARG I 136 49.98 -40.05 -33.94
CA ARG I 136 48.70 -39.48 -34.34
C ARG I 136 47.86 -40.50 -35.10
N TYR I 137 48.48 -41.37 -35.89
CA TYR I 137 47.73 -42.42 -36.57
C TYR I 137 47.17 -43.43 -35.57
N PHE I 138 47.95 -43.81 -34.56
CA PHE I 138 47.44 -44.71 -33.53
C PHE I 138 46.28 -44.07 -32.77
N GLU I 139 46.42 -42.79 -32.43
CA GLU I 139 45.34 -42.10 -31.75
C GLU I 139 44.11 -42.03 -32.63
N ALA I 140 44.30 -41.84 -33.93
CA ALA I 140 43.17 -41.81 -34.85
C ALA I 140 42.49 -43.16 -34.91
N HIS I 141 43.26 -44.25 -34.88
CA HIS I 141 42.67 -45.57 -34.89
C HIS I 141 41.83 -45.80 -33.63
N ALA I 142 42.37 -45.46 -32.46
CA ALA I 142 41.61 -45.61 -31.22
C ALA I 142 40.36 -44.73 -31.22
N GLU I 143 40.49 -43.49 -31.66
CA GLU I 143 39.35 -42.59 -31.67
C GLU I 143 38.27 -43.08 -32.61
N LEU I 144 38.65 -43.53 -33.80
CA LEU I 144 37.67 -44.05 -34.73
C LEU I 144 37.05 -45.34 -34.21
N TYR I 145 37.80 -46.11 -33.43
CA TYR I 145 37.22 -47.29 -32.78
C TYR I 145 36.11 -46.89 -31.83
N ASN I 146 36.37 -45.89 -31.00
CA ASN I 146 35.35 -45.43 -30.05
C ASN I 146 34.14 -44.87 -30.79
N ARG I 147 34.37 -44.05 -31.81
CA ARG I 147 33.25 -43.47 -32.55
C ARG I 147 32.44 -44.56 -33.24
N LYS I 148 33.11 -45.56 -33.80
CA LYS I 148 32.42 -46.64 -34.49
C LYS I 148 31.63 -47.50 -33.51
N ILE I 149 32.17 -47.75 -32.33
CA ILE I 149 31.43 -48.51 -31.33
C ILE I 149 30.17 -47.76 -30.93
N ASP I 150 30.29 -46.44 -30.74
CA ASP I 150 29.11 -45.64 -30.43
C ASP I 150 28.08 -45.71 -31.55
N GLU I 151 28.53 -45.56 -32.80
CA GLU I 151 27.63 -45.62 -33.94
C GLU I 151 26.97 -46.99 -34.05
N LEU I 152 27.68 -48.05 -33.67
CA LEU I 152 27.12 -49.38 -33.66
C LEU I 152 26.02 -49.50 -32.60
N GLY I 153 26.33 -49.09 -31.38
CA GLY I 153 25.38 -49.22 -30.30
C GLY I 153 24.11 -48.41 -30.49
N TYR I 154 24.23 -47.26 -31.16
CA TYR I 154 23.04 -46.43 -31.35
C TYR I 154 22.39 -46.57 -32.71
N LEU I 155 23.10 -47.05 -33.72
CA LEU I 155 22.54 -47.15 -35.06
C LEU I 155 22.93 -48.40 -35.81
N GLY I 156 23.64 -49.33 -35.18
CA GLY I 156 24.06 -50.50 -35.91
C GLY I 156 25.22 -50.18 -36.84
N GLN I 157 25.33 -50.99 -37.89
CA GLN I 157 26.35 -50.83 -38.91
C GLN I 157 25.68 -50.70 -40.26
N THR I 158 25.98 -49.63 -40.97
CA THR I 158 25.40 -49.37 -42.28
C THR I 158 26.38 -49.79 -43.36
N ARG I 159 25.85 -50.38 -44.42
CA ARG I 159 26.67 -50.81 -45.54
C ARG I 159 27.08 -49.62 -46.40
N THR I 160 28.23 -49.73 -47.03
CA THR I 160 28.68 -48.69 -47.95
C THR I 160 27.70 -48.55 -49.12
N ASP I 161 26.97 -49.61 -49.43
CA ASP I 161 26.01 -49.54 -50.54
C ASP I 161 24.94 -48.50 -50.24
N GLY I 162 24.44 -48.45 -49.02
CA GLY I 162 23.42 -47.50 -48.64
C GLY I 162 22.40 -48.11 -47.70
N THR I 163 22.35 -49.44 -47.64
CA THR I 163 21.36 -50.15 -46.85
C THR I 163 21.88 -50.44 -45.45
N GLN I 164 20.98 -50.85 -44.58
CA GLN I 164 21.30 -51.13 -43.18
C GLN I 164 21.56 -52.62 -42.99
N LYS I 165 22.57 -52.94 -42.19
CA LYS I 165 22.98 -54.33 -42.02
C LYS I 165 22.77 -54.85 -40.60
N THR I 166 22.91 -54.01 -39.59
CA THR I 166 22.51 -54.32 -38.23
C THR I 166 21.76 -53.13 -37.65
N LEU I 167 21.13 -53.35 -36.51
CA LEU I 167 20.35 -52.33 -35.83
C LEU I 167 20.88 -52.10 -34.42
N GLY I 168 20.61 -50.93 -33.89
CA GLY I 168 21.01 -50.59 -32.53
C GLY I 168 19.84 -50.13 -31.71
N LEU I 169 20.09 -49.43 -30.60
CA LEU I 169 19.00 -48.93 -29.77
C LEU I 169 18.00 -48.15 -30.60
N LEU I 170 18.49 -47.21 -31.39
CA LEU I 170 17.61 -46.29 -32.08
C LEU I 170 16.96 -46.92 -33.31
N ASN I 171 17.53 -48.00 -33.82
CA ASN I 171 17.05 -48.63 -35.04
C ASN I 171 16.18 -49.85 -34.80
N TYR I 172 16.31 -50.50 -33.65
CA TYR I 172 15.67 -51.78 -33.41
C TYR I 172 14.16 -51.66 -33.58
N GLY I 173 13.54 -52.78 -33.91
CA GLY I 173 12.13 -52.79 -34.24
C GLY I 173 11.22 -52.82 -33.03
N PHE I 174 11.48 -51.96 -32.06
CA PHE I 174 10.59 -51.83 -30.91
C PHE I 174 9.24 -51.28 -31.36
N VAL I 175 8.30 -51.22 -30.41
CA VAL I 175 7.04 -50.55 -30.69
C VAL I 175 7.30 -49.06 -30.79
N ALA I 176 6.87 -48.46 -31.89
CA ALA I 176 7.19 -47.07 -32.20
C ALA I 176 5.89 -46.28 -32.32
N SER I 177 5.64 -45.43 -31.35
CA SER I 177 4.50 -44.51 -31.38
C SER I 177 4.97 -43.12 -31.80
N GLY I 178 4.02 -42.30 -32.22
CA GLY I 178 4.30 -40.94 -32.63
C GLY I 178 3.80 -39.92 -31.62
N ALA I 179 4.49 -38.78 -31.58
CA ALA I 179 4.04 -37.67 -30.76
C ALA I 179 3.06 -36.81 -31.54
N GLY I 180 2.32 -35.98 -30.80
CA GLY I 180 1.36 -35.11 -31.45
C GLY I 180 2.02 -34.14 -32.41
N ASP I 181 3.10 -33.52 -31.97
CA ASP I 181 3.88 -32.63 -32.81
C ASP I 181 5.28 -32.55 -32.21
N THR I 182 6.12 -31.69 -32.76
CA THR I 182 7.52 -31.64 -32.35
C THR I 182 7.65 -31.12 -30.92
N ALA I 183 8.78 -31.45 -30.29
CA ALA I 183 8.98 -31.08 -28.89
C ALA I 183 9.01 -29.57 -28.68
N ALA I 184 9.31 -28.79 -29.71
CA ALA I 184 9.27 -27.34 -29.57
C ALA I 184 7.83 -26.84 -29.54
N ASN I 185 6.94 -27.47 -30.33
CA ASN I 185 5.56 -27.04 -30.37
C ASN I 185 4.78 -27.49 -29.14
N LEU I 186 5.13 -28.64 -28.57
CA LEU I 186 4.40 -29.15 -27.41
C LEU I 186 4.62 -28.24 -26.22
N SER I 187 3.55 -28.02 -25.46
CA SER I 187 3.67 -27.31 -24.20
C SER I 187 4.41 -28.18 -23.19
N GLY I 188 4.90 -27.54 -22.13
CA GLY I 188 5.64 -28.29 -21.12
C GLY I 188 4.83 -29.42 -20.53
N ASP I 189 3.53 -29.18 -20.32
CA ASP I 189 2.63 -30.24 -19.89
C ASP I 189 2.59 -31.37 -20.90
N ASN I 190 2.42 -31.03 -22.18
CA ASN I 190 2.30 -32.06 -23.20
C ASN I 190 3.63 -32.75 -23.48
N LEU I 191 4.75 -32.04 -23.36
CA LEU I 191 6.03 -32.68 -23.57
C LEU I 191 6.37 -33.64 -22.43
N TYR I 192 6.13 -33.20 -21.19
CA TYR I 192 6.27 -34.12 -20.06
C TYR I 192 5.36 -35.32 -20.24
N GLN I 193 4.13 -35.08 -20.69
CA GLN I 193 3.20 -36.18 -20.87
C GLN I 193 3.67 -37.15 -21.92
N ALA I 194 4.23 -36.64 -23.03
CA ALA I 194 4.70 -37.53 -24.08
C ALA I 194 5.87 -38.39 -23.60
N ILE I 195 6.83 -37.79 -22.90
CA ILE I 195 7.97 -38.58 -22.42
C ILE I 195 7.51 -39.59 -21.37
N ALA I 196 6.63 -39.17 -20.45
CA ALA I 196 6.16 -40.10 -19.42
C ALA I 196 5.31 -41.19 -20.02
N ASP I 197 4.52 -40.88 -21.05
CA ASP I 197 3.74 -41.89 -21.74
C ASP I 197 4.66 -42.87 -22.44
N LEU I 198 5.75 -42.39 -23.02
CA LEU I 198 6.76 -43.29 -23.58
C LEU I 198 7.25 -44.26 -22.53
N ILE I 199 7.69 -43.73 -21.38
CA ILE I 199 8.30 -44.60 -20.36
C ILE I 199 7.27 -45.58 -19.81
N THR I 200 6.06 -45.10 -19.48
CA THR I 200 5.06 -45.98 -18.92
C THR I 200 4.47 -46.94 -19.95
N ASP I 201 4.49 -46.58 -21.24
CA ASP I 201 4.06 -47.53 -22.26
C ASP I 201 5.07 -48.64 -22.43
N GLN I 202 6.36 -48.30 -22.37
CA GLN I 202 7.37 -49.36 -22.32
C GLN I 202 7.14 -50.23 -21.10
N TRP I 203 6.86 -49.62 -19.95
CA TRP I 203 6.63 -50.38 -18.74
C TRP I 203 5.44 -51.31 -18.89
N ALA I 204 4.38 -50.83 -19.55
CA ALA I 204 3.18 -51.65 -19.73
C ALA I 204 3.42 -52.80 -20.69
N GLY I 205 4.16 -52.54 -21.77
CA GLY I 205 4.47 -53.62 -22.70
C GLY I 205 5.29 -54.73 -22.10
N VAL I 206 5.89 -54.49 -20.94
CA VAL I 206 6.68 -55.48 -20.22
C VAL I 206 5.89 -56.11 -19.09
N PHE I 207 4.68 -55.63 -18.82
CA PHE I 207 3.90 -56.07 -17.67
C PHE I 207 4.63 -55.77 -16.37
N ASN I 208 5.36 -54.66 -16.35
CA ASN I 208 5.83 -54.05 -15.11
C ASN I 208 6.73 -55.00 -14.31
N VAL I 209 7.60 -55.73 -15.00
CA VAL I 209 8.63 -56.51 -14.34
C VAL I 209 9.84 -55.63 -14.13
N GLU I 210 10.43 -55.69 -12.93
CA GLU I 210 11.44 -54.71 -12.54
C GLU I 210 12.66 -54.76 -13.46
N THR I 211 13.08 -55.95 -13.86
CA THR I 211 14.29 -56.07 -14.65
C THR I 211 14.12 -55.43 -16.02
N TYR I 212 13.07 -55.77 -16.74
CA TYR I 212 12.93 -55.30 -18.10
C TYR I 212 12.24 -53.94 -18.16
N LYS I 213 11.98 -53.32 -17.01
CA LYS I 213 11.55 -51.93 -16.97
C LYS I 213 12.58 -51.05 -17.64
N ALA I 214 12.11 -50.09 -18.44
CA ALA I 214 13.03 -49.12 -19.01
C ALA I 214 13.61 -48.27 -17.91
N ASP I 215 14.88 -48.49 -17.59
CA ASP I 215 15.55 -47.66 -16.60
C ASP I 215 16.40 -46.58 -17.23
N ARG I 216 16.37 -46.43 -18.57
CA ARG I 216 17.09 -45.33 -19.20
C ARG I 216 16.34 -44.87 -20.43
N VAL I 217 16.62 -43.63 -20.82
CA VAL I 217 16.00 -42.98 -21.98
C VAL I 217 17.07 -42.21 -22.73
N VAL I 218 17.04 -42.30 -24.05
CA VAL I 218 17.90 -41.48 -24.91
C VAL I 218 17.02 -40.62 -25.80
N MET I 219 17.30 -39.33 -25.80
CA MET I 219 16.65 -38.32 -26.62
C MET I 219 17.68 -37.71 -27.55
N PRO I 220 17.27 -37.28 -28.74
CA PRO I 220 18.16 -36.45 -29.54
C PRO I 220 18.48 -35.17 -28.76
N ASP I 221 19.71 -34.68 -28.92
CA ASP I 221 20.10 -33.48 -28.20
C ASP I 221 19.11 -32.34 -28.45
N THR I 222 18.62 -32.22 -29.69
CA THR I 222 17.61 -31.23 -30.00
C THR I 222 16.32 -31.42 -29.22
N VAL I 223 16.19 -32.52 -28.49
CA VAL I 223 15.03 -32.77 -27.65
C VAL I 223 15.39 -32.77 -26.18
N TYR I 224 16.56 -33.32 -25.83
CA TYR I 224 16.98 -33.31 -24.43
C TYR I 224 17.18 -31.88 -23.94
N ASN I 225 17.80 -31.04 -24.77
CA ASN I 225 17.97 -29.64 -24.40
C ASN I 225 16.62 -28.94 -24.22
N ILE I 226 15.69 -29.19 -25.14
CA ILE I 226 14.37 -28.58 -25.03
C ILE I 226 13.68 -29.02 -23.75
N CYS I 227 13.76 -30.31 -23.42
CA CYS I 227 13.15 -30.80 -22.19
C CYS I 227 13.80 -30.17 -20.97
N ALA I 228 15.13 -30.02 -20.99
CA ALA I 228 15.82 -29.45 -19.84
C ALA I 228 15.61 -27.95 -19.71
N LYS I 229 15.18 -27.28 -20.77
CA LYS I 229 15.06 -25.83 -20.76
C LYS I 229 13.63 -25.33 -20.89
N LYS I 230 12.66 -26.18 -21.19
CA LYS I 230 11.28 -25.74 -21.33
C LYS I 230 10.59 -25.84 -19.98
N ILE I 231 10.12 -24.68 -19.48
CA ILE I 231 9.41 -24.66 -18.21
C ILE I 231 8.13 -25.45 -18.31
N LEU I 232 7.88 -26.30 -17.31
CA LEU I 232 6.75 -27.22 -17.36
C LEU I 232 5.43 -26.46 -17.37
N ASN I 233 5.24 -25.57 -16.42
CA ASN I 233 4.07 -24.69 -16.40
C ASN I 233 4.48 -23.39 -15.74
N SER I 234 4.40 -22.29 -16.49
CA SER I 234 4.72 -21.00 -15.91
C SER I 234 3.76 -20.62 -14.80
N ASN I 235 2.56 -21.20 -14.78
CA ASN I 235 1.62 -20.93 -13.71
C ASN I 235 2.13 -21.45 -12.37
N GLY I 236 3.01 -22.44 -12.39
CA GLY I 236 3.46 -23.02 -11.15
C GLY I 236 4.83 -22.55 -10.69
N SER I 237 5.79 -22.57 -11.60
CA SER I 237 7.17 -22.27 -11.27
C SER I 237 7.95 -22.15 -12.58
N GLU I 238 9.26 -21.97 -12.47
CA GLU I 238 10.16 -21.99 -13.60
C GLU I 238 10.80 -23.36 -13.81
N MET I 239 10.42 -24.35 -13.02
CA MET I 239 11.03 -25.67 -13.11
C MET I 239 10.74 -26.31 -14.45
N SER I 240 11.76 -26.88 -15.05
CA SER I 240 11.71 -27.38 -16.41
C SER I 240 11.04 -28.75 -16.48
N VAL I 241 10.74 -29.18 -17.71
CA VAL I 241 10.16 -30.50 -17.92
C VAL I 241 11.12 -31.58 -17.44
N LEU I 242 12.39 -31.45 -17.77
CA LEU I 242 13.33 -32.51 -17.44
C LEU I 242 13.50 -32.66 -15.95
N ARG I 243 13.45 -31.56 -15.19
CA ARG I 243 13.53 -31.67 -13.74
C ARG I 243 12.30 -32.37 -13.17
N ALA I 244 11.13 -32.09 -13.73
CA ALA I 244 9.92 -32.80 -13.33
C ALA I 244 10.05 -34.29 -13.61
N LEU I 245 10.56 -34.66 -14.78
CA LEU I 245 10.80 -36.07 -15.09
C LEU I 245 11.79 -36.68 -14.11
N MET I 246 12.88 -35.98 -13.83
CA MET I 246 13.93 -36.55 -12.99
C MET I 246 13.48 -36.70 -11.55
N THR I 247 12.48 -35.92 -11.12
CA THR I 247 11.95 -36.12 -9.78
C THR I 247 10.85 -37.17 -9.77
N ASN I 248 10.01 -37.21 -10.79
CA ASN I 248 8.95 -38.20 -10.87
C ASN I 248 9.46 -39.57 -11.36
N PHE I 249 10.66 -39.63 -11.90
CA PHE I 249 11.27 -40.89 -12.34
C PHE I 249 12.65 -41.00 -11.68
N PRO I 250 12.70 -41.27 -10.38
CA PRO I 250 14.00 -41.38 -9.71
C PRO I 250 14.83 -42.54 -10.20
N THR I 251 14.24 -43.47 -10.95
CA THR I 251 14.99 -44.60 -11.47
C THR I 251 15.51 -44.34 -12.88
N VAL I 252 14.66 -43.80 -13.76
CA VAL I 252 15.08 -43.55 -15.13
C VAL I 252 16.20 -42.52 -15.15
N THR I 253 17.28 -42.84 -15.85
CA THR I 253 18.41 -41.95 -16.02
C THR I 253 18.36 -41.42 -17.45
N PHE I 254 18.00 -40.15 -17.60
CA PHE I 254 17.85 -39.56 -18.91
C PHE I 254 19.22 -39.23 -19.50
N GLY I 255 19.36 -39.47 -20.80
CA GLY I 255 20.59 -39.20 -21.51
C GLY I 255 20.25 -38.75 -22.91
N LEU I 256 21.28 -38.36 -23.65
CA LEU I 256 21.07 -37.80 -24.98
C LEU I 256 22.15 -38.29 -25.93
N THR I 257 21.79 -38.32 -27.21
CA THR I 257 22.73 -38.63 -28.29
C THR I 257 22.41 -37.71 -29.45
N THR I 258 23.43 -37.36 -30.23
CA THR I 258 23.18 -36.64 -31.46
C THR I 258 22.64 -37.55 -32.55
N LYS I 259 22.84 -38.86 -32.43
CA LYS I 259 22.47 -39.79 -33.49
C LYS I 259 20.98 -40.09 -33.52
N ALA I 260 20.22 -39.60 -32.55
CA ALA I 260 18.78 -39.78 -32.54
C ALA I 260 18.05 -38.67 -33.27
N ARG I 261 18.77 -37.74 -33.89
CA ARG I 261 18.13 -36.58 -34.50
C ARG I 261 17.39 -36.95 -35.78
N ASP I 262 17.84 -37.99 -36.49
CA ASP I 262 17.20 -38.40 -37.73
C ASP I 262 17.40 -39.90 -37.88
N VAL I 263 16.40 -40.68 -37.49
CA VAL I 263 16.41 -42.13 -37.65
C VAL I 263 15.16 -42.49 -38.45
N GLY I 264 15.34 -42.80 -39.73
CA GLY I 264 14.23 -43.12 -40.60
C GLY I 264 13.47 -41.93 -41.13
N GLY I 265 13.90 -40.71 -40.82
CA GLY I 265 13.25 -39.51 -41.31
C GLY I 265 12.82 -38.53 -40.24
N THR I 266 12.89 -38.89 -38.97
CA THR I 266 12.47 -37.98 -37.92
C THR I 266 13.20 -38.36 -36.64
N SER I 267 13.35 -37.40 -35.73
CA SER I 267 14.02 -37.65 -34.47
C SER I 267 13.33 -38.77 -33.70
N ARG I 268 14.10 -39.45 -32.86
CA ARG I 268 13.62 -40.65 -32.18
C ARG I 268 14.05 -40.65 -30.72
N THR I 269 13.06 -40.76 -29.83
CA THR I 269 13.31 -40.95 -28.41
C THR I 269 13.13 -42.43 -28.08
N THR I 270 13.95 -42.96 -27.19
CA THR I 270 13.90 -44.39 -26.90
C THR I 270 14.03 -44.65 -25.42
N ALA I 271 13.12 -45.43 -24.87
CA ALA I 271 13.26 -45.97 -23.53
C ALA I 271 13.80 -47.39 -23.63
N TYR I 272 14.80 -47.70 -22.82
CA TYR I 272 15.37 -49.03 -22.85
C TYR I 272 15.75 -49.46 -21.44
N SER I 273 15.92 -50.77 -21.28
CA SER I 273 16.27 -51.37 -20.01
C SER I 273 17.77 -51.64 -20.00
N SER I 274 18.48 -50.98 -19.11
CA SER I 274 19.91 -51.27 -19.01
C SER I 274 20.19 -52.56 -18.31
N ASN I 275 19.21 -53.42 -18.08
CA ASN I 275 19.45 -54.67 -17.38
C ASN I 275 20.31 -55.59 -18.23
N ARG I 276 21.19 -56.34 -17.56
CA ARG I 276 22.06 -57.26 -18.27
C ARG I 276 21.26 -58.26 -19.08
N ARG I 277 20.11 -58.67 -18.58
CA ARG I 277 19.29 -59.66 -19.25
C ARG I 277 18.34 -59.05 -20.27
N ALA I 278 18.43 -57.76 -20.52
CA ALA I 278 17.59 -57.10 -21.51
C ALA I 278 18.38 -56.71 -22.75
N MET I 279 19.55 -56.10 -22.59
CA MET I 279 20.38 -55.69 -23.70
C MET I 279 21.84 -55.88 -23.33
N GLN I 280 22.65 -56.29 -24.30
CA GLN I 280 24.09 -56.35 -24.10
C GLN I 280 24.78 -55.75 -25.32
N MET I 281 25.98 -55.24 -25.10
CA MET I 281 26.80 -54.69 -26.17
C MET I 281 27.91 -55.71 -26.43
N ARG I 282 27.77 -56.48 -27.50
CA ARG I 282 28.68 -57.58 -27.78
C ARG I 282 29.80 -57.08 -28.68
N ILE I 283 30.99 -56.95 -28.11
CA ILE I 283 32.20 -56.58 -28.81
C ILE I 283 33.18 -57.70 -28.48
N PRO I 284 33.10 -58.86 -29.14
CA PRO I 284 33.91 -60.00 -28.72
C PRO I 284 35.40 -59.73 -28.72
N THR I 285 35.90 -59.01 -29.70
CA THR I 285 37.33 -58.72 -29.80
C THR I 285 37.55 -57.21 -29.89
N PRO I 286 38.23 -56.60 -28.93
CA PRO I 286 38.52 -55.17 -29.02
C PRO I 286 39.51 -54.88 -30.14
N LEU I 287 39.67 -53.60 -30.43
CA LEU I 287 40.56 -53.19 -31.51
C LEU I 287 42.00 -53.62 -31.24
N ASN I 288 42.55 -54.36 -32.20
CA ASN I 288 43.95 -54.77 -32.20
C ASN I 288 44.64 -54.10 -33.36
N VAL I 289 45.83 -53.56 -33.10
CA VAL I 289 46.65 -52.91 -34.12
C VAL I 289 47.81 -53.84 -34.45
N SER I 290 48.06 -54.01 -35.75
CA SER I 290 49.18 -54.82 -36.18
C SER I 290 50.49 -54.12 -35.83
N SER I 291 51.57 -54.90 -35.80
CA SER I 291 52.88 -54.31 -35.66
C SER I 291 53.24 -53.52 -36.92
N VAL I 292 54.08 -52.51 -36.74
CA VAL I 292 54.42 -51.62 -37.86
C VAL I 292 55.23 -52.39 -38.89
N ASP I 293 54.81 -52.30 -40.15
CA ASP I 293 55.50 -52.95 -41.25
C ASP I 293 56.32 -51.93 -42.02
N GLN I 294 57.61 -52.20 -42.15
CA GLN I 294 58.54 -51.27 -42.79
C GLN I 294 59.10 -51.94 -44.06
N ARG I 295 58.55 -51.57 -45.21
CA ARG I 295 59.09 -52.03 -46.49
C ARG I 295 60.00 -50.93 -47.02
N GLY I 296 61.18 -50.84 -46.42
CA GLY I 296 62.09 -49.78 -46.76
C GLY I 296 61.72 -48.49 -46.08
N PHE I 297 61.14 -47.57 -46.84
CA PHE I 297 60.66 -46.30 -46.32
C PHE I 297 59.17 -46.15 -46.56
N LYS I 298 58.43 -47.23 -46.29
CA LYS I 298 56.97 -47.25 -46.38
C LYS I 298 56.47 -47.99 -45.15
N TYR I 299 56.09 -47.25 -44.12
CA TYR I 299 55.52 -47.84 -42.92
C TYR I 299 54.02 -48.03 -43.12
N TYR I 300 53.49 -49.10 -42.51
CA TYR I 300 52.10 -49.51 -42.73
C TYR I 300 51.61 -50.20 -41.47
N VAL I 301 50.49 -49.71 -40.93
CA VAL I 301 49.84 -50.30 -39.77
C VAL I 301 48.42 -50.63 -40.15
N GLU I 302 47.96 -51.81 -39.76
CA GLU I 302 46.60 -52.22 -40.00
C GLU I 302 45.98 -52.63 -38.68
N SER I 303 44.68 -52.42 -38.55
CA SER I 303 44.01 -52.75 -37.30
C SER I 303 42.59 -53.24 -37.59
N TYR I 304 42.06 -54.02 -36.66
CA TYR I 304 40.73 -54.59 -36.84
C TYR I 304 40.09 -54.79 -35.47
N PHE I 305 38.77 -54.88 -35.48
CA PHE I 305 38.03 -55.29 -34.30
C PHE I 305 36.79 -56.04 -34.72
N GLY I 306 36.41 -57.04 -33.93
CA GLY I 306 35.22 -57.84 -34.18
C GLY I 306 34.14 -57.52 -33.17
N VAL I 307 32.97 -57.17 -33.68
CA VAL I 307 31.81 -56.77 -32.87
C VAL I 307 30.57 -57.48 -33.36
N ALA I 308 29.70 -57.83 -32.43
CA ALA I 308 28.35 -58.26 -32.78
C ALA I 308 27.34 -57.13 -32.70
N GLY I 309 27.68 -56.04 -32.00
CA GLY I 309 26.81 -54.89 -31.96
C GLY I 309 25.89 -54.91 -30.76
N LEU I 310 24.69 -54.37 -30.92
CA LEU I 310 23.73 -54.38 -29.82
C LEU I 310 22.94 -55.67 -29.88
N ASP I 311 23.25 -56.58 -28.96
CA ASP I 311 22.46 -57.79 -28.79
C ASP I 311 21.25 -57.41 -27.94
N VAL I 312 20.13 -57.14 -28.61
CA VAL I 312 18.85 -56.97 -27.94
C VAL I 312 18.34 -58.36 -27.57
N ILE I 313 18.07 -58.57 -26.30
CA ILE I 313 17.63 -59.89 -25.86
C ILE I 313 16.11 -60.03 -25.86
N GLU I 314 15.37 -58.93 -25.67
CA GLU I 314 13.92 -58.97 -25.67
C GLU I 314 13.34 -57.98 -26.65
N ASP I 315 12.39 -58.45 -27.45
CA ASP I 315 11.78 -57.60 -28.47
C ASP I 315 11.08 -56.40 -27.85
N THR I 316 10.53 -56.55 -26.65
CA THR I 316 9.83 -55.48 -25.96
C THR I 316 10.60 -54.99 -24.74
N ALA I 317 11.93 -54.89 -24.86
CA ALA I 317 12.76 -54.33 -23.82
C ALA I 317 13.06 -52.85 -24.06
N GLY I 318 12.41 -52.24 -25.04
CA GLY I 318 12.53 -50.82 -25.27
C GLY I 318 11.28 -50.33 -25.97
N ARG I 319 11.27 -49.03 -26.26
CA ARG I 319 10.13 -48.44 -26.95
C ARG I 319 10.57 -47.13 -27.58
N HIS I 320 9.92 -46.78 -28.69
CA HIS I 320 10.29 -45.63 -29.49
C HIS I 320 9.20 -44.58 -29.51
N LEU I 321 9.62 -43.34 -29.70
CA LEU I 321 8.74 -42.22 -30.04
C LEU I 321 9.34 -41.51 -31.23
N THR I 322 8.63 -41.52 -32.36
CA THR I 322 9.06 -40.86 -33.58
C THR I 322 8.22 -39.61 -33.80
N GLY I 323 8.88 -38.47 -33.94
CA GLY I 323 8.20 -37.20 -34.09
C GLY I 323 8.45 -36.22 -32.98
N LEU I 324 9.06 -36.65 -31.89
CA LEU I 324 9.40 -35.76 -30.79
C LEU I 324 10.91 -35.67 -30.66
N GLU J 31 37.93 -78.85 -49.68
CA GLU J 31 36.73 -78.09 -50.03
C GLU J 31 36.13 -77.45 -48.78
N GLY J 32 35.66 -76.22 -48.91
CA GLY J 32 35.05 -75.52 -47.81
C GLY J 32 36.07 -74.91 -46.87
N GLY J 33 36.14 -75.42 -45.65
CA GLY J 33 37.07 -74.90 -44.68
C GLY J 33 37.60 -75.99 -43.76
N ILE J 34 38.24 -75.60 -42.66
CA ILE J 34 38.76 -76.57 -41.71
C ILE J 34 38.04 -76.51 -40.37
N ILE J 35 37.17 -75.53 -40.16
CA ILE J 35 36.47 -75.37 -38.89
C ILE J 35 35.02 -75.79 -39.09
N LEU J 36 34.61 -76.85 -38.40
CA LEU J 36 33.22 -77.27 -38.45
C LEU J 36 32.35 -76.24 -37.73
N ALA J 37 31.08 -76.19 -38.14
CA ALA J 37 30.24 -75.03 -37.86
C ALA J 37 30.09 -74.80 -36.36
N ARG J 38 29.95 -75.86 -35.58
CA ARG J 38 29.60 -75.69 -34.17
C ARG J 38 30.66 -74.95 -33.38
N ASN J 39 31.92 -74.94 -33.82
CA ASN J 39 32.92 -74.18 -33.09
C ASN J 39 32.94 -72.71 -33.49
N LEU J 40 32.51 -72.40 -34.71
CA LEU J 40 32.44 -71.00 -35.11
C LEU J 40 31.33 -70.26 -34.39
N GLU J 41 30.32 -70.99 -33.93
CA GLU J 41 29.20 -70.38 -33.22
C GLU J 41 29.34 -70.62 -31.72
N HIS J 42 29.35 -69.54 -30.96
CA HIS J 42 29.62 -69.56 -29.53
C HIS J 42 28.32 -69.61 -28.75
N VAL J 43 28.32 -70.35 -27.64
CA VAL J 43 27.16 -70.52 -26.79
C VAL J 43 27.39 -69.76 -25.49
N SER J 44 26.51 -68.82 -25.19
CA SER J 44 26.68 -67.99 -24.01
C SER J 44 26.36 -68.77 -22.74
N SER J 45 27.19 -68.60 -21.72
CA SER J 45 26.99 -69.30 -20.46
C SER J 45 25.97 -68.62 -19.56
N GLU J 46 25.59 -67.38 -19.85
CA GLU J 46 24.67 -66.66 -18.98
C GLU J 46 23.31 -67.33 -18.96
N ILE J 47 22.74 -67.43 -17.76
CA ILE J 47 21.43 -68.03 -17.59
C ILE J 47 20.37 -66.99 -17.89
N PHE J 48 19.43 -67.33 -18.74
CA PHE J 48 18.32 -66.45 -19.10
C PHE J 48 17.03 -67.09 -18.62
N THR J 49 16.46 -66.53 -17.55
CA THR J 49 15.23 -67.05 -16.98
C THR J 49 14.05 -66.33 -17.60
N GLN J 50 13.04 -67.10 -18.00
CA GLN J 50 11.82 -66.51 -18.52
C GLN J 50 11.11 -65.75 -17.41
N GLU J 51 10.56 -64.58 -17.75
CA GLU J 51 9.94 -63.71 -16.76
C GLU J 51 8.45 -63.58 -17.02
N PHE J 52 7.69 -63.65 -15.93
CA PHE J 52 6.25 -63.58 -15.96
C PHE J 52 5.80 -62.35 -15.20
N ALA J 53 4.53 -62.01 -15.35
CA ALA J 53 3.95 -60.88 -14.62
C ALA J 53 4.20 -61.03 -13.13
N GLY J 54 4.25 -59.89 -12.44
CA GLY J 54 4.63 -59.91 -11.04
C GLY J 54 3.60 -60.60 -10.18
N LEU J 55 4.06 -61.10 -9.04
CA LEU J 55 3.22 -61.78 -8.06
C LEU J 55 2.97 -60.82 -6.91
N THR J 56 1.87 -60.08 -6.99
CA THR J 56 1.56 -59.02 -6.04
C THR J 56 0.26 -59.29 -5.30
N PHE J 57 0.08 -60.52 -4.82
CA PHE J 57 -1.07 -60.84 -3.98
C PHE J 57 -0.69 -61.18 -2.55
N LEU J 58 0.37 -61.96 -2.33
CA LEU J 58 0.76 -62.24 -0.95
C LEU J 58 1.31 -61.01 -0.27
N GLN J 59 1.68 -59.99 -1.03
CA GLN J 59 2.05 -58.69 -0.48
C GLN J 59 0.89 -57.70 -0.50
N GLY J 60 -0.30 -58.15 -0.89
CA GLY J 60 -1.48 -57.31 -0.98
C GLY J 60 -2.23 -57.12 0.32
N GLY J 61 -1.64 -57.50 1.44
CA GLY J 61 -2.23 -57.27 2.73
C GLY J 61 -3.21 -58.32 3.20
N ILE J 62 -3.84 -59.05 2.27
CA ILE J 62 -4.80 -60.07 2.63
C ILE J 62 -4.07 -61.23 3.28
N VAL J 63 -4.41 -61.51 4.53
CA VAL J 63 -3.75 -62.55 5.29
C VAL J 63 -4.28 -63.91 4.88
N VAL J 64 -3.45 -64.94 5.02
CA VAL J 64 -3.82 -66.29 4.66
C VAL J 64 -4.12 -67.08 5.93
N ASN J 65 -4.88 -68.17 5.76
CA ASN J 65 -5.26 -69.01 6.88
C ASN J 65 -5.14 -70.47 6.47
N ASN J 66 -4.09 -71.13 6.94
CA ASN J 66 -3.94 -72.58 6.77
C ASN J 66 -4.72 -73.29 7.88
N GLU J 67 -6.03 -73.24 7.75
CA GLU J 67 -6.87 -73.72 8.84
C GLU J 67 -7.84 -74.81 8.42
N GLY J 68 -8.42 -74.73 7.22
CA GLY J 68 -9.52 -75.59 6.84
C GLY J 68 -9.26 -77.07 6.81
N GLY J 69 -8.03 -77.49 7.15
CA GLY J 69 -7.72 -78.90 7.12
C GLY J 69 -7.92 -79.49 5.74
N TYR J 70 -8.50 -80.69 5.69
CA TYR J 70 -8.87 -81.30 4.42
C TYR J 70 -10.36 -81.21 4.16
N ALA J 71 -11.09 -80.47 4.97
CA ALA J 71 -12.53 -80.38 4.83
C ALA J 71 -12.91 -79.71 3.53
N THR J 72 -14.01 -80.18 2.94
CA THR J 72 -14.46 -79.64 1.66
C THR J 72 -15.17 -78.30 1.79
N SER J 73 -15.21 -77.73 2.99
CA SER J 73 -15.83 -76.42 3.19
C SER J 73 -15.38 -75.86 4.53
N VAL J 74 -15.41 -74.54 4.63
CA VAL J 74 -15.13 -73.85 5.89
C VAL J 74 -16.28 -72.92 6.19
N THR J 75 -16.85 -73.07 7.38
CA THR J 75 -18.06 -72.34 7.78
C THR J 75 -17.74 -71.44 8.97
N LYS J 76 -18.32 -70.24 8.95
CA LYS J 76 -18.10 -69.24 9.98
C LYS J 76 -19.45 -68.64 10.36
N LEU J 77 -19.53 -68.12 11.58
CA LEU J 77 -20.79 -67.61 12.11
C LEU J 77 -20.55 -66.31 12.86
N LYS J 78 -21.55 -65.44 12.83
CA LYS J 78 -21.53 -64.17 13.53
C LYS J 78 -22.75 -64.05 14.42
N LEU J 79 -22.55 -63.46 15.60
CA LEU J 79 -23.61 -63.21 16.57
C LEU J 79 -23.76 -61.71 16.77
N LYS J 80 -24.95 -61.29 17.16
CA LYS J 80 -25.21 -59.86 17.35
C LYS J 80 -26.47 -59.70 18.18
N ALA J 81 -26.75 -58.46 18.56
CA ALA J 81 -27.92 -58.13 19.35
C ALA J 81 -29.04 -57.62 18.45
N GLU J 82 -30.22 -57.44 19.05
CA GLU J 82 -31.38 -56.92 18.33
C GLU J 82 -32.18 -56.07 19.30
N GLY J 83 -32.79 -55.01 18.76
CA GLY J 83 -33.69 -54.19 19.55
C GLY J 83 -32.95 -53.36 20.57
N GLY J 84 -33.72 -52.58 21.32
CA GLY J 84 -33.13 -51.68 22.29
C GLY J 84 -34.15 -51.17 23.27
N PHE J 85 -33.68 -50.27 24.13
CA PHE J 85 -34.49 -49.75 25.22
C PHE J 85 -35.65 -48.91 24.69
N ARG J 86 -36.64 -48.71 25.53
CA ARG J 86 -37.80 -47.89 25.20
C ARG J 86 -38.14 -47.00 26.38
N GLU J 87 -38.80 -45.88 26.09
CA GLU J 87 -39.18 -44.96 27.15
C GLU J 87 -40.18 -45.64 28.08
N SER J 88 -39.96 -45.47 29.37
CA SER J 88 -40.77 -46.15 30.36
C SER J 88 -41.44 -45.12 31.26
N GLY J 89 -42.11 -45.61 32.30
CA GLY J 89 -42.71 -44.75 33.28
C GLY J 89 -42.22 -45.13 34.67
N ASN J 90 -42.97 -44.76 35.69
CA ASN J 90 -42.57 -45.11 37.05
C ASN J 90 -42.68 -46.62 37.29
N ASP J 91 -43.80 -47.22 36.86
CA ASP J 91 -44.03 -48.63 37.15
C ASP J 91 -44.66 -49.38 35.98
N THR J 92 -44.61 -48.84 34.76
CA THR J 92 -45.28 -49.50 33.65
C THR J 92 -44.47 -50.69 33.15
N ASN J 93 -45.15 -51.53 32.35
CA ASN J 93 -44.52 -52.72 31.79
C ASN J 93 -43.63 -52.33 30.61
N THR J 94 -42.40 -52.83 30.62
CA THR J 94 -41.46 -52.52 29.55
C THR J 94 -41.92 -53.14 28.23
N THR J 95 -41.72 -52.40 27.14
CA THR J 95 -42.00 -52.91 25.82
C THR J 95 -40.75 -53.05 24.97
N GLY J 96 -39.57 -52.87 25.56
CA GLY J 96 -38.34 -53.01 24.83
C GLY J 96 -37.56 -54.24 25.24
N LYS J 97 -37.39 -55.18 24.31
CA LYS J 97 -36.73 -56.45 24.57
C LYS J 97 -35.47 -56.54 23.72
N ILE J 98 -34.33 -56.83 24.35
CA ILE J 98 -33.08 -56.98 23.63
C ILE J 98 -32.76 -58.47 23.54
N THR J 99 -32.53 -58.95 22.32
CA THR J 99 -32.28 -60.35 22.06
C THR J 99 -31.19 -60.48 21.01
N LEU J 100 -30.56 -61.65 20.96
CA LEU J 100 -29.43 -61.85 20.08
C LEU J 100 -29.85 -62.73 18.91
N SER J 101 -29.27 -62.48 17.74
CA SER J 101 -29.47 -63.31 16.57
C SER J 101 -28.11 -63.62 15.98
N GLY J 102 -28.10 -64.33 14.86
CA GLY J 102 -26.84 -64.70 14.24
C GLY J 102 -27.04 -65.10 12.79
N GLU J 103 -25.91 -65.25 12.11
CA GLU J 103 -25.90 -65.73 10.74
C GLU J 103 -24.63 -66.52 10.50
N SER J 104 -24.54 -67.16 9.34
CA SER J 104 -23.39 -67.97 9.01
C SER J 104 -23.17 -67.97 7.51
N ASP J 105 -21.93 -68.19 7.12
CA ASP J 105 -21.56 -68.31 5.72
C ASP J 105 -20.46 -69.35 5.57
N SER J 106 -20.42 -69.97 4.39
CA SER J 106 -19.44 -71.01 4.12
C SER J 106 -18.71 -70.73 2.82
N ILE J 107 -17.43 -71.11 2.77
CA ILE J 107 -16.62 -71.06 1.56
C ILE J 107 -16.24 -72.48 1.20
N PRO J 108 -16.54 -72.95 0.00
CA PRO J 108 -16.16 -74.31 -0.38
C PRO J 108 -14.71 -74.38 -0.82
N VAL J 109 -14.09 -75.51 -0.54
CA VAL J 109 -12.69 -75.76 -0.86
C VAL J 109 -12.63 -76.70 -2.06
N PHE J 110 -11.83 -76.35 -3.06
CA PHE J 110 -11.64 -77.21 -4.21
C PHE J 110 -10.16 -77.53 -4.38
N THR J 111 -9.86 -78.64 -5.02
CA THR J 111 -8.49 -79.08 -5.21
C THR J 111 -8.09 -78.91 -6.67
N LEU J 112 -6.89 -78.38 -6.88
CA LEU J 112 -6.30 -78.26 -8.21
C LEU J 112 -5.10 -79.17 -8.27
N GLU J 113 -4.97 -79.93 -9.36
CA GLU J 113 -3.90 -80.90 -9.46
C GLU J 113 -3.29 -80.84 -10.85
N GLY J 114 -2.01 -81.18 -10.92
CA GLY J 114 -1.31 -81.27 -12.18
C GLY J 114 -0.27 -82.36 -12.11
N GLU J 115 0.30 -82.70 -13.25
CA GLU J 115 1.28 -83.77 -13.30
C GLU J 115 2.35 -83.46 -14.33
N SER J 116 3.48 -84.15 -14.18
CA SER J 116 4.59 -84.08 -15.10
C SER J 116 5.20 -85.47 -15.22
N ASP J 117 5.86 -85.72 -16.36
CA ASP J 117 6.39 -87.03 -16.66
C ASP J 117 7.60 -86.89 -17.56
N TRP J 118 8.46 -87.90 -17.53
CA TRP J 118 9.67 -87.85 -18.35
C TRP J 118 10.31 -89.23 -18.38
N SER J 119 11.02 -89.52 -19.46
CA SER J 119 11.72 -90.79 -19.58
C SER J 119 13.18 -90.65 -19.23
N GLU J 120 13.83 -91.78 -18.95
CA GLU J 120 15.26 -91.77 -18.65
C GLU J 120 16.08 -91.32 -19.84
N ILE J 121 15.61 -91.62 -21.06
CA ILE J 121 16.24 -91.04 -22.24
C ILE J 121 16.17 -89.52 -22.16
N GLU J 122 14.99 -88.98 -21.85
CA GLU J 122 14.82 -87.54 -21.77
C GLU J 122 15.64 -86.95 -20.63
N LEU J 123 15.65 -87.60 -19.48
CA LEU J 123 16.47 -87.13 -18.36
C LEU J 123 17.94 -87.09 -18.74
N LYS J 124 18.47 -88.17 -19.29
CA LYS J 124 19.89 -88.24 -19.55
C LYS J 124 20.30 -87.36 -20.72
N GLN J 125 19.40 -87.13 -21.67
CA GLN J 125 19.72 -86.21 -22.75
C GLN J 125 19.61 -84.76 -22.31
N ALA J 126 18.69 -84.44 -21.41
CA ALA J 126 18.67 -83.11 -20.82
C ALA J 126 19.88 -82.88 -19.93
N GLU J 127 20.48 -83.95 -19.41
CA GLU J 127 21.71 -83.79 -18.63
C GLU J 127 22.84 -83.19 -19.46
N LEU J 128 22.75 -83.24 -20.79
CA LEU J 128 23.76 -82.62 -21.63
C LEU J 128 23.81 -81.11 -21.41
N GLN J 129 22.65 -80.47 -21.33
CA GLN J 129 22.55 -79.03 -21.17
C GLN J 129 22.55 -78.60 -19.71
N ASN J 130 23.10 -79.41 -18.81
CA ASN J 130 23.12 -79.11 -17.39
C ASN J 130 21.72 -78.86 -16.84
N VAL J 131 20.72 -79.40 -17.51
CA VAL J 131 19.32 -79.27 -17.11
C VAL J 131 18.96 -80.47 -16.25
N ASN J 132 18.81 -80.25 -14.95
CA ASN J 132 18.36 -81.30 -14.03
C ASN J 132 16.85 -81.41 -14.16
N LEU J 133 16.40 -82.27 -15.06
CA LEU J 133 15.00 -82.26 -15.48
C LEU J 133 14.02 -82.50 -14.34
N PRO J 134 14.21 -83.49 -13.45
CA PRO J 134 13.29 -83.59 -12.31
C PRO J 134 13.24 -82.34 -11.46
N SER J 135 14.39 -81.71 -11.22
CA SER J 135 14.40 -80.49 -10.42
C SER J 135 13.70 -79.35 -11.15
N ARG J 136 13.88 -79.27 -12.47
CA ARG J 136 13.18 -78.22 -13.22
C ARG J 136 11.67 -78.43 -13.18
N TYR J 137 11.21 -79.68 -13.26
CA TYR J 137 9.80 -79.95 -13.06
C TYR J 137 9.30 -79.61 -11.67
N PHE J 138 10.08 -79.94 -10.63
CA PHE J 138 9.65 -79.59 -9.28
C PHE J 138 9.53 -78.09 -9.11
N GLU J 139 10.52 -77.35 -9.61
CA GLU J 139 10.46 -75.90 -9.54
C GLU J 139 9.33 -75.34 -10.37
N ALA J 140 9.03 -75.95 -11.52
CA ALA J 140 7.88 -75.51 -12.31
C ALA J 140 6.59 -75.75 -11.56
N HIS J 141 6.49 -76.86 -10.84
CA HIS J 141 5.33 -77.10 -9.99
C HIS J 141 5.17 -75.98 -8.97
N ALA J 142 6.26 -75.64 -8.29
CA ALA J 142 6.20 -74.57 -7.30
C ALA J 142 5.81 -73.24 -7.94
N GLU J 143 6.38 -72.94 -9.11
CA GLU J 143 6.13 -71.66 -9.75
C GLU J 143 4.68 -71.55 -10.21
N LEU J 144 4.16 -72.58 -10.88
CA LEU J 144 2.76 -72.55 -11.26
C LEU J 144 1.85 -72.57 -10.05
N TYR J 145 2.30 -73.14 -8.93
CA TYR J 145 1.51 -73.09 -7.71
C TYR J 145 1.37 -71.67 -7.22
N ASN J 146 2.48 -70.94 -7.15
CA ASN J 146 2.42 -69.54 -6.72
C ASN J 146 1.59 -68.70 -7.69
N ARG J 147 1.79 -68.91 -8.99
CA ARG J 147 1.04 -68.16 -9.99
C ARG J 147 -0.45 -68.43 -9.87
N LYS J 148 -0.83 -69.69 -9.66
CA LYS J 148 -2.24 -70.02 -9.52
C LYS J 148 -2.80 -69.46 -8.23
N ILE J 149 -2.00 -69.42 -7.16
CA ILE J 149 -2.47 -68.81 -5.91
C ILE J 149 -2.81 -67.34 -6.15
N ASP J 150 -1.92 -66.63 -6.86
CA ASP J 150 -2.22 -65.22 -7.14
C ASP J 150 -3.43 -65.07 -8.05
N GLU J 151 -3.56 -65.92 -9.06
CA GLU J 151 -4.70 -65.82 -9.95
C GLU J 151 -6.00 -66.09 -9.20
N LEU J 152 -5.98 -67.06 -8.28
CA LEU J 152 -7.15 -67.31 -7.45
C LEU J 152 -7.47 -66.13 -6.56
N GLY J 153 -6.44 -65.55 -5.95
CA GLY J 153 -6.67 -64.44 -5.04
C GLY J 153 -7.25 -63.22 -5.72
N TYR J 154 -6.83 -62.95 -6.96
CA TYR J 154 -7.33 -61.77 -7.65
C TYR J 154 -8.56 -62.07 -8.49
N LEU J 155 -8.44 -62.98 -9.44
CA LEU J 155 -9.49 -63.24 -10.42
C LEU J 155 -10.30 -64.50 -10.11
N GLY J 156 -10.01 -65.19 -9.02
CA GLY J 156 -10.74 -66.41 -8.73
C GLY J 156 -10.30 -67.55 -9.61
N GLN J 157 -11.17 -68.55 -9.73
CA GLN J 157 -10.91 -69.74 -10.53
C GLN J 157 -11.86 -69.79 -11.71
N THR J 158 -11.30 -69.89 -12.91
CA THR J 158 -12.08 -69.94 -14.13
C THR J 158 -12.15 -71.37 -14.63
N ARG J 159 -13.35 -71.82 -14.97
CA ARG J 159 -13.52 -73.15 -15.52
C ARG J 159 -12.98 -73.23 -16.93
N THR J 160 -12.62 -74.44 -17.35
CA THR J 160 -12.05 -74.62 -18.67
C THR J 160 -13.02 -74.21 -19.76
N ASP J 161 -14.32 -74.41 -19.53
CA ASP J 161 -15.30 -74.00 -20.53
C ASP J 161 -15.38 -72.49 -20.68
N GLY J 162 -14.84 -71.74 -19.73
CA GLY J 162 -14.83 -70.30 -19.81
C GLY J 162 -15.53 -69.59 -18.67
N THR J 163 -16.56 -70.22 -18.11
CA THR J 163 -17.33 -69.58 -17.06
C THR J 163 -16.52 -69.53 -15.76
N GLN J 164 -17.01 -68.72 -14.83
CA GLN J 164 -16.28 -68.37 -13.61
C GLN J 164 -16.77 -69.26 -12.47
N LYS J 165 -15.84 -69.99 -11.85
CA LYS J 165 -16.21 -70.84 -10.72
C LYS J 165 -16.34 -70.05 -9.44
N THR J 166 -15.24 -69.45 -9.00
CA THR J 166 -15.22 -68.60 -7.81
C THR J 166 -14.84 -67.19 -8.22
N LEU J 167 -14.77 -66.30 -7.23
CA LEU J 167 -14.44 -64.91 -7.45
C LEU J 167 -13.32 -64.52 -6.50
N GLY J 168 -12.54 -63.51 -6.91
CA GLY J 168 -11.48 -62.99 -6.08
C GLY J 168 -11.69 -61.53 -5.78
N LEU J 169 -10.61 -60.79 -5.50
CA LEU J 169 -10.73 -59.36 -5.24
C LEU J 169 -11.45 -58.66 -6.39
N LEU J 170 -10.98 -58.87 -7.61
CA LEU J 170 -11.45 -58.07 -8.72
C LEU J 170 -12.85 -58.48 -9.17
N ASN J 171 -13.14 -59.77 -9.22
CA ASN J 171 -14.44 -60.21 -9.71
C ASN J 171 -15.55 -60.15 -8.68
N TYR J 172 -15.21 -59.97 -7.40
CA TYR J 172 -16.21 -60.07 -6.35
C TYR J 172 -17.29 -59.02 -6.53
N GLY J 173 -18.51 -59.37 -6.14
CA GLY J 173 -19.64 -58.50 -6.34
C GLY J 173 -19.70 -57.33 -5.39
N PHE J 174 -18.58 -56.63 -5.21
CA PHE J 174 -18.63 -55.35 -4.54
C PHE J 174 -19.42 -54.36 -5.38
N VAL J 175 -19.70 -53.20 -4.79
CA VAL J 175 -20.34 -52.14 -5.57
C VAL J 175 -19.32 -51.56 -6.54
N ALA J 176 -19.71 -51.45 -7.80
CA ALA J 176 -18.81 -51.05 -8.86
C ALA J 176 -19.31 -49.77 -9.52
N SER J 177 -18.43 -48.78 -9.61
CA SER J 177 -18.73 -47.52 -10.26
C SER J 177 -17.81 -47.34 -11.45
N GLY J 178 -18.38 -46.96 -12.59
CA GLY J 178 -17.55 -46.68 -13.76
C GLY J 178 -16.97 -45.29 -13.70
N ALA J 179 -15.71 -45.17 -14.10
CA ALA J 179 -15.05 -43.88 -14.07
C ALA J 179 -15.49 -43.02 -15.26
N GLY J 180 -15.15 -41.74 -15.20
CA GLY J 180 -15.51 -40.84 -16.28
C GLY J 180 -14.87 -41.23 -17.59
N ASP J 181 -13.59 -41.61 -17.56
CA ASP J 181 -12.87 -42.04 -18.74
C ASP J 181 -11.62 -42.78 -18.30
N THR J 182 -10.81 -43.18 -19.27
CA THR J 182 -9.60 -43.93 -18.99
C THR J 182 -8.60 -43.06 -18.23
N ALA J 183 -7.74 -43.73 -17.44
CA ALA J 183 -6.79 -43.00 -16.61
C ALA J 183 -5.84 -42.16 -17.44
N ALA J 184 -5.50 -42.60 -18.64
CA ALA J 184 -4.67 -41.78 -19.51
C ALA J 184 -5.40 -40.51 -19.92
N ASN J 185 -6.68 -40.63 -20.29
CA ASN J 185 -7.43 -39.47 -20.79
C ASN J 185 -7.87 -38.54 -19.66
N LEU J 186 -8.06 -39.07 -18.46
CA LEU J 186 -8.47 -38.23 -17.35
C LEU J 186 -7.37 -37.25 -16.96
N SER J 187 -7.79 -36.04 -16.60
CA SER J 187 -6.84 -35.06 -16.08
C SER J 187 -6.40 -35.45 -14.68
N GLY J 188 -5.31 -34.84 -14.23
CA GLY J 188 -4.78 -35.16 -12.91
C GLY J 188 -5.79 -34.91 -11.81
N ASP J 189 -6.51 -33.79 -11.90
CA ASP J 189 -7.57 -33.52 -10.93
C ASP J 189 -8.60 -34.64 -10.94
N ASN J 190 -9.09 -35.00 -12.13
CA ASN J 190 -10.14 -36.01 -12.22
C ASN J 190 -9.63 -37.37 -11.80
N LEU J 191 -8.36 -37.67 -12.08
CA LEU J 191 -7.79 -38.96 -11.66
C LEU J 191 -7.70 -39.05 -10.15
N TYR J 192 -7.16 -38.00 -9.52
CA TYR J 192 -7.11 -37.99 -8.07
C TYR J 192 -8.51 -38.08 -7.48
N GLN J 193 -9.46 -37.36 -8.05
CA GLN J 193 -10.80 -37.38 -7.51
C GLN J 193 -11.44 -38.75 -7.69
N ALA J 194 -11.17 -39.42 -8.80
CA ALA J 194 -11.75 -40.74 -9.02
C ALA J 194 -11.22 -41.77 -8.03
N ILE J 195 -9.90 -41.76 -7.81
CA ILE J 195 -9.35 -42.70 -6.83
C ILE J 195 -9.83 -42.34 -5.42
N ALA J 196 -9.88 -41.06 -5.09
CA ALA J 196 -10.33 -40.66 -3.76
C ALA J 196 -11.79 -40.99 -3.54
N ASP J 197 -12.64 -40.81 -4.55
CA ASP J 197 -14.02 -41.24 -4.44
C ASP J 197 -14.11 -42.75 -4.31
N LEU J 198 -13.27 -43.50 -5.01
CA LEU J 198 -13.27 -44.95 -4.84
C LEU J 198 -12.99 -45.34 -3.41
N ILE J 199 -12.01 -44.70 -2.77
CA ILE J 199 -11.70 -45.03 -1.38
C ILE J 199 -12.78 -44.51 -0.43
N THR J 200 -13.27 -43.29 -0.61
CA THR J 200 -14.19 -42.72 0.35
C THR J 200 -15.60 -43.29 0.21
N ASP J 201 -16.00 -43.72 -0.99
CA ASP J 201 -17.27 -44.40 -1.12
C ASP J 201 -17.24 -45.76 -0.41
N GLN J 202 -16.11 -46.46 -0.49
CA GLN J 202 -15.97 -47.68 0.30
C GLN J 202 -16.04 -47.36 1.78
N TRP J 203 -15.36 -46.29 2.22
CA TRP J 203 -15.42 -45.91 3.63
C TRP J 203 -16.85 -45.59 4.05
N ALA J 204 -17.62 -44.99 3.16
CA ALA J 204 -19.01 -44.65 3.48
C ALA J 204 -19.90 -45.87 3.45
N GLY J 205 -19.55 -46.88 2.66
CA GLY J 205 -20.34 -48.10 2.62
C GLY J 205 -20.25 -48.95 3.87
N VAL J 206 -19.16 -48.79 4.64
CA VAL J 206 -19.02 -49.47 5.91
C VAL J 206 -19.27 -48.53 7.08
N PHE J 207 -19.83 -47.35 6.82
CA PHE J 207 -20.11 -46.36 7.85
C PHE J 207 -18.87 -46.02 8.65
N ASN J 208 -17.71 -46.08 7.98
CA ASN J 208 -16.47 -45.54 8.50
C ASN J 208 -16.08 -46.19 9.83
N VAL J 209 -15.93 -47.51 9.80
CA VAL J 209 -15.42 -48.27 10.92
C VAL J 209 -14.02 -48.73 10.56
N GLU J 210 -13.06 -48.51 11.46
CA GLU J 210 -11.66 -48.76 11.15
C GLU J 210 -11.42 -50.21 10.75
N THR J 211 -12.23 -51.14 11.23
CA THR J 211 -12.03 -52.55 10.91
C THR J 211 -12.27 -52.83 9.42
N TYR J 212 -13.32 -52.26 8.84
CA TYR J 212 -13.65 -52.50 7.44
C TYR J 212 -13.21 -51.34 6.55
N LYS J 213 -12.39 -50.43 7.05
CA LYS J 213 -11.85 -49.36 6.23
C LYS J 213 -11.05 -49.94 5.08
N ALA J 214 -11.14 -49.30 3.92
CA ALA J 214 -10.33 -49.73 2.78
C ALA J 214 -8.89 -49.43 3.12
N ASP J 215 -8.18 -50.44 3.60
CA ASP J 215 -6.79 -50.27 3.99
C ASP J 215 -5.89 -50.20 2.78
N ARG J 216 -6.26 -50.83 1.67
CA ARG J 216 -5.39 -50.91 0.52
C ARG J 216 -6.21 -50.74 -0.76
N VAL J 217 -5.49 -50.39 -1.83
CA VAL J 217 -6.06 -50.24 -3.17
C VAL J 217 -5.14 -50.93 -4.15
N VAL J 218 -5.71 -51.69 -5.08
CA VAL J 218 -4.95 -52.31 -6.16
C VAL J 218 -5.46 -51.75 -7.47
N MET J 219 -4.53 -51.39 -8.34
CA MET J 219 -4.79 -50.79 -9.64
C MET J 219 -4.07 -51.60 -10.70
N PRO J 220 -4.55 -51.57 -11.94
CA PRO J 220 -3.77 -52.17 -13.01
C PRO J 220 -2.41 -51.49 -13.10
N ASP J 221 -1.39 -52.27 -13.44
CA ASP J 221 -0.04 -51.70 -13.51
C ASP J 221 0.00 -50.50 -14.44
N THR J 222 -0.77 -50.55 -15.53
CA THR J 222 -0.88 -49.39 -16.40
C THR J 222 -1.41 -48.18 -15.66
N VAL J 223 -2.55 -48.34 -14.98
CA VAL J 223 -3.16 -47.22 -14.27
C VAL J 223 -2.32 -46.80 -13.08
N TYR J 224 -1.70 -47.76 -12.39
CA TYR J 224 -0.83 -47.39 -11.28
C TYR J 224 0.33 -46.54 -11.77
N ASN J 225 0.93 -46.91 -12.89
CA ASN J 225 2.05 -46.14 -13.42
C ASN J 225 1.58 -44.77 -13.91
N ILE J 226 0.40 -44.72 -14.52
CA ILE J 226 -0.17 -43.43 -14.92
C ILE J 226 -0.33 -42.53 -13.70
N CYS J 227 -0.94 -43.05 -12.64
CA CYS J 227 -1.11 -42.27 -11.42
C CYS J 227 0.22 -41.83 -10.84
N ALA J 228 1.20 -42.74 -10.81
CA ALA J 228 2.48 -42.42 -10.19
C ALA J 228 3.31 -41.47 -11.02
N LYS J 229 3.01 -41.33 -12.31
CA LYS J 229 3.79 -40.44 -13.17
C LYS J 229 2.98 -39.31 -13.78
N LYS J 230 1.66 -39.28 -13.59
CA LYS J 230 0.87 -38.16 -14.05
C LYS J 230 0.88 -37.08 -12.98
N ILE J 231 1.40 -35.90 -13.34
CA ILE J 231 1.45 -34.80 -12.39
C ILE J 231 0.03 -34.34 -12.09
N LEU J 232 -0.26 -34.17 -10.80
CA LEU J 232 -1.62 -33.85 -10.37
C LEU J 232 -2.10 -32.56 -11.00
N ASN J 233 -1.43 -31.45 -10.71
CA ASN J 233 -1.66 -30.21 -11.41
C ASN J 233 -0.31 -29.58 -11.67
N SER J 234 -0.04 -29.24 -12.94
CA SER J 234 1.20 -28.56 -13.25
C SER J 234 1.22 -27.16 -12.65
N ASN J 235 0.05 -26.55 -12.46
CA ASN J 235 0.00 -25.23 -11.83
C ASN J 235 0.47 -25.27 -10.39
N GLY J 236 0.30 -26.40 -9.71
CA GLY J 236 0.77 -26.49 -8.36
C GLY J 236 2.25 -26.81 -8.27
N SER J 237 2.63 -27.97 -8.78
CA SER J 237 3.98 -28.48 -8.68
C SER J 237 4.12 -29.62 -9.67
N GLU J 238 5.25 -30.32 -9.61
CA GLU J 238 5.46 -31.51 -10.43
C GLU J 238 4.96 -32.78 -9.76
N MET J 239 4.37 -32.68 -8.58
CA MET J 239 3.99 -33.86 -7.83
C MET J 239 2.89 -34.62 -8.55
N SER J 240 2.95 -35.95 -8.46
CA SER J 240 2.09 -36.83 -9.22
C SER J 240 0.78 -37.10 -8.48
N VAL J 241 -0.18 -37.66 -9.22
CA VAL J 241 -1.47 -38.00 -8.63
C VAL J 241 -1.28 -38.99 -7.48
N LEU J 242 -0.46 -40.01 -7.71
CA LEU J 242 -0.32 -41.04 -6.70
C LEU J 242 0.45 -40.54 -5.48
N ARG J 243 1.39 -39.62 -5.67
CA ARG J 243 2.01 -39.01 -4.49
C ARG J 243 1.04 -38.13 -3.74
N ALA J 244 0.13 -37.47 -4.46
CA ALA J 244 -0.93 -36.74 -3.79
C ALA J 244 -1.80 -37.66 -2.95
N LEU J 245 -2.14 -38.83 -3.50
CA LEU J 245 -2.93 -39.78 -2.73
C LEU J 245 -2.15 -40.31 -1.54
N MET J 246 -0.89 -40.68 -1.73
CA MET J 246 -0.08 -41.17 -0.62
C MET J 246 0.14 -40.12 0.44
N THR J 247 0.01 -38.83 0.09
CA THR J 247 0.05 -37.80 1.11
C THR J 247 -1.29 -37.62 1.81
N ASN J 248 -2.39 -37.63 1.06
CA ASN J 248 -3.70 -37.42 1.65
C ASN J 248 -4.34 -38.68 2.21
N PHE J 249 -3.87 -39.86 1.81
CA PHE J 249 -4.35 -41.14 2.32
C PHE J 249 -3.19 -41.86 3.00
N PRO J 250 -2.71 -41.37 4.13
CA PRO J 250 -1.56 -42.02 4.78
C PRO J 250 -1.87 -43.42 5.26
N THR J 251 -3.15 -43.76 5.43
CA THR J 251 -3.50 -45.11 5.87
C THR J 251 -3.64 -46.08 4.71
N VAL J 252 -4.02 -45.61 3.53
CA VAL J 252 -4.21 -46.49 2.38
C VAL J 252 -2.86 -46.82 1.77
N THR J 253 -2.61 -48.11 1.55
CA THR J 253 -1.42 -48.56 0.87
C THR J 253 -1.80 -48.89 -0.58
N PHE J 254 -1.10 -48.27 -1.52
CA PHE J 254 -1.43 -48.44 -2.93
C PHE J 254 -0.54 -49.52 -3.53
N GLY J 255 -1.18 -50.49 -4.18
CA GLY J 255 -0.46 -51.58 -4.82
C GLY J 255 -0.92 -51.72 -6.25
N LEU J 256 -0.48 -52.78 -6.92
CA LEU J 256 -0.80 -52.93 -8.34
C LEU J 256 -0.71 -54.40 -8.71
N THR J 257 -1.33 -54.71 -9.85
CA THR J 257 -1.29 -56.06 -10.39
C THR J 257 -1.60 -56.00 -11.87
N THR J 258 -1.03 -56.93 -12.62
CA THR J 258 -1.35 -57.04 -14.04
C THR J 258 -2.62 -57.82 -14.28
N LYS J 259 -3.14 -58.51 -13.27
CA LYS J 259 -4.38 -59.26 -13.43
C LYS J 259 -5.55 -58.33 -13.68
N ALA J 260 -5.48 -57.10 -13.19
CA ALA J 260 -6.57 -56.15 -13.26
C ALA J 260 -6.63 -55.39 -14.57
N ARG J 261 -5.72 -55.67 -15.50
CA ARG J 261 -5.69 -54.92 -16.75
C ARG J 261 -6.92 -55.17 -17.61
N ASP J 262 -7.62 -56.29 -17.40
CA ASP J 262 -8.84 -56.57 -18.16
C ASP J 262 -9.69 -57.51 -17.32
N VAL J 263 -10.70 -56.96 -16.65
CA VAL J 263 -11.65 -57.73 -15.87
C VAL J 263 -13.05 -57.38 -16.36
N GLY J 264 -13.77 -58.38 -16.87
CA GLY J 264 -15.08 -58.10 -17.44
C GLY J 264 -15.00 -57.23 -18.69
N GLY J 265 -13.95 -57.40 -19.49
CA GLY J 265 -13.80 -56.63 -20.71
C GLY J 265 -13.38 -55.20 -20.52
N THR J 266 -12.88 -54.85 -19.33
CA THR J 266 -12.52 -53.47 -19.02
C THR J 266 -11.55 -53.52 -17.86
N SER J 267 -10.81 -52.42 -17.67
CA SER J 267 -9.95 -52.31 -16.50
C SER J 267 -10.77 -52.34 -15.22
N ARG J 268 -10.07 -52.49 -14.10
CA ARG J 268 -10.74 -52.52 -12.80
C ARG J 268 -9.73 -52.28 -11.69
N THR J 269 -9.99 -51.29 -10.86
CA THR J 269 -9.23 -51.07 -9.64
C THR J 269 -10.13 -51.27 -8.44
N THR J 270 -9.56 -51.76 -7.35
CA THR J 270 -10.33 -52.21 -6.20
C THR J 270 -9.75 -51.64 -4.92
N ALA J 271 -10.61 -51.03 -4.11
CA ALA J 271 -10.24 -50.59 -2.78
C ALA J 271 -10.81 -51.58 -1.77
N TYR J 272 -9.94 -52.24 -1.03
CA TYR J 272 -10.37 -53.33 -0.16
C TYR J 272 -9.69 -53.18 1.20
N SER J 273 -10.21 -53.92 2.17
CA SER J 273 -9.68 -53.93 3.52
C SER J 273 -8.74 -55.11 3.71
N SER J 274 -7.55 -54.84 4.22
CA SER J 274 -6.56 -55.89 4.49
C SER J 274 -6.70 -56.47 5.88
N ASN J 275 -7.88 -56.41 6.47
CA ASN J 275 -8.07 -56.87 7.83
C ASN J 275 -8.51 -58.33 7.86
N ARG J 276 -8.07 -59.03 8.91
CA ARG J 276 -8.39 -60.44 9.06
C ARG J 276 -9.90 -60.68 9.07
N ARG J 277 -10.64 -59.77 9.68
CA ARG J 277 -12.08 -59.92 9.82
C ARG J 277 -12.86 -59.36 8.63
N ALA J 278 -12.17 -59.02 7.54
CA ALA J 278 -12.84 -58.53 6.34
C ALA J 278 -12.76 -59.52 5.19
N MET J 279 -11.58 -60.07 4.94
CA MET J 279 -11.40 -61.07 3.91
C MET J 279 -10.12 -61.84 4.21
N GLN J 280 -10.11 -63.11 3.81
CA GLN J 280 -8.98 -63.99 4.06
C GLN J 280 -8.71 -64.81 2.81
N MET J 281 -7.48 -65.31 2.71
CA MET J 281 -7.07 -66.22 1.66
C MET J 281 -6.92 -67.59 2.28
N ARG J 282 -7.92 -68.44 2.10
CA ARG J 282 -7.93 -69.74 2.74
C ARG J 282 -7.32 -70.76 1.77
N ILE J 283 -6.06 -71.07 1.98
CA ILE J 283 -5.38 -72.13 1.24
C ILE J 283 -5.18 -73.30 2.21
N PRO J 284 -6.19 -74.15 2.39
CA PRO J 284 -6.12 -75.15 3.45
C PRO J 284 -4.95 -76.10 3.32
N THR J 285 -4.63 -76.51 2.10
CA THR J 285 -3.56 -77.47 1.86
C THR J 285 -2.52 -76.85 0.94
N PRO J 286 -1.31 -76.56 1.43
CA PRO J 286 -0.25 -76.11 0.54
C PRO J 286 0.10 -77.21 -0.45
N LEU J 287 0.70 -76.82 -1.56
CA LEU J 287 1.00 -77.78 -2.61
C LEU J 287 1.86 -78.91 -2.10
N ASN J 288 1.28 -80.11 -2.06
CA ASN J 288 2.00 -81.33 -1.78
C ASN J 288 2.36 -82.00 -3.10
N VAL J 289 3.60 -82.46 -3.23
CA VAL J 289 4.08 -83.08 -4.45
C VAL J 289 4.33 -84.57 -4.16
N SER J 290 3.83 -85.41 -5.05
CA SER J 290 3.93 -86.85 -4.84
C SER J 290 5.36 -87.32 -5.07
N SER J 291 5.70 -88.43 -4.42
CA SER J 291 7.00 -89.04 -4.66
C SER J 291 7.09 -89.54 -6.09
N VAL J 292 8.31 -89.64 -6.60
CA VAL J 292 8.52 -90.03 -7.99
C VAL J 292 8.06 -91.46 -8.21
N ASP J 293 7.36 -91.68 -9.32
CA ASP J 293 6.92 -93.02 -9.70
C ASP J 293 7.62 -93.46 -10.97
N GLN J 294 8.45 -94.49 -10.85
CA GLN J 294 9.23 -95.02 -11.96
C GLN J 294 8.61 -96.34 -12.40
N ARG J 295 7.99 -96.34 -13.57
CA ARG J 295 7.54 -97.57 -14.21
C ARG J 295 8.48 -97.84 -15.38
N GLY J 296 9.28 -98.88 -15.26
CA GLY J 296 10.30 -99.14 -16.25
C GLY J 296 11.28 -98.00 -16.31
N PHE J 297 11.22 -97.23 -17.39
CA PHE J 297 12.07 -96.06 -17.56
C PHE J 297 11.26 -94.78 -17.72
N LYS J 298 10.02 -94.77 -17.23
CA LYS J 298 9.16 -93.60 -17.31
C LYS J 298 8.83 -93.13 -15.91
N TYR J 299 9.18 -91.89 -15.59
CA TYR J 299 8.92 -91.28 -14.31
C TYR J 299 7.69 -90.39 -14.41
N TYR J 300 6.91 -90.38 -13.34
CA TYR J 300 5.66 -89.62 -13.25
C TYR J 300 5.56 -89.04 -11.85
N VAL J 301 5.27 -87.75 -11.79
CA VAL J 301 5.05 -87.05 -10.52
C VAL J 301 3.86 -86.13 -10.70
N GLU J 302 2.87 -86.26 -9.81
CA GLU J 302 1.73 -85.36 -9.81
C GLU J 302 1.67 -84.65 -8.47
N SER J 303 1.28 -83.37 -8.51
CA SER J 303 1.15 -82.57 -7.31
C SER J 303 -0.22 -81.91 -7.31
N TYR J 304 -0.85 -81.88 -6.14
CA TYR J 304 -2.13 -81.20 -5.99
C TYR J 304 -2.02 -80.22 -4.84
N PHE J 305 -2.90 -79.24 -4.84
CA PHE J 305 -3.09 -78.39 -3.68
C PHE J 305 -4.58 -78.14 -3.52
N GLY J 306 -5.05 -78.25 -2.27
CA GLY J 306 -6.41 -77.90 -1.94
C GLY J 306 -6.45 -76.45 -1.52
N VAL J 307 -7.43 -75.72 -2.04
CA VAL J 307 -7.46 -74.27 -1.91
C VAL J 307 -8.90 -73.81 -1.94
N ALA J 308 -9.22 -72.88 -1.05
CA ALA J 308 -10.40 -72.05 -1.19
C ALA J 308 -9.94 -70.71 -1.75
N GLY J 309 -10.84 -70.04 -2.46
CA GLY J 309 -10.44 -68.79 -3.07
C GLY J 309 -10.36 -67.69 -2.03
N LEU J 310 -10.82 -66.51 -2.39
CA LEU J 310 -10.88 -65.41 -1.43
C LEU J 310 -12.16 -65.55 -0.63
N ASP J 311 -12.01 -65.85 0.66
CA ASP J 311 -13.15 -65.85 1.58
C ASP J 311 -13.39 -64.40 1.97
N VAL J 312 -14.29 -63.74 1.26
CA VAL J 312 -14.63 -62.36 1.54
C VAL J 312 -15.70 -62.39 2.62
N ILE J 313 -15.29 -62.10 3.86
CA ILE J 313 -16.18 -62.25 5.01
C ILE J 313 -17.29 -61.21 4.96
N GLU J 314 -16.96 -59.97 4.67
CA GLU J 314 -17.92 -58.87 4.66
C GLU J 314 -18.14 -58.39 3.23
N ASP J 315 -19.42 -58.35 2.83
CA ASP J 315 -19.75 -58.05 1.44
C ASP J 315 -19.31 -56.66 1.02
N THR J 316 -19.25 -55.72 1.96
CA THR J 316 -18.90 -54.34 1.66
C THR J 316 -17.48 -54.00 2.08
N ALA J 317 -16.61 -55.00 2.20
CA ALA J 317 -15.22 -54.75 2.55
C ALA J 317 -14.37 -54.36 1.35
N GLY J 318 -15.00 -53.93 0.26
CA GLY J 318 -14.27 -53.49 -0.91
C GLY J 318 -15.21 -52.77 -1.85
N ARG J 319 -14.61 -52.14 -2.85
CA ARG J 319 -15.34 -51.37 -3.84
C ARG J 319 -14.55 -51.33 -5.13
N HIS J 320 -15.27 -51.38 -6.26
CA HIS J 320 -14.66 -51.43 -7.58
C HIS J 320 -14.85 -50.11 -8.30
N LEU J 321 -13.79 -49.61 -8.90
CA LEU J 321 -13.86 -48.54 -9.88
C LEU J 321 -13.42 -49.12 -11.21
N THR J 322 -14.34 -49.20 -12.15
CA THR J 322 -14.08 -49.78 -13.46
C THR J 322 -13.99 -48.66 -14.51
N GLY J 323 -13.53 -49.04 -15.69
CA GLY J 323 -13.43 -48.11 -16.78
C GLY J 323 -12.31 -47.10 -16.67
N LEU J 324 -11.50 -47.16 -15.62
CA LEU J 324 -10.41 -46.22 -15.44
C LEU J 324 -9.37 -46.39 -16.53
N GLU K 31 -26.09 -94.51 -3.44
CA GLU K 31 -25.98 -94.77 -2.01
C GLU K 31 -24.51 -94.95 -1.62
N GLY K 32 -23.70 -93.94 -1.94
CA GLY K 32 -22.28 -94.03 -1.72
C GLY K 32 -21.70 -92.92 -0.87
N GLY K 33 -20.96 -93.31 0.16
CA GLY K 33 -20.27 -92.36 1.02
C GLY K 33 -19.91 -93.02 2.33
N ILE K 34 -18.84 -92.59 2.98
CA ILE K 34 -18.49 -93.13 4.28
C ILE K 34 -18.26 -91.99 5.26
N ILE K 35 -18.20 -90.77 4.74
CA ILE K 35 -17.94 -89.59 5.56
C ILE K 35 -19.26 -88.89 5.80
N LEU K 36 -19.65 -88.79 7.06
CA LEU K 36 -20.84 -88.03 7.43
C LEU K 36 -20.64 -86.57 7.06
N ALA K 37 -21.67 -85.96 6.48
CA ALA K 37 -21.53 -84.60 5.97
C ALA K 37 -21.10 -83.63 7.07
N ARG K 38 -21.48 -83.92 8.31
CA ARG K 38 -21.29 -82.96 9.40
C ARG K 38 -19.84 -82.53 9.54
N ASN K 39 -18.91 -83.48 9.46
CA ASN K 39 -17.50 -83.19 9.60
C ASN K 39 -16.78 -83.10 8.27
N LEU K 40 -17.51 -83.01 7.16
CA LEU K 40 -16.94 -82.58 5.89
C LEU K 40 -16.81 -81.06 5.81
N GLU K 41 -17.27 -80.35 6.83
CA GLU K 41 -17.25 -78.90 6.87
C GLU K 41 -16.52 -78.45 8.13
N HIS K 42 -15.49 -77.63 7.97
CA HIS K 42 -14.76 -77.11 9.10
C HIS K 42 -15.41 -75.82 9.58
N VAL K 43 -15.45 -75.65 10.89
CA VAL K 43 -16.01 -74.44 11.51
C VAL K 43 -14.84 -73.66 12.09
N SER K 44 -14.64 -72.44 11.62
CA SER K 44 -13.46 -71.68 11.97
C SER K 44 -13.49 -71.28 13.43
N SER K 45 -12.33 -71.36 14.07
CA SER K 45 -12.23 -71.06 15.49
C SER K 45 -12.29 -69.57 15.78
N GLU K 46 -11.86 -68.74 14.84
CA GLU K 46 -11.85 -67.30 15.05
C GLU K 46 -13.26 -66.76 15.16
N ILE K 47 -13.43 -65.75 16.00
CA ILE K 47 -14.73 -65.18 16.33
C ILE K 47 -14.90 -63.89 15.54
N PHE K 48 -16.06 -63.75 14.91
CA PHE K 48 -16.40 -62.55 14.15
C PHE K 48 -17.48 -61.82 14.91
N THR K 49 -17.20 -60.61 15.35
CA THR K 49 -18.15 -59.77 16.05
C THR K 49 -18.80 -58.81 15.08
N GLN K 50 -20.10 -58.63 15.20
CA GLN K 50 -20.80 -57.66 14.38
C GLN K 50 -20.28 -56.27 14.68
N GLU K 51 -20.13 -55.45 13.65
CA GLU K 51 -19.63 -54.08 13.79
C GLU K 51 -20.76 -53.12 13.46
N PHE K 52 -21.04 -52.22 14.39
CA PHE K 52 -21.98 -51.14 14.17
C PHE K 52 -21.21 -49.85 13.99
N ALA K 53 -21.91 -48.83 13.50
CA ALA K 53 -21.29 -47.52 13.29
C ALA K 53 -20.65 -47.05 14.58
N GLY K 54 -19.60 -46.25 14.44
CA GLY K 54 -18.83 -45.85 15.61
C GLY K 54 -19.59 -44.92 16.53
N LEU K 55 -19.09 -44.85 17.75
CA LEU K 55 -19.68 -44.01 18.80
C LEU K 55 -18.70 -42.88 19.10
N THR K 56 -19.05 -41.67 18.67
CA THR K 56 -18.13 -40.54 18.76
C THR K 56 -18.57 -39.47 19.75
N PHE K 57 -19.73 -39.61 20.39
CA PHE K 57 -20.25 -38.53 21.20
C PHE K 57 -19.39 -38.26 22.42
N LEU K 58 -18.92 -39.31 23.10
CA LEU K 58 -18.12 -39.08 24.28
C LEU K 58 -16.77 -38.47 23.95
N GLN K 59 -16.36 -38.51 22.69
CA GLN K 59 -15.20 -37.74 22.23
C GLN K 59 -15.63 -36.51 21.45
N GLY K 60 -16.90 -36.14 21.53
CA GLY K 60 -17.39 -34.89 20.97
C GLY K 60 -17.10 -33.69 21.81
N GLY K 61 -16.32 -33.85 22.88
CA GLY K 61 -15.89 -32.74 23.70
C GLY K 61 -16.86 -32.31 24.77
N ILE K 62 -18.12 -32.74 24.69
CA ILE K 62 -19.12 -32.33 25.67
C ILE K 62 -18.81 -32.97 27.01
N VAL K 63 -18.93 -32.20 28.06
CA VAL K 63 -18.65 -32.68 29.40
C VAL K 63 -19.89 -33.38 29.94
N VAL K 64 -19.66 -34.37 30.80
CA VAL K 64 -20.75 -35.12 31.43
C VAL K 64 -21.01 -34.54 32.81
N ASN K 65 -22.27 -34.22 33.06
CA ASN K 65 -22.72 -33.71 34.36
C ASN K 65 -23.67 -34.74 34.94
N ASN K 66 -23.17 -35.57 35.85
CA ASN K 66 -23.95 -36.63 36.47
C ASN K 66 -24.18 -36.25 37.92
N GLU K 67 -25.23 -35.48 38.16
CA GLU K 67 -25.51 -35.00 39.50
C GLU K 67 -26.96 -35.09 39.93
N GLY K 68 -27.90 -35.27 39.00
CA GLY K 68 -29.31 -35.18 39.33
C GLY K 68 -29.81 -36.25 40.27
N GLY K 69 -29.00 -37.26 40.57
CA GLY K 69 -29.49 -38.37 41.37
C GLY K 69 -30.66 -39.03 40.66
N TYR K 70 -31.72 -39.28 41.41
CA TYR K 70 -32.95 -39.83 40.83
C TYR K 70 -34.00 -38.77 40.62
N ALA K 71 -33.65 -37.50 40.75
CA ALA K 71 -34.60 -36.42 40.55
C ALA K 71 -35.11 -36.41 39.11
N THR K 72 -36.37 -36.06 38.94
CA THR K 72 -36.99 -36.11 37.62
C THR K 72 -36.64 -34.91 36.75
N SER K 73 -35.94 -33.91 37.28
CA SER K 73 -35.50 -32.78 36.49
C SER K 73 -34.34 -32.11 37.20
N VAL K 74 -33.59 -31.31 36.46
CA VAL K 74 -32.47 -30.56 37.01
C VAL K 74 -32.63 -29.10 36.64
N THR K 75 -32.49 -28.22 37.63
CA THR K 75 -32.70 -26.79 37.45
C THR K 75 -31.40 -26.05 37.65
N LYS K 76 -31.13 -25.09 36.77
CA LYS K 76 -29.96 -24.24 36.85
C LYS K 76 -30.41 -22.80 36.67
N LEU K 77 -29.88 -21.91 37.51
CA LEU K 77 -30.33 -20.54 37.60
C LEU K 77 -29.15 -19.59 37.43
N LYS K 78 -29.39 -18.50 36.72
CA LYS K 78 -28.40 -17.45 36.57
C LYS K 78 -28.96 -16.12 37.02
N LEU K 79 -28.07 -15.24 37.44
CA LEU K 79 -28.43 -13.88 37.79
C LEU K 79 -27.39 -12.95 37.17
N LYS K 80 -27.86 -11.76 36.78
CA LYS K 80 -27.08 -10.83 35.99
C LYS K 80 -27.19 -9.43 36.57
N ALA K 81 -26.17 -8.62 36.32
CA ALA K 81 -26.23 -7.21 36.65
C ALA K 81 -27.21 -6.51 35.72
N GLU K 82 -27.79 -5.42 36.20
CA GLU K 82 -28.76 -4.68 35.41
C GLU K 82 -28.64 -3.21 35.75
N GLY K 83 -29.05 -2.37 34.81
CA GLY K 83 -28.97 -0.93 34.98
C GLY K 83 -27.78 -0.32 34.29
N GLY K 84 -27.43 0.88 34.75
CA GLY K 84 -26.29 1.59 34.20
C GLY K 84 -26.19 2.94 34.83
N PHE K 85 -25.02 3.56 34.66
CA PHE K 85 -24.76 4.87 35.23
C PHE K 85 -25.52 5.95 34.47
N ARG K 86 -25.42 7.17 34.98
CA ARG K 86 -26.07 8.33 34.35
C ARG K 86 -25.16 9.54 34.52
N GLU K 87 -25.36 10.52 33.64
CA GLU K 87 -24.58 11.75 33.70
C GLU K 87 -25.03 12.57 34.89
N SER K 88 -24.14 12.77 35.84
CA SER K 88 -24.47 13.45 37.08
C SER K 88 -23.59 14.68 37.26
N GLY K 89 -24.14 15.69 37.89
CA GLY K 89 -23.40 16.90 38.18
C GLY K 89 -22.41 16.70 39.29
N ASN K 90 -22.10 17.80 39.98
CA ASN K 90 -21.20 17.75 41.12
C ASN K 90 -21.95 17.51 42.42
N ASP K 91 -23.17 18.04 42.53
CA ASP K 91 -23.96 17.94 43.74
C ASP K 91 -25.41 17.64 43.40
N THR K 92 -25.61 16.71 42.46
CA THR K 92 -26.95 16.34 42.02
C THR K 92 -27.41 15.09 42.74
N ASN K 93 -28.66 14.70 42.48
CA ASN K 93 -29.22 13.46 43.01
C ASN K 93 -29.31 12.44 41.89
N THR K 94 -28.68 11.28 42.11
CA THR K 94 -28.49 10.30 41.04
C THR K 94 -29.82 9.78 40.54
N THR K 95 -29.90 9.53 39.24
CA THR K 95 -31.06 8.85 38.65
C THR K 95 -30.66 7.55 37.97
N GLY K 96 -29.43 7.09 38.17
CA GLY K 96 -28.97 5.84 37.58
C GLY K 96 -28.76 4.77 38.62
N LYS K 97 -29.46 3.65 38.47
CA LYS K 97 -29.48 2.61 39.47
C LYS K 97 -29.02 1.29 38.86
N ILE K 98 -28.21 0.54 39.62
CA ILE K 98 -27.67 -0.73 39.17
C ILE K 98 -28.17 -1.82 40.11
N THR K 99 -29.02 -2.70 39.60
CA THR K 99 -29.65 -3.76 40.38
C THR K 99 -29.23 -5.12 39.86
N LEU K 100 -29.87 -6.16 40.35
CA LEU K 100 -29.68 -7.51 39.86
C LEU K 100 -30.98 -8.06 39.30
N SER K 101 -30.85 -8.92 38.31
CA SER K 101 -31.99 -9.67 37.78
C SER K 101 -31.56 -11.12 37.69
N GLY K 102 -32.49 -11.98 37.27
CA GLY K 102 -32.15 -13.38 37.18
C GLY K 102 -33.25 -14.17 36.50
N GLU K 103 -32.89 -15.36 36.05
CA GLU K 103 -33.86 -16.30 35.51
C GLU K 103 -33.30 -17.69 35.66
N SER K 104 -34.10 -18.68 35.29
CA SER K 104 -33.78 -20.07 35.53
C SER K 104 -34.05 -20.90 34.29
N ASP K 105 -33.69 -22.18 34.37
CA ASP K 105 -33.85 -23.10 33.26
C ASP K 105 -33.89 -24.52 33.82
N SER K 106 -34.78 -25.34 33.28
CA SER K 106 -34.96 -26.70 33.76
C SER K 106 -34.79 -27.68 32.61
N ILE K 107 -34.28 -28.87 32.95
CA ILE K 107 -34.11 -29.95 32.00
C ILE K 107 -34.81 -31.19 32.55
N PRO K 108 -35.78 -31.77 31.84
CA PRO K 108 -36.46 -32.95 32.36
C PRO K 108 -35.65 -34.21 32.12
N VAL K 109 -35.72 -35.14 33.08
CA VAL K 109 -35.02 -36.41 33.04
C VAL K 109 -36.04 -37.52 32.83
N PHE K 110 -35.76 -38.42 31.90
CA PHE K 110 -36.62 -39.56 31.66
C PHE K 110 -35.79 -40.84 31.79
N THR K 111 -36.46 -41.96 31.93
CA THR K 111 -35.79 -43.24 32.08
C THR K 111 -36.07 -44.12 30.86
N LEU K 112 -35.04 -44.83 30.42
CA LEU K 112 -35.15 -45.77 29.32
C LEU K 112 -34.90 -47.16 29.87
N GLU K 113 -35.74 -48.13 29.49
CA GLU K 113 -35.71 -49.44 30.11
C GLU K 113 -35.91 -50.53 29.08
N GLY K 114 -35.29 -51.68 29.36
CA GLY K 114 -35.37 -52.81 28.45
C GLY K 114 -35.06 -54.10 29.18
N GLU K 115 -35.61 -55.19 28.67
CA GLU K 115 -35.52 -56.49 29.33
C GLU K 115 -35.05 -57.55 28.35
N SER K 116 -34.46 -58.61 28.90
CA SER K 116 -34.15 -59.80 28.10
C SER K 116 -34.47 -61.04 28.91
N ASP K 117 -35.08 -62.02 28.26
CA ASP K 117 -35.55 -63.24 28.90
C ASP K 117 -35.02 -64.47 28.19
N TRP K 118 -35.02 -65.59 28.90
CA TRP K 118 -34.55 -66.83 28.31
C TRP K 118 -34.91 -68.00 29.22
N SER K 119 -35.13 -69.16 28.63
CA SER K 119 -35.42 -70.35 29.42
C SER K 119 -34.15 -71.13 29.68
N GLU K 120 -34.26 -72.14 30.55
CA GLU K 120 -33.14 -73.01 30.83
C GLU K 120 -32.73 -73.82 29.61
N ILE K 121 -33.70 -74.31 28.83
CA ILE K 121 -33.37 -75.08 27.64
C ILE K 121 -32.62 -74.20 26.65
N GLU K 122 -33.03 -72.94 26.51
CA GLU K 122 -32.29 -72.02 25.65
C GLU K 122 -30.87 -71.83 26.13
N LEU K 123 -30.68 -71.69 27.44
CA LEU K 123 -29.33 -71.52 27.98
C LEU K 123 -28.47 -72.75 27.70
N LYS K 124 -29.03 -73.94 27.89
CA LYS K 124 -28.23 -75.14 27.75
C LYS K 124 -27.93 -75.45 26.29
N GLN K 125 -28.87 -75.16 25.38
CA GLN K 125 -28.55 -75.28 23.96
C GLN K 125 -27.51 -74.25 23.55
N ALA K 126 -27.62 -73.02 24.04
CA ALA K 126 -26.61 -72.02 23.73
C ALA K 126 -25.25 -72.42 24.26
N GLU K 127 -25.22 -73.23 25.32
CA GLU K 127 -23.95 -73.78 25.78
C GLU K 127 -23.29 -74.69 24.74
N LEU K 128 -24.05 -75.18 23.76
CA LEU K 128 -23.46 -76.06 22.75
C LEU K 128 -22.48 -75.33 21.87
N GLN K 129 -22.70 -74.04 21.61
CA GLN K 129 -21.76 -73.22 20.87
C GLN K 129 -20.81 -72.46 21.78
N ASN K 130 -20.63 -72.92 23.02
CA ASN K 130 -19.75 -72.27 23.98
C ASN K 130 -20.13 -70.80 24.14
N VAL K 131 -21.43 -70.56 24.27
CA VAL K 131 -22.00 -69.22 24.37
C VAL K 131 -22.74 -69.12 25.69
N ASN K 132 -22.31 -68.20 26.55
CA ASN K 132 -22.93 -67.98 27.85
C ASN K 132 -24.08 -66.99 27.64
N LEU K 133 -25.28 -67.52 27.50
CA LEU K 133 -26.44 -66.68 27.17
C LEU K 133 -26.68 -65.58 28.18
N PRO K 134 -26.68 -65.81 29.50
CA PRO K 134 -26.83 -64.69 30.42
C PRO K 134 -25.74 -63.64 30.26
N SER K 135 -24.48 -64.07 30.11
CA SER K 135 -23.39 -63.12 29.97
C SER K 135 -23.53 -62.33 28.67
N ARG K 136 -23.98 -62.99 27.60
CA ARG K 136 -24.13 -62.28 26.34
C ARG K 136 -25.27 -61.27 26.40
N TYR K 137 -26.35 -61.58 27.11
CA TYR K 137 -27.35 -60.55 27.39
C TYR K 137 -26.81 -59.41 28.24
N PHE K 138 -26.00 -59.71 29.25
CA PHE K 138 -25.46 -58.61 30.06
C PHE K 138 -24.59 -57.69 29.21
N GLU K 139 -23.72 -58.28 28.39
CA GLU K 139 -22.88 -57.49 27.50
C GLU K 139 -23.71 -56.77 26.44
N ALA K 140 -24.82 -57.36 26.00
CA ALA K 140 -25.68 -56.69 25.03
C ALA K 140 -26.42 -55.53 25.66
N HIS K 141 -26.82 -55.65 26.92
CA HIS K 141 -27.38 -54.53 27.65
C HIS K 141 -26.38 -53.39 27.73
N ALA K 142 -25.15 -53.70 28.11
CA ALA K 142 -24.13 -52.66 28.21
C ALA K 142 -23.87 -52.01 26.85
N GLU K 143 -23.78 -52.82 25.80
CA GLU K 143 -23.52 -52.28 24.47
C GLU K 143 -24.67 -51.40 24.00
N LEU K 144 -25.90 -51.84 24.19
CA LEU K 144 -27.04 -51.02 23.80
C LEU K 144 -27.10 -49.74 24.61
N TYR K 145 -26.69 -49.79 25.87
CA TYR K 145 -26.64 -48.57 26.68
C TYR K 145 -25.63 -47.59 26.12
N ASN K 146 -24.45 -48.08 25.77
CA ASN K 146 -23.44 -47.20 25.19
C ASN K 146 -23.91 -46.61 23.87
N ARG K 147 -24.58 -47.42 23.05
CA ARG K 147 -25.11 -46.91 21.80
C ARG K 147 -26.22 -45.90 22.04
N LYS K 148 -27.01 -46.10 23.09
CA LYS K 148 -28.12 -45.20 23.37
C LYS K 148 -27.63 -43.86 23.90
N ILE K 149 -26.54 -43.84 24.66
CA ILE K 149 -25.96 -42.56 25.07
C ILE K 149 -25.60 -41.73 23.85
N ASP K 150 -24.89 -42.33 22.89
CA ASP K 150 -24.47 -41.59 21.71
C ASP K 150 -25.66 -41.27 20.82
N GLU K 151 -26.73 -42.07 20.87
CA GLU K 151 -27.93 -41.73 20.13
C GLU K 151 -28.62 -40.51 20.71
N LEU K 152 -28.71 -40.45 22.05
CA LEU K 152 -29.33 -39.31 22.72
C LEU K 152 -28.47 -38.07 22.67
N GLY K 153 -27.15 -38.23 22.49
CA GLY K 153 -26.27 -37.09 22.41
C GLY K 153 -26.37 -36.33 21.11
N TYR K 154 -26.24 -37.03 19.99
CA TYR K 154 -26.32 -36.37 18.70
C TYR K 154 -27.77 -36.14 18.29
N LEU K 155 -28.51 -37.22 18.07
CA LEU K 155 -29.94 -37.08 17.92
C LEU K 155 -30.58 -37.00 19.29
N GLY K 156 -31.86 -36.70 19.33
CA GLY K 156 -32.60 -36.69 20.57
C GLY K 156 -33.14 -38.06 20.90
N GLN K 157 -34.08 -38.08 21.83
CA GLN K 157 -34.86 -39.28 22.08
C GLN K 157 -36.08 -39.24 21.17
N THR K 158 -36.16 -40.18 20.24
CA THR K 158 -37.29 -40.23 19.31
C THR K 158 -38.38 -41.12 19.90
N ARG K 159 -39.61 -40.64 19.86
CA ARG K 159 -40.73 -41.44 20.31
C ARG K 159 -40.95 -42.59 19.34
N THR K 160 -41.61 -43.64 19.84
CA THR K 160 -41.95 -44.78 18.99
C THR K 160 -42.79 -44.34 17.80
N ASP K 161 -43.57 -43.27 17.96
CA ASP K 161 -44.37 -42.74 16.86
C ASP K 161 -43.47 -42.25 15.73
N GLY K 162 -42.27 -41.80 16.06
CA GLY K 162 -41.36 -41.20 15.11
C GLY K 162 -41.11 -39.73 15.34
N THR K 163 -41.99 -39.06 16.09
CA THR K 163 -41.75 -37.68 16.46
C THR K 163 -40.64 -37.58 17.49
N GLN K 164 -40.13 -36.36 17.66
CA GLN K 164 -38.95 -36.13 18.49
C GLN K 164 -39.38 -35.62 19.86
N LYS K 165 -38.91 -36.30 20.91
CA LYS K 165 -39.24 -35.89 22.28
C LYS K 165 -38.22 -34.89 22.82
N THR K 166 -36.97 -35.31 22.90
CA THR K 166 -35.88 -34.42 23.26
C THR K 166 -34.99 -34.22 22.04
N LEU K 167 -34.07 -33.27 22.16
CA LEU K 167 -33.23 -32.89 21.03
C LEU K 167 -31.77 -33.05 21.42
N GLY K 168 -30.92 -33.21 20.43
CA GLY K 168 -29.51 -33.42 20.68
C GLY K 168 -28.62 -32.42 19.97
N LEU K 169 -27.37 -32.79 19.74
CA LEU K 169 -26.45 -31.87 19.09
C LEU K 169 -26.88 -31.53 17.68
N LEU K 170 -27.56 -32.46 17.00
CA LEU K 170 -27.89 -32.26 15.61
C LEU K 170 -29.36 -31.93 15.36
N ASN K 171 -30.21 -32.04 16.37
CA ASN K 171 -31.62 -31.70 16.21
C ASN K 171 -31.98 -30.35 16.81
N TYR K 172 -31.22 -29.87 17.78
CA TYR K 172 -31.66 -28.74 18.60
C TYR K 172 -31.95 -27.53 17.74
N GLY K 173 -32.75 -26.63 18.28
CA GLY K 173 -33.19 -25.47 17.51
C GLY K 173 -32.13 -24.41 17.34
N PHE K 174 -30.92 -24.82 17.03
CA PHE K 174 -29.91 -23.88 16.55
C PHE K 174 -30.31 -23.37 15.18
N VAL K 175 -29.78 -22.21 14.82
CA VAL K 175 -30.08 -21.63 13.51
C VAL K 175 -29.47 -22.52 12.43
N ALA K 176 -30.26 -22.83 11.42
CA ALA K 176 -29.84 -23.73 10.35
C ALA K 176 -30.06 -23.05 9.01
N SER K 177 -29.05 -23.13 8.16
CA SER K 177 -29.13 -22.59 6.81
C SER K 177 -28.55 -23.61 5.85
N GLY K 178 -29.19 -23.76 4.69
CA GLY K 178 -28.77 -24.77 3.75
C GLY K 178 -27.45 -24.44 3.09
N ALA K 179 -26.79 -25.48 2.58
CA ALA K 179 -25.56 -25.30 1.83
C ALA K 179 -25.87 -25.18 0.34
N GLY K 180 -24.87 -24.71 -0.41
CA GLY K 180 -25.06 -24.56 -1.85
C GLY K 180 -25.23 -25.88 -2.56
N ASP K 181 -24.40 -26.87 -2.21
CA ASP K 181 -24.46 -28.17 -2.85
C ASP K 181 -23.79 -29.17 -1.92
N THR K 182 -24.01 -30.45 -2.21
CA THR K 182 -23.44 -31.51 -1.37
C THR K 182 -21.93 -31.49 -1.45
N ALA K 183 -21.28 -31.95 -0.37
CA ALA K 183 -19.82 -31.86 -0.28
C ALA K 183 -19.15 -32.60 -1.41
N ALA K 184 -19.83 -33.56 -2.04
CA ALA K 184 -19.26 -34.26 -3.18
C ALA K 184 -19.28 -33.38 -4.43
N ASN K 185 -20.10 -32.34 -4.44
CA ASN K 185 -20.21 -31.51 -5.64
C ASN K 185 -19.57 -30.13 -5.49
N LEU K 186 -19.40 -29.66 -4.26
CA LEU K 186 -18.70 -28.39 -4.04
C LEU K 186 -17.22 -28.54 -4.37
N SER K 187 -16.64 -27.48 -4.91
CA SER K 187 -15.21 -27.44 -5.07
C SER K 187 -14.54 -27.25 -3.71
N GLY K 188 -13.23 -27.40 -3.68
CA GLY K 188 -12.52 -27.22 -2.42
C GLY K 188 -12.71 -25.84 -1.83
N ASP K 189 -12.69 -24.81 -2.69
CA ASP K 189 -12.98 -23.46 -2.23
C ASP K 189 -14.37 -23.39 -1.63
N ASN K 190 -15.38 -23.90 -2.32
CA ASN K 190 -16.75 -23.77 -1.85
C ASN K 190 -16.98 -24.60 -0.59
N LEU K 191 -16.39 -25.80 -0.52
CA LEU K 191 -16.57 -26.63 0.66
C LEU K 191 -15.91 -25.99 1.88
N TYR K 192 -14.68 -25.50 1.70
CA TYR K 192 -14.01 -24.79 2.79
C TYR K 192 -14.82 -23.57 3.20
N GLN K 193 -15.34 -22.83 2.24
CA GLN K 193 -16.12 -21.65 2.57
C GLN K 193 -17.38 -22.01 3.32
N ALA K 194 -18.03 -23.12 2.95
CA ALA K 194 -19.23 -23.54 3.65
C ALA K 194 -18.94 -23.87 5.11
N ILE K 195 -17.89 -24.66 5.36
CA ILE K 195 -17.61 -25.06 6.74
C ILE K 195 -17.11 -23.86 7.55
N ALA K 196 -16.21 -23.06 6.97
CA ALA K 196 -15.73 -21.89 7.69
C ALA K 196 -16.86 -20.89 7.94
N ASP K 197 -17.79 -20.77 7.00
CA ASP K 197 -18.97 -19.96 7.23
C ASP K 197 -19.78 -20.51 8.39
N LEU K 198 -19.99 -21.82 8.44
CA LEU K 198 -20.69 -22.41 9.57
C LEU K 198 -20.05 -21.98 10.87
N ILE K 199 -18.73 -22.16 10.98
CA ILE K 199 -18.05 -21.85 12.23
C ILE K 199 -18.12 -20.37 12.56
N THR K 200 -17.91 -19.51 11.56
CA THR K 200 -17.88 -18.08 11.85
C THR K 200 -19.27 -17.49 12.08
N ASP K 201 -20.32 -17.98 11.43
CA ASP K 201 -21.65 -17.54 11.83
C ASP K 201 -21.99 -18.00 13.24
N GLN K 202 -21.58 -19.21 13.62
CA GLN K 202 -21.77 -19.60 15.01
C GLN K 202 -21.03 -18.64 15.94
N TRP K 203 -19.79 -18.29 15.59
CA TRP K 203 -19.01 -17.36 16.39
C TRP K 203 -19.71 -16.01 16.51
N ALA K 204 -20.27 -15.53 15.40
CA ALA K 204 -20.98 -14.26 15.39
C ALA K 204 -22.22 -14.32 16.26
N GLY K 205 -22.92 -15.46 16.25
CA GLY K 205 -24.15 -15.57 17.02
C GLY K 205 -23.95 -15.43 18.51
N VAL K 206 -22.74 -15.70 18.99
CA VAL K 206 -22.41 -15.52 20.40
C VAL K 206 -21.58 -14.25 20.61
N PHE K 207 -21.56 -13.35 19.63
CA PHE K 207 -20.84 -12.08 19.73
C PHE K 207 -19.38 -12.32 20.12
N ASN K 208 -18.78 -13.35 19.54
CA ASN K 208 -17.35 -13.59 19.61
C ASN K 208 -16.84 -13.85 21.03
N VAL K 209 -17.73 -14.20 21.96
CA VAL K 209 -17.28 -14.53 23.31
C VAL K 209 -16.51 -15.85 23.28
N GLU K 210 -15.36 -15.87 23.94
CA GLU K 210 -14.49 -17.04 23.87
C GLU K 210 -15.17 -18.29 24.41
N THR K 211 -15.92 -18.15 25.49
CA THR K 211 -16.47 -19.33 26.16
C THR K 211 -17.68 -19.91 25.44
N TYR K 212 -18.22 -19.22 24.45
CA TYR K 212 -19.34 -19.74 23.68
C TYR K 212 -18.98 -19.94 22.21
N LYS K 213 -17.73 -19.70 21.84
CA LYS K 213 -17.29 -19.90 20.47
C LYS K 213 -17.12 -21.39 20.20
N ALA K 214 -17.47 -21.80 18.98
CA ALA K 214 -17.48 -23.22 18.64
C ALA K 214 -16.12 -23.87 18.84
N ASP K 215 -16.03 -24.73 19.86
CA ASP K 215 -14.83 -25.52 20.05
C ASP K 215 -14.77 -26.70 19.08
N ARG K 216 -15.92 -27.21 18.66
CA ARG K 216 -15.99 -28.46 17.92
C ARG K 216 -16.92 -28.33 16.73
N VAL K 217 -16.68 -29.16 15.73
CA VAL K 217 -17.55 -29.32 14.58
C VAL K 217 -17.79 -30.81 14.36
N VAL K 218 -19.04 -31.19 14.19
CA VAL K 218 -19.42 -32.57 13.91
C VAL K 218 -20.11 -32.60 12.55
N MET K 219 -19.60 -33.44 11.67
CA MET K 219 -20.11 -33.55 10.31
C MET K 219 -20.18 -35.03 9.93
N PRO K 220 -21.11 -35.39 9.05
CA PRO K 220 -21.30 -36.81 8.72
C PRO K 220 -20.06 -37.40 8.08
N ASP K 221 -19.88 -38.71 8.27
CA ASP K 221 -18.70 -39.36 7.73
C ASP K 221 -18.59 -39.16 6.23
N THR K 222 -19.71 -39.26 5.51
CA THR K 222 -19.73 -38.97 4.08
C THR K 222 -19.37 -37.53 3.76
N VAL K 223 -19.15 -36.69 4.76
CA VAL K 223 -18.72 -35.32 4.57
C VAL K 223 -17.35 -35.07 5.17
N TYR K 224 -17.08 -35.62 6.36
CA TYR K 224 -15.75 -35.49 6.94
C TYR K 224 -14.71 -36.16 6.04
N ASN K 225 -15.03 -37.32 5.50
CA ASN K 225 -14.08 -38.00 4.62
C ASN K 225 -13.85 -37.20 3.34
N ILE K 226 -14.93 -36.66 2.78
CA ILE K 226 -14.79 -35.83 1.57
C ILE K 226 -13.91 -34.63 1.85
N CYS K 227 -14.14 -33.96 2.98
CA CYS K 227 -13.31 -32.81 3.34
C CYS K 227 -11.86 -33.22 3.56
N ALA K 228 -11.64 -34.37 4.19
CA ALA K 228 -10.28 -34.80 4.46
C ALA K 228 -9.55 -35.23 3.20
N LYS K 229 -10.28 -35.56 2.13
CA LYS K 229 -9.64 -36.07 0.93
C LYS K 229 -9.84 -35.20 -0.30
N LYS K 230 -10.81 -34.29 -0.30
CA LYS K 230 -10.94 -33.37 -1.42
C LYS K 230 -9.80 -32.36 -1.38
N ILE K 231 -9.19 -32.10 -2.54
CA ILE K 231 -8.14 -31.10 -2.61
C ILE K 231 -8.75 -29.72 -2.55
N LEU K 232 -8.22 -28.87 -1.66
CA LEU K 232 -8.72 -27.50 -1.56
C LEU K 232 -8.64 -26.80 -2.90
N ASN K 233 -7.47 -26.81 -3.51
CA ASN K 233 -7.30 -26.35 -4.88
C ASN K 233 -6.10 -27.07 -5.46
N SER K 234 -6.31 -27.78 -6.56
CA SER K 234 -5.20 -28.48 -7.19
C SER K 234 -4.14 -27.50 -7.68
N ASN K 235 -4.53 -26.26 -7.99
CA ASN K 235 -3.58 -25.27 -8.48
C ASN K 235 -2.61 -24.82 -7.40
N GLY K 236 -2.96 -24.98 -6.13
CA GLY K 236 -2.09 -24.54 -5.08
C GLY K 236 -1.18 -25.62 -4.55
N SER K 237 -1.75 -26.74 -4.14
CA SER K 237 -1.01 -27.80 -3.48
C SER K 237 -1.91 -29.02 -3.40
N GLU K 238 -1.45 -30.04 -2.70
CA GLU K 238 -2.26 -31.21 -2.38
C GLU K 238 -3.03 -31.05 -1.09
N MET K 239 -2.94 -29.88 -0.46
CA MET K 239 -3.60 -29.66 0.82
C MET K 239 -5.10 -29.88 0.68
N SER K 240 -5.65 -30.68 1.59
CA SER K 240 -7.06 -31.00 1.56
C SER K 240 -7.87 -29.91 2.23
N VAL K 241 -9.19 -29.96 2.02
CA VAL K 241 -10.07 -28.98 2.65
C VAL K 241 -10.01 -29.12 4.17
N LEU K 242 -10.02 -30.36 4.66
CA LEU K 242 -9.96 -30.54 6.11
C LEU K 242 -8.65 -30.04 6.68
N ARG K 243 -7.54 -30.29 6.00
CA ARG K 243 -6.25 -29.81 6.51
C ARG K 243 -6.19 -28.29 6.50
N ALA K 244 -6.77 -27.67 5.47
CA ALA K 244 -6.86 -26.21 5.45
C ALA K 244 -7.69 -25.71 6.63
N LEU K 245 -8.80 -26.39 6.94
CA LEU K 245 -9.61 -25.99 8.09
C LEU K 245 -8.85 -26.15 9.39
N MET K 246 -8.19 -27.29 9.59
CA MET K 246 -7.43 -27.50 10.81
C MET K 246 -6.26 -26.54 10.92
N THR K 247 -5.80 -25.97 9.80
CA THR K 247 -4.74 -24.99 9.87
C THR K 247 -5.27 -23.60 10.19
N ASN K 248 -6.37 -23.20 9.55
CA ASN K 248 -6.94 -21.89 9.82
C ASN K 248 -7.68 -21.84 11.14
N PHE K 249 -8.20 -22.95 11.62
CA PHE K 249 -8.91 -22.99 12.88
C PHE K 249 -8.14 -23.83 13.87
N PRO K 250 -7.04 -23.32 14.45
CA PRO K 250 -6.22 -24.14 15.34
C PRO K 250 -6.91 -24.49 16.64
N THR K 251 -8.09 -23.94 16.90
CA THR K 251 -8.85 -24.24 18.10
C THR K 251 -10.03 -25.17 17.86
N VAL K 252 -10.63 -25.13 16.68
CA VAL K 252 -11.82 -25.90 16.38
C VAL K 252 -11.37 -27.32 16.04
N THR K 253 -11.65 -28.26 16.94
CA THR K 253 -11.42 -29.67 16.66
C THR K 253 -12.58 -30.20 15.82
N PHE K 254 -12.25 -30.92 14.76
CA PHE K 254 -13.26 -31.41 13.85
C PHE K 254 -13.56 -32.87 14.16
N GLY K 255 -14.85 -33.22 14.13
CA GLY K 255 -15.29 -34.53 14.50
C GLY K 255 -16.35 -35.02 13.52
N LEU K 256 -16.67 -36.31 13.64
CA LEU K 256 -17.52 -36.96 12.66
C LEU K 256 -18.43 -37.95 13.35
N THR K 257 -19.54 -38.25 12.68
CA THR K 257 -20.50 -39.23 13.18
C THR K 257 -21.32 -39.72 12.02
N THR K 258 -21.75 -40.98 12.09
CA THR K 258 -22.64 -41.51 11.08
C THR K 258 -24.07 -41.07 11.30
N LYS K 259 -24.38 -40.53 12.47
CA LYS K 259 -25.74 -40.12 12.78
C LYS K 259 -26.14 -38.85 12.04
N ALA K 260 -25.16 -38.09 11.56
CA ALA K 260 -25.41 -36.87 10.82
C ALA K 260 -25.70 -37.10 9.35
N ARG K 261 -25.64 -38.34 8.88
CA ARG K 261 -25.91 -38.61 7.47
C ARG K 261 -27.35 -38.28 7.11
N ASP K 262 -28.27 -38.60 8.00
CA ASP K 262 -29.69 -38.33 7.79
C ASP K 262 -30.26 -37.71 9.06
N VAL K 263 -30.40 -36.40 9.07
CA VAL K 263 -31.08 -35.69 10.15
C VAL K 263 -32.05 -34.72 9.48
N GLY K 264 -33.33 -34.88 9.75
CA GLY K 264 -34.31 -34.06 9.08
C GLY K 264 -34.47 -34.38 7.60
N GLY K 265 -34.07 -35.58 7.20
CA GLY K 265 -34.15 -35.98 5.81
C GLY K 265 -32.90 -35.75 5.00
N THR K 266 -32.01 -34.88 5.45
CA THR K 266 -30.79 -34.54 4.74
C THR K 266 -29.61 -34.65 5.69
N SER K 267 -28.45 -34.17 5.25
CA SER K 267 -27.28 -34.17 6.11
C SER K 267 -27.38 -33.04 7.14
N ARG K 268 -26.46 -33.08 8.10
CA ARG K 268 -26.48 -32.09 9.17
C ARG K 268 -25.07 -31.92 9.74
N THR K 269 -24.49 -30.76 9.52
CA THR K 269 -23.18 -30.41 10.05
C THR K 269 -23.36 -29.33 11.11
N THR K 270 -22.77 -29.52 12.27
CA THR K 270 -23.05 -28.66 13.41
C THR K 270 -21.77 -28.22 14.10
N ALA K 271 -21.60 -26.91 14.23
CA ALA K 271 -20.60 -26.38 15.14
C ALA K 271 -21.22 -26.21 16.52
N TYR K 272 -20.40 -26.38 17.53
CA TYR K 272 -20.88 -26.15 18.89
C TYR K 272 -19.69 -25.90 19.79
N SER K 273 -19.98 -25.37 20.96
CA SER K 273 -18.97 -25.08 21.96
C SER K 273 -19.02 -26.15 23.03
N SER K 274 -17.90 -26.83 23.24
CA SER K 274 -17.85 -27.94 24.19
C SER K 274 -17.52 -27.42 25.57
N ASN K 275 -17.90 -26.17 25.84
CA ASN K 275 -17.72 -25.59 27.16
C ASN K 275 -18.83 -26.06 28.10
N ARG K 276 -18.45 -26.41 29.33
CA ARG K 276 -19.42 -26.88 30.29
C ARG K 276 -20.41 -25.80 30.68
N ARG K 277 -20.13 -24.55 30.36
CA ARG K 277 -21.09 -23.48 30.57
C ARG K 277 -22.01 -23.31 29.38
N ALA K 278 -21.91 -24.16 28.36
CA ALA K 278 -22.72 -24.04 27.16
C ALA K 278 -23.64 -25.22 26.94
N MET K 279 -23.14 -26.44 27.12
CA MET K 279 -23.98 -27.63 26.97
C MET K 279 -23.33 -28.77 27.73
N GLN K 280 -24.17 -29.71 28.14
CA GLN K 280 -23.71 -30.83 28.95
C GLN K 280 -24.45 -32.10 28.57
N MET K 281 -23.83 -33.23 28.88
CA MET K 281 -24.46 -34.54 28.73
C MET K 281 -24.83 -35.03 30.12
N ARG K 282 -26.13 -35.22 30.36
CA ARG K 282 -26.63 -35.55 31.69
C ARG K 282 -27.04 -37.00 31.74
N ILE K 283 -26.32 -37.79 32.52
CA ILE K 283 -26.63 -39.20 32.74
C ILE K 283 -26.79 -39.37 34.24
N PRO K 284 -27.89 -38.93 34.84
CA PRO K 284 -27.98 -38.91 36.30
C PRO K 284 -27.74 -40.27 36.93
N THR K 285 -28.23 -41.33 36.31
CA THR K 285 -28.04 -42.68 36.82
C THR K 285 -27.49 -43.55 35.69
N PRO K 286 -26.38 -44.25 35.92
CA PRO K 286 -25.88 -45.16 34.89
C PRO K 286 -26.84 -46.32 34.69
N LEU K 287 -26.54 -47.23 33.77
CA LEU K 287 -27.43 -48.38 33.60
C LEU K 287 -27.43 -49.23 34.85
N ASN K 288 -28.62 -49.53 35.33
CA ASN K 288 -28.83 -50.43 36.45
C ASN K 288 -29.37 -51.74 35.90
N VAL K 289 -28.75 -52.86 36.27
CA VAL K 289 -29.15 -54.18 35.80
C VAL K 289 -29.66 -54.98 36.98
N SER K 290 -30.86 -55.53 36.85
CA SER K 290 -31.50 -56.21 37.95
C SER K 290 -30.91 -57.60 38.15
N SER K 291 -31.13 -58.15 39.33
CA SER K 291 -30.82 -59.55 39.57
C SER K 291 -31.73 -60.41 38.70
N VAL K 292 -31.22 -61.55 38.26
CA VAL K 292 -31.96 -62.38 37.31
C VAL K 292 -33.09 -63.08 38.07
N ASP K 293 -34.32 -62.83 37.65
CA ASP K 293 -35.49 -63.43 38.26
C ASP K 293 -35.78 -64.76 37.60
N GLN K 294 -35.94 -65.80 38.41
CA GLN K 294 -36.26 -67.13 37.92
C GLN K 294 -37.69 -67.49 38.30
N ARG K 295 -38.46 -67.90 37.31
CA ARG K 295 -39.80 -68.47 37.51
C ARG K 295 -39.78 -69.84 36.85
N GLY K 296 -39.64 -70.88 37.66
CA GLY K 296 -39.48 -72.21 37.13
C GLY K 296 -38.17 -72.32 36.36
N PHE K 297 -38.27 -72.44 35.05
CA PHE K 297 -37.10 -72.44 34.20
C PHE K 297 -36.96 -71.18 33.37
N LYS K 298 -37.90 -70.24 33.49
CA LYS K 298 -37.76 -68.97 32.81
C LYS K 298 -36.89 -68.04 33.64
N TYR K 299 -36.07 -67.24 32.95
CA TYR K 299 -35.21 -66.25 33.56
C TYR K 299 -35.49 -64.92 32.89
N TYR K 300 -35.49 -63.87 33.69
CA TYR K 300 -35.87 -62.54 33.26
C TYR K 300 -34.87 -61.56 33.84
N VAL K 301 -34.32 -60.68 33.00
CA VAL K 301 -33.47 -59.62 33.50
C VAL K 301 -33.98 -58.30 32.94
N GLU K 302 -33.93 -57.27 33.76
CA GLU K 302 -34.55 -55.98 33.52
C GLU K 302 -33.48 -54.92 33.76
N SER K 303 -33.48 -53.86 32.96
CA SER K 303 -32.47 -52.83 33.14
C SER K 303 -33.01 -51.47 32.72
N TYR K 304 -32.75 -50.46 33.53
CA TYR K 304 -33.13 -49.10 33.21
C TYR K 304 -31.92 -48.21 33.39
N PHE K 305 -31.93 -47.08 32.70
CA PHE K 305 -31.02 -45.99 33.02
C PHE K 305 -31.79 -44.69 32.93
N GLY K 306 -31.53 -43.81 33.89
CA GLY K 306 -32.14 -42.48 33.89
C GLY K 306 -31.21 -41.51 33.20
N VAL K 307 -31.78 -40.72 32.29
CA VAL K 307 -30.99 -39.90 31.39
C VAL K 307 -31.77 -38.64 31.07
N ALA K 308 -31.06 -37.52 31.07
CA ALA K 308 -31.49 -36.33 30.36
C ALA K 308 -30.69 -36.25 29.07
N GLY K 309 -31.28 -35.64 28.06
CA GLY K 309 -30.63 -35.68 26.77
C GLY K 309 -29.46 -34.73 26.73
N LEU K 310 -29.33 -33.97 25.65
CA LEU K 310 -28.33 -32.93 25.58
C LEU K 310 -28.89 -31.70 26.27
N ASP K 311 -28.28 -31.33 27.39
CA ASP K 311 -28.64 -30.11 28.10
C ASP K 311 -27.96 -28.96 27.36
N VAL K 312 -28.65 -28.41 26.37
CA VAL K 312 -28.16 -27.23 25.65
C VAL K 312 -28.43 -26.05 26.56
N ILE K 313 -27.41 -25.62 27.31
CA ILE K 313 -27.62 -24.65 28.37
C ILE K 313 -27.95 -23.29 27.78
N GLU K 314 -27.31 -22.90 26.69
CA GLU K 314 -27.63 -21.65 26.00
C GLU K 314 -28.07 -21.91 24.57
N ASP K 315 -29.06 -21.12 24.13
CA ASP K 315 -29.76 -21.41 22.89
C ASP K 315 -28.83 -21.33 21.69
N THR K 316 -27.95 -20.33 21.65
CA THR K 316 -27.08 -20.10 20.50
C THR K 316 -25.69 -20.66 20.71
N ALA K 317 -25.55 -21.77 21.43
CA ALA K 317 -24.25 -22.35 21.68
C ALA K 317 -23.76 -23.23 20.53
N GLY K 318 -24.55 -23.36 19.46
CA GLY K 318 -24.15 -24.13 18.30
C GLY K 318 -24.95 -23.68 17.10
N ARG K 319 -24.50 -24.11 15.93
CA ARG K 319 -25.13 -23.74 14.68
C ARG K 319 -25.14 -24.93 13.73
N HIS K 320 -26.13 -24.94 12.85
CA HIS K 320 -26.38 -26.05 11.94
C HIS K 320 -26.17 -25.63 10.49
N LEU K 321 -25.99 -26.63 9.63
CA LEU K 321 -25.92 -26.46 8.20
C LEU K 321 -26.45 -27.73 7.56
N THR K 322 -27.41 -27.60 6.67
CA THR K 322 -28.15 -28.72 6.12
C THR K 322 -27.81 -28.91 4.65
N GLY K 323 -27.47 -30.14 4.27
CA GLY K 323 -27.24 -30.49 2.90
C GLY K 323 -25.80 -30.48 2.44
N LEU K 324 -24.84 -30.38 3.35
CA LEU K 324 -23.43 -30.36 2.98
C LEU K 324 -22.99 -31.75 2.53
N GLU L 31 -55.01 -38.76 46.02
CA GLU L 31 -54.91 -37.96 44.81
C GLU L 31 -53.54 -37.34 44.68
N GLY L 32 -52.60 -38.08 44.09
CA GLY L 32 -51.25 -37.58 43.95
C GLY L 32 -50.23 -38.39 44.73
N GLY L 33 -48.98 -38.35 44.31
CA GLY L 33 -47.95 -39.18 44.88
C GLY L 33 -47.57 -38.74 46.28
N ILE L 34 -46.65 -39.50 46.87
CA ILE L 34 -46.19 -39.22 48.23
C ILE L 34 -45.02 -38.25 48.26
N ILE L 35 -44.50 -37.84 47.12
CA ILE L 35 -43.30 -37.02 47.06
C ILE L 35 -43.68 -35.57 46.79
N LEU L 36 -43.18 -34.68 47.64
CA LEU L 36 -43.39 -33.25 47.45
C LEU L 36 -42.73 -32.79 46.15
N ALA L 37 -43.38 -31.83 45.48
CA ALA L 37 -42.95 -31.44 44.15
C ALA L 37 -41.52 -30.92 44.15
N ARG L 38 -41.14 -30.15 45.17
CA ARG L 38 -39.82 -29.56 45.18
C ARG L 38 -38.73 -30.63 45.28
N ASN L 39 -39.04 -31.79 45.84
CA ASN L 39 -38.05 -32.84 45.95
C ASN L 39 -37.84 -33.56 44.63
N LEU L 40 -38.78 -33.46 43.71
CA LEU L 40 -38.63 -34.14 42.42
C LEU L 40 -37.58 -33.46 41.55
N GLU L 41 -37.28 -32.20 41.82
CA GLU L 41 -36.31 -31.44 41.04
C GLU L 41 -35.02 -31.27 41.82
N HIS L 42 -33.96 -30.97 41.09
CA HIS L 42 -32.63 -30.80 41.67
C HIS L 42 -32.02 -29.53 41.12
N VAL L 43 -31.46 -28.71 42.00
CA VAL L 43 -30.89 -27.43 41.60
C VAL L 43 -29.42 -27.64 41.27
N SER L 44 -28.99 -27.11 40.12
CA SER L 44 -27.60 -27.25 39.72
C SER L 44 -26.71 -26.45 40.65
N SER L 45 -25.65 -27.08 41.14
CA SER L 45 -24.78 -26.42 42.11
C SER L 45 -23.78 -25.48 41.46
N GLU L 46 -23.63 -25.53 40.14
CA GLU L 46 -22.61 -24.74 39.47
C GLU L 46 -23.13 -23.34 39.16
N ILE L 47 -22.18 -22.41 39.05
CA ILE L 47 -22.48 -21.00 38.82
C ILE L 47 -22.60 -20.74 37.33
N PHE L 48 -23.69 -20.09 36.94
CA PHE L 48 -23.91 -19.70 35.55
C PHE L 48 -23.89 -18.18 35.50
N THR L 49 -22.69 -17.61 35.41
CA THR L 49 -22.59 -16.17 35.20
C THR L 49 -22.91 -15.86 33.75
N GLN L 50 -23.62 -14.75 33.54
CA GLN L 50 -23.92 -14.33 32.19
C GLN L 50 -22.74 -13.57 31.59
N GLU L 51 -22.45 -13.83 30.33
CA GLU L 51 -21.37 -13.18 29.61
C GLU L 51 -21.96 -12.20 28.62
N PHE L 52 -21.47 -10.97 28.64
CA PHE L 52 -21.86 -9.96 27.68
C PHE L 52 -20.80 -9.87 26.59
N ALA L 53 -20.95 -8.90 25.69
CA ALA L 53 -19.99 -8.70 24.63
C ALA L 53 -18.59 -8.50 25.19
N GLY L 54 -17.59 -8.70 24.34
CA GLY L 54 -16.21 -8.62 24.79
C GLY L 54 -15.74 -7.17 24.91
N LEU L 55 -14.90 -6.94 25.91
CA LEU L 55 -14.35 -5.62 26.16
C LEU L 55 -13.00 -5.51 25.48
N THR L 56 -12.93 -4.71 24.42
CA THR L 56 -11.76 -4.67 23.56
C THR L 56 -11.02 -3.34 23.56
N PHE L 57 -11.66 -2.25 24.01
CA PHE L 57 -11.10 -0.93 23.81
C PHE L 57 -9.75 -0.78 24.50
N LEU L 58 -9.63 -1.26 25.74
CA LEU L 58 -8.38 -1.12 26.46
C LEU L 58 -7.26 -1.94 25.83
N GLN L 59 -7.59 -2.86 24.93
CA GLN L 59 -6.60 -3.51 24.09
C GLN L 59 -6.64 -2.98 22.66
N GLY L 60 -7.24 -1.81 22.46
CA GLY L 60 -7.32 -1.13 21.19
C GLY L 60 -6.14 -0.25 20.86
N GLY L 61 -5.10 -0.25 21.69
CA GLY L 61 -3.86 0.42 21.38
C GLY L 61 -3.82 1.89 21.68
N ILE L 62 -4.95 2.52 22.00
CA ILE L 62 -4.98 3.94 22.29
C ILE L 62 -4.40 4.15 23.68
N VAL L 63 -3.47 5.11 23.79
CA VAL L 63 -2.83 5.39 25.06
C VAL L 63 -3.84 6.05 26.01
N VAL L 64 -3.72 5.72 27.29
CA VAL L 64 -4.59 6.27 28.33
C VAL L 64 -3.82 7.32 29.11
N ASN L 65 -4.38 8.53 29.16
CA ASN L 65 -3.80 9.65 29.87
C ASN L 65 -4.69 9.99 31.06
N ASN L 66 -4.10 9.97 32.25
CA ASN L 66 -4.84 10.24 33.48
C ASN L 66 -4.18 11.36 34.28
N GLU L 67 -3.71 12.41 33.61
CA GLU L 67 -3.14 13.56 34.29
C GLU L 67 -4.15 14.66 34.56
N GLY L 68 -5.38 14.53 34.05
CA GLY L 68 -6.35 15.59 34.23
C GLY L 68 -6.67 15.86 35.68
N GLY L 69 -6.66 14.82 36.51
CA GLY L 69 -7.08 15.00 37.88
C GLY L 69 -8.58 15.27 37.95
N TYR L 70 -8.95 16.25 38.75
CA TYR L 70 -10.35 16.63 38.87
C TYR L 70 -10.69 17.86 38.06
N ALA L 71 -9.77 18.34 37.23
CA ALA L 71 -10.04 19.50 36.40
C ALA L 71 -11.22 19.23 35.47
N THR L 72 -12.06 20.24 35.29
CA THR L 72 -13.28 20.05 34.52
C THR L 72 -13.02 19.86 33.03
N SER L 73 -11.80 20.10 32.57
CA SER L 73 -11.47 19.91 31.16
C SER L 73 -9.96 19.83 31.02
N VAL L 74 -9.53 19.36 29.87
CA VAL L 74 -8.13 19.34 29.49
C VAL L 74 -8.00 20.12 28.18
N THR L 75 -7.13 21.13 28.18
CA THR L 75 -6.96 22.00 27.03
C THR L 75 -5.59 21.77 26.41
N LYS L 76 -5.55 21.82 25.08
CA LYS L 76 -4.40 21.46 24.28
C LYS L 76 -4.14 22.58 23.29
N LEU L 77 -2.88 22.93 23.09
CA LEU L 77 -2.53 24.03 22.20
C LEU L 77 -1.48 23.59 21.20
N LYS L 78 -1.68 23.95 19.94
CA LYS L 78 -0.78 23.64 18.84
C LYS L 78 -0.39 24.94 18.17
N LEU L 79 0.92 25.16 18.05
CA LEU L 79 1.47 26.36 17.43
C LEU L 79 1.86 26.04 15.99
N LYS L 80 1.23 26.72 15.05
CA LYS L 80 1.58 26.59 13.65
C LYS L 80 2.63 27.62 13.28
N ALA L 81 3.02 27.63 12.02
CA ALA L 81 3.66 28.76 11.39
C ALA L 81 2.90 28.99 10.10
N GLU L 82 2.84 30.24 9.65
CA GLU L 82 1.85 30.52 8.63
C GLU L 82 2.34 31.68 7.77
N GLY L 83 1.83 31.74 6.55
CA GLY L 83 2.37 32.64 5.54
C GLY L 83 3.29 31.92 4.58
N GLY L 84 3.92 32.70 3.72
CA GLY L 84 4.87 32.12 2.78
C GLY L 84 5.64 33.19 2.04
N PHE L 85 6.78 32.77 1.48
CA PHE L 85 7.59 33.67 0.69
C PHE L 85 6.86 34.12 -0.57
N ARG L 86 7.10 35.36 -0.95
CA ARG L 86 6.60 35.90 -2.20
C ARG L 86 7.78 36.24 -3.09
N GLU L 87 7.53 36.23 -4.40
CA GLU L 87 8.59 36.43 -5.37
C GLU L 87 8.86 37.92 -5.53
N SER L 88 10.10 38.32 -5.26
CA SER L 88 10.46 39.72 -5.19
C SER L 88 11.51 40.06 -6.23
N GLY L 89 11.65 41.35 -6.51
CA GLY L 89 12.64 41.84 -7.43
C GLY L 89 13.94 42.21 -6.76
N ASN L 90 14.77 42.94 -7.50
CA ASN L 90 16.06 43.36 -6.96
C ASN L 90 15.87 44.29 -5.78
N ASP L 91 14.98 45.27 -5.89
CA ASP L 91 14.72 46.22 -4.81
C ASP L 91 13.23 46.49 -4.76
N THR L 92 12.51 45.67 -4.00
CA THR L 92 11.08 45.84 -3.81
C THR L 92 10.74 45.69 -2.34
N ASN L 93 9.57 46.21 -1.97
CA ASN L 93 9.02 45.96 -0.66
C ASN L 93 8.33 44.62 -0.67
N THR L 94 8.74 43.73 0.22
CA THR L 94 8.18 42.39 0.27
C THR L 94 6.68 42.46 0.52
N THR L 95 5.93 41.59 -0.15
CA THR L 95 4.52 41.43 0.11
C THR L 95 4.19 40.07 0.70
N GLY L 96 5.19 39.24 0.93
CA GLY L 96 5.00 37.96 1.57
C GLY L 96 5.46 38.01 3.01
N LYS L 97 4.51 37.85 3.92
CA LYS L 97 4.77 37.88 5.35
C LYS L 97 4.79 36.47 5.91
N ILE L 98 5.52 36.28 6.99
CA ILE L 98 5.56 35.00 7.69
C ILE L 98 5.29 35.27 9.17
N THR L 99 4.20 34.70 9.67
CA THR L 99 3.78 34.91 11.04
C THR L 99 3.65 33.59 11.77
N LEU L 100 3.38 33.68 13.07
CA LEU L 100 3.25 32.54 13.95
C LEU L 100 1.83 32.55 14.51
N SER L 101 1.13 31.43 14.40
CA SER L 101 -0.25 31.35 14.83
C SER L 101 -0.41 30.19 15.80
N GLY L 102 -1.55 30.16 16.49
CA GLY L 102 -1.82 29.11 17.44
C GLY L 102 -3.29 28.73 17.43
N GLU L 103 -3.57 27.53 17.93
CA GLU L 103 -4.94 27.07 18.04
C GLU L 103 -5.03 26.12 19.23
N SER L 104 -6.24 25.95 19.75
CA SER L 104 -6.45 25.17 20.96
C SER L 104 -7.69 24.31 20.80
N ASP L 105 -7.74 23.28 21.65
CA ASP L 105 -8.88 22.37 21.70
C ASP L 105 -9.01 21.83 23.11
N SER L 106 -10.23 21.83 23.64
CA SER L 106 -10.50 21.44 25.01
C SER L 106 -11.48 20.28 25.02
N ILE L 107 -11.17 19.26 25.82
CA ILE L 107 -12.04 18.11 26.02
C ILE L 107 -12.59 18.21 27.45
N PRO L 108 -13.90 18.30 27.62
CA PRO L 108 -14.47 18.40 28.97
C PRO L 108 -14.67 17.03 29.59
N VAL L 109 -14.51 16.97 30.91
CA VAL L 109 -14.64 15.75 31.68
C VAL L 109 -16.04 15.70 32.31
N PHE L 110 -16.77 14.62 32.08
CA PHE L 110 -18.07 14.46 32.70
C PHE L 110 -18.06 13.26 33.62
N THR L 111 -18.85 13.33 34.68
CA THR L 111 -18.86 12.31 35.72
C THR L 111 -20.15 11.52 35.64
N LEU L 112 -20.02 10.20 35.81
CA LEU L 112 -21.15 9.28 35.78
C LEU L 112 -21.21 8.56 37.12
N GLU L 113 -22.41 8.47 37.69
CA GLU L 113 -22.56 7.76 38.95
C GLU L 113 -23.81 6.92 38.94
N GLY L 114 -23.78 5.84 39.73
CA GLY L 114 -24.92 4.98 39.89
C GLY L 114 -25.00 4.47 41.32
N GLU L 115 -26.21 4.12 41.73
CA GLU L 115 -26.45 3.72 43.10
C GLU L 115 -27.11 2.36 43.17
N SER L 116 -26.73 1.59 44.17
CA SER L 116 -27.32 0.29 44.47
C SER L 116 -27.83 0.30 45.90
N ASP L 117 -29.01 -0.26 46.09
CA ASP L 117 -29.70 -0.21 47.36
C ASP L 117 -30.29 -1.57 47.69
N TRP L 118 -30.35 -1.89 48.98
CA TRP L 118 -30.94 -3.17 49.37
C TRP L 118 -31.26 -3.15 50.85
N SER L 119 -32.36 -3.77 51.24
CA SER L 119 -32.74 -3.83 52.65
C SER L 119 -32.03 -5.00 53.33
N GLU L 120 -32.26 -5.14 54.63
CA GLU L 120 -31.72 -6.28 55.36
C GLU L 120 -32.51 -7.55 55.08
N ILE L 121 -33.83 -7.42 54.88
CA ILE L 121 -34.60 -8.59 54.48
C ILE L 121 -34.11 -9.10 53.14
N GLU L 122 -33.81 -8.20 52.20
CA GLU L 122 -33.30 -8.62 50.91
C GLU L 122 -31.93 -9.26 51.03
N LEU L 123 -31.06 -8.68 51.87
CA LEU L 123 -29.74 -9.26 52.05
C LEU L 123 -29.82 -10.66 52.66
N LYS L 124 -30.72 -10.86 53.61
CA LYS L 124 -30.83 -12.16 54.26
C LYS L 124 -31.52 -13.18 53.37
N GLN L 125 -32.57 -12.78 52.64
CA GLN L 125 -33.23 -13.68 51.70
C GLN L 125 -32.28 -14.10 50.59
N ALA L 126 -31.51 -13.15 50.06
CA ALA L 126 -30.56 -13.49 49.01
C ALA L 126 -29.49 -14.45 49.49
N GLU L 127 -29.26 -14.53 50.80
CA GLU L 127 -28.31 -15.49 51.33
C GLU L 127 -28.85 -16.91 51.31
N LEU L 128 -30.14 -17.08 50.98
CA LEU L 128 -30.68 -18.43 50.81
C LEU L 128 -30.09 -19.12 49.60
N GLN L 129 -29.99 -18.44 48.46
CA GLN L 129 -29.27 -18.97 47.31
C GLN L 129 -27.78 -18.70 47.37
N ASN L 130 -27.23 -18.45 48.56
CA ASN L 130 -25.80 -18.24 48.74
C ASN L 130 -25.31 -17.03 47.93
N VAL L 131 -26.19 -16.05 47.77
CA VAL L 131 -25.90 -14.84 46.99
C VAL L 131 -25.53 -13.73 47.96
N ASN L 132 -24.25 -13.38 47.99
CA ASN L 132 -23.78 -12.27 48.81
C ASN L 132 -24.16 -10.97 48.10
N LEU L 133 -25.38 -10.50 48.39
CA LEU L 133 -25.93 -9.36 47.66
C LEU L 133 -25.04 -8.12 47.65
N PRO L 134 -24.43 -7.69 48.75
CA PRO L 134 -23.51 -6.54 48.65
C PRO L 134 -22.36 -6.77 47.69
N SER L 135 -21.77 -7.97 47.71
CA SER L 135 -20.63 -8.25 46.86
C SER L 135 -21.05 -8.34 45.40
N ARG L 136 -22.22 -8.92 45.14
CA ARG L 136 -22.73 -8.94 43.77
C ARG L 136 -23.00 -7.53 43.27
N TYR L 137 -23.50 -6.66 44.14
CA TYR L 137 -23.74 -5.28 43.74
C TYR L 137 -22.44 -4.54 43.46
N PHE L 138 -21.41 -4.76 44.28
CA PHE L 138 -20.13 -4.13 44.03
C PHE L 138 -19.53 -4.60 42.71
N GLU L 139 -19.56 -5.91 42.48
CA GLU L 139 -19.01 -6.42 41.23
C GLU L 139 -19.84 -5.97 40.04
N ALA L 140 -21.14 -5.80 40.22
CA ALA L 140 -21.96 -5.21 39.15
C ALA L 140 -21.52 -3.79 38.87
N HIS L 141 -21.22 -3.02 39.91
CA HIS L 141 -20.75 -1.65 39.69
C HIS L 141 -19.46 -1.65 38.90
N ALA L 142 -18.49 -2.47 39.31
CA ALA L 142 -17.23 -2.51 38.61
C ALA L 142 -17.40 -2.98 37.16
N GLU L 143 -18.23 -4.01 36.96
CA GLU L 143 -18.45 -4.52 35.61
C GLU L 143 -19.08 -3.48 34.71
N LEU L 144 -20.12 -2.81 35.17
CA LEU L 144 -20.73 -1.78 34.35
C LEU L 144 -19.82 -0.58 34.16
N TYR L 145 -18.93 -0.32 35.12
CA TYR L 145 -17.96 0.77 34.93
C TYR L 145 -17.01 0.43 33.79
N ASN L 146 -16.51 -0.80 33.76
CA ASN L 146 -15.62 -1.20 32.68
C ASN L 146 -16.35 -1.21 31.35
N ARG L 147 -17.59 -1.71 31.34
CA ARG L 147 -18.38 -1.70 30.11
C ARG L 147 -18.64 -0.28 29.63
N LYS L 148 -18.87 0.65 30.56
CA LYS L 148 -19.09 2.05 30.19
C LYS L 148 -17.81 2.67 29.63
N ILE L 149 -16.66 2.34 30.20
CA ILE L 149 -15.41 2.85 29.64
C ILE L 149 -15.21 2.36 28.23
N ASP L 150 -15.50 1.08 27.98
CA ASP L 150 -15.45 0.56 26.62
C ASP L 150 -16.42 1.30 25.72
N GLU L 151 -17.65 1.53 26.19
CA GLU L 151 -18.65 2.21 25.38
C GLU L 151 -18.23 3.64 25.07
N LEU L 152 -17.62 4.32 26.03
CA LEU L 152 -17.16 5.67 25.78
C LEU L 152 -16.03 5.69 24.77
N GLY L 153 -15.13 4.70 24.85
CA GLY L 153 -14.06 4.63 23.88
C GLY L 153 -14.55 4.37 22.47
N TYR L 154 -15.53 3.49 22.32
CA TYR L 154 -15.96 3.09 20.98
C TYR L 154 -17.12 3.93 20.47
N LEU L 155 -18.25 3.90 21.17
CA LEU L 155 -19.46 4.57 20.73
C LEU L 155 -19.73 5.87 21.47
N GLY L 156 -18.87 6.28 22.39
CA GLY L 156 -19.08 7.55 23.07
C GLY L 156 -20.22 7.49 24.07
N GLN L 157 -20.72 8.67 24.43
CA GLN L 157 -21.75 8.83 25.46
C GLN L 157 -23.02 9.35 24.82
N THR L 158 -24.04 8.50 24.78
CA THR L 158 -25.35 8.93 24.32
C THR L 158 -26.11 9.57 25.48
N ARG L 159 -26.76 10.70 25.20
CA ARG L 159 -27.56 11.36 26.20
C ARG L 159 -28.83 10.57 26.49
N THR L 160 -29.37 10.77 27.69
CA THR L 160 -30.62 10.10 28.05
C THR L 160 -31.79 10.61 27.22
N ASP L 161 -31.63 11.73 26.53
CA ASP L 161 -32.64 12.20 25.60
C ASP L 161 -32.66 11.39 24.33
N GLY L 162 -31.59 10.64 24.04
CA GLY L 162 -31.43 9.90 22.82
C GLY L 162 -30.46 10.52 21.84
N THR L 163 -30.14 11.80 21.99
CA THR L 163 -29.12 12.44 21.20
C THR L 163 -27.74 12.06 21.73
N GLN L 164 -26.73 12.19 20.88
CA GLN L 164 -25.36 11.84 21.24
C GLN L 164 -24.66 13.04 21.87
N LYS L 165 -24.09 12.83 23.06
CA LYS L 165 -23.33 13.90 23.69
C LYS L 165 -21.93 14.00 23.09
N THR L 166 -21.15 12.93 23.23
CA THR L 166 -19.79 12.89 22.70
C THR L 166 -19.66 11.66 21.83
N LEU L 167 -18.70 11.70 20.92
CA LEU L 167 -18.51 10.66 19.92
C LEU L 167 -17.34 9.77 20.32
N GLY L 168 -17.18 8.67 19.59
CA GLY L 168 -16.11 7.73 19.83
C GLY L 168 -15.42 7.31 18.56
N LEU L 169 -14.69 6.20 18.60
CA LEU L 169 -13.97 5.72 17.43
C LEU L 169 -14.93 5.49 16.26
N LEU L 170 -16.06 4.86 16.52
CA LEU L 170 -16.94 4.47 15.44
C LEU L 170 -17.93 5.56 15.04
N ASN L 171 -18.34 6.41 15.99
CA ASN L 171 -19.30 7.45 15.66
C ASN L 171 -18.64 8.69 15.07
N TYR L 172 -17.34 8.85 15.26
CA TYR L 172 -16.70 10.13 15.00
C TYR L 172 -16.91 10.57 13.56
N GLY L 173 -16.79 11.87 13.34
CA GLY L 173 -17.02 12.42 12.02
C GLY L 173 -15.84 12.23 11.08
N PHE L 174 -15.26 11.03 11.10
CA PHE L 174 -14.26 10.69 10.09
C PHE L 174 -14.94 10.57 8.74
N VAL L 175 -14.11 10.55 7.69
CA VAL L 175 -14.64 10.37 6.34
C VAL L 175 -15.02 8.92 6.15
N ALA L 176 -16.24 8.68 5.68
CA ALA L 176 -16.76 7.33 5.52
C ALA L 176 -16.94 7.02 4.05
N SER L 177 -16.69 5.77 3.67
CA SER L 177 -16.89 5.29 2.32
C SER L 177 -17.65 3.97 2.37
N GLY L 178 -18.69 3.85 1.56
CA GLY L 178 -19.45 2.62 1.53
C GLY L 178 -18.75 1.57 0.71
N ALA L 179 -18.51 0.41 1.31
CA ALA L 179 -17.89 -0.69 0.58
C ALA L 179 -18.83 -1.18 -0.51
N GLY L 180 -18.25 -1.81 -1.53
CA GLY L 180 -19.04 -2.30 -2.64
C GLY L 180 -20.06 -3.33 -2.21
N ASP L 181 -19.66 -4.26 -1.35
CA ASP L 181 -20.56 -5.30 -0.87
C ASP L 181 -20.06 -5.78 0.48
N THR L 182 -20.85 -6.64 1.11
CA THR L 182 -20.55 -7.11 2.46
C THR L 182 -19.38 -8.08 2.44
N ALA L 183 -18.72 -8.20 3.60
CA ALA L 183 -17.56 -9.09 3.71
C ALA L 183 -17.95 -10.55 3.59
N ALA L 184 -19.22 -10.88 3.77
CA ALA L 184 -19.63 -12.28 3.72
C ALA L 184 -19.52 -12.85 2.31
N ASN L 185 -19.64 -12.02 1.29
CA ASN L 185 -19.68 -12.51 -0.08
C ASN L 185 -18.64 -11.90 -1.01
N LEU L 186 -17.81 -10.98 -0.53
CA LEU L 186 -16.71 -10.50 -1.34
C LEU L 186 -15.61 -11.56 -1.42
N SER L 187 -14.99 -11.66 -2.60
CA SER L 187 -13.89 -12.59 -2.78
C SER L 187 -12.73 -12.24 -1.85
N GLY L 188 -11.91 -13.24 -1.54
CA GLY L 188 -10.78 -12.99 -0.65
C GLY L 188 -9.89 -11.89 -1.17
N ASP L 189 -9.67 -11.86 -2.49
CA ASP L 189 -8.98 -10.73 -3.09
C ASP L 189 -9.76 -9.44 -2.90
N ASN L 190 -11.08 -9.48 -3.10
CA ASN L 190 -11.90 -8.29 -2.92
C ASN L 190 -11.88 -7.83 -1.47
N LEU L 191 -11.93 -8.79 -0.53
CA LEU L 191 -11.90 -8.44 0.88
C LEU L 191 -10.57 -7.79 1.25
N TYR L 192 -9.46 -8.37 0.77
CA TYR L 192 -8.16 -7.78 1.03
C TYR L 192 -8.08 -6.38 0.44
N GLN L 193 -8.59 -6.20 -0.78
CA GLN L 193 -8.52 -4.89 -1.40
C GLN L 193 -9.40 -3.89 -0.66
N ALA L 194 -10.54 -4.31 -0.13
CA ALA L 194 -11.39 -3.40 0.63
C ALA L 194 -10.70 -2.93 1.90
N ILE L 195 -10.13 -3.86 2.67
CA ILE L 195 -9.46 -3.45 3.91
C ILE L 195 -8.24 -2.59 3.59
N ALA L 196 -7.45 -2.99 2.60
CA ALA L 196 -6.27 -2.20 2.24
C ALA L 196 -6.65 -0.83 1.71
N ASP L 197 -7.76 -0.75 0.99
CA ASP L 197 -8.25 0.54 0.54
C ASP L 197 -8.65 1.41 1.71
N LEU L 198 -9.31 0.83 2.71
CA LEU L 198 -9.60 1.57 3.93
C LEU L 198 -8.33 2.15 4.54
N ILE L 199 -7.33 1.29 4.76
CA ILE L 199 -6.12 1.72 5.44
C ILE L 199 -5.39 2.76 4.61
N THR L 200 -5.27 2.54 3.30
CA THR L 200 -4.50 3.46 2.48
C THR L 200 -5.23 4.75 2.19
N ASP L 201 -6.56 4.76 2.20
CA ASP L 201 -7.26 6.03 2.08
C ASP L 201 -7.20 6.81 3.38
N GLN L 202 -7.16 6.13 4.53
CA GLN L 202 -6.83 6.84 5.75
C GLN L 202 -5.44 7.46 5.65
N TRP L 203 -4.49 6.68 5.14
CA TRP L 203 -3.13 7.19 4.96
C TRP L 203 -3.11 8.39 4.04
N ALA L 204 -3.90 8.35 2.97
CA ALA L 204 -3.95 9.45 2.02
C ALA L 204 -4.60 10.68 2.62
N GLY L 205 -5.59 10.50 3.49
CA GLY L 205 -6.23 11.64 4.11
C GLY L 205 -5.29 12.44 4.98
N VAL L 206 -4.28 11.80 5.55
CA VAL L 206 -3.30 12.48 6.38
C VAL L 206 -2.03 12.79 5.59
N PHE L 207 -2.08 12.69 4.26
CA PHE L 207 -0.93 12.99 3.41
C PHE L 207 0.28 12.18 3.82
N ASN L 208 0.03 10.93 4.20
CA ASN L 208 1.07 9.93 4.43
C ASN L 208 2.13 10.44 5.40
N VAL L 209 1.69 10.82 6.60
CA VAL L 209 2.58 11.24 7.67
C VAL L 209 2.63 10.12 8.70
N GLU L 210 3.83 9.58 8.93
CA GLU L 210 3.95 8.38 9.76
C GLU L 210 3.37 8.60 11.14
N THR L 211 3.37 9.85 11.62
CA THR L 211 2.83 10.14 12.93
C THR L 211 1.32 9.89 12.97
N TYR L 212 0.62 10.22 11.90
CA TYR L 212 -0.84 10.14 11.86
C TYR L 212 -1.36 8.99 11.01
N LYS L 213 -0.48 8.21 10.38
CA LYS L 213 -0.91 7.09 9.56
C LYS L 213 -1.60 6.06 10.43
N ALA L 214 -2.70 5.51 9.94
CA ALA L 214 -3.46 4.53 10.72
C ALA L 214 -2.64 3.30 10.99
N ASP L 215 -2.27 3.10 12.26
CA ASP L 215 -1.56 1.91 12.66
C ASP L 215 -2.46 0.89 13.36
N ARG L 216 -3.76 1.12 13.35
CA ARG L 216 -4.67 0.11 13.89
C ARG L 216 -5.99 0.14 13.11
N VAL L 217 -6.67 -1.01 13.10
CA VAL L 217 -7.96 -1.15 12.45
C VAL L 217 -8.87 -1.94 13.37
N VAL L 218 -10.11 -1.48 13.53
CA VAL L 218 -11.14 -2.23 14.24
C VAL L 218 -12.23 -2.60 13.25
N MET L 219 -12.56 -3.89 13.22
CA MET L 219 -13.60 -4.44 12.38
C MET L 219 -14.67 -5.06 13.27
N PRO L 220 -15.89 -5.23 12.77
CA PRO L 220 -16.88 -6.00 13.51
C PRO L 220 -16.38 -7.41 13.71
N ASP L 221 -16.85 -8.04 14.79
CA ASP L 221 -16.45 -9.44 15.02
C ASP L 221 -16.83 -10.31 13.82
N THR L 222 -17.97 -10.01 13.20
CA THR L 222 -18.34 -10.74 11.98
C THR L 222 -17.29 -10.54 10.91
N VAL L 223 -16.95 -9.29 10.61
CA VAL L 223 -16.01 -9.02 9.51
C VAL L 223 -14.61 -9.47 9.88
N TYR L 224 -14.22 -9.31 11.13
CA TYR L 224 -12.89 -9.76 11.53
C TYR L 224 -12.75 -11.27 11.39
N ASN L 225 -13.77 -12.02 11.82
CA ASN L 225 -13.71 -13.47 11.69
C ASN L 225 -13.77 -13.90 10.24
N ILE L 226 -14.56 -13.20 9.43
CA ILE L 226 -14.61 -13.51 8.00
C ILE L 226 -13.23 -13.31 7.38
N CYS L 227 -12.57 -12.20 7.69
CA CYS L 227 -11.23 -11.96 7.19
C CYS L 227 -10.26 -13.02 7.69
N ALA L 228 -10.37 -13.41 8.96
CA ALA L 228 -9.39 -14.31 9.54
C ALA L 228 -9.55 -15.74 9.03
N LYS L 229 -10.75 -16.10 8.57
CA LYS L 229 -11.02 -17.46 8.16
C LYS L 229 -11.33 -17.60 6.68
N LYS L 230 -11.23 -16.54 5.89
CA LYS L 230 -11.49 -16.63 4.47
C LYS L 230 -10.19 -16.85 3.71
N ILE L 231 -10.20 -17.83 2.82
CA ILE L 231 -9.07 -18.07 1.94
C ILE L 231 -8.91 -16.88 1.01
N LEU L 232 -7.70 -16.30 0.95
CA LEU L 232 -7.49 -15.19 0.04
C LEU L 232 -7.71 -15.64 -1.38
N ASN L 233 -6.85 -16.54 -1.86
CA ASN L 233 -7.07 -17.23 -3.12
C ASN L 233 -6.61 -18.66 -2.94
N SER L 234 -7.47 -19.61 -3.32
CA SER L 234 -7.14 -21.01 -3.15
C SER L 234 -6.02 -21.43 -4.09
N ASN L 235 -5.88 -20.74 -5.23
CA ASN L 235 -4.81 -21.06 -6.17
C ASN L 235 -3.44 -20.79 -5.58
N GLY L 236 -3.35 -19.88 -4.62
CA GLY L 236 -2.06 -19.54 -4.07
C GLY L 236 -1.65 -20.41 -2.90
N SER L 237 -2.46 -20.42 -1.87
CA SER L 237 -2.13 -21.10 -0.61
C SER L 237 -3.41 -21.19 0.21
N GLU L 238 -3.25 -21.59 1.47
CA GLU L 238 -4.33 -21.56 2.45
C GLU L 238 -4.31 -20.29 3.28
N MET L 239 -3.45 -19.33 2.92
CA MET L 239 -3.36 -18.08 3.67
C MET L 239 -4.68 -17.35 3.67
N SER L 240 -5.07 -16.85 4.85
CA SER L 240 -6.30 -16.12 5.04
C SER L 240 -6.10 -14.64 4.76
N VAL L 241 -7.21 -13.94 4.52
CA VAL L 241 -7.14 -12.52 4.20
C VAL L 241 -6.50 -11.75 5.34
N LEU L 242 -6.85 -12.08 6.58
CA LEU L 242 -6.23 -11.40 7.71
C LEU L 242 -4.73 -11.69 7.77
N ARG L 243 -4.32 -12.91 7.44
CA ARG L 243 -2.90 -13.22 7.44
C ARG L 243 -2.15 -12.39 6.41
N ALA L 244 -2.75 -12.22 5.22
CA ALA L 244 -2.14 -11.39 4.20
C ALA L 244 -2.07 -9.93 4.63
N LEU L 245 -3.13 -9.44 5.28
CA LEU L 245 -3.09 -8.08 5.78
C LEU L 245 -2.02 -7.93 6.85
N MET L 246 -1.87 -8.92 7.72
CA MET L 246 -0.88 -8.84 8.77
C MET L 246 0.53 -8.88 8.22
N THR L 247 0.75 -9.59 7.12
CA THR L 247 2.09 -9.67 6.55
C THR L 247 2.38 -8.58 5.53
N ASN L 248 1.36 -7.87 5.05
CA ASN L 248 1.58 -6.76 4.14
C ASN L 248 1.47 -5.40 4.82
N PHE L 249 0.81 -5.32 5.96
CA PHE L 249 0.80 -4.14 6.80
C PHE L 249 1.52 -4.47 8.10
N PRO L 250 2.85 -4.51 8.11
CA PRO L 250 3.55 -4.87 9.35
C PRO L 250 3.30 -3.91 10.49
N THR L 251 2.84 -2.69 10.20
CA THR L 251 2.65 -1.66 11.22
C THR L 251 1.18 -1.43 11.55
N VAL L 252 0.29 -2.32 11.12
CA VAL L 252 -1.14 -2.20 11.39
C VAL L 252 -1.58 -3.43 12.16
N THR L 253 -2.09 -3.23 13.36
CA THR L 253 -2.61 -4.31 14.19
C THR L 253 -4.12 -4.34 14.08
N PHE L 254 -4.66 -5.49 13.70
CA PHE L 254 -6.09 -5.63 13.45
C PHE L 254 -6.79 -6.15 14.68
N GLY L 255 -7.84 -5.46 15.10
CA GLY L 255 -8.64 -5.86 16.23
C GLY L 255 -10.10 -5.92 15.85
N LEU L 256 -10.93 -6.26 16.83
CA LEU L 256 -12.34 -6.43 16.58
C LEU L 256 -13.14 -5.94 17.78
N THR L 257 -14.39 -5.60 17.52
CA THR L 257 -15.33 -5.26 18.57
C THR L 257 -16.74 -5.55 18.08
N THR L 258 -17.57 -6.07 18.97
CA THR L 258 -18.96 -6.34 18.62
C THR L 258 -19.80 -5.08 18.60
N LYS L 259 -19.30 -3.98 19.14
CA LYS L 259 -20.03 -2.72 19.11
C LYS L 259 -20.05 -2.11 17.73
N ALA L 260 -19.16 -2.56 16.84
CA ALA L 260 -19.09 -2.06 15.47
C ALA L 260 -20.06 -2.78 14.54
N ARG L 261 -20.74 -3.83 15.01
CA ARG L 261 -21.65 -4.56 14.14
C ARG L 261 -22.82 -3.69 13.70
N ASP L 262 -23.11 -2.63 14.43
CA ASP L 262 -24.26 -1.77 14.16
C ASP L 262 -23.90 -0.36 14.55
N VAL L 263 -23.70 0.52 13.57
CA VAL L 263 -23.46 1.94 13.80
C VAL L 263 -24.23 2.71 12.73
N GLY L 264 -25.33 3.35 13.14
CA GLY L 264 -26.12 4.12 12.21
C GLY L 264 -26.82 3.31 11.12
N GLY L 265 -27.36 2.16 11.47
CA GLY L 265 -28.11 1.36 10.53
C GLY L 265 -27.29 0.48 9.61
N THR L 266 -25.97 0.41 9.80
CA THR L 266 -25.12 -0.39 8.94
C THR L 266 -23.85 -0.69 9.71
N SER L 267 -23.11 -1.71 9.27
CA SER L 267 -21.88 -2.09 9.91
C SER L 267 -20.82 -1.01 9.72
N ARG L 268 -19.67 -1.19 10.38
CA ARG L 268 -18.65 -0.15 10.37
C ARG L 268 -17.30 -0.72 10.79
N THR L 269 -16.29 -0.57 9.95
CA THR L 269 -14.91 -0.76 10.33
C THR L 269 -14.19 0.57 10.27
N THR L 270 -13.21 0.76 11.16
CA THR L 270 -12.54 2.04 11.29
C THR L 270 -11.04 1.82 11.38
N ALA L 271 -10.30 2.44 10.48
CA ALA L 271 -8.84 2.40 10.49
C ALA L 271 -8.37 3.70 11.12
N TYR L 272 -7.81 3.61 12.32
CA TYR L 272 -7.42 4.77 13.10
C TYR L 272 -5.96 4.68 13.47
N SER L 273 -5.44 5.80 13.98
CA SER L 273 -4.07 5.87 14.45
C SER L 273 -4.06 5.85 15.98
N SER L 274 -3.21 5.01 16.54
CA SER L 274 -3.08 4.88 17.99
C SER L 274 -1.92 5.70 18.53
N ASN L 275 -1.62 6.83 17.92
CA ASN L 275 -0.51 7.65 18.39
C ASN L 275 -0.94 8.58 19.51
N ARG L 276 -0.01 8.85 20.42
CA ARG L 276 -0.29 9.76 21.52
C ARG L 276 -0.76 11.11 21.01
N ARG L 277 -0.20 11.58 19.91
CA ARG L 277 -0.56 12.87 19.34
C ARG L 277 -1.80 12.81 18.47
N ALA L 278 -2.40 11.64 18.28
CA ALA L 278 -3.55 11.49 17.39
C ALA L 278 -4.83 11.13 18.11
N MET L 279 -4.76 10.24 19.10
CA MET L 279 -5.93 9.83 19.86
C MET L 279 -5.49 9.50 21.27
N GLN L 280 -6.34 9.80 22.24
CA GLN L 280 -6.03 9.51 23.63
C GLN L 280 -7.32 9.12 24.35
N MET L 281 -7.16 8.39 25.45
CA MET L 281 -8.29 8.01 26.29
C MET L 281 -8.10 8.66 27.65
N ARG L 282 -9.01 9.56 28.00
CA ARG L 282 -8.91 10.33 29.24
C ARG L 282 -9.90 9.74 30.25
N ILE L 283 -9.38 8.95 31.17
CA ILE L 283 -10.17 8.49 32.32
C ILE L 283 -9.54 9.12 33.55
N PRO L 284 -9.84 10.39 33.83
CA PRO L 284 -9.16 11.07 34.95
C PRO L 284 -9.46 10.43 36.29
N THR L 285 -10.74 10.16 36.56
CA THR L 285 -11.18 9.58 37.81
C THR L 285 -11.56 8.13 37.58
N PRO L 286 -10.83 7.17 38.13
CA PRO L 286 -11.28 5.78 38.06
C PRO L 286 -12.56 5.57 38.85
N LEU L 287 -13.11 4.37 38.87
CA LEU L 287 -14.32 4.12 39.64
C LEU L 287 -14.04 4.32 41.11
N ASN L 288 -14.92 5.05 41.78
CA ASN L 288 -14.80 5.36 43.20
C ASN L 288 -16.03 4.83 43.91
N VAL L 289 -15.86 3.79 44.72
CA VAL L 289 -16.95 3.17 45.43
C VAL L 289 -17.02 3.72 46.84
N SER L 290 -18.21 4.17 47.24
CA SER L 290 -18.37 4.81 48.53
C SER L 290 -18.68 3.79 49.61
N SER L 291 -18.33 4.15 50.85
CA SER L 291 -18.72 3.33 51.98
C SER L 291 -20.23 3.26 52.05
N VAL L 292 -20.74 2.11 52.49
CA VAL L 292 -22.17 1.85 52.42
C VAL L 292 -22.89 2.58 53.55
N ASP L 293 -23.93 3.31 53.18
CA ASP L 293 -24.77 4.03 54.12
C ASP L 293 -25.78 3.07 54.73
N GLN L 294 -25.74 2.95 56.06
CA GLN L 294 -26.75 2.22 56.82
C GLN L 294 -27.77 3.21 57.33
N ARG L 295 -28.97 3.15 56.81
CA ARG L 295 -30.09 3.96 57.29
C ARG L 295 -31.15 2.96 57.77
N GLY L 296 -31.18 2.72 59.07
CA GLY L 296 -32.01 1.67 59.59
C GLY L 296 -31.57 0.32 59.05
N PHE L 297 -32.37 -0.25 58.15
CA PHE L 297 -32.01 -1.49 57.48
C PHE L 297 -31.89 -1.31 55.97
N LYS L 298 -31.97 -0.09 55.46
CA LYS L 298 -31.88 0.16 54.03
C LYS L 298 -30.44 0.53 53.69
N TYR L 299 -29.65 -0.49 53.36
CA TYR L 299 -28.28 -0.24 52.94
C TYR L 299 -28.30 0.47 51.59
N TYR L 300 -27.36 1.40 51.40
CA TYR L 300 -27.30 2.18 50.18
C TYR L 300 -25.84 2.39 49.81
N VAL L 301 -25.56 2.46 48.52
CA VAL L 301 -24.21 2.71 48.03
C VAL L 301 -24.28 3.46 46.73
N GLU L 302 -23.31 4.35 46.51
CA GLU L 302 -23.26 5.20 45.34
C GLU L 302 -21.83 5.25 44.86
N SER L 303 -21.63 5.09 43.55
CA SER L 303 -20.29 5.07 42.99
C SER L 303 -20.24 5.91 41.73
N TYR L 304 -19.20 6.72 41.62
CA TYR L 304 -19.03 7.64 40.50
C TYR L 304 -17.63 7.48 39.93
N PHE L 305 -17.51 7.77 38.63
CA PHE L 305 -16.23 7.91 37.98
C PHE L 305 -16.31 9.09 37.03
N GLY L 306 -15.24 9.90 37.00
CA GLY L 306 -15.16 11.04 36.12
C GLY L 306 -14.29 10.71 34.93
N VAL L 307 -14.82 10.97 33.74
CA VAL L 307 -14.22 10.47 32.52
C VAL L 307 -14.52 11.44 31.38
N ALA L 308 -13.53 11.66 30.54
CA ALA L 308 -13.74 12.25 29.23
C ALA L 308 -13.77 11.13 28.19
N GLY L 309 -14.42 11.40 27.08
CA GLY L 309 -14.58 10.35 26.10
C GLY L 309 -13.29 10.06 25.36
N LEU L 310 -13.39 9.75 24.08
CA LEU L 310 -12.21 9.57 23.27
C LEU L 310 -11.70 10.95 22.87
N ASP L 311 -10.54 11.34 23.39
CA ASP L 311 -9.91 12.58 22.97
C ASP L 311 -9.35 12.35 21.57
N VAL L 312 -10.14 12.63 20.55
CA VAL L 312 -9.70 12.54 19.16
C VAL L 312 -9.07 13.89 18.82
N ILE L 313 -7.74 13.93 18.86
CA ILE L 313 -7.04 15.21 18.76
C ILE L 313 -7.17 15.76 17.34
N GLU L 314 -6.99 14.91 16.33
CA GLU L 314 -7.04 15.33 14.94
C GLU L 314 -8.26 14.74 14.24
N ASP L 315 -8.73 15.46 13.22
CA ASP L 315 -9.98 15.14 12.54
C ASP L 315 -9.79 14.10 11.43
N THR L 316 -8.57 13.65 11.17
CA THR L 316 -8.33 12.64 10.15
C THR L 316 -7.49 11.49 10.68
N ALA L 317 -7.39 11.35 12.00
CA ALA L 317 -6.63 10.24 12.55
C ALA L 317 -7.30 8.89 12.34
N GLY L 318 -8.44 8.85 11.67
CA GLY L 318 -9.11 7.61 11.36
C GLY L 318 -10.01 7.79 10.16
N ARG L 319 -10.48 6.65 9.65
CA ARG L 319 -11.35 6.65 8.49
C ARG L 319 -12.33 5.49 8.62
N HIS L 320 -13.52 5.67 8.07
CA HIS L 320 -14.62 4.74 8.21
C HIS L 320 -14.89 4.03 6.90
N LEU L 321 -15.26 2.75 7.00
CA LEU L 321 -15.78 1.97 5.88
C LEU L 321 -17.04 1.27 6.35
N THR L 322 -18.14 1.48 5.65
CA THR L 322 -19.43 0.94 6.03
C THR L 322 -19.85 -0.16 5.06
N GLY L 323 -20.92 -0.87 5.44
CA GLY L 323 -21.48 -1.89 4.58
C GLY L 323 -20.58 -3.08 4.32
N LEU L 324 -19.58 -3.29 5.16
CA LEU L 324 -18.67 -4.41 4.98
C LEU L 324 -19.05 -5.56 5.89
N GLU M 31 -21.37 35.84 42.00
CA GLU M 31 -22.43 35.43 42.91
C GLU M 31 -22.24 34.00 43.37
N GLY M 32 -21.92 33.11 42.45
CA GLY M 32 -21.75 31.70 42.77
C GLY M 32 -20.46 31.14 42.23
N GLY M 33 -19.79 30.35 43.06
CA GLY M 33 -18.54 29.70 42.67
C GLY M 33 -17.39 30.10 43.56
N ILE M 34 -16.45 29.19 43.82
CA ILE M 34 -15.34 29.51 44.71
C ILE M 34 -14.01 29.18 44.03
N ILE M 35 -14.03 28.38 42.97
CA ILE M 35 -12.81 27.98 42.29
C ILE M 35 -12.58 28.92 41.12
N LEU M 36 -11.38 29.48 41.06
CA LEU M 36 -11.00 30.36 39.95
C LEU M 36 -11.02 29.58 38.64
N ALA M 37 -11.43 30.24 37.57
CA ALA M 37 -11.64 29.54 36.31
C ALA M 37 -10.38 28.86 35.82
N ARG M 38 -9.23 29.53 35.96
CA ARG M 38 -8.00 28.97 35.44
C ARG M 38 -7.51 27.75 36.21
N ASN M 39 -8.10 27.48 37.38
CA ASN M 39 -7.75 26.25 38.08
C ASN M 39 -8.66 25.09 37.72
N LEU M 40 -9.69 25.32 36.92
CA LEU M 40 -10.57 24.27 36.47
C LEU M 40 -10.05 23.56 35.22
N GLU M 41 -9.15 24.21 34.49
CA GLU M 41 -8.52 23.62 33.32
C GLU M 41 -7.36 22.72 33.72
N HIS M 42 -6.82 22.02 32.73
CA HIS M 42 -5.51 21.38 32.86
C HIS M 42 -4.82 21.48 31.51
N VAL M 43 -3.79 22.30 31.43
CA VAL M 43 -3.03 22.45 30.19
C VAL M 43 -2.12 21.25 30.06
N SER M 44 -2.24 20.52 28.96
CA SER M 44 -1.46 19.31 28.76
C SER M 44 0.01 19.66 28.59
N SER M 45 0.87 18.82 29.12
CA SER M 45 2.31 19.02 29.04
C SER M 45 2.91 18.47 27.75
N GLU M 46 2.09 17.94 26.85
CA GLU M 46 2.56 17.37 25.61
C GLU M 46 2.53 18.41 24.51
N ILE M 47 3.63 18.54 23.77
CA ILE M 47 3.74 19.49 22.68
C ILE M 47 3.12 18.87 21.43
N PHE M 48 2.22 19.61 20.80
CA PHE M 48 1.58 19.17 19.57
C PHE M 48 2.02 20.10 18.45
N THR M 49 3.05 19.69 17.72
CA THR M 49 3.51 20.46 16.57
C THR M 49 2.60 20.21 15.38
N GLN M 50 2.32 21.25 14.61
CA GLN M 50 1.56 21.08 13.39
C GLN M 50 2.40 20.35 12.36
N GLU M 51 1.83 19.30 11.77
CA GLU M 51 2.55 18.44 10.84
C GLU M 51 2.08 18.71 9.43
N PHE M 52 3.03 18.97 8.54
CA PHE M 52 2.77 19.15 7.13
C PHE M 52 3.21 17.91 6.37
N ALA M 53 2.84 17.86 5.09
CA ALA M 53 3.20 16.72 4.25
C ALA M 53 4.71 16.54 4.21
N GLY M 54 5.13 15.34 3.82
CA GLY M 54 6.55 15.02 3.84
C GLY M 54 7.32 15.83 2.81
N LEU M 55 8.62 16.00 3.10
CA LEU M 55 9.52 16.78 2.27
C LEU M 55 10.51 15.79 1.65
N THR M 56 10.13 15.24 0.50
CA THR M 56 10.85 14.11 -0.08
C THR M 56 11.76 14.47 -1.24
N PHE M 57 11.77 15.73 -1.69
CA PHE M 57 12.59 16.07 -2.84
C PHE M 57 14.08 15.94 -2.53
N LEU M 58 14.53 16.54 -1.43
CA LEU M 58 15.95 16.47 -1.10
C LEU M 58 16.38 15.06 -0.77
N GLN M 59 15.45 14.18 -0.41
CA GLN M 59 15.73 12.76 -0.31
C GLN M 59 15.45 12.02 -1.62
N GLY M 60 15.04 12.74 -2.66
CA GLY M 60 14.77 12.17 -3.96
C GLY M 60 15.97 11.98 -4.84
N GLY M 61 17.17 12.13 -4.29
CA GLY M 61 18.38 11.82 -5.00
C GLY M 61 18.95 12.94 -5.86
N ILE M 62 18.16 13.97 -6.14
CA ILE M 62 18.62 15.04 -7.01
C ILE M 62 19.70 15.85 -6.28
N VAL M 63 20.81 16.08 -6.95
CA VAL M 63 21.91 16.83 -6.35
C VAL M 63 21.62 18.32 -6.49
N VAL M 64 21.92 19.07 -5.43
CA VAL M 64 21.66 20.50 -5.39
C VAL M 64 22.97 21.23 -5.64
N ASN M 65 22.93 22.21 -6.53
CA ASN M 65 24.12 22.93 -6.98
C ASN M 65 23.92 24.42 -6.73
N ASN M 66 24.68 24.96 -5.78
CA ASN M 66 24.70 26.41 -5.53
C ASN M 66 25.90 26.97 -6.30
N GLU M 67 25.66 27.35 -7.55
CA GLU M 67 26.77 27.69 -8.44
C GLU M 67 26.81 29.17 -8.81
N GLY M 68 25.77 29.69 -9.45
CA GLY M 68 25.83 31.06 -9.91
C GLY M 68 25.23 32.03 -8.92
N GLY M 69 26.09 32.64 -8.09
CA GLY M 69 25.65 33.32 -6.90
C GLY M 69 24.45 34.22 -7.06
N TYR M 70 24.62 35.34 -7.75
CA TYR M 70 23.51 36.27 -7.94
C TYR M 70 23.24 36.56 -9.41
N ALA M 71 23.79 35.75 -10.31
CA ALA M 71 23.47 35.91 -11.71
C ALA M 71 22.02 35.57 -11.96
N THR M 72 21.39 36.30 -12.87
CA THR M 72 19.99 36.08 -13.17
C THR M 72 19.78 34.89 -14.11
N SER M 73 20.85 34.25 -14.57
CA SER M 73 20.72 33.09 -15.44
C SER M 73 21.93 32.20 -15.22
N VAL M 74 21.72 30.90 -15.38
CA VAL M 74 22.81 29.93 -15.31
C VAL M 74 22.88 29.20 -16.65
N THR M 75 24.07 29.16 -17.23
CA THR M 75 24.27 28.57 -18.54
C THR M 75 25.27 27.43 -18.43
N LYS M 76 24.94 26.31 -19.06
CA LYS M 76 25.78 25.12 -19.09
C LYS M 76 26.18 24.84 -20.52
N LEU M 77 27.39 24.32 -20.68
CA LEU M 77 27.96 24.04 -21.99
C LEU M 77 28.28 22.56 -22.12
N LYS M 78 27.98 22.02 -23.30
CA LYS M 78 28.21 20.61 -23.61
C LYS M 78 29.15 20.50 -24.80
N LEU M 79 30.18 19.69 -24.66
CA LEU M 79 31.16 19.45 -25.72
C LEU M 79 30.98 18.03 -26.23
N LYS M 80 30.71 17.89 -27.53
CA LYS M 80 30.50 16.58 -28.14
C LYS M 80 31.60 16.31 -29.15
N ALA M 81 32.23 15.13 -29.03
CA ALA M 81 33.22 14.70 -30.00
C ALA M 81 32.54 14.13 -31.23
N GLU M 82 33.08 14.46 -32.39
CA GLU M 82 32.54 13.98 -33.67
C GLU M 82 33.69 13.51 -34.54
N GLY M 83 33.38 12.62 -35.46
CA GLY M 83 34.39 12.01 -36.31
C GLY M 83 34.62 10.56 -35.95
N GLY M 84 35.64 9.99 -36.59
CA GLY M 84 35.98 8.60 -36.32
C GLY M 84 37.19 8.20 -37.11
N PHE M 85 37.77 7.07 -36.71
CA PHE M 85 38.95 6.55 -37.35
C PHE M 85 38.60 5.98 -38.73
N ARG M 86 39.61 5.92 -39.58
CA ARG M 86 39.49 5.33 -40.90
C ARG M 86 40.59 4.30 -41.08
N GLU M 87 40.30 3.26 -41.87
CA GLU M 87 41.34 2.32 -42.23
C GLU M 87 42.41 3.01 -43.07
N SER M 88 43.67 2.76 -42.75
CA SER M 88 44.78 3.36 -43.44
C SER M 88 45.81 2.31 -43.77
N GLY M 89 46.62 2.58 -44.79
CA GLY M 89 47.72 1.73 -45.15
C GLY M 89 48.92 1.99 -44.27
N ASN M 90 50.06 1.42 -44.68
CA ASN M 90 51.27 1.57 -43.89
C ASN M 90 51.82 2.99 -43.98
N ASP M 91 51.73 3.61 -45.15
CA ASP M 91 52.28 4.93 -45.38
C ASP M 91 51.29 5.80 -46.14
N THR M 92 50.04 5.80 -45.67
CA THR M 92 48.98 6.58 -46.30
C THR M 92 48.61 7.78 -45.45
N ASN M 93 48.02 8.78 -46.08
CA ASN M 93 47.48 9.94 -45.39
C ASN M 93 46.02 9.67 -45.08
N THR M 94 45.67 9.74 -43.79
CA THR M 94 44.33 9.38 -43.36
C THR M 94 43.29 10.38 -43.85
N THR M 95 42.03 9.92 -43.85
CA THR M 95 40.89 10.81 -44.03
C THR M 95 39.98 10.74 -42.81
N GLY M 96 40.48 10.25 -41.69
CA GLY M 96 39.72 10.20 -40.47
C GLY M 96 40.12 11.29 -39.51
N LYS M 97 39.26 12.30 -39.37
CA LYS M 97 39.53 13.47 -38.56
C LYS M 97 38.58 13.47 -37.37
N ILE M 98 39.12 13.68 -36.18
CA ILE M 98 38.34 13.75 -34.95
C ILE M 98 38.30 15.20 -34.50
N THR M 99 37.10 15.78 -34.44
CA THR M 99 36.92 17.15 -33.99
C THR M 99 35.84 17.18 -32.91
N LEU M 100 35.39 18.36 -32.51
CA LEU M 100 34.28 18.41 -31.57
C LEU M 100 33.52 19.71 -31.72
N SER M 101 32.24 19.65 -31.41
CA SER M 101 31.36 20.81 -31.40
C SER M 101 30.78 20.98 -29.99
N GLY M 102 29.84 21.90 -29.85
CA GLY M 102 29.24 22.14 -28.55
C GLY M 102 27.84 22.68 -28.65
N GLU M 103 27.19 22.76 -27.48
CA GLU M 103 25.86 23.31 -27.33
C GLU M 103 25.78 24.02 -26.00
N SER M 104 24.80 24.92 -25.87
CA SER M 104 24.59 25.68 -24.66
C SER M 104 23.13 25.59 -24.23
N ASP M 105 22.92 25.60 -22.91
CA ASP M 105 21.57 25.56 -22.37
C ASP M 105 21.49 26.50 -21.18
N SER M 106 20.49 27.36 -21.15
CA SER M 106 20.37 28.40 -20.13
C SER M 106 19.07 28.26 -19.36
N ILE M 107 19.14 28.58 -18.07
CA ILE M 107 17.95 28.57 -17.21
C ILE M 107 17.91 29.86 -16.40
N PRO M 108 16.79 30.58 -16.41
CA PRO M 108 16.70 31.82 -15.63
C PRO M 108 16.63 31.53 -14.14
N VAL M 109 17.04 32.54 -13.35
CA VAL M 109 17.07 32.45 -11.90
C VAL M 109 16.14 33.52 -11.35
N PHE M 110 15.18 33.10 -10.54
CA PHE M 110 14.29 34.02 -9.85
C PHE M 110 14.59 33.98 -8.35
N THR M 111 13.98 34.90 -7.63
CA THR M 111 14.35 35.15 -6.24
C THR M 111 13.08 35.34 -5.41
N LEU M 112 12.99 34.64 -4.30
CA LEU M 112 11.87 34.75 -3.38
C LEU M 112 12.33 35.40 -2.09
N GLU M 113 11.44 36.17 -1.47
CA GLU M 113 11.81 36.92 -0.29
C GLU M 113 10.61 37.02 0.64
N GLY M 114 10.78 36.56 1.88
CA GLY M 114 9.75 36.62 2.89
C GLY M 114 10.14 37.54 4.02
N GLU M 115 9.18 37.79 4.90
CA GLU M 115 9.28 38.84 5.89
C GLU M 115 8.55 38.45 7.17
N SER M 116 9.15 38.78 8.30
CA SER M 116 8.53 38.58 9.61
C SER M 116 8.89 39.75 10.50
N ASP M 117 8.16 39.86 11.60
CA ASP M 117 8.32 41.02 12.47
C ASP M 117 7.66 40.75 13.81
N TRP M 118 8.12 41.46 14.82
CA TRP M 118 7.53 41.30 16.14
C TRP M 118 7.87 42.50 17.02
N SER M 119 6.90 42.92 17.82
CA SER M 119 7.12 43.98 18.78
C SER M 119 7.75 43.42 20.05
N GLU M 120 8.33 44.32 20.85
CA GLU M 120 8.89 43.92 22.13
C GLU M 120 7.79 43.47 23.10
N ILE M 121 6.66 44.16 23.08
CA ILE M 121 5.52 43.71 23.88
C ILE M 121 5.12 42.30 23.48
N GLU M 122 5.07 42.03 22.16
CA GLU M 122 4.84 40.69 21.66
C GLU M 122 5.83 39.68 22.24
N LEU M 123 7.12 39.98 22.14
CA LEU M 123 8.13 39.03 22.57
C LEU M 123 7.99 38.73 24.05
N LYS M 124 7.87 39.78 24.87
CA LYS M 124 7.79 39.57 26.31
C LYS M 124 6.51 38.86 26.71
N GLN M 125 5.38 39.23 26.10
CA GLN M 125 4.12 38.56 26.42
C GLN M 125 4.19 37.09 26.05
N ALA M 126 4.77 36.77 24.90
CA ALA M 126 4.82 35.38 24.47
C ALA M 126 5.81 34.57 25.30
N GLU M 127 6.81 35.23 25.88
CA GLU M 127 7.70 34.52 26.78
C GLU M 127 6.95 33.94 27.98
N LEU M 128 5.74 34.42 28.25
CA LEU M 128 4.88 33.78 29.24
C LEU M 128 4.55 32.36 28.82
N GLN M 129 4.26 32.16 27.54
CA GLN M 129 3.92 30.87 26.97
C GLN M 129 5.16 30.03 26.67
N ASN M 130 6.35 30.59 26.89
CA ASN M 130 7.63 29.98 26.50
C ASN M 130 7.77 29.86 24.99
N VAL M 131 7.12 30.76 24.26
CA VAL M 131 7.29 30.85 22.81
C VAL M 131 8.30 31.94 22.53
N ASN M 132 9.43 31.58 21.93
CA ASN M 132 10.51 32.52 21.65
C ASN M 132 10.31 33.05 20.24
N LEU M 133 9.59 34.17 20.13
CA LEU M 133 9.21 34.71 18.83
C LEU M 133 10.38 34.93 17.88
N PRO M 134 11.54 35.45 18.30
CA PRO M 134 12.68 35.44 17.37
C PRO M 134 13.02 34.05 16.86
N SER M 135 13.20 33.10 17.78
CA SER M 135 13.57 31.76 17.39
C SER M 135 12.48 31.10 16.55
N ARG M 136 11.22 31.27 16.95
CA ARG M 136 10.14 30.65 16.22
C ARG M 136 9.98 31.27 14.83
N TYR M 137 10.20 32.57 14.70
CA TYR M 137 10.12 33.18 13.37
C TYR M 137 11.26 32.73 12.48
N PHE M 138 12.48 32.65 13.03
CA PHE M 138 13.60 32.17 12.22
C PHE M 138 13.38 30.73 11.79
N GLU M 139 12.86 29.89 12.70
CA GLU M 139 12.57 28.52 12.34
C GLU M 139 11.44 28.43 11.33
N ALA M 140 10.45 29.30 11.41
CA ALA M 140 9.41 29.34 10.40
C ALA M 140 9.97 29.72 9.05
N HIS M 141 10.90 30.69 9.03
CA HIS M 141 11.57 31.06 7.78
C HIS M 141 12.30 29.86 7.19
N ALA M 142 13.08 29.16 8.01
CA ALA M 142 13.81 27.99 7.53
C ALA M 142 12.86 26.90 7.03
N GLU M 143 11.81 26.63 7.80
CA GLU M 143 10.88 25.57 7.43
C GLU M 143 10.16 25.89 6.14
N LEU M 144 9.63 27.12 6.03
CA LEU M 144 9.00 27.53 4.79
C LEU M 144 9.97 27.52 3.62
N TYR M 145 11.25 27.81 3.86
CA TYR M 145 12.22 27.74 2.78
C TYR M 145 12.42 26.30 2.32
N ASN M 146 12.50 25.36 3.25
CA ASN M 146 12.63 23.95 2.87
C ASN M 146 11.40 23.48 2.10
N ARG M 147 10.21 23.83 2.58
CA ARG M 147 8.99 23.45 1.88
C ARG M 147 8.92 24.08 0.51
N LYS M 148 9.36 25.33 0.39
CA LYS M 148 9.37 26.00 -0.90
C LYS M 148 10.34 25.35 -1.86
N ILE M 149 11.51 24.93 -1.36
CA ILE M 149 12.45 24.21 -2.21
C ILE M 149 11.84 22.92 -2.71
N ASP M 150 11.14 22.19 -1.83
CA ASP M 150 10.48 20.96 -2.26
C ASP M 150 9.43 21.25 -3.33
N GLU M 151 8.61 22.27 -3.11
CA GLU M 151 7.57 22.60 -4.09
C GLU M 151 8.18 23.03 -5.41
N LEU M 152 9.29 23.77 -5.36
CA LEU M 152 9.95 24.21 -6.59
C LEU M 152 10.58 23.05 -7.32
N GLY M 153 11.20 22.13 -6.60
CA GLY M 153 11.78 20.97 -7.24
C GLY M 153 10.74 20.09 -7.91
N TYR M 154 9.58 19.97 -7.29
CA TYR M 154 8.60 19.02 -7.84
C TYR M 154 7.67 19.67 -8.86
N LEU M 155 7.07 20.81 -8.55
CA LEU M 155 6.16 21.48 -9.47
C LEU M 155 6.66 22.83 -9.95
N GLY M 156 7.83 23.28 -9.52
CA GLY M 156 8.31 24.58 -9.95
C GLY M 156 7.60 25.70 -9.21
N GLN M 157 7.51 26.84 -9.87
CA GLN M 157 6.93 28.05 -9.30
C GLN M 157 5.66 28.39 -10.06
N THR M 158 4.59 28.64 -9.32
CA THR M 158 3.34 29.13 -9.90
C THR M 158 3.12 30.57 -9.44
N ARG M 159 2.59 31.39 -10.33
CA ARG M 159 2.36 32.78 -10.00
C ARG M 159 1.16 32.92 -9.07
N THR M 160 1.09 34.07 -8.40
CA THR M 160 -0.01 34.31 -7.48
C THR M 160 -1.35 34.37 -8.21
N ASP M 161 -1.36 34.93 -9.43
CA ASP M 161 -2.61 35.04 -10.16
C ASP M 161 -3.15 33.67 -10.57
N GLY M 162 -2.27 32.69 -10.76
CA GLY M 162 -2.70 31.35 -11.08
C GLY M 162 -1.89 30.66 -12.16
N THR M 163 -1.43 31.42 -13.15
CA THR M 163 -0.60 30.83 -14.19
C THR M 163 0.77 30.47 -13.63
N GLN M 164 1.48 29.62 -14.35
CA GLN M 164 2.73 29.06 -13.86
C GLN M 164 3.89 29.48 -14.74
N LYS M 165 5.02 29.82 -14.11
CA LYS M 165 6.18 30.36 -14.81
C LYS M 165 7.30 29.35 -15.02
N THR M 166 7.64 28.53 -14.03
CA THR M 166 8.71 27.57 -14.17
C THR M 166 8.21 26.18 -13.86
N LEU M 167 8.61 25.21 -14.69
CA LEU M 167 8.24 23.83 -14.50
C LEU M 167 9.24 23.14 -13.58
N GLY M 168 8.74 22.21 -12.77
CA GLY M 168 9.54 21.39 -11.92
C GLY M 168 9.65 19.96 -12.43
N LEU M 169 10.10 19.08 -11.54
CA LEU M 169 10.34 17.69 -11.94
C LEU M 169 9.06 17.00 -12.38
N LEU M 170 7.99 17.14 -11.59
CA LEU M 170 6.75 16.44 -11.90
C LEU M 170 6.13 16.93 -13.19
N ASN M 171 6.11 18.25 -13.39
CA ASN M 171 5.39 18.86 -14.49
C ASN M 171 6.29 19.32 -15.62
N TYR M 172 7.53 18.86 -15.65
CA TYR M 172 8.44 19.19 -16.74
C TYR M 172 7.91 18.63 -18.06
N GLY M 173 8.50 19.09 -19.15
CA GLY M 173 8.07 18.66 -20.46
C GLY M 173 8.68 17.35 -20.91
N PHE M 174 8.72 16.36 -20.02
CA PHE M 174 9.15 15.03 -20.43
C PHE M 174 8.09 14.39 -21.32
N VAL M 175 8.41 13.22 -21.85
CA VAL M 175 7.44 12.47 -22.63
C VAL M 175 6.47 11.81 -21.66
N ALA M 176 5.17 12.04 -21.89
CA ALA M 176 4.13 11.64 -20.95
C ALA M 176 3.17 10.70 -21.64
N SER M 177 3.02 9.51 -21.10
CA SER M 177 2.05 8.54 -21.59
C SER M 177 0.96 8.36 -20.54
N GLY M 178 -0.29 8.23 -21.00
CA GLY M 178 -1.39 7.99 -20.10
C GLY M 178 -1.59 6.51 -19.86
N ALA M 179 -1.71 6.14 -18.59
CA ALA M 179 -1.92 4.74 -18.25
C ALA M 179 -3.33 4.31 -18.59
N GLY M 180 -3.57 3.01 -18.52
CA GLY M 180 -4.86 2.44 -18.83
C GLY M 180 -6.00 3.06 -18.05
N ASP M 181 -5.99 2.87 -16.73
CA ASP M 181 -6.97 3.48 -15.86
C ASP M 181 -6.28 3.88 -14.56
N THR M 182 -7.09 4.32 -13.60
CA THR M 182 -6.57 4.71 -12.30
C THR M 182 -5.96 3.51 -11.60
N ALA M 183 -4.94 3.78 -10.77
CA ALA M 183 -4.26 2.70 -10.06
C ALA M 183 -5.22 1.91 -9.19
N ALA M 184 -6.16 2.60 -8.53
CA ALA M 184 -7.13 1.89 -7.70
C ALA M 184 -7.98 0.94 -8.55
N ASN M 185 -8.44 1.40 -9.72
CA ASN M 185 -9.22 0.55 -10.61
C ASN M 185 -8.38 -0.49 -11.32
N LEU M 186 -7.07 -0.45 -11.19
CA LEU M 186 -6.19 -1.19 -12.08
C LEU M 186 -5.69 -2.46 -11.39
N SER M 187 -5.59 -3.54 -12.16
CA SER M 187 -5.14 -4.81 -11.63
C SER M 187 -3.70 -4.71 -11.15
N GLY M 188 -3.35 -5.60 -10.23
CA GLY M 188 -1.98 -5.62 -9.73
C GLY M 188 -0.97 -5.91 -10.82
N ASP M 189 -1.27 -6.90 -11.68
CA ASP M 189 -0.41 -7.16 -12.81
C ASP M 189 -0.36 -5.98 -13.76
N ASN M 190 -1.50 -5.35 -14.01
CA ASN M 190 -1.50 -4.21 -14.91
C ASN M 190 -0.86 -2.98 -14.29
N LEU M 191 -0.93 -2.84 -12.96
CA LEU M 191 -0.22 -1.76 -12.30
C LEU M 191 1.29 -1.96 -12.40
N TYR M 192 1.75 -3.18 -12.14
CA TYR M 192 3.16 -3.50 -12.36
C TYR M 192 3.54 -3.23 -13.81
N GLN M 193 2.68 -3.63 -14.74
CA GLN M 193 2.99 -3.44 -16.15
C GLN M 193 3.09 -1.96 -16.50
N ALA M 194 2.21 -1.13 -15.93
CA ALA M 194 2.26 0.30 -16.19
C ALA M 194 3.55 0.92 -15.66
N ILE M 195 3.89 0.64 -14.41
CA ILE M 195 5.09 1.25 -13.83
C ILE M 195 6.34 0.74 -14.53
N ALA M 196 6.41 -0.56 -14.82
CA ALA M 196 7.59 -1.11 -15.47
C ALA M 196 7.69 -0.67 -16.92
N ASP M 197 6.55 -0.53 -17.60
CA ASP M 197 6.56 0.01 -18.95
C ASP M 197 7.07 1.44 -18.95
N LEU M 198 6.67 2.24 -17.97
CA LEU M 198 7.26 3.57 -17.82
C LEU M 198 8.76 3.51 -17.66
N ILE M 199 9.23 2.69 -16.72
CA ILE M 199 10.66 2.65 -16.42
C ILE M 199 11.46 2.24 -17.66
N THR M 200 11.05 1.14 -18.30
CA THR M 200 11.81 0.66 -19.44
C THR M 200 11.59 1.51 -20.68
N ASP M 201 10.47 2.23 -20.79
CA ASP M 201 10.30 3.18 -21.88
C ASP M 201 11.28 4.33 -21.74
N GLN M 202 11.47 4.83 -20.51
CA GLN M 202 12.50 5.83 -20.29
C GLN M 202 13.87 5.26 -20.63
N TRP M 203 14.14 4.02 -20.20
CA TRP M 203 15.43 3.41 -20.47
C TRP M 203 15.70 3.29 -21.96
N ALA M 204 14.68 2.88 -22.72
CA ALA M 204 14.84 2.81 -24.16
C ALA M 204 15.04 4.20 -24.76
N GLY M 205 14.38 5.21 -24.18
CA GLY M 205 14.58 6.57 -24.66
C GLY M 205 16.00 7.05 -24.49
N VAL M 206 16.65 6.65 -23.40
CA VAL M 206 18.01 7.13 -23.13
C VAL M 206 19.03 6.19 -23.75
N PHE M 207 18.57 5.24 -24.57
CA PHE M 207 19.44 4.21 -25.13
C PHE M 207 20.20 3.46 -24.05
N ASN M 208 19.58 3.32 -22.89
CA ASN M 208 20.11 2.51 -21.79
C ASN M 208 21.54 2.92 -21.44
N VAL M 209 21.77 4.21 -21.31
CA VAL M 209 23.04 4.72 -20.79
C VAL M 209 22.95 4.79 -19.28
N GLU M 210 23.93 4.21 -18.59
CA GLU M 210 23.88 4.14 -17.14
C GLU M 210 23.75 5.52 -16.49
N THR M 211 24.28 6.55 -17.15
CA THR M 211 24.21 7.89 -16.56
C THR M 211 22.80 8.45 -16.62
N TYR M 212 22.13 8.31 -17.76
CA TYR M 212 20.82 8.91 -17.98
C TYR M 212 19.69 7.95 -17.66
N LYS M 213 20.00 6.70 -17.34
CA LYS M 213 18.99 5.71 -17.06
C LYS M 213 18.21 6.08 -15.81
N ALA M 214 16.89 5.98 -15.88
CA ALA M 214 16.05 6.26 -14.73
C ALA M 214 16.43 5.37 -13.58
N ASP M 215 16.92 5.97 -12.49
CA ASP M 215 17.22 5.23 -11.28
C ASP M 215 16.29 5.59 -10.14
N ARG M 216 15.32 6.48 -10.35
CA ARG M 216 14.34 6.79 -9.33
C ARG M 216 12.98 7.01 -9.97
N VAL M 217 11.94 6.70 -9.21
CA VAL M 217 10.56 6.91 -9.62
C VAL M 217 9.82 7.55 -8.46
N VAL M 218 9.10 8.63 -8.71
CA VAL M 218 8.26 9.25 -7.70
C VAL M 218 6.82 9.24 -8.19
N MET M 219 5.91 8.82 -7.31
CA MET M 219 4.51 8.65 -7.61
C MET M 219 3.72 9.16 -6.42
N PRO M 220 2.48 9.59 -6.63
CA PRO M 220 1.72 10.18 -5.53
C PRO M 220 1.57 9.19 -4.38
N ASP M 221 1.53 9.73 -3.16
CA ASP M 221 1.43 8.88 -1.98
C ASP M 221 0.23 7.96 -2.07
N THR M 222 -0.87 8.42 -2.67
CA THR M 222 -1.99 7.54 -2.92
C THR M 222 -1.57 6.34 -3.77
N VAL M 223 -0.92 6.61 -4.90
CA VAL M 223 -0.52 5.54 -5.81
C VAL M 223 0.60 4.71 -5.20
N TYR M 224 1.53 5.34 -4.49
CA TYR M 224 2.60 4.57 -3.88
C TYR M 224 2.06 3.60 -2.84
N ASN M 225 1.13 4.07 -2.01
CA ASN M 225 0.51 3.17 -1.04
C ASN M 225 -0.27 2.07 -1.73
N ILE M 226 -1.01 2.42 -2.78
CA ILE M 226 -1.77 1.41 -3.52
C ILE M 226 -0.83 0.33 -4.05
N CYS M 227 0.27 0.73 -4.69
CA CYS M 227 1.24 -0.24 -5.18
C CYS M 227 1.82 -1.07 -4.05
N ALA M 228 2.19 -0.43 -2.95
CA ALA M 228 2.79 -1.15 -1.83
C ALA M 228 1.83 -2.17 -1.23
N LYS M 229 0.52 -1.96 -1.39
CA LYS M 229 -0.46 -2.84 -0.77
C LYS M 229 -1.28 -3.64 -1.77
N LYS M 230 -1.35 -3.23 -3.03
CA LYS M 230 -1.98 -4.05 -4.05
C LYS M 230 -1.17 -5.32 -4.24
N ILE M 231 -1.79 -6.47 -4.00
CA ILE M 231 -1.09 -7.73 -4.25
C ILE M 231 -0.98 -7.95 -5.75
N LEU M 232 0.23 -8.33 -6.18
CA LEU M 232 0.51 -8.46 -7.61
C LEU M 232 -0.47 -9.42 -8.27
N ASN M 233 -0.44 -10.68 -7.88
CA ASN M 233 -1.45 -11.64 -8.27
C ASN M 233 -1.74 -12.53 -7.08
N SER M 234 -3.03 -12.70 -6.76
CA SER M 234 -3.40 -13.55 -5.64
C SER M 234 -2.95 -14.98 -5.86
N ASN M 235 -2.82 -15.39 -7.13
CA ASN M 235 -2.56 -16.79 -7.44
C ASN M 235 -1.14 -17.20 -7.07
N GLY M 236 -0.21 -16.25 -7.03
CA GLY M 236 1.14 -16.61 -6.66
C GLY M 236 1.37 -16.54 -5.18
N SER M 237 1.12 -15.37 -4.61
CA SER M 237 1.36 -15.12 -3.19
C SER M 237 0.69 -13.79 -2.85
N GLU M 238 0.93 -13.32 -1.63
CA GLU M 238 0.44 -12.03 -1.20
C GLU M 238 1.40 -10.89 -1.53
N MET M 239 2.56 -11.21 -2.12
CA MET M 239 3.56 -10.19 -2.42
C MET M 239 2.94 -9.11 -3.29
N SER M 240 3.30 -7.87 -2.99
CA SER M 240 2.66 -6.70 -3.56
C SER M 240 3.32 -6.27 -4.86
N VAL M 241 2.68 -5.32 -5.53
CA VAL M 241 3.23 -4.77 -6.76
C VAL M 241 4.55 -4.06 -6.47
N LEU M 242 4.60 -3.29 -5.40
CA LEU M 242 5.85 -2.60 -5.06
C LEU M 242 6.93 -3.59 -4.71
N ARG M 243 6.59 -4.69 -4.03
CA ARG M 243 7.59 -5.69 -3.73
C ARG M 243 8.06 -6.44 -4.96
N ALA M 244 7.26 -6.44 -6.04
CA ALA M 244 7.72 -7.01 -7.29
C ALA M 244 8.61 -6.04 -8.05
N LEU M 245 8.25 -4.76 -8.06
CA LEU M 245 9.08 -3.76 -8.72
C LEU M 245 10.42 -3.62 -8.03
N MET M 246 10.44 -3.61 -6.70
CA MET M 246 11.68 -3.52 -5.96
C MET M 246 12.54 -4.78 -6.10
N THR M 247 12.00 -5.84 -6.67
CA THR M 247 12.75 -7.07 -6.92
C THR M 247 13.25 -7.16 -8.35
N ASN M 248 12.44 -6.73 -9.32
CA ASN M 248 12.83 -6.74 -10.71
C ASN M 248 13.55 -5.47 -11.15
N PHE M 249 13.58 -4.45 -10.32
CA PHE M 249 14.31 -3.21 -10.58
C PHE M 249 15.16 -2.88 -9.36
N PRO M 250 16.17 -3.69 -9.06
CA PRO M 250 16.96 -3.48 -7.83
C PRO M 250 17.77 -2.19 -7.83
N THR M 251 17.81 -1.45 -8.94
CA THR M 251 18.52 -0.17 -8.98
C THR M 251 17.60 1.03 -8.84
N VAL M 252 16.33 0.90 -9.19
CA VAL M 252 15.37 1.99 -9.08
C VAL M 252 14.85 2.02 -7.65
N THR M 253 15.01 3.15 -6.97
CA THR M 253 14.42 3.35 -5.66
C THR M 253 13.12 4.12 -5.83
N PHE M 254 12.03 3.55 -5.36
CA PHE M 254 10.72 4.16 -5.55
C PHE M 254 10.44 5.12 -4.41
N GLY M 255 10.17 6.38 -4.75
CA GLY M 255 9.83 7.39 -3.80
C GLY M 255 8.40 7.85 -4.01
N LEU M 256 7.96 8.72 -3.10
CA LEU M 256 6.59 9.22 -3.14
C LEU M 256 6.57 10.67 -2.74
N THR M 257 5.51 11.36 -3.14
CA THR M 257 5.30 12.74 -2.73
C THR M 257 3.82 13.07 -2.85
N THR M 258 3.31 13.82 -1.89
CA THR M 258 1.94 14.32 -2.01
C THR M 258 1.81 15.26 -3.17
N LYS M 259 2.91 15.92 -3.55
CA LYS M 259 2.86 16.92 -4.61
C LYS M 259 2.33 16.34 -5.92
N ALA M 260 2.48 15.04 -6.13
CA ALA M 260 2.07 14.42 -7.37
C ALA M 260 0.60 14.06 -7.42
N ARG M 261 -0.16 14.32 -6.35
CA ARG M 261 -1.55 13.85 -6.32
C ARG M 261 -2.38 14.45 -7.44
N ASP M 262 -2.03 15.66 -7.88
CA ASP M 262 -2.75 16.31 -8.96
C ASP M 262 -1.81 17.29 -9.63
N VAL M 263 -1.37 16.96 -10.85
CA VAL M 263 -0.47 17.80 -11.63
C VAL M 263 -1.13 18.02 -12.99
N GLY M 264 -1.54 19.25 -13.25
CA GLY M 264 -2.22 19.54 -14.50
C GLY M 264 -3.55 18.82 -14.65
N GLY M 265 -4.31 18.72 -13.56
CA GLY M 265 -5.63 18.13 -13.60
C GLY M 265 -5.70 16.63 -13.48
N THR M 266 -4.57 15.96 -13.25
CA THR M 266 -4.55 14.51 -13.10
C THR M 266 -3.24 14.11 -12.43
N SER M 267 -3.28 13.00 -11.71
CA SER M 267 -2.08 12.50 -11.05
C SER M 267 -0.96 12.26 -12.06
N ARG M 268 0.28 12.30 -11.56
CA ARG M 268 1.45 12.21 -12.45
C ARG M 268 2.58 11.50 -11.74
N THR M 269 2.84 10.25 -12.14
CA THR M 269 4.04 9.53 -11.75
C THR M 269 5.16 9.88 -12.72
N THR M 270 6.40 9.82 -12.24
CA THR M 270 7.49 10.13 -13.15
C THR M 270 8.76 9.39 -12.73
N ALA M 271 9.46 8.86 -13.72
CA ALA M 271 10.78 8.28 -13.53
C ALA M 271 11.83 9.26 -14.02
N TYR M 272 12.98 9.24 -13.35
CA TYR M 272 14.03 10.20 -13.63
C TYR M 272 15.34 9.60 -13.14
N SER M 273 16.43 10.22 -13.55
CA SER M 273 17.77 9.81 -13.17
C SER M 273 18.37 10.87 -12.26
N SER M 274 18.80 10.46 -11.08
CA SER M 274 19.36 11.38 -10.10
C SER M 274 20.89 11.46 -10.25
N ASN M 275 21.30 11.98 -11.41
CA ASN M 275 22.71 12.14 -11.70
C ASN M 275 23.01 13.61 -11.95
N ARG M 276 24.21 14.03 -11.55
CA ARG M 276 24.61 15.43 -11.76
C ARG M 276 24.42 15.84 -13.21
N ARG M 277 24.76 14.95 -14.14
CA ARG M 277 24.79 15.27 -15.55
C ARG M 277 23.46 15.07 -16.24
N ALA M 278 22.40 14.75 -15.50
CA ALA M 278 21.08 14.56 -16.05
C ALA M 278 20.08 15.62 -15.59
N MET M 279 20.03 15.90 -14.30
CA MET M 279 19.22 17.01 -13.79
C MET M 279 19.78 17.42 -12.44
N GLN M 280 19.83 18.73 -12.21
CA GLN M 280 20.30 19.29 -10.95
C GLN M 280 19.21 20.19 -10.38
N MET M 281 19.30 20.43 -9.08
CA MET M 281 18.44 21.40 -8.41
C MET M 281 19.27 22.64 -8.15
N ARG M 282 18.99 23.71 -8.87
CA ARG M 282 19.76 24.94 -8.78
C ARG M 282 19.18 25.81 -7.68
N ILE M 283 19.91 25.94 -6.59
CA ILE M 283 19.57 26.91 -5.55
C ILE M 283 20.80 27.79 -5.41
N PRO M 284 21.01 28.74 -6.33
CA PRO M 284 22.25 29.53 -6.29
C PRO M 284 22.41 30.33 -5.01
N THR M 285 21.32 30.83 -4.45
CA THR M 285 21.36 31.59 -3.20
C THR M 285 20.57 30.84 -2.14
N PRO M 286 21.22 30.11 -1.25
CA PRO M 286 20.51 29.51 -0.12
C PRO M 286 19.84 30.58 0.73
N LEU M 287 18.96 30.13 1.62
CA LEU M 287 18.18 31.05 2.44
C LEU M 287 19.06 32.01 3.20
N ASN M 288 18.99 33.29 2.88
CA ASN M 288 19.74 34.34 3.55
C ASN M 288 18.79 35.13 4.43
N VAL M 289 19.00 35.06 5.74
CA VAL M 289 18.15 35.73 6.71
C VAL M 289 18.88 36.99 7.18
N SER M 290 18.25 38.14 7.01
CA SER M 290 18.88 39.39 7.39
C SER M 290 18.98 39.51 8.91
N SER M 291 19.97 40.27 9.36
CA SER M 291 20.07 40.58 10.78
C SER M 291 18.85 41.37 11.22
N VAL M 292 18.45 41.16 12.47
CA VAL M 292 17.20 41.74 12.96
C VAL M 292 17.34 43.24 13.04
N ASP M 293 16.45 43.94 12.34
CA ASP M 293 16.43 45.39 12.34
C ASP M 293 15.46 45.86 13.42
N GLN M 294 16.00 46.50 14.45
CA GLN M 294 15.18 47.03 15.53
C GLN M 294 14.95 48.51 15.27
N ARG M 295 13.69 48.92 15.25
CA ARG M 295 13.33 50.32 15.08
C ARG M 295 12.38 50.63 16.22
N GLY M 296 12.86 51.41 17.19
CA GLY M 296 12.14 51.53 18.44
C GLY M 296 12.09 50.19 19.14
N PHE M 297 10.89 49.65 19.32
CA PHE M 297 10.71 48.32 19.86
C PHE M 297 10.15 47.34 18.85
N LYS M 298 10.19 47.70 17.57
CA LYS M 298 9.66 46.84 16.51
C LYS M 298 10.84 46.17 15.81
N TYR M 299 10.93 44.85 15.95
CA TYR M 299 11.97 44.07 15.27
C TYR M 299 11.42 43.56 13.96
N TYR M 300 12.29 43.54 12.95
CA TYR M 300 11.89 43.24 11.58
C TYR M 300 12.98 42.40 10.92
N VAL M 301 12.58 41.33 10.24
CA VAL M 301 13.52 40.42 9.59
C VAL M 301 13.02 40.12 8.18
N GLU M 302 13.91 40.25 7.20
CA GLU M 302 13.66 39.73 5.86
C GLU M 302 14.54 38.51 5.64
N SER M 303 14.11 37.65 4.72
CA SER M 303 14.86 36.46 4.37
C SER M 303 14.60 36.16 2.91
N TYR M 304 15.64 36.23 2.08
CA TYR M 304 15.50 35.97 0.66
C TYR M 304 16.39 34.81 0.26
N PHE M 305 15.91 34.03 -0.69
CA PHE M 305 16.73 33.03 -1.36
C PHE M 305 16.48 33.11 -2.86
N GLY M 306 17.56 33.11 -3.62
CA GLY M 306 17.48 33.11 -5.06
C GLY M 306 17.66 31.69 -5.56
N VAL M 307 16.65 31.17 -6.22
CA VAL M 307 16.59 29.77 -6.58
C VAL M 307 16.14 29.65 -8.02
N ALA M 308 16.91 28.92 -8.82
CA ALA M 308 16.43 28.52 -10.12
C ALA M 308 15.56 27.27 -9.99
N GLY M 309 14.91 26.88 -11.06
CA GLY M 309 14.02 25.74 -10.95
C GLY M 309 14.79 24.44 -10.90
N LEU M 310 14.27 23.41 -11.55
CA LEU M 310 15.03 22.20 -11.77
C LEU M 310 15.77 22.33 -13.10
N ASP M 311 17.09 22.36 -13.03
CA ASP M 311 17.90 22.35 -14.25
C ASP M 311 17.86 20.96 -14.84
N VAL M 312 16.88 20.69 -15.69
CA VAL M 312 16.82 19.41 -16.40
C VAL M 312 17.82 19.50 -17.53
N ILE M 313 19.01 18.93 -17.30
CA ILE M 313 20.09 19.09 -18.26
C ILE M 313 19.75 18.40 -19.58
N GLU M 314 19.20 17.20 -19.51
CA GLU M 314 18.90 16.42 -20.71
C GLU M 314 17.40 16.20 -20.82
N ASP M 315 16.88 16.45 -22.02
CA ASP M 315 15.44 16.41 -22.24
C ASP M 315 14.85 15.05 -21.87
N THR M 316 15.26 14.00 -22.58
CA THR M 316 14.75 12.66 -22.32
C THR M 316 15.54 11.99 -21.20
N ALA M 317 15.54 12.63 -20.03
CA ALA M 317 16.11 12.06 -18.83
C ALA M 317 15.03 11.76 -17.79
N GLY M 318 13.77 11.76 -18.20
CA GLY M 318 12.67 11.44 -17.33
C GLY M 318 11.46 11.13 -18.20
N ARG M 319 10.46 10.52 -17.58
CA ARG M 319 9.26 10.13 -18.28
C ARG M 319 8.08 10.20 -17.33
N HIS M 320 6.90 10.49 -17.88
CA HIS M 320 5.70 10.69 -17.09
C HIS M 320 4.66 9.62 -17.39
N LEU M 321 4.03 9.11 -16.34
CA LEU M 321 2.76 8.39 -16.42
C LEU M 321 1.69 9.35 -15.95
N THR M 322 0.87 9.81 -16.88
CA THR M 322 -0.19 10.75 -16.58
C THR M 322 -1.47 9.96 -16.35
N GLY M 323 -1.95 9.95 -15.12
CA GLY M 323 -3.18 9.26 -14.80
C GLY M 323 -2.93 7.89 -14.18
N LEU M 324 -3.11 7.80 -12.87
CA LEU M 324 -2.88 6.56 -12.16
C LEU M 324 -3.55 6.61 -10.80
N GLU N 31 100.43 41.17 -65.21
CA GLU N 31 101.00 40.49 -64.05
C GLU N 31 101.51 41.50 -63.02
N GLY N 32 101.19 41.26 -61.75
CA GLY N 32 101.63 42.13 -60.69
C GLY N 32 100.71 42.10 -59.49
N GLY N 33 101.28 42.16 -58.29
CA GLY N 33 100.49 42.24 -57.09
C GLY N 33 100.29 40.91 -56.39
N ILE N 34 100.49 40.89 -55.07
CA ILE N 34 100.26 39.69 -54.29
C ILE N 34 98.92 39.70 -53.57
N ILE N 35 98.29 40.86 -53.42
CA ILE N 35 97.03 40.95 -52.70
C ILE N 35 95.89 40.63 -53.64
N LEU N 36 95.06 39.66 -53.26
CA LEU N 36 93.89 39.31 -54.04
C LEU N 36 92.92 40.48 -54.07
N ALA N 37 92.25 40.65 -55.20
CA ALA N 37 91.35 41.79 -55.38
C ALA N 37 90.21 41.80 -54.38
N ARG N 38 89.85 40.64 -53.84
CA ARG N 38 88.77 40.59 -52.86
C ARG N 38 89.21 41.14 -51.50
N ASN N 39 90.48 40.98 -51.16
CA ASN N 39 90.96 41.44 -49.87
C ASN N 39 91.12 42.96 -49.82
N LEU N 40 91.36 43.60 -50.96
CA LEU N 40 91.52 45.05 -50.99
C LEU N 40 90.24 45.79 -50.64
N GLU N 41 89.10 45.11 -50.62
CA GLU N 41 87.83 45.71 -50.26
C GLU N 41 87.48 45.28 -48.84
N HIS N 42 87.23 46.26 -47.97
CA HIS N 42 86.82 45.99 -46.60
C HIS N 42 85.32 46.23 -46.48
N VAL N 43 84.58 45.19 -46.13
CA VAL N 43 83.14 45.29 -45.97
C VAL N 43 82.83 45.74 -44.56
N SER N 44 82.07 46.82 -44.44
CA SER N 44 81.89 47.47 -43.14
C SER N 44 81.25 46.52 -42.14
N SER N 45 81.71 46.61 -40.89
CA SER N 45 81.16 45.78 -39.82
C SER N 45 79.79 46.26 -39.37
N GLU N 46 79.41 47.48 -39.74
CA GLU N 46 78.13 48.06 -39.32
C GLU N 46 77.12 47.92 -40.44
N ILE N 47 76.00 47.27 -40.15
CA ILE N 47 74.94 47.07 -41.12
C ILE N 47 73.94 48.22 -41.02
N PHE N 48 73.57 48.78 -42.16
CA PHE N 48 72.57 49.82 -42.23
C PHE N 48 71.23 49.20 -42.58
N THR N 49 70.22 49.45 -41.75
CA THR N 49 68.87 49.02 -42.03
C THR N 49 68.15 50.09 -42.83
N GLN N 50 67.33 49.65 -43.78
CA GLN N 50 66.52 50.59 -44.56
C GLN N 50 65.54 51.31 -43.64
N GLU N 51 65.36 52.61 -43.88
CA GLU N 51 64.48 53.44 -43.07
C GLU N 51 63.26 53.82 -43.89
N PHE N 52 62.09 53.55 -43.34
CA PHE N 52 60.82 53.90 -43.97
C PHE N 52 60.27 55.15 -43.31
N ALA N 53 59.04 55.52 -43.68
CA ALA N 53 58.41 56.70 -43.12
C ALA N 53 58.34 56.60 -41.59
N GLY N 54 58.57 57.73 -40.93
CA GLY N 54 58.76 57.71 -39.49
C GLY N 54 57.53 57.19 -38.77
N LEU N 55 57.77 56.58 -37.62
CA LEU N 55 56.70 56.10 -36.74
C LEU N 55 56.31 57.24 -35.79
N THR N 56 55.05 57.64 -35.83
CA THR N 56 54.59 58.77 -35.04
C THR N 56 53.45 58.44 -34.09
N PHE N 57 52.74 57.33 -34.30
CA PHE N 57 51.55 57.06 -33.49
C PHE N 57 51.90 56.95 -32.02
N LEU N 58 52.70 55.95 -31.65
CA LEU N 58 52.97 55.69 -30.25
C LEU N 58 53.73 56.84 -29.59
N GLN N 59 54.40 57.69 -30.37
CA GLN N 59 55.01 58.88 -29.81
C GLN N 59 54.01 59.99 -29.55
N GLY N 60 52.84 59.93 -30.20
CA GLY N 60 51.80 60.89 -29.90
C GLY N 60 51.36 60.84 -28.45
N GLY N 61 51.27 59.65 -27.88
CA GLY N 61 50.97 59.51 -26.48
C GLY N 61 49.90 58.49 -26.18
N ILE N 62 49.30 57.93 -27.23
CA ILE N 62 48.26 56.94 -27.04
C ILE N 62 48.85 55.70 -26.39
N VAL N 63 48.31 55.32 -25.25
CA VAL N 63 48.79 54.13 -24.55
C VAL N 63 48.31 52.89 -25.27
N VAL N 64 49.09 51.82 -25.15
CA VAL N 64 48.76 50.54 -25.75
C VAL N 64 48.29 49.60 -24.65
N ASN N 65 47.11 49.03 -24.82
CA ASN N 65 46.41 48.30 -23.77
C ASN N 65 46.33 46.83 -24.15
N ASN N 66 47.18 46.02 -23.51
CA ASN N 66 47.27 44.58 -23.81
C ASN N 66 46.43 43.77 -22.83
N GLU N 67 45.13 44.04 -22.80
CA GLU N 67 44.25 43.34 -21.87
C GLU N 67 43.25 42.41 -22.54
N GLY N 68 42.95 42.62 -23.82
CA GLY N 68 41.86 41.91 -24.46
C GLY N 68 42.03 40.40 -24.52
N GLY N 69 43.18 39.88 -24.12
CA GLY N 69 43.37 38.43 -24.20
C GLY N 69 43.28 37.97 -25.64
N TYR N 70 42.68 36.79 -25.82
CA TYR N 70 42.49 36.23 -27.14
C TYR N 70 41.06 36.41 -27.65
N ALA N 71 40.23 37.16 -26.93
CA ALA N 71 38.83 37.31 -27.30
C ALA N 71 38.70 38.09 -28.60
N THR N 72 37.61 37.83 -29.32
CA THR N 72 37.38 38.45 -30.61
C THR N 72 36.85 39.87 -30.51
N SER N 73 36.53 40.35 -29.31
CA SER N 73 36.08 41.71 -29.13
C SER N 73 36.37 42.13 -27.71
N VAL N 74 36.60 43.43 -27.52
CA VAL N 74 36.83 44.00 -26.20
C VAL N 74 35.67 44.94 -25.89
N THR N 75 35.06 44.75 -24.73
CA THR N 75 33.93 45.54 -24.28
C THR N 75 34.36 46.40 -23.10
N LYS N 76 34.15 47.71 -23.23
CA LYS N 76 34.42 48.66 -22.17
C LYS N 76 33.10 49.20 -21.64
N LEU N 77 33.06 49.47 -20.35
CA LEU N 77 31.84 49.93 -19.70
C LEU N 77 32.14 51.15 -18.85
N LYS N 78 31.21 52.10 -18.88
CA LYS N 78 31.37 53.40 -18.23
C LYS N 78 30.24 53.61 -17.23
N LEU N 79 30.61 53.98 -16.02
CA LEU N 79 29.66 54.26 -14.93
C LEU N 79 29.63 55.76 -14.69
N LYS N 80 28.44 56.34 -14.78
CA LYS N 80 28.24 57.77 -14.54
C LYS N 80 27.40 57.96 -13.29
N ALA N 81 27.84 58.86 -12.41
CA ALA N 81 27.07 59.21 -11.22
C ALA N 81 26.02 60.24 -11.64
N GLU N 82 24.76 59.92 -11.42
CA GLU N 82 23.66 60.81 -11.77
C GLU N 82 22.89 61.17 -10.51
N GLY N 83 22.56 62.44 -10.36
CA GLY N 83 21.81 62.87 -9.20
C GLY N 83 22.27 64.24 -8.77
N GLY N 84 21.77 64.65 -7.62
CA GLY N 84 22.16 65.93 -7.08
C GLY N 84 21.79 66.12 -5.63
N PHE N 85 22.67 66.78 -4.89
CA PHE N 85 22.37 67.16 -3.52
C PHE N 85 21.30 68.25 -3.54
N ARG N 86 20.41 68.20 -2.56
CA ARG N 86 19.33 69.18 -2.43
C ARG N 86 19.43 69.91 -1.11
N GLU N 87 18.99 71.17 -1.12
CA GLU N 87 18.99 71.97 0.09
C GLU N 87 18.09 71.33 1.14
N SER N 88 18.59 71.26 2.36
CA SER N 88 17.88 70.54 3.42
C SER N 88 17.77 71.41 4.67
N GLY N 89 16.85 71.01 5.55
CA GLY N 89 16.73 71.58 6.86
C GLY N 89 17.36 70.69 7.92
N ASN N 90 17.09 71.04 9.18
CA ASN N 90 17.64 70.26 10.28
C ASN N 90 17.06 68.86 10.31
N ASP N 91 15.73 68.76 10.27
CA ASP N 91 15.03 67.48 10.37
C ASP N 91 14.03 67.40 9.23
N THR N 92 14.49 66.96 8.06
CA THR N 92 13.65 66.85 6.87
C THR N 92 13.93 65.54 6.17
N ASN N 93 13.22 65.32 5.07
CA ASN N 93 13.46 64.17 4.20
C ASN N 93 14.07 64.68 2.90
N THR N 94 15.26 64.19 2.58
CA THR N 94 15.95 64.64 1.39
C THR N 94 15.19 64.21 0.14
N THR N 95 15.07 65.13 -0.80
CA THR N 95 14.45 64.83 -2.09
C THR N 95 15.47 64.72 -3.20
N GLY N 96 16.76 64.75 -2.87
CA GLY N 96 17.82 64.57 -3.84
C GLY N 96 18.55 63.26 -3.59
N LYS N 97 18.69 62.46 -4.65
CA LYS N 97 19.27 61.14 -4.53
C LYS N 97 20.42 60.99 -5.51
N ILE N 98 21.54 60.47 -5.04
CA ILE N 98 22.68 60.17 -5.88
C ILE N 98 22.61 58.68 -6.25
N THR N 99 22.76 58.38 -7.54
CA THR N 99 22.61 57.03 -8.04
C THR N 99 23.60 56.83 -9.18
N LEU N 100 23.61 55.63 -9.74
CA LEU N 100 24.55 55.27 -10.80
C LEU N 100 23.80 54.86 -12.06
N SER N 101 24.41 55.15 -13.20
CA SER N 101 23.96 54.67 -14.50
C SER N 101 25.17 54.20 -15.26
N GLY N 102 24.95 53.52 -16.38
CA GLY N 102 26.07 52.98 -17.12
C GLY N 102 25.79 52.83 -18.60
N GLU N 103 26.85 52.61 -19.36
CA GLU N 103 26.74 52.26 -20.76
C GLU N 103 27.96 51.45 -21.17
N SER N 104 27.90 50.89 -22.37
CA SER N 104 28.96 50.00 -22.82
C SER N 104 29.27 50.25 -24.29
N ASP N 105 30.46 49.82 -24.68
CA ASP N 105 30.92 49.88 -26.06
C ASP N 105 31.74 48.62 -26.34
N SER N 106 31.80 48.24 -27.61
CA SER N 106 32.53 47.05 -28.00
C SER N 106 33.32 47.32 -29.28
N ILE N 107 34.56 46.84 -29.32
CA ILE N 107 35.42 46.99 -30.48
C ILE N 107 35.90 45.60 -30.89
N PRO N 108 35.73 45.20 -32.15
CA PRO N 108 36.17 43.86 -32.57
C PRO N 108 37.68 43.75 -32.63
N VAL N 109 38.15 42.50 -32.57
CA VAL N 109 39.57 42.19 -32.59
C VAL N 109 39.85 41.28 -33.78
N PHE N 110 40.86 41.63 -34.57
CA PHE N 110 41.24 40.82 -35.71
C PHE N 110 42.72 40.49 -35.64
N THR N 111 43.08 39.35 -36.21
CA THR N 111 44.43 38.79 -36.09
C THR N 111 45.18 38.97 -37.39
N LEU N 112 46.43 39.42 -37.31
CA LEU N 112 47.31 39.50 -38.46
C LEU N 112 48.47 38.54 -38.26
N GLU N 113 48.73 37.71 -39.25
CA GLU N 113 49.76 36.70 -39.17
C GLU N 113 50.70 36.82 -40.36
N GLY N 114 51.98 36.63 -40.11
CA GLY N 114 52.97 36.58 -41.16
C GLY N 114 53.88 35.38 -40.95
N GLU N 115 54.63 35.05 -41.99
CA GLU N 115 55.50 33.88 -41.95
C GLU N 115 56.86 34.23 -42.52
N SER N 116 57.88 33.52 -42.06
CA SER N 116 59.22 33.63 -42.60
C SER N 116 59.91 32.28 -42.53
N ASP N 117 60.63 31.94 -43.59
CA ASP N 117 61.24 30.64 -43.73
C ASP N 117 62.69 30.78 -44.19
N TRP N 118 63.49 29.78 -43.88
CA TRP N 118 64.88 29.74 -44.31
C TRP N 118 65.34 28.29 -44.30
N SER N 119 66.65 28.08 -44.43
CA SER N 119 67.22 26.76 -44.50
C SER N 119 68.64 26.81 -43.96
N GLU N 120 69.19 25.63 -43.65
CA GLU N 120 70.56 25.58 -43.13
C GLU N 120 71.55 26.17 -44.12
N ILE N 121 71.36 25.92 -45.41
CA ILE N 121 72.26 26.54 -46.39
C ILE N 121 72.16 28.05 -46.32
N GLU N 122 70.94 28.58 -46.28
CA GLU N 122 70.76 30.03 -46.19
C GLU N 122 71.19 30.57 -44.84
N LEU N 123 70.91 29.83 -43.76
CA LEU N 123 71.32 30.26 -42.44
C LEU N 123 72.84 30.38 -42.34
N LYS N 124 73.57 29.39 -42.86
CA LYS N 124 75.03 29.45 -42.77
C LYS N 124 75.62 30.44 -43.75
N GLN N 125 75.03 30.59 -44.94
CA GLN N 125 75.51 31.63 -45.84
C GLN N 125 75.28 33.01 -45.27
N ALA N 126 74.22 33.19 -44.49
CA ALA N 126 74.05 34.43 -43.74
C ALA N 126 75.11 34.55 -42.66
N GLU N 127 75.44 33.44 -42.00
CA GLU N 127 76.54 33.47 -41.03
C GLU N 127 77.84 33.92 -41.67
N LEU N 128 78.02 33.62 -42.96
CA LEU N 128 79.23 34.02 -43.66
C LEU N 128 79.40 35.54 -43.68
N GLN N 129 78.31 36.28 -43.52
CA GLN N 129 78.34 37.74 -43.52
C GLN N 129 78.09 38.31 -42.12
N ASN N 130 78.23 37.48 -41.09
CA ASN N 130 77.92 37.86 -39.71
C ASN N 130 76.47 38.29 -39.57
N VAL N 131 75.59 37.65 -40.33
CA VAL N 131 74.15 37.92 -40.29
C VAL N 131 73.47 36.72 -39.65
N ASN N 132 72.79 36.95 -38.53
CA ASN N 132 72.05 35.89 -37.85
C ASN N 132 70.66 35.86 -38.43
N LEU N 133 70.48 35.08 -39.50
CA LEU N 133 69.23 35.11 -40.25
C LEU N 133 67.99 34.85 -39.40
N PRO N 134 67.97 33.89 -38.47
CA PRO N 134 66.82 33.83 -37.56
C PRO N 134 66.60 35.12 -36.80
N SER N 135 67.67 35.72 -36.27
CA SER N 135 67.53 36.96 -35.53
C SER N 135 67.09 38.10 -36.43
N ARG N 136 67.59 38.14 -37.66
CA ARG N 136 67.23 39.23 -38.55
C ARG N 136 65.78 39.11 -39.01
N TYR N 137 65.30 37.89 -39.27
CA TYR N 137 63.87 37.71 -39.50
C TYR N 137 63.02 38.07 -38.29
N PHE N 138 63.46 37.72 -37.09
CA PHE N 138 62.65 38.09 -35.94
C PHE N 138 62.63 39.61 -35.76
N GLU N 139 63.76 40.26 -36.01
CA GLU N 139 63.82 41.72 -35.96
C GLU N 139 62.92 42.34 -37.02
N ALA N 140 62.88 41.76 -38.22
CA ALA N 140 62.00 42.27 -39.26
C ALA N 140 60.55 42.03 -38.93
N HIS N 141 60.24 40.89 -38.31
CA HIS N 141 58.89 40.64 -37.83
C HIS N 141 58.46 41.71 -36.86
N ALA N 142 59.33 42.02 -35.90
CA ALA N 142 59.02 43.07 -34.93
C ALA N 142 58.90 44.43 -35.59
N GLU N 143 59.74 44.70 -36.59
CA GLU N 143 59.72 46.01 -37.23
C GLU N 143 58.45 46.21 -38.04
N LEU N 144 58.07 45.21 -38.84
CA LEU N 144 56.80 45.32 -39.55
C LEU N 144 55.61 45.27 -38.61
N TYR N 145 55.75 44.64 -37.44
CA TYR N 145 54.69 44.69 -36.45
C TYR N 145 54.51 46.11 -35.93
N ASN N 146 55.61 46.79 -35.61
CA ASN N 146 55.53 48.17 -35.15
C ASN N 146 54.96 49.06 -36.23
N ARG N 147 55.40 48.88 -37.48
CA ARG N 147 54.84 49.67 -38.58
C ARG N 147 53.37 49.37 -38.80
N LYS N 148 52.95 48.13 -38.59
CA LYS N 148 51.55 47.78 -38.79
C LYS N 148 50.68 48.40 -37.71
N ILE N 149 51.13 48.39 -36.45
CA ILE N 149 50.31 49.04 -35.44
C ILE N 149 50.34 50.55 -35.62
N ASP N 150 51.42 51.09 -36.20
CA ASP N 150 51.39 52.50 -36.59
C ASP N 150 50.29 52.76 -37.61
N GLU N 151 50.23 51.94 -38.65
CA GLU N 151 49.19 52.14 -39.66
C GLU N 151 47.80 51.95 -39.08
N LEU N 152 47.62 50.94 -38.24
CA LEU N 152 46.33 50.69 -37.62
C LEU N 152 45.89 51.87 -36.76
N GLY N 153 46.83 52.47 -36.05
CA GLY N 153 46.50 53.63 -35.25
C GLY N 153 46.00 54.78 -36.10
N TYR N 154 46.70 55.07 -37.20
CA TYR N 154 46.34 56.22 -38.02
C TYR N 154 45.24 55.89 -39.04
N LEU N 155 45.51 54.95 -39.92
CA LEU N 155 44.59 54.67 -41.02
C LEU N 155 43.66 53.50 -40.74
N GLY N 156 44.07 52.55 -39.92
CA GLY N 156 43.30 51.35 -39.69
C GLY N 156 43.57 50.30 -40.75
N GLN N 157 43.08 49.10 -40.50
CA GLN N 157 43.37 47.98 -41.38
C GLN N 157 42.64 48.16 -42.71
N THR N 158 43.40 48.16 -43.79
CA THR N 158 42.85 48.28 -45.14
C THR N 158 42.88 46.93 -45.82
N ARG N 159 41.74 46.49 -46.30
CA ARG N 159 41.67 45.20 -46.98
C ARG N 159 42.45 45.25 -48.28
N THR N 160 43.00 44.10 -48.67
CA THR N 160 43.87 44.03 -49.83
C THR N 160 43.15 44.41 -51.12
N ASP N 161 41.82 44.27 -51.14
CA ASP N 161 41.08 44.64 -52.34
C ASP N 161 41.02 46.14 -52.55
N GLY N 162 41.13 46.93 -51.48
CA GLY N 162 41.11 48.38 -51.63
C GLY N 162 40.00 49.06 -50.84
N THR N 163 39.48 48.38 -49.82
CA THR N 163 38.47 48.94 -48.95
C THR N 163 38.98 48.97 -47.52
N GLN N 164 38.34 49.81 -46.70
CA GLN N 164 38.71 49.97 -45.31
C GLN N 164 37.99 48.94 -44.45
N LYS N 165 38.74 48.30 -43.54
CA LYS N 165 38.15 47.33 -42.62
C LYS N 165 37.79 47.98 -41.29
N THR N 166 38.78 48.52 -40.59
CA THR N 166 38.58 49.22 -39.34
C THR N 166 39.12 50.63 -39.48
N LEU N 167 38.52 51.56 -38.75
CA LEU N 167 38.79 52.97 -38.94
C LEU N 167 39.83 53.43 -37.93
N GLY N 168 40.80 54.20 -38.40
CA GLY N 168 41.88 54.69 -37.57
C GLY N 168 41.70 56.14 -37.18
N LEU N 169 42.78 56.72 -36.65
CA LEU N 169 42.72 58.08 -36.13
C LEU N 169 42.41 59.08 -37.23
N LEU N 170 43.05 58.93 -38.39
CA LEU N 170 42.91 59.93 -39.43
C LEU N 170 41.55 59.85 -40.11
N ASN N 171 41.00 58.65 -40.22
CA ASN N 171 39.76 58.43 -40.95
C ASN N 171 38.57 58.11 -40.03
N TYR N 172 38.72 58.30 -38.73
CA TYR N 172 37.63 58.05 -37.80
C TYR N 172 36.49 59.03 -38.02
N GLY N 173 35.32 58.67 -37.50
CA GLY N 173 34.16 59.52 -37.60
C GLY N 173 34.14 60.66 -36.61
N PHE N 174 35.18 61.47 -36.60
CA PHE N 174 35.15 62.72 -35.86
C PHE N 174 34.37 63.76 -36.66
N VAL N 175 34.23 64.95 -36.11
CA VAL N 175 33.65 66.06 -36.86
C VAL N 175 34.71 66.59 -37.80
N ALA N 176 34.39 66.64 -39.08
CA ALA N 176 35.35 67.03 -40.11
C ALA N 176 34.84 68.26 -40.85
N SER N 177 35.60 69.34 -40.75
CA SER N 177 35.36 70.54 -41.55
C SER N 177 36.52 70.71 -42.50
N GLY N 178 36.22 70.78 -43.79
CA GLY N 178 37.27 71.00 -44.77
C GLY N 178 37.84 72.41 -44.69
N ALA N 179 39.12 72.52 -45.03
CA ALA N 179 39.77 73.82 -45.06
C ALA N 179 39.50 74.51 -46.39
N GLY N 180 40.16 75.65 -46.60
CA GLY N 180 40.01 76.37 -47.84
C GLY N 180 40.59 75.62 -49.02
N ASP N 181 41.92 75.48 -49.04
CA ASP N 181 42.60 74.77 -50.10
C ASP N 181 43.87 74.15 -49.52
N THR N 182 44.77 73.70 -50.40
CA THR N 182 46.00 73.09 -49.94
C THR N 182 46.82 74.09 -49.14
N ALA N 183 47.58 73.57 -48.17
CA ALA N 183 48.35 74.44 -47.29
C ALA N 183 49.30 75.34 -48.05
N ALA N 184 49.76 74.90 -49.23
CA ALA N 184 50.60 75.75 -50.05
C ALA N 184 49.83 76.95 -50.57
N ASN N 185 48.56 76.75 -50.95
CA ASN N 185 47.78 77.85 -51.49
C ASN N 185 47.36 78.84 -50.42
N LEU N 186 47.03 78.35 -49.22
CA LEU N 186 46.61 79.24 -48.15
C LEU N 186 47.74 80.17 -47.76
N SER N 187 47.38 81.40 -47.42
CA SER N 187 48.36 82.31 -46.87
C SER N 187 48.73 81.88 -45.45
N GLY N 188 49.77 82.49 -44.91
CA GLY N 188 50.17 82.17 -43.54
C GLY N 188 49.06 82.47 -42.55
N ASP N 189 48.38 83.60 -42.71
CA ASP N 189 47.27 83.94 -41.84
C ASP N 189 46.15 82.92 -41.97
N ASN N 190 45.77 82.57 -43.20
CA ASN N 190 44.67 81.65 -43.40
C ASN N 190 45.03 80.25 -42.92
N LEU N 191 46.24 79.78 -43.18
CA LEU N 191 46.64 78.46 -42.71
C LEU N 191 46.69 78.42 -41.19
N TYR N 192 47.24 79.45 -40.56
CA TYR N 192 47.27 79.51 -39.11
C TYR N 192 45.86 79.51 -38.55
N GLN N 193 44.97 80.29 -39.15
CA GLN N 193 43.60 80.34 -38.65
C GLN N 193 42.89 79.00 -38.82
N ALA N 194 43.14 78.31 -39.94
CA ALA N 194 42.53 77.01 -40.13
C ALA N 194 42.95 76.04 -39.03
N ILE N 195 44.24 75.95 -38.76
CA ILE N 195 44.71 74.96 -37.79
C ILE N 195 44.33 75.37 -36.36
N ALA N 196 44.40 76.67 -36.06
CA ALA N 196 44.03 77.12 -34.73
C ALA N 196 42.54 76.97 -34.49
N ASP N 197 41.73 77.18 -35.53
CA ASP N 197 40.30 76.92 -35.42
C ASP N 197 40.03 75.44 -35.26
N LEU N 198 40.83 74.58 -35.89
CA LEU N 198 40.74 73.15 -35.61
C LEU N 198 40.95 72.88 -34.12
N ILE N 199 42.03 73.42 -33.55
CA ILE N 199 42.31 73.19 -32.14
C ILE N 199 41.17 73.69 -31.27
N THR N 200 40.74 74.93 -31.49
CA THR N 200 39.74 75.53 -30.61
C THR N 200 38.37 74.93 -30.83
N ASP N 201 38.08 74.41 -32.02
CA ASP N 201 36.80 73.75 -32.24
C ASP N 201 36.78 72.39 -31.57
N GLN N 202 37.89 71.66 -31.63
CA GLN N 202 37.97 70.42 -30.87
C GLN N 202 37.82 70.71 -29.38
N TRP N 203 38.43 71.79 -28.90
CA TRP N 203 38.30 72.17 -27.50
C TRP N 203 36.86 72.51 -27.17
N ALA N 204 36.20 73.32 -28.01
CA ALA N 204 34.84 73.74 -27.75
C ALA N 204 33.88 72.56 -27.77
N GLY N 205 34.17 71.55 -28.59
CA GLY N 205 33.30 70.39 -28.62
C GLY N 205 33.41 69.50 -27.41
N VAL N 206 34.37 69.74 -26.53
CA VAL N 206 34.56 68.91 -25.36
C VAL N 206 34.66 69.79 -24.12
N PHE N 207 34.19 71.04 -24.24
CA PHE N 207 34.05 71.95 -23.12
C PHE N 207 35.38 72.20 -22.41
N ASN N 208 36.48 72.20 -23.16
CA ASN N 208 37.80 72.53 -22.64
C ASN N 208 38.15 71.70 -21.42
N VAL N 209 37.72 70.45 -21.43
CA VAL N 209 37.97 69.55 -20.31
C VAL N 209 39.36 68.95 -20.50
N GLU N 210 40.21 69.11 -19.48
CA GLU N 210 41.62 68.74 -19.60
C GLU N 210 41.80 67.27 -19.98
N THR N 211 40.83 66.42 -19.64
CA THR N 211 40.95 65.01 -19.98
C THR N 211 40.91 64.79 -21.49
N TYR N 212 39.90 65.36 -22.16
CA TYR N 212 39.72 65.13 -23.59
C TYR N 212 40.08 66.35 -24.42
N LYS N 213 40.73 67.34 -23.83
CA LYS N 213 41.14 68.52 -24.58
C LYS N 213 42.26 68.14 -25.54
N ALA N 214 42.20 68.69 -26.75
CA ALA N 214 43.16 68.32 -27.80
C ALA N 214 44.57 68.68 -27.38
N ASP N 215 45.40 67.67 -27.14
CA ASP N 215 46.80 67.89 -26.80
C ASP N 215 47.75 67.40 -27.87
N ARG N 216 47.25 66.90 -28.99
CA ARG N 216 48.12 66.47 -30.07
C ARG N 216 47.51 66.87 -31.40
N VAL N 217 48.37 67.12 -32.38
CA VAL N 217 47.97 67.33 -33.76
C VAL N 217 48.87 66.50 -34.65
N VAL N 218 48.27 65.83 -35.63
CA VAL N 218 49.00 65.15 -36.69
C VAL N 218 48.66 65.82 -38.01
N MET N 219 49.68 66.00 -38.83
CA MET N 219 49.66 66.80 -40.01
C MET N 219 50.27 65.99 -41.15
N PRO N 220 49.75 66.10 -42.36
CA PRO N 220 50.47 65.52 -43.50
C PRO N 220 51.83 66.18 -43.60
N ASP N 221 52.85 65.37 -43.90
CA ASP N 221 54.20 65.89 -43.92
C ASP N 221 54.35 67.05 -44.89
N THR N 222 53.59 67.02 -45.99
CA THR N 222 53.54 68.17 -46.87
C THR N 222 53.09 69.42 -46.12
N VAL N 223 51.96 69.32 -45.42
CA VAL N 223 51.43 70.46 -44.68
C VAL N 223 52.36 70.86 -43.55
N TYR N 224 53.01 69.91 -42.90
CA TYR N 224 53.98 70.26 -41.87
C TYR N 224 55.13 71.06 -42.44
N ASN N 225 55.63 70.68 -43.61
CA ASN N 225 56.69 71.45 -44.25
C ASN N 225 56.21 72.84 -44.64
N ILE N 226 54.99 72.95 -45.17
CA ILE N 226 54.46 74.26 -45.53
C ILE N 226 54.32 75.14 -44.30
N CYS N 227 53.88 74.56 -43.18
CA CYS N 227 53.78 75.32 -41.95
C CYS N 227 55.15 75.73 -41.44
N ALA N 228 56.17 74.88 -41.64
CA ALA N 228 57.50 75.20 -41.14
C ALA N 228 58.20 76.25 -41.98
N LYS N 229 57.89 76.34 -43.28
CA LYS N 229 58.56 77.32 -44.12
C LYS N 229 57.79 78.62 -44.29
N LYS N 230 56.46 78.58 -44.25
CA LYS N 230 55.66 79.75 -44.58
C LYS N 230 55.61 80.69 -43.39
N ILE N 231 56.09 81.92 -43.59
CA ILE N 231 56.02 82.94 -42.56
C ILE N 231 54.57 83.34 -42.35
N LEU N 232 54.13 83.40 -41.10
CA LEU N 232 52.73 83.68 -40.82
C LEU N 232 52.33 85.03 -41.39
N ASN N 233 53.07 86.08 -41.08
CA ASN N 233 52.76 87.41 -41.58
C ASN N 233 54.05 88.06 -42.06
N SER N 234 54.02 88.60 -43.27
CA SER N 234 55.21 89.23 -43.84
C SER N 234 55.66 90.40 -42.97
N ASN N 235 54.72 91.22 -42.51
CA ASN N 235 55.02 92.38 -41.68
C ASN N 235 54.56 92.20 -40.24
N GLY N 236 54.29 90.97 -39.82
CA GLY N 236 53.83 90.74 -38.47
C GLY N 236 54.92 90.36 -37.49
N SER N 237 55.70 89.34 -37.82
CA SER N 237 56.71 88.82 -36.90
C SER N 237 57.59 87.84 -37.66
N GLU N 238 58.67 87.41 -37.01
CA GLU N 238 59.59 86.48 -37.65
C GLU N 238 59.05 85.05 -37.67
N MET N 239 58.28 84.66 -36.66
CA MET N 239 57.89 83.26 -36.53
C MET N 239 56.97 82.84 -37.67
N SER N 240 57.13 81.60 -38.09
CA SER N 240 56.35 81.01 -39.18
C SER N 240 55.07 80.40 -38.62
N VAL N 241 54.29 79.76 -39.50
CA VAL N 241 53.03 79.18 -39.08
C VAL N 241 53.26 78.11 -38.03
N LEU N 242 54.24 77.24 -38.24
CA LEU N 242 54.48 76.14 -37.31
C LEU N 242 54.95 76.66 -35.96
N ARG N 243 55.90 77.61 -35.97
CA ARG N 243 56.37 78.16 -34.71
C ARG N 243 55.27 78.92 -33.99
N ALA N 244 54.44 79.65 -34.73
CA ALA N 244 53.35 80.38 -34.11
C ALA N 244 52.34 79.42 -33.48
N LEU N 245 52.04 78.32 -34.16
CA LEU N 245 51.17 77.32 -33.55
C LEU N 245 51.80 76.71 -32.32
N MET N 246 53.10 76.41 -32.38
CA MET N 246 53.76 75.82 -31.21
C MET N 246 53.87 76.80 -30.06
N THR N 247 53.79 78.10 -30.34
CA THR N 247 53.87 79.13 -29.32
C THR N 247 52.51 79.43 -28.71
N ASN N 248 51.49 79.61 -29.55
CA ASN N 248 50.17 79.97 -29.08
C ASN N 248 49.42 78.81 -28.44
N PHE N 249 49.84 77.58 -28.71
CA PHE N 249 49.25 76.39 -28.11
C PHE N 249 50.35 75.54 -27.50
N PRO N 250 50.93 75.99 -26.39
CA PRO N 250 52.05 75.24 -25.81
C PRO N 250 51.68 73.86 -25.33
N THR N 251 50.41 73.63 -24.99
CA THR N 251 49.98 72.30 -24.59
C THR N 251 49.95 71.35 -25.78
N VAL N 252 49.53 71.84 -26.94
CA VAL N 252 49.40 71.00 -28.12
C VAL N 252 50.79 70.66 -28.64
N THR N 253 51.03 69.37 -28.86
CA THR N 253 52.27 68.89 -29.45
C THR N 253 52.02 68.60 -30.92
N PHE N 254 52.57 69.42 -31.80
CA PHE N 254 52.36 69.24 -33.23
C PHE N 254 53.30 68.17 -33.75
N GLY N 255 52.76 67.28 -34.58
CA GLY N 255 53.52 66.22 -35.17
C GLY N 255 53.21 66.08 -36.63
N LEU N 256 53.62 64.98 -37.24
CA LEU N 256 53.34 64.75 -38.65
C LEU N 256 53.36 63.27 -38.93
N THR N 257 52.78 62.89 -40.06
CA THR N 257 52.83 61.52 -40.51
C THR N 257 52.56 61.48 -42.00
N THR N 258 53.19 60.53 -42.68
CA THR N 258 52.96 60.33 -44.11
C THR N 258 51.66 59.62 -44.40
N LYS N 259 51.04 59.03 -43.40
CA LYS N 259 49.77 58.35 -43.62
C LYS N 259 48.62 59.34 -43.76
N ALA N 260 48.86 60.61 -43.46
CA ALA N 260 47.87 61.66 -43.60
C ALA N 260 47.91 62.35 -44.96
N ARG N 261 48.91 62.05 -45.79
CA ARG N 261 49.04 62.77 -47.06
C ARG N 261 47.86 62.50 -47.98
N ASP N 262 47.18 61.38 -47.80
CA ASP N 262 45.98 61.10 -48.60
C ASP N 262 45.11 60.14 -47.78
N VAL N 263 44.07 60.69 -47.16
CA VAL N 263 43.07 59.91 -46.47
C VAL N 263 41.75 60.11 -47.21
N GLY N 264 41.32 59.08 -47.95
CA GLY N 264 40.07 59.18 -48.68
C GLY N 264 40.05 60.27 -49.73
N GLY N 265 41.13 60.43 -50.48
CA GLY N 265 41.20 61.37 -51.57
C GLY N 265 42.00 62.62 -51.29
N THR N 266 41.88 63.19 -50.09
CA THR N 266 42.55 64.43 -49.76
C THR N 266 43.24 64.30 -48.41
N SER N 267 44.25 65.14 -48.21
CA SER N 267 45.03 65.09 -46.98
C SER N 267 44.17 65.41 -45.77
N ARG N 268 44.48 64.75 -44.65
CA ARG N 268 43.71 64.88 -43.42
C ARG N 268 44.62 65.41 -42.31
N THR N 269 44.18 66.45 -41.62
CA THR N 269 44.86 66.94 -40.44
C THR N 269 43.97 66.68 -39.23
N THR N 270 44.55 66.21 -38.14
CA THR N 270 43.73 65.79 -37.01
C THR N 270 44.24 66.42 -35.73
N ALA N 271 43.31 66.95 -34.92
CA ALA N 271 43.62 67.43 -33.59
C ALA N 271 42.88 66.57 -32.58
N TYR N 272 43.62 65.85 -31.74
CA TYR N 272 43.01 64.84 -30.89
C TYR N 272 43.65 64.88 -29.51
N SER N 273 43.11 64.03 -28.63
CA SER N 273 43.59 63.87 -27.27
C SER N 273 44.26 62.52 -27.11
N SER N 274 45.44 62.51 -26.53
CA SER N 274 46.18 61.27 -26.29
C SER N 274 45.89 60.66 -24.93
N ASN N 275 44.95 61.20 -24.17
CA ASN N 275 44.67 60.70 -22.84
C ASN N 275 44.07 59.31 -22.91
N ARG N 276 44.42 58.47 -21.94
CA ARG N 276 43.98 57.09 -21.92
C ARG N 276 42.46 57.00 -21.90
N ARG N 277 41.79 57.94 -21.24
CA ARG N 277 40.34 57.94 -21.20
C ARG N 277 39.71 58.49 -22.47
N ALA N 278 40.51 59.02 -23.39
CA ALA N 278 40.02 59.59 -24.64
C ALA N 278 40.12 58.62 -25.80
N MET N 279 41.25 57.94 -25.93
CA MET N 279 41.40 56.88 -26.90
C MET N 279 42.60 56.03 -26.51
N GLN N 280 42.56 54.76 -26.88
CA GLN N 280 43.66 53.86 -26.63
C GLN N 280 43.94 53.07 -27.89
N MET N 281 45.13 52.48 -27.95
CA MET N 281 45.48 51.51 -28.97
C MET N 281 45.41 50.14 -28.32
N ARG N 282 44.37 49.39 -28.63
CA ARG N 282 44.20 48.06 -28.06
C ARG N 282 44.94 47.05 -28.92
N ILE N 283 45.97 46.46 -28.34
CA ILE N 283 46.77 45.41 -28.94
C ILE N 283 46.55 44.19 -28.05
N PRO N 284 45.41 43.50 -28.14
CA PRO N 284 45.14 42.44 -27.17
C PRO N 284 46.20 41.36 -27.12
N THR N 285 46.74 40.96 -28.27
CA THR N 285 47.81 39.97 -28.33
C THR N 285 49.04 40.61 -28.96
N PRO N 286 50.00 41.06 -28.16
CA PRO N 286 51.23 41.59 -28.73
C PRO N 286 51.99 40.50 -29.47
N LEU N 287 52.81 40.94 -30.43
CA LEU N 287 53.50 40.04 -31.34
C LEU N 287 54.16 38.89 -30.59
N ASN N 288 53.70 37.68 -30.86
CA ASN N 288 54.35 36.47 -30.35
C ASN N 288 54.78 35.62 -31.53
N VAL N 289 56.01 35.13 -31.49
CA VAL N 289 56.60 34.41 -32.59
C VAL N 289 56.63 32.93 -32.25
N SER N 290 56.15 32.11 -33.17
CA SER N 290 56.09 30.67 -32.93
C SER N 290 57.49 30.09 -32.83
N SER N 291 57.57 28.94 -32.16
CA SER N 291 58.82 28.21 -32.12
C SER N 291 59.22 27.80 -33.53
N VAL N 292 60.53 27.77 -33.78
CA VAL N 292 61.02 27.50 -35.11
C VAL N 292 60.78 26.05 -35.47
N ASP N 293 60.11 25.82 -36.60
CA ASP N 293 59.85 24.48 -37.09
C ASP N 293 60.98 24.07 -38.02
N GLN N 294 61.49 22.86 -37.83
CA GLN N 294 62.57 22.32 -38.65
C GLN N 294 62.10 21.03 -39.29
N ARG N 295 61.71 21.10 -40.56
CA ARG N 295 61.42 19.90 -41.34
C ARG N 295 62.65 19.62 -42.19
N GLY N 296 63.44 18.63 -41.78
CA GLY N 296 64.68 18.37 -42.45
C GLY N 296 65.63 19.55 -42.27
N PHE N 297 65.83 20.30 -43.34
CA PHE N 297 66.62 21.53 -43.27
C PHE N 297 65.81 22.73 -43.74
N LYS N 298 64.49 22.68 -43.56
CA LYS N 298 63.62 23.81 -43.85
C LYS N 298 63.09 24.34 -42.52
N TYR N 299 63.44 25.58 -42.20
CA TYR N 299 62.98 26.23 -40.98
C TYR N 299 61.85 27.19 -41.33
N TYR N 300 60.85 27.23 -40.47
CA TYR N 300 59.63 27.98 -40.73
C TYR N 300 59.08 28.53 -39.43
N VAL N 301 58.71 29.81 -39.42
CA VAL N 301 58.08 30.43 -38.26
C VAL N 301 56.91 31.29 -38.73
N GLU N 302 55.84 31.28 -37.96
CA GLU N 302 54.79 32.28 -38.08
C GLU N 302 54.83 33.20 -36.87
N SER N 303 54.22 34.36 -37.06
CA SER N 303 54.06 35.33 -35.99
C SER N 303 52.74 36.03 -36.21
N TYR N 304 51.83 35.92 -35.25
CA TYR N 304 50.57 36.63 -35.31
C TYR N 304 50.47 37.60 -34.16
N PHE N 305 49.72 38.68 -34.38
CA PHE N 305 49.31 39.56 -33.31
C PHE N 305 47.83 39.87 -33.50
N GLY N 306 47.11 39.91 -32.38
CA GLY N 306 45.70 40.23 -32.39
C GLY N 306 45.51 41.68 -31.97
N VAL N 307 44.86 42.45 -32.82
CA VAL N 307 44.71 43.88 -32.62
C VAL N 307 43.23 44.21 -32.64
N ALA N 308 42.77 44.92 -31.62
CA ALA N 308 41.51 45.64 -31.76
C ALA N 308 41.70 46.91 -32.56
N GLY N 309 42.86 47.54 -32.44
CA GLY N 309 43.13 48.75 -33.18
C GLY N 309 42.90 49.97 -32.33
N LEU N 310 42.59 51.08 -33.00
CA LEU N 310 42.34 52.32 -32.28
C LEU N 310 40.96 52.26 -31.66
N ASP N 311 40.90 52.01 -30.36
CA ASP N 311 39.66 52.09 -29.61
C ASP N 311 39.46 53.54 -29.21
N VAL N 312 38.63 54.25 -29.96
CA VAL N 312 38.30 55.63 -29.63
C VAL N 312 37.25 55.59 -28.53
N ILE N 313 37.64 55.93 -27.31
CA ILE N 313 36.72 55.80 -26.18
C ILE N 313 35.58 56.80 -26.31
N GLU N 314 35.88 58.01 -26.76
CA GLU N 314 34.88 59.08 -26.84
C GLU N 314 34.94 59.76 -28.19
N ASP N 315 33.76 60.03 -28.75
CA ASP N 315 33.67 60.52 -30.12
C ASP N 315 34.31 61.89 -30.26
N THR N 316 33.97 62.82 -29.38
CA THR N 316 34.48 64.18 -29.52
C THR N 316 35.92 64.34 -29.06
N ALA N 317 36.63 63.26 -28.81
CA ALA N 317 38.03 63.33 -28.39
C ALA N 317 38.95 63.67 -29.52
N GLY N 318 38.43 64.01 -30.69
CA GLY N 318 39.27 64.40 -31.81
C GLY N 318 38.45 65.20 -32.80
N ARG N 319 39.14 65.78 -33.76
CA ARG N 319 38.49 66.57 -34.79
C ARG N 319 39.38 66.56 -36.03
N HIS N 320 38.73 66.68 -37.18
CA HIS N 320 39.40 66.59 -38.47
C HIS N 320 39.40 67.93 -39.18
N LEU N 321 40.30 68.04 -40.15
CA LEU N 321 40.38 69.16 -41.07
C LEU N 321 40.81 68.56 -42.40
N THR N 322 39.87 68.45 -43.33
CA THR N 322 40.10 67.75 -44.58
C THR N 322 40.58 68.73 -45.65
N GLY N 323 41.32 68.19 -46.61
CA GLY N 323 41.77 69.00 -47.73
C GLY N 323 42.66 70.15 -47.36
N LEU N 324 43.61 69.93 -46.45
CA LEU N 324 44.57 70.95 -46.11
C LEU N 324 45.78 70.85 -47.03
#